data_8XI6
#
_entry.id   8XI6
#
_cell.length_a   1.00
_cell.length_b   1.00
_cell.length_c   1.00
_cell.angle_alpha   90.00
_cell.angle_beta   90.00
_cell.angle_gamma   90.00
#
_symmetry.space_group_name_H-M   'P 1'
#
loop_
_entity.id
_entity.type
_entity.pdbx_description
1 polymer 'Spike glycoprotein'
2 polymer 'MO11 heavy chain'
3 polymer 'MO11 light chain'
4 branched 2-acetamido-2-deoxy-beta-D-glucopyranose-(1-4)-2-acetamido-2-deoxy-beta-D-glucopyranose
5 branched beta-D-mannopyranose-(1-4)-2-acetamido-2-deoxy-beta-D-glucopyranose-(1-4)-[alpha-L-fucopyranose-(1-6)]2-acetamido-2-deoxy-beta-D-glucopyranose
6 branched 2-acetamido-2-deoxy-beta-D-glucopyranose-(1-4)-[alpha-L-fucopyranose-(1-6)]2-acetamido-2-deoxy-beta-D-glucopyranose
7 non-polymer 2-acetamido-2-deoxy-beta-D-glucopyranose
#
loop_
_entity_poly.entity_id
_entity_poly.type
_entity_poly.pdbx_seq_one_letter_code
_entity_poly.pdbx_strand_id
1 'polypeptide(L)'
;MFVFLVLLPLVSSQCVNLITRTQSYTNSFTRGVYYPDKVFRSSVLHSTQDLFLPFFSNVTWFHAISGTNGTKRFDNPVLP
FNDGVYFASTEKSNIIRGWIFGTTLDSKTQSLLIVNNATNVVIKVCEFQFCNDPFLDVYYHKNNKSWMESEFRVYSSANN
CTFEYVSQPFLMDLEGKQGNFKNLREFVFKNIDGYFKIYSKHTPINLGRDLPQGFSALEPLVDLPIGINITRFQTLLALH
RSYLTPGDSSSGWTAGAAAYYVGYLQPRTFLLKYNENGTITDAVDCALDPLSETKCTLKSFTVEKGIYQTSNFRVQPTES
IVRFPNITNLCPFDEVFNATTFASVYAWNRKRISNCVADYSVLYNFAPFFAFKCYGVSPTKLNDLCFTNVYADSFVIRGN
EVSQIAPGQTGNIADYNYKLPDDFTGCVIAWNSNKLDSTVGGNYNYRYRLFRKSKLKPFERDISTEIYQAGNKPCNGVAG
VNCYFPLQSYGFRPTYGVGHQPYRVVVLSFELLHAPATVCGPKKSTNLVKNKCVNFNFNGLTGTGVLTESNKKFLPFQQF
GRDIADTTDAVRDPQTLEILDITPCSFGGVSVITPGTNTSNQVAVLYQGVNCTEVPVAIHADQLTPTWRVYSTGSNVFQT
RAGCLIGAEYVNNSYECDIPIGAGICASYQTQTKSHASVASQSIIAYTMSLGAENSVAYSNNSIAIPTNFTISVTTEILP
VSMTKTSVDCTMYICGDSTECSNLLLQYGSFCTQLKRALTGIAVEQDKNTQEVFAQVKQIYKTPPIKYFGGFNFSQILPD
PSKPSKRSPIEDLLFNKVTLADAGFIKQYGDCLGDIAARDLICAQKFNGLTVLPPLLTDEMIAQYTSALLAGTITSGWTF
GAGPALQIPFPMQMAYRFNGIGVTQNVLYENQKLIANQFNSAIGKIQDSLSSTPSALGKLQDVVNHNAQALNTLVKQLSS
KFGAISSVLNDILSRLDPPEAEVQIDRLITGRLQSLQTYVTQQLIRAAEIRASANLAATKMSECVLGQSKRVDFCGKGYH
LMSFPQSAPHGVVFLHVTYVPAQEKNFTTAPAICHDGKAHFPREGVFVSNGTHWFVTQRNFYEPQIITTDNTFVSGNCDV
VIGIVNNTVYDPLQPELDSFKEELDKYFKNHTSPDVDLGDISGINASVVNIQKEIDRLNEVAKNLNESLIDLQELGKYEQ
YIKWPLEVLFQGPGYIPEAPRDGQAYVRKDGEWVFLSTFLGHHHHHH
;
A,B,C
2 'polypeptide(L)'
;EVQLLESGGGLVQPGGSLRLSCAASGFSFSGYALSWVRQTPGKGLEWVSSISGSADSTYYADSVKGRFTISRDNSKNTFY
LQMSSLRADDTAIYYCAKPPLGSNLFAVGYHFDYWGQGTLVTVSSASTKGPSVFPLAPSSKSTSGGTAALGCLVKDYFPE
PVTVSWNSGALTSGVHTFPAVLQSSGLYSLSSVVTVPSSSLGTQTYICNVNHKPSNTKVDKKVEPKSCDKTH
;
D,F,H
3 'polypeptide(L)'
;SYVLTQPPSVSVAPGKTARVTCGANNIGSESVHWYQQKAGQAPVLVIYYDRGRPSGIPERFSGSNSGNTATLTISRVEAG
DEAEYYCQVWDKSSDHVVFGGGTKLIVLGQPKAAPSVTLFPPSSEELQANKATLVCLISDFYPGAVTVAWKADSSPVKAG
VETTTPSKQSNNKYAASSYLSLTPEQWKSHRSYSCQVTHEGSTVEKTVAPTECS
;
E,G,I
#
loop_
_chem_comp.id
_chem_comp.type
_chem_comp.name
_chem_comp.formula
BMA D-saccharide, beta linking beta-D-mannopyranose 'C6 H12 O6'
FUC L-saccharide, alpha linking alpha-L-fucopyranose 'C6 H12 O5'
NAG D-saccharide, beta linking 2-acetamido-2-deoxy-beta-D-glucopyranose 'C8 H15 N O6'
#
# COMPACT_ATOMS: atom_id res chain seq x y z
N GLN A 23 -50.70 5.73 33.74
CA GLN A 23 -49.48 5.94 32.95
C GLN A 23 -48.36 6.51 33.82
N SER A 24 -47.29 5.75 33.96
CA SER A 24 -46.13 6.16 34.74
C SER A 24 -44.87 6.01 33.88
N TYR A 25 -43.74 6.39 34.46
CA TYR A 25 -42.46 6.37 33.75
C TYR A 25 -41.40 5.75 34.64
N THR A 26 -40.50 4.95 34.06
CA THR A 26 -39.55 4.24 34.89
C THR A 26 -38.28 3.98 34.08
N ASN A 27 -37.28 3.45 34.76
CA ASN A 27 -35.96 3.23 34.17
C ASN A 27 -35.80 1.78 33.73
N SER A 28 -35.32 1.59 32.49
CA SER A 28 -35.28 0.24 31.94
C SER A 28 -34.05 -0.53 32.38
N PHE A 29 -33.07 0.14 32.99
CA PHE A 29 -31.83 -0.51 33.41
C PHE A 29 -31.17 -1.14 32.19
N THR A 30 -30.63 -2.35 32.27
CA THR A 30 -29.97 -2.92 31.10
C THR A 30 -30.78 -4.04 30.47
N ARG A 31 -32.10 -3.88 30.50
CA ARG A 31 -33.06 -4.71 29.79
C ARG A 31 -33.20 -4.26 28.34
N GLY A 32 -33.66 -5.19 27.52
CA GLY A 32 -33.96 -4.90 26.13
C GLY A 32 -32.97 -5.44 25.11
N VAL A 33 -32.33 -6.57 25.40
CA VAL A 33 -31.20 -7.06 24.62
C VAL A 33 -31.57 -8.41 24.02
N TYR A 34 -31.33 -8.55 22.72
CA TYR A 34 -31.62 -9.78 22.00
C TYR A 34 -30.43 -10.15 21.14
N TYR A 35 -30.43 -11.39 20.67
CA TYR A 35 -29.39 -11.86 19.77
C TYR A 35 -29.60 -11.28 18.38
N PRO A 36 -28.67 -10.49 17.85
CA PRO A 36 -28.90 -9.81 16.57
C PRO A 36 -28.68 -10.69 15.34
N ASP A 37 -28.40 -11.97 15.51
CA ASP A 37 -28.26 -12.89 14.40
C ASP A 37 -28.43 -14.32 14.88
N LYS A 38 -28.54 -15.24 13.93
CA LYS A 38 -28.65 -16.67 14.17
C LYS A 38 -27.30 -17.35 14.31
N VAL A 39 -26.23 -16.57 14.50
CA VAL A 39 -24.87 -17.09 14.46
C VAL A 39 -24.43 -17.46 15.86
N PHE A 40 -23.97 -18.70 16.04
CA PHE A 40 -23.38 -19.09 17.31
C PHE A 40 -22.02 -18.42 17.50
N ARG A 41 -21.85 -17.78 18.67
CA ARG A 41 -20.64 -17.07 19.03
C ARG A 41 -20.34 -17.36 20.49
N SER A 42 -19.05 -17.54 20.81
CA SER A 42 -18.65 -17.99 22.14
C SER A 42 -17.30 -17.40 22.51
N SER A 43 -17.17 -17.01 23.78
CA SER A 43 -15.96 -16.42 24.34
C SER A 43 -15.42 -15.31 23.44
N VAL A 44 -16.29 -14.37 23.09
CA VAL A 44 -16.00 -13.35 22.10
C VAL A 44 -16.58 -12.01 22.53
N LEU A 45 -16.02 -10.91 22.01
CA LEU A 45 -16.58 -9.59 22.22
C LEU A 45 -16.99 -9.04 20.85
N HIS A 46 -18.28 -9.11 20.55
CA HIS A 46 -18.80 -8.79 19.23
C HIS A 46 -19.59 -7.50 19.29
N SER A 47 -19.32 -6.56 18.39
CA SER A 47 -20.17 -5.38 18.33
C SER A 47 -20.96 -5.37 17.04
N THR A 48 -22.09 -4.64 17.09
CA THR A 48 -23.05 -4.63 16.00
C THR A 48 -23.85 -3.35 16.08
N GLN A 49 -24.61 -3.09 15.01
CA GLN A 49 -25.53 -1.95 14.96
C GLN A 49 -26.92 -2.47 14.61
N ASP A 50 -27.90 -2.13 15.44
CA ASP A 50 -29.27 -2.58 15.25
C ASP A 50 -30.20 -1.68 16.04
N LEU A 51 -31.50 -1.85 15.79
CA LEU A 51 -32.52 -1.29 16.66
C LEU A 51 -32.44 -1.94 18.03
N PHE A 52 -31.89 -1.23 19.02
CA PHE A 52 -31.78 -1.69 20.38
C PHE A 52 -32.49 -0.72 21.32
N LEU A 53 -33.03 -1.26 22.40
CA LEU A 53 -33.56 -0.40 23.46
C LEU A 53 -32.41 0.25 24.20
N PRO A 54 -32.39 1.58 24.32
CA PRO A 54 -31.27 2.27 24.98
C PRO A 54 -31.07 1.77 26.40
N PHE A 55 -29.83 1.88 26.87
CA PHE A 55 -29.55 1.62 28.28
C PHE A 55 -30.07 2.76 29.15
N PHE A 56 -30.74 2.38 30.24
CA PHE A 56 -31.40 3.32 31.14
C PHE A 56 -32.35 4.25 30.39
N SER A 57 -33.37 3.66 29.79
CA SER A 57 -34.27 4.36 28.88
C SER A 57 -35.62 4.66 29.53
N ASN A 58 -36.19 5.80 29.15
CA ASN A 58 -37.44 6.30 29.71
C ASN A 58 -38.61 5.45 29.28
N VAL A 59 -38.91 4.38 30.03
CA VAL A 59 -39.87 3.36 29.61
C VAL A 59 -41.20 3.62 30.29
N THR A 60 -42.29 3.59 29.52
CA THR A 60 -43.60 3.95 30.04
C THR A 60 -44.31 2.73 30.59
N TRP A 61 -44.80 2.84 31.82
CA TRP A 61 -45.40 1.75 32.58
C TRP A 61 -46.91 2.00 32.61
N PHE A 62 -47.65 1.18 31.89
CA PHE A 62 -49.09 1.37 31.70
C PHE A 62 -49.86 0.45 32.64
N HIS A 63 -50.80 1.04 33.39
CA HIS A 63 -51.63 0.30 34.34
C HIS A 63 -53.07 0.29 33.84
N ALA A 64 -53.63 -0.91 33.69
CA ALA A 64 -55.00 -1.05 33.22
C ALA A 64 -55.88 -1.62 34.33
N ASN A 76 -58.19 4.27 26.65
CA ASN A 76 -57.19 3.30 26.23
C ASN A 76 -56.72 3.56 24.80
N PRO A 77 -56.10 4.73 24.58
CA PRO A 77 -55.63 5.06 23.22
C PRO A 77 -54.59 4.06 22.73
N VAL A 78 -54.36 4.08 21.42
CA VAL A 78 -53.38 3.21 20.79
C VAL A 78 -52.00 3.86 20.85
N LEU A 79 -51.00 3.03 21.07
CA LEU A 79 -49.60 3.42 21.21
C LEU A 79 -48.87 3.28 19.89
N PRO A 80 -47.76 4.00 19.70
CA PRO A 80 -47.12 4.03 18.38
C PRO A 80 -46.10 2.91 18.25
N PHE A 81 -45.59 2.75 17.03
CA PHE A 81 -44.62 1.71 16.69
C PHE A 81 -43.38 2.32 16.02
N ASN A 82 -42.76 3.29 16.69
CA ASN A 82 -41.58 3.93 16.11
C ASN A 82 -40.37 3.00 16.27
N ASP A 83 -39.93 2.40 15.16
CA ASP A 83 -38.70 1.62 15.08
C ASP A 83 -38.69 0.40 15.99
N GLY A 84 -39.85 -0.14 16.33
CA GLY A 84 -39.93 -1.33 17.15
C GLY A 84 -40.44 -1.04 18.55
N VAL A 85 -40.68 -2.12 19.29
CA VAL A 85 -41.27 -2.04 20.63
C VAL A 85 -40.63 -3.07 21.54
N TYR A 86 -40.40 -2.67 22.78
CA TYR A 86 -40.04 -3.58 23.87
C TYR A 86 -41.19 -3.65 24.85
N PHE A 87 -41.66 -4.87 25.13
CA PHE A 87 -42.82 -5.12 25.97
C PHE A 87 -42.40 -5.97 27.16
N ALA A 88 -42.91 -5.64 28.35
CA ALA A 88 -42.59 -6.40 29.54
C ALA A 88 -43.83 -6.61 30.39
N SER A 89 -43.99 -7.82 30.91
CA SER A 89 -45.13 -8.20 31.73
C SER A 89 -44.64 -8.87 33.02
N THR A 90 -45.38 -8.65 34.10
CA THR A 90 -45.03 -9.17 35.42
C THR A 90 -46.19 -9.78 36.17
N GLU A 91 -47.33 -10.02 35.51
CA GLU A 91 -48.55 -10.39 36.21
C GLU A 91 -48.64 -11.90 36.39
N LYS A 92 -49.10 -12.33 37.57
CA LYS A 92 -49.15 -13.76 37.87
C LYS A 92 -50.31 -14.47 37.19
N SER A 93 -51.33 -13.72 36.77
CA SER A 93 -52.53 -14.31 36.18
C SER A 93 -52.47 -14.19 34.66
N ASN A 94 -53.20 -15.09 33.99
CA ASN A 94 -53.23 -15.10 32.52
C ASN A 94 -54.17 -13.98 32.04
N ILE A 95 -53.69 -12.75 32.21
CA ILE A 95 -54.49 -11.56 31.96
C ILE A 95 -54.15 -10.93 30.62
N ILE A 96 -52.87 -10.78 30.31
CA ILE A 96 -52.46 -10.17 29.05
C ILE A 96 -52.45 -11.26 27.98
N ARG A 97 -53.35 -11.14 27.01
CA ARG A 97 -53.61 -12.25 26.10
C ARG A 97 -52.88 -12.14 24.77
N GLY A 98 -52.56 -10.94 24.31
CA GLY A 98 -51.82 -10.84 23.08
C GLY A 98 -51.64 -9.39 22.67
N TRP A 99 -51.58 -9.18 21.35
CA TRP A 99 -51.28 -7.85 20.84
C TRP A 99 -51.95 -7.62 19.50
N ILE A 100 -52.11 -6.34 19.15
CA ILE A 100 -52.68 -5.89 17.89
C ILE A 100 -51.72 -4.88 17.28
N PHE A 101 -51.41 -5.05 15.99
CA PHE A 101 -50.48 -4.18 15.28
C PHE A 101 -51.12 -3.72 13.99
N GLY A 102 -50.68 -2.57 13.50
CA GLY A 102 -51.13 -2.09 12.20
C GLY A 102 -50.86 -0.60 12.06
N THR A 103 -51.77 0.08 11.38
CA THR A 103 -51.71 1.53 11.23
C THR A 103 -52.99 2.23 11.64
N THR A 104 -54.15 1.70 11.25
CA THR A 104 -55.43 2.33 11.52
C THR A 104 -56.44 1.40 12.16
N LEU A 105 -56.09 0.13 12.36
CA LEU A 105 -56.92 -0.87 13.05
C LEU A 105 -58.32 -0.97 12.44
N ASP A 106 -58.44 -0.83 11.13
CA ASP A 106 -59.73 -0.79 10.47
C ASP A 106 -59.66 -1.52 9.14
N SER A 107 -60.81 -2.00 8.69
CA SER A 107 -60.90 -2.90 7.53
C SER A 107 -60.39 -2.26 6.22
N LYS A 108 -59.95 -1.00 6.23
CA LYS A 108 -59.32 -0.43 5.05
C LYS A 108 -57.88 -0.89 4.87
N THR A 109 -57.27 -1.44 5.93
CA THR A 109 -55.85 -1.81 5.91
C THR A 109 -55.68 -3.15 6.60
N GLN A 110 -54.48 -3.70 6.51
CA GLN A 110 -54.19 -5.01 7.07
C GLN A 110 -53.67 -4.87 8.49
N SER A 111 -54.15 -5.72 9.39
CA SER A 111 -53.81 -5.64 10.80
C SER A 111 -53.49 -7.01 11.35
N LEU A 112 -52.54 -7.03 12.29
CA LEU A 112 -51.86 -8.24 12.72
C LEU A 112 -52.21 -8.53 14.18
N LEU A 113 -52.70 -9.73 14.45
CA LEU A 113 -53.30 -10.06 15.74
C LEU A 113 -52.66 -11.31 16.31
N ILE A 114 -52.14 -11.20 17.53
CA ILE A 114 -51.50 -12.29 18.25
C ILE A 114 -52.35 -12.60 19.46
N VAL A 115 -52.79 -13.85 19.59
CA VAL A 115 -53.59 -14.31 20.73
C VAL A 115 -52.93 -15.55 21.31
N ASN A 116 -52.99 -15.68 22.63
CA ASN A 116 -52.52 -16.88 23.32
C ASN A 116 -53.62 -17.41 24.22
N ASN A 117 -53.69 -18.73 24.34
CA ASN A 117 -54.52 -19.37 25.36
C ASN A 117 -53.72 -20.49 26.00
N ALA A 118 -54.39 -21.33 26.80
CA ALA A 118 -53.69 -22.25 27.68
C ALA A 118 -53.00 -23.38 26.94
N THR A 119 -53.28 -23.57 25.64
CA THR A 119 -52.71 -24.68 24.89
C THR A 119 -52.16 -24.31 23.52
N ASN A 120 -52.45 -23.12 22.99
CA ASN A 120 -52.03 -22.78 21.66
C ASN A 120 -51.86 -21.28 21.53
N VAL A 121 -51.08 -20.87 20.52
CA VAL A 121 -50.85 -19.48 20.18
C VAL A 121 -51.22 -19.28 18.71
N VAL A 122 -52.01 -18.25 18.42
CA VAL A 122 -52.51 -18.00 17.08
C VAL A 122 -52.06 -16.61 16.61
N ILE A 123 -51.43 -16.57 15.44
CA ILE A 123 -51.01 -15.34 14.79
C ILE A 123 -51.80 -15.19 13.49
N LYS A 124 -52.35 -14.00 13.25
CA LYS A 124 -53.23 -13.87 12.10
C LYS A 124 -53.07 -12.48 11.51
N VAL A 125 -53.28 -12.37 10.20
CA VAL A 125 -53.17 -11.08 9.53
C VAL A 125 -54.42 -10.89 8.68
N CYS A 126 -55.29 -9.96 9.10
CA CYS A 126 -56.53 -9.69 8.39
C CYS A 126 -56.92 -8.23 8.52
N GLU A 127 -57.84 -7.81 7.65
CA GLU A 127 -58.42 -6.47 7.72
C GLU A 127 -59.54 -6.46 8.76
N PHE A 128 -59.13 -6.63 10.02
CA PHE A 128 -60.09 -6.63 11.11
C PHE A 128 -60.70 -5.24 11.30
N GLN A 129 -61.95 -5.22 11.76
CA GLN A 129 -62.60 -4.01 12.22
C GLN A 129 -62.56 -4.04 13.75
N PHE A 130 -61.49 -3.51 14.32
CA PHE A 130 -61.24 -3.67 15.74
C PHE A 130 -62.15 -2.76 16.55
N CYS A 131 -62.45 -3.19 17.78
CA CYS A 131 -63.15 -2.31 18.71
C CYS A 131 -62.16 -1.36 19.38
N ASN A 132 -62.67 -0.21 19.82
CA ASN A 132 -61.79 0.81 20.38
C ASN A 132 -61.26 0.45 21.75
N ASP A 133 -61.98 -0.37 22.52
CA ASP A 133 -61.40 -1.07 23.67
C ASP A 133 -61.61 -2.57 23.53
N PRO A 134 -60.75 -3.24 22.78
CA PRO A 134 -60.88 -4.69 22.62
C PRO A 134 -60.40 -5.46 23.84
N PHE A 135 -60.94 -6.67 23.99
CA PHE A 135 -60.48 -7.59 25.02
C PHE A 135 -60.98 -9.01 24.76
N VAL A 154 -63.27 -8.40 20.49
CA VAL A 154 -62.00 -8.00 19.87
C VAL A 154 -62.26 -7.30 18.54
N TYR A 155 -63.13 -7.88 17.71
CA TYR A 155 -63.51 -7.27 16.46
C TYR A 155 -64.94 -7.69 16.12
N SER A 156 -65.58 -6.88 15.29
CA SER A 156 -66.94 -7.17 14.83
C SER A 156 -66.98 -7.94 13.52
N SER A 157 -65.84 -8.13 12.87
CA SER A 157 -65.81 -8.80 11.57
C SER A 157 -64.43 -9.32 11.20
N GLU A 164 -53.19 -12.09 3.49
CA GLU A 164 -53.46 -12.65 4.81
C GLU A 164 -52.34 -13.59 5.25
N TYR A 165 -52.36 -13.98 6.52
CA TYR A 165 -51.36 -14.92 7.02
C TYR A 165 -51.92 -15.61 8.26
N VAL A 166 -51.67 -16.91 8.38
CA VAL A 166 -52.07 -17.69 9.53
C VAL A 166 -50.86 -18.42 10.09
N SER A 167 -50.69 -18.39 11.42
CA SER A 167 -49.62 -19.12 12.08
C SER A 167 -50.19 -19.79 13.32
N GLN A 168 -50.15 -21.12 13.34
CA GLN A 168 -50.67 -22.01 14.38
C GLN A 168 -51.66 -21.39 15.34
N ASN A 183 -43.09 -14.01 37.56
CA ASN A 183 -41.93 -14.12 36.68
C ASN A 183 -41.99 -13.10 35.55
N LEU A 184 -40.88 -12.40 35.32
CA LEU A 184 -40.83 -11.38 34.28
C LEU A 184 -40.88 -12.03 32.90
N ARG A 185 -41.64 -11.42 31.99
CA ARG A 185 -41.82 -11.91 30.63
C ARG A 185 -41.51 -10.75 29.69
N GLU A 186 -40.41 -10.86 28.94
CA GLU A 186 -39.95 -9.81 28.05
C GLU A 186 -40.14 -10.24 26.61
N PHE A 187 -40.64 -9.31 25.78
CA PHE A 187 -40.79 -9.51 24.36
C PHE A 187 -40.25 -8.29 23.63
N VAL A 188 -39.77 -8.52 22.41
CA VAL A 188 -39.30 -7.46 21.53
C VAL A 188 -39.90 -7.69 20.15
N PHE A 189 -40.57 -6.65 19.63
CA PHE A 189 -41.22 -6.69 18.33
C PHE A 189 -40.48 -5.75 17.39
N LYS A 190 -39.99 -6.29 16.28
CA LYS A 190 -39.34 -5.51 15.23
C LYS A 190 -40.10 -5.71 13.92
N ASN A 191 -40.18 -4.67 13.11
CA ASN A 191 -40.84 -4.72 11.81
C ASN A 191 -39.91 -4.06 10.80
N ILE A 192 -39.10 -4.87 10.11
CA ILE A 192 -38.09 -4.35 9.21
C ILE A 192 -37.76 -5.41 8.16
N ASP A 193 -37.36 -4.94 6.97
CA ASP A 193 -36.98 -5.81 5.86
C ASP A 193 -38.11 -6.75 5.46
N GLY A 194 -39.35 -6.29 5.56
CA GLY A 194 -40.49 -7.13 5.26
C GLY A 194 -40.69 -8.28 6.21
N TYR A 195 -40.09 -8.21 7.40
CA TYR A 195 -40.19 -9.28 8.39
C TYR A 195 -40.60 -8.70 9.73
N PHE A 196 -41.49 -9.42 10.41
CA PHE A 196 -41.92 -9.09 11.77
C PHE A 196 -41.26 -10.10 12.71
N LYS A 197 -40.22 -9.66 13.41
CA LYS A 197 -39.46 -10.52 14.30
C LYS A 197 -39.92 -10.33 15.74
N ILE A 198 -40.21 -11.45 16.41
CA ILE A 198 -40.59 -11.47 17.81
C ILE A 198 -39.54 -12.23 18.58
N TYR A 199 -38.91 -11.57 19.55
CA TYR A 199 -37.99 -12.18 20.49
C TYR A 199 -38.65 -12.25 21.85
N SER A 200 -38.34 -13.28 22.62
CA SER A 200 -38.99 -13.48 23.91
C SER A 200 -38.01 -14.06 24.92
N LYS A 201 -38.33 -13.85 26.20
CA LYS A 201 -37.55 -14.41 27.30
C LYS A 201 -38.41 -14.41 28.56
N HIS A 202 -38.23 -15.42 29.40
CA HIS A 202 -38.88 -15.52 30.69
C HIS A 202 -37.83 -15.65 31.77
N THR A 203 -37.87 -14.75 32.76
CA THR A 203 -36.86 -14.70 33.81
C THR A 203 -37.55 -14.62 35.16
N PRO A 204 -37.37 -15.61 36.03
CA PRO A 204 -37.95 -15.53 37.38
C PRO A 204 -37.30 -14.42 38.20
N ILE A 205 -38.10 -13.84 39.09
CA ILE A 205 -37.61 -12.76 39.94
C ILE A 205 -37.08 -13.31 41.25
N LEU A 211 -38.73 -3.46 36.96
CA LEU A 211 -37.84 -4.30 36.18
C LEU A 211 -36.58 -4.66 36.96
N PRO A 212 -36.21 -5.94 36.93
CA PRO A 212 -35.02 -6.37 37.66
C PRO A 212 -33.74 -5.77 37.07
N GLN A 213 -32.76 -5.56 37.95
CA GLN A 213 -31.49 -4.95 37.56
C GLN A 213 -30.54 -5.96 36.93
N GLY A 214 -30.86 -7.24 36.93
CA GLY A 214 -30.00 -8.25 36.34
C GLY A 214 -29.98 -8.16 34.83
N PHE A 215 -29.12 -8.98 34.24
CA PHE A 215 -28.93 -9.01 32.79
C PHE A 215 -29.39 -10.36 32.24
N SER A 216 -30.16 -10.31 31.15
CA SER A 216 -30.61 -11.51 30.46
C SER A 216 -30.94 -11.14 29.03
N ALA A 217 -30.55 -12.03 28.10
CA ALA A 217 -30.76 -11.80 26.68
C ALA A 217 -32.04 -12.48 26.21
N LEU A 218 -32.65 -11.90 25.18
CA LEU A 218 -33.90 -12.39 24.64
C LEU A 218 -33.62 -13.21 23.39
N GLU A 219 -33.94 -14.51 23.45
CA GLU A 219 -33.76 -15.36 22.28
C GLU A 219 -34.88 -15.11 21.28
N PRO A 220 -34.59 -15.25 19.98
CA PRO A 220 -35.65 -15.10 18.97
C PRO A 220 -36.75 -16.13 19.17
N LEU A 221 -37.99 -15.67 19.02
CA LEU A 221 -39.17 -16.53 19.17
C LEU A 221 -39.79 -16.91 17.83
N VAL A 222 -40.02 -15.94 16.95
CA VAL A 222 -40.66 -16.22 15.67
C VAL A 222 -40.30 -15.12 14.69
N ASP A 223 -40.42 -15.43 13.40
CA ASP A 223 -40.18 -14.48 12.32
C ASP A 223 -41.32 -14.62 11.31
N LEU A 224 -42.18 -13.61 11.22
CA LEU A 224 -43.31 -13.62 10.31
C LEU A 224 -42.92 -12.95 9.00
N PRO A 225 -43.08 -13.61 7.86
CA PRO A 225 -42.72 -13.00 6.57
C PRO A 225 -43.81 -12.10 6.02
N ILE A 226 -44.71 -11.65 6.90
CA ILE A 226 -45.91 -10.94 6.46
C ILE A 226 -45.55 -9.67 5.69
N GLY A 227 -44.56 -8.92 6.16
CA GLY A 227 -44.19 -7.68 5.51
C GLY A 227 -45.29 -6.64 5.57
N ILE A 228 -45.86 -6.44 6.75
CA ILE A 228 -46.98 -5.55 6.95
C ILE A 228 -46.48 -4.19 7.42
N ASN A 229 -47.15 -3.13 6.98
CA ASN A 229 -46.83 -1.78 7.42
C ASN A 229 -47.40 -1.57 8.82
N ILE A 230 -46.54 -1.18 9.76
CA ILE A 230 -46.91 -1.05 11.17
C ILE A 230 -46.48 0.32 11.66
N THR A 231 -47.43 1.08 12.20
CA THR A 231 -47.14 2.35 12.86
C THR A 231 -47.79 2.50 14.23
N ARG A 232 -48.81 1.71 14.55
CA ARG A 232 -49.49 1.78 15.84
C ARG A 232 -49.79 0.37 16.31
N PHE A 233 -49.98 0.24 17.62
CA PHE A 233 -50.20 -1.07 18.23
C PHE A 233 -50.86 -0.87 19.59
N GLN A 234 -51.40 -1.97 20.11
CA GLN A 234 -51.96 -1.97 21.46
C GLN A 234 -51.99 -3.39 22.01
N THR A 235 -51.97 -3.51 23.33
CA THR A 235 -52.04 -4.80 23.97
C THR A 235 -53.47 -5.33 23.97
N LEU A 236 -53.61 -6.62 24.26
CA LEU A 236 -54.91 -7.30 24.26
C LEU A 236 -55.03 -8.07 25.57
N LEU A 237 -55.90 -7.59 26.45
CA LEU A 237 -56.11 -8.19 27.76
C LEU A 237 -56.98 -9.43 27.66
N ALA A 258 -52.67 -6.04 35.41
CA ALA A 258 -52.75 -5.79 33.98
C ALA A 258 -51.78 -4.69 33.56
N ALA A 259 -50.74 -4.49 34.36
CA ALA A 259 -49.73 -3.49 34.08
C ALA A 259 -48.64 -4.06 33.18
N TYR A 260 -48.07 -3.21 32.34
CA TYR A 260 -47.05 -3.65 31.40
C TYR A 260 -46.13 -2.48 31.05
N TYR A 261 -44.88 -2.81 30.73
CA TYR A 261 -43.87 -1.82 30.38
C TYR A 261 -43.69 -1.78 28.87
N VAL A 262 -43.57 -0.56 28.34
CA VAL A 262 -43.41 -0.33 26.90
C VAL A 262 -42.22 0.61 26.70
N GLY A 263 -41.30 0.21 25.83
CA GLY A 263 -40.20 1.06 25.44
C GLY A 263 -40.03 1.05 23.94
N TYR A 264 -39.32 2.04 23.43
CA TYR A 264 -39.14 2.23 22.00
C TYR A 264 -37.68 2.07 21.63
N LEU A 265 -37.41 1.19 20.66
CA LEU A 265 -36.05 0.91 20.22
C LEU A 265 -35.52 2.08 19.39
N GLN A 266 -34.19 2.21 19.37
CA GLN A 266 -33.50 3.23 18.60
C GLN A 266 -32.30 2.58 17.91
N PRO A 267 -31.87 3.12 16.78
CA PRO A 267 -30.68 2.56 16.12
C PRO A 267 -29.42 2.81 16.93
N ARG A 268 -28.87 1.75 17.54
CA ARG A 268 -27.74 1.87 18.44
C ARG A 268 -26.69 0.83 18.09
N THR A 269 -25.45 1.14 18.47
CA THR A 269 -24.33 0.23 18.37
C THR A 269 -24.08 -0.39 19.74
N PHE A 270 -24.09 -1.71 19.80
CA PHE A 270 -23.95 -2.45 21.03
C PHE A 270 -22.74 -3.37 20.97
N LEU A 271 -22.06 -3.50 22.10
CA LEU A 271 -20.92 -4.42 22.27
C LEU A 271 -21.36 -5.54 23.21
N LEU A 272 -21.63 -6.71 22.65
CA LEU A 272 -22.11 -7.86 23.40
C LEU A 272 -20.95 -8.79 23.72
N LYS A 273 -21.05 -9.50 24.85
CA LYS A 273 -20.04 -10.45 25.29
C LYS A 273 -20.64 -11.85 25.29
N TYR A 274 -19.99 -12.78 24.58
CA TYR A 274 -20.41 -14.17 24.50
C TYR A 274 -19.48 -15.02 25.35
N ASN A 275 -20.05 -15.77 26.29
CA ASN A 275 -19.29 -16.59 27.20
C ASN A 275 -18.98 -17.94 26.57
N GLU A 276 -18.50 -18.90 27.37
CA GLU A 276 -18.20 -20.22 26.85
C GLU A 276 -19.45 -20.96 26.40
N ASN A 277 -20.57 -20.78 27.12
CA ASN A 277 -21.83 -21.40 26.72
C ASN A 277 -22.36 -20.86 25.40
N GLY A 278 -21.87 -19.70 24.97
CA GLY A 278 -22.42 -19.04 23.80
C GLY A 278 -23.60 -18.13 24.08
N THR A 279 -23.81 -17.75 25.33
CA THR A 279 -24.95 -16.94 25.74
C THR A 279 -24.48 -15.53 26.06
N ILE A 280 -25.20 -14.53 25.54
CA ILE A 280 -24.87 -13.14 25.83
C ILE A 280 -25.08 -12.89 27.31
N THR A 281 -23.99 -12.55 28.01
CA THR A 281 -24.03 -12.31 29.45
C THR A 281 -23.87 -10.85 29.82
N ASP A 282 -23.33 -10.02 28.93
CA ASP A 282 -23.15 -8.60 29.23
C ASP A 282 -23.13 -7.81 27.93
N ALA A 283 -23.46 -6.53 28.04
CA ALA A 283 -23.53 -5.66 26.87
C ALA A 283 -23.14 -4.25 27.28
N VAL A 284 -22.66 -3.49 26.29
CA VAL A 284 -22.27 -2.09 26.47
C VAL A 284 -22.96 -1.27 25.39
N ASP A 285 -23.67 -0.22 25.80
CA ASP A 285 -24.30 0.72 24.88
C ASP A 285 -23.26 1.80 24.57
N CYS A 286 -22.78 1.82 23.31
CA CYS A 286 -21.65 2.65 22.94
C CYS A 286 -21.92 4.14 23.10
N ALA A 287 -23.19 4.56 23.11
CA ALA A 287 -23.53 5.97 23.18
C ALA A 287 -24.15 6.37 24.51
N LEU A 288 -24.07 5.51 25.53
CA LEU A 288 -24.68 5.83 26.82
C LEU A 288 -23.92 6.95 27.54
N ASP A 289 -22.61 6.82 27.62
CA ASP A 289 -21.78 7.78 28.36
C ASP A 289 -20.35 7.65 27.86
N PRO A 290 -19.48 8.61 28.18
CA PRO A 290 -18.08 8.51 27.72
C PRO A 290 -17.38 7.23 28.12
N LEU A 291 -17.67 6.68 29.30
CA LEU A 291 -17.03 5.43 29.71
C LEU A 291 -17.42 4.29 28.78
N SER A 292 -18.70 4.21 28.40
CA SER A 292 -19.12 3.16 27.47
C SER A 292 -18.53 3.37 26.08
N GLU A 293 -18.37 4.62 25.66
CA GLU A 293 -17.70 4.89 24.39
C GLU A 293 -16.26 4.43 24.43
N THR A 294 -15.57 4.67 25.55
CA THR A 294 -14.21 4.19 25.71
C THR A 294 -14.16 2.66 25.68
N LYS A 295 -15.11 2.01 26.35
CA LYS A 295 -15.16 0.56 26.33
C LYS A 295 -15.36 0.03 24.92
N CYS A 296 -16.25 0.66 24.15
CA CYS A 296 -16.48 0.24 22.78
C CYS A 296 -15.26 0.47 21.90
N THR A 297 -14.57 1.60 22.09
CA THR A 297 -13.38 1.88 21.30
C THR A 297 -12.26 0.88 21.61
N LEU A 298 -12.07 0.56 22.89
CA LEU A 298 -11.05 -0.40 23.28
C LEU A 298 -11.47 -1.84 23.08
N LYS A 299 -12.74 -2.08 22.73
CA LYS A 299 -13.26 -3.43 22.50
C LYS A 299 -13.06 -4.31 23.73
N SER A 300 -13.28 -3.74 24.92
CA SER A 300 -13.12 -4.47 26.17
C SER A 300 -14.10 -3.93 27.19
N PHE A 301 -14.49 -4.78 28.13
CA PHE A 301 -15.40 -4.40 29.21
C PHE A 301 -14.68 -3.78 30.40
N THR A 302 -13.35 -3.85 30.43
CA THR A 302 -12.55 -3.26 31.50
C THR A 302 -11.57 -2.26 30.89
N VAL A 303 -11.45 -1.10 31.53
CA VAL A 303 -10.59 -0.02 31.06
C VAL A 303 -9.52 0.24 32.11
N GLU A 304 -8.26 0.26 31.67
CA GLU A 304 -7.16 0.59 32.55
C GLU A 304 -7.07 2.10 32.75
N LYS A 305 -6.30 2.49 33.76
CA LYS A 305 -6.12 3.91 34.05
C LYS A 305 -5.36 4.59 32.92
N GLY A 306 -5.84 5.75 32.51
CA GLY A 306 -5.19 6.50 31.45
C GLY A 306 -6.18 7.41 30.75
N ILE A 307 -5.73 7.96 29.64
CA ILE A 307 -6.52 8.86 28.80
C ILE A 307 -6.60 8.26 27.40
N TYR A 308 -7.81 8.18 26.86
CA TYR A 308 -8.06 7.53 25.58
C TYR A 308 -8.83 8.45 24.67
N GLN A 309 -8.41 8.50 23.40
CA GLN A 309 -9.12 9.26 22.38
C GLN A 309 -10.21 8.36 21.79
N THR A 310 -11.47 8.71 22.05
CA THR A 310 -12.59 7.87 21.64
C THR A 310 -13.14 8.28 20.27
N SER A 311 -13.55 9.54 20.14
CA SER A 311 -14.17 10.02 18.92
C SER A 311 -13.96 11.52 18.81
N ASN A 312 -14.73 12.16 17.92
CA ASN A 312 -14.68 13.60 17.74
C ASN A 312 -16.10 14.15 17.73
N PHE A 313 -16.33 15.18 18.53
CA PHE A 313 -17.61 15.86 18.50
C PHE A 313 -17.70 16.73 17.26
N ARG A 314 -18.92 16.84 16.73
CA ARG A 314 -19.19 17.57 15.50
C ARG A 314 -20.58 18.17 15.58
N VAL A 315 -20.69 19.48 15.35
CA VAL A 315 -21.99 20.14 15.39
C VAL A 315 -22.77 19.80 14.14
N GLN A 316 -23.99 19.31 14.32
CA GLN A 316 -24.83 18.89 13.21
C GLN A 316 -25.52 20.10 12.57
N PRO A 317 -25.83 20.02 11.28
CA PRO A 317 -26.52 21.13 10.62
C PRO A 317 -27.93 21.32 11.15
N THR A 318 -28.38 22.57 11.17
CA THR A 318 -29.70 22.91 11.67
C THR A 318 -30.74 23.03 10.55
N GLU A 319 -30.32 23.44 9.36
CA GLU A 319 -31.24 23.62 8.25
C GLU A 319 -30.56 23.15 6.96
N SER A 320 -31.36 23.02 5.91
CA SER A 320 -30.87 22.68 4.58
C SER A 320 -31.31 23.78 3.62
N ILE A 321 -30.35 24.42 2.96
CA ILE A 321 -30.64 25.52 2.06
C ILE A 321 -30.25 25.14 0.64
N VAL A 322 -30.94 25.73 -0.33
CA VAL A 322 -30.74 25.44 -1.74
C VAL A 322 -30.70 26.78 -2.48
N ARG A 323 -29.62 27.00 -3.23
CA ARG A 323 -29.43 28.25 -3.97
C ARG A 323 -29.20 27.92 -5.44
N PHE A 324 -30.16 28.32 -6.29
CA PHE A 324 -30.21 28.10 -7.73
C PHE A 324 -30.47 29.42 -8.44
N PRO A 325 -29.99 29.57 -9.67
CA PRO A 325 -30.25 30.81 -10.41
C PRO A 325 -31.74 30.97 -10.71
N ASN A 326 -32.19 32.22 -10.77
CA ASN A 326 -33.63 32.49 -10.89
C ASN A 326 -33.90 32.37 -12.38
N ILE A 327 -34.32 31.17 -12.79
CA ILE A 327 -34.64 30.84 -14.16
C ILE A 327 -36.02 30.19 -14.19
N THR A 328 -36.88 30.68 -15.07
CA THR A 328 -38.25 30.22 -15.18
C THR A 328 -38.57 29.58 -16.53
N ASN A 329 -37.79 29.85 -17.57
CA ASN A 329 -38.06 29.26 -18.87
C ASN A 329 -37.77 27.77 -18.87
N LEU A 330 -38.48 27.05 -19.74
CA LEU A 330 -38.30 25.61 -19.90
C LEU A 330 -37.47 25.33 -21.15
N CYS A 331 -36.53 24.40 -21.03
CA CYS A 331 -35.64 24.10 -22.14
C CYS A 331 -36.41 23.43 -23.28
N PRO A 332 -36.18 23.86 -24.53
CA PRO A 332 -36.91 23.30 -25.67
C PRO A 332 -36.33 21.97 -26.15
N PHE A 333 -36.38 20.97 -25.27
CA PHE A 333 -35.92 19.63 -25.64
C PHE A 333 -36.85 18.95 -26.63
N ASP A 334 -38.12 19.36 -26.69
CA ASP A 334 -39.05 18.78 -27.65
C ASP A 334 -38.66 19.14 -29.08
N GLU A 335 -38.10 20.34 -29.29
CA GLU A 335 -37.67 20.73 -30.62
C GLU A 335 -36.50 19.88 -31.13
N VAL A 336 -35.81 19.19 -30.24
CA VAL A 336 -34.68 18.34 -30.63
C VAL A 336 -35.11 16.90 -30.82
N PHE A 337 -35.79 16.33 -29.83
CA PHE A 337 -36.18 14.92 -29.90
C PHE A 337 -37.36 14.69 -30.83
N ASN A 338 -38.32 15.61 -30.87
CA ASN A 338 -39.53 15.46 -31.68
C ASN A 338 -39.42 16.19 -33.02
N ALA A 339 -38.21 16.30 -33.57
CA ALA A 339 -38.04 16.92 -34.87
C ALA A 339 -38.59 16.03 -35.97
N THR A 340 -39.17 16.65 -37.00
CA THR A 340 -39.73 15.89 -38.11
C THR A 340 -38.65 15.13 -38.87
N THR A 341 -37.52 15.78 -39.13
CA THR A 341 -36.40 15.16 -39.81
C THR A 341 -35.11 15.48 -39.07
N PHE A 342 -34.13 14.58 -39.21
CA PHE A 342 -32.84 14.73 -38.58
C PHE A 342 -31.76 14.96 -39.62
N ALA A 343 -30.69 15.62 -39.21
CA ALA A 343 -29.58 15.91 -40.10
C ALA A 343 -28.71 14.66 -40.29
N SER A 344 -27.92 14.68 -41.35
CA SER A 344 -26.97 13.60 -41.59
C SER A 344 -25.83 13.67 -40.59
N VAL A 345 -25.16 12.53 -40.38
CA VAL A 345 -24.08 12.50 -39.40
C VAL A 345 -22.89 13.33 -39.86
N TYR A 346 -22.70 13.47 -41.17
CA TYR A 346 -21.63 14.33 -41.67
C TYR A 346 -21.90 15.80 -41.42
N ALA A 347 -23.18 16.17 -41.28
CA ALA A 347 -23.60 17.54 -41.00
C ALA A 347 -24.53 17.57 -39.79
N TRP A 348 -24.09 16.92 -38.71
CA TRP A 348 -24.91 16.80 -37.51
C TRP A 348 -25.31 18.17 -36.98
N ASN A 349 -26.55 18.26 -36.51
CA ASN A 349 -27.12 19.55 -36.11
C ASN A 349 -26.87 19.79 -34.62
N ARG A 350 -26.36 20.97 -34.29
CA ARG A 350 -26.06 21.34 -32.91
C ARG A 350 -27.05 22.41 -32.45
N LYS A 351 -27.69 22.15 -31.31
CA LYS A 351 -28.64 23.07 -30.70
C LYS A 351 -28.09 23.54 -29.37
N ARG A 352 -28.04 24.86 -29.18
CA ARG A 352 -27.58 25.45 -27.93
C ARG A 352 -28.75 25.57 -26.95
N ILE A 353 -28.54 25.13 -25.72
CA ILE A 353 -29.57 25.13 -24.69
C ILE A 353 -28.99 25.84 -23.47
N SER A 354 -29.60 26.97 -23.11
CA SER A 354 -29.14 27.77 -21.98
C SER A 354 -30.28 28.66 -21.52
N ASN A 355 -30.13 29.19 -20.30
CA ASN A 355 -31.12 30.10 -19.70
C ASN A 355 -32.50 29.46 -19.64
N CYS A 356 -32.55 28.22 -19.16
CA CYS A 356 -33.81 27.50 -19.05
C CYS A 356 -33.67 26.43 -17.98
N VAL A 357 -34.83 25.93 -17.52
CA VAL A 357 -34.89 24.86 -16.54
C VAL A 357 -35.11 23.55 -17.28
N ALA A 358 -34.20 22.60 -17.10
CA ALA A 358 -34.24 21.33 -17.81
C ALA A 358 -34.81 20.25 -16.90
N ASP A 359 -35.87 19.59 -17.36
CA ASP A 359 -36.48 18.45 -16.68
C ASP A 359 -36.24 17.24 -17.56
N TYR A 360 -35.13 16.55 -17.32
CA TYR A 360 -34.75 15.41 -18.15
C TYR A 360 -35.70 14.22 -18.01
N SER A 361 -36.46 14.14 -16.91
CA SER A 361 -37.37 13.02 -16.71
C SER A 361 -38.45 12.97 -17.78
N VAL A 362 -38.78 14.11 -18.40
CA VAL A 362 -39.76 14.12 -19.48
C VAL A 362 -39.19 13.69 -20.81
N LEU A 363 -37.86 13.58 -20.93
CA LEU A 363 -37.24 13.17 -22.18
C LEU A 363 -37.75 11.81 -22.64
N TYR A 364 -38.03 10.91 -21.70
CA TYR A 364 -38.53 9.58 -22.05
C TYR A 364 -39.86 9.67 -22.81
N ASN A 365 -40.63 10.74 -22.59
CA ASN A 365 -41.89 10.88 -23.31
C ASN A 365 -41.67 11.33 -24.75
N PHE A 366 -40.55 12.02 -25.03
CA PHE A 366 -40.36 12.60 -26.35
C PHE A 366 -40.00 11.56 -27.39
N ALA A 367 -39.13 10.61 -27.03
CA ALA A 367 -38.70 9.58 -27.96
C ALA A 367 -38.78 8.21 -27.31
N PRO A 368 -39.07 7.16 -28.11
CA PRO A 368 -39.21 5.81 -27.56
C PRO A 368 -37.89 5.06 -27.41
N PHE A 369 -36.90 5.72 -26.83
CA PHE A 369 -35.62 5.08 -26.58
C PHE A 369 -35.69 4.22 -25.32
N PHE A 370 -34.95 3.11 -25.33
CA PHE A 370 -35.03 2.16 -24.23
C PHE A 370 -34.34 2.69 -22.98
N ALA A 371 -33.15 3.26 -23.11
CA ALA A 371 -32.40 3.71 -21.95
C ALA A 371 -31.40 4.77 -22.35
N PHE A 372 -30.91 5.50 -21.35
CA PHE A 372 -29.86 6.48 -21.54
C PHE A 372 -28.50 5.80 -21.64
N LYS A 373 -27.51 6.57 -22.08
CA LYS A 373 -26.11 6.13 -22.09
C LYS A 373 -25.27 7.36 -21.75
N CYS A 374 -24.97 7.54 -20.47
CA CYS A 374 -24.29 8.73 -19.97
C CYS A 374 -22.89 8.40 -19.53
N TYR A 375 -21.97 9.32 -19.74
CA TYR A 375 -20.57 9.17 -19.38
C TYR A 375 -20.17 10.29 -18.42
N GLY A 376 -19.59 9.91 -17.29
CA GLY A 376 -19.21 10.89 -16.29
C GLY A 376 -20.35 11.41 -15.46
N VAL A 377 -21.56 10.88 -15.64
CA VAL A 377 -22.74 11.35 -14.92
C VAL A 377 -23.80 10.25 -15.02
N SER A 378 -24.75 10.27 -14.10
CA SER A 378 -25.82 9.30 -14.16
C SER A 378 -27.11 9.96 -14.62
N PRO A 379 -27.94 9.25 -15.40
CA PRO A 379 -29.24 9.82 -15.78
C PRO A 379 -30.15 10.04 -14.58
N THR A 380 -29.90 9.31 -13.49
CA THR A 380 -30.71 9.46 -12.29
C THR A 380 -30.53 10.82 -11.64
N LYS A 381 -29.31 11.37 -11.70
CA LYS A 381 -28.97 12.59 -10.96
C LYS A 381 -29.04 13.85 -11.82
N LEU A 382 -29.44 13.72 -13.09
CA LEU A 382 -29.43 14.87 -13.99
C LEU A 382 -30.32 16.01 -13.50
N ASN A 383 -31.42 15.68 -12.84
CA ASN A 383 -32.33 16.71 -12.34
C ASN A 383 -31.76 17.47 -11.15
N ASP A 384 -30.67 16.98 -10.54
CA ASP A 384 -30.11 17.59 -9.35
C ASP A 384 -28.90 18.47 -9.63
N LEU A 385 -28.53 18.64 -10.90
CA LEU A 385 -27.29 19.33 -11.26
C LEU A 385 -27.58 20.60 -12.06
N CYS A 386 -26.55 21.44 -12.15
CA CYS A 386 -26.56 22.61 -12.99
C CYS A 386 -25.45 22.51 -14.03
N PHE A 387 -25.66 23.18 -15.16
CA PHE A 387 -24.67 23.21 -16.23
C PHE A 387 -24.58 24.62 -16.79
N THR A 388 -23.37 25.00 -17.20
CA THR A 388 -23.18 26.29 -17.83
C THR A 388 -23.90 26.37 -19.17
N ASN A 389 -23.71 25.36 -20.02
CA ASN A 389 -24.39 25.30 -21.30
C ASN A 389 -24.66 23.84 -21.63
N VAL A 390 -25.70 23.61 -22.43
CA VAL A 390 -26.05 22.28 -22.90
C VAL A 390 -26.03 22.28 -24.42
N TYR A 391 -25.47 21.23 -25.02
CA TYR A 391 -25.44 21.11 -26.47
C TYR A 391 -26.14 19.81 -26.89
N ALA A 392 -27.13 19.94 -27.77
CA ALA A 392 -27.86 18.80 -28.29
C ALA A 392 -27.45 18.57 -29.74
N ASP A 393 -26.72 17.48 -29.98
CA ASP A 393 -26.26 17.12 -31.31
C ASP A 393 -27.13 16.00 -31.85
N SER A 394 -27.82 16.28 -32.95
CA SER A 394 -28.78 15.34 -33.54
C SER A 394 -28.25 14.86 -34.88
N PHE A 395 -28.35 13.55 -35.11
CA PHE A 395 -28.02 12.97 -36.40
C PHE A 395 -28.67 11.60 -36.52
N VAL A 396 -28.44 10.95 -37.66
CA VAL A 396 -28.96 9.62 -37.95
C VAL A 396 -27.81 8.76 -38.46
N ILE A 397 -27.68 7.55 -37.93
CA ILE A 397 -26.63 6.62 -38.34
C ILE A 397 -27.24 5.24 -38.51
N ARG A 398 -26.39 4.25 -38.78
CA ARG A 398 -26.81 2.87 -38.78
C ARG A 398 -26.80 2.32 -37.36
N GLY A 399 -27.51 1.20 -37.17
CA GLY A 399 -27.53 0.58 -35.85
C GLY A 399 -26.17 0.12 -35.39
N ASN A 400 -25.43 -0.58 -36.25
CA ASN A 400 -24.11 -1.08 -35.91
C ASN A 400 -23.10 0.04 -35.64
N GLU A 401 -23.42 1.27 -36.03
CA GLU A 401 -22.57 2.42 -35.76
C GLU A 401 -22.92 3.12 -34.46
N VAL A 402 -23.98 2.69 -33.77
CA VAL A 402 -24.37 3.34 -32.53
C VAL A 402 -23.26 3.22 -31.49
N SER A 403 -22.56 2.08 -31.47
CA SER A 403 -21.44 1.90 -30.56
C SER A 403 -20.30 2.88 -30.84
N GLN A 404 -20.25 3.46 -32.04
CA GLN A 404 -19.18 4.39 -32.35
C GLN A 404 -19.39 5.76 -31.71
N ILE A 405 -20.60 6.03 -31.22
CA ILE A 405 -20.88 7.32 -30.55
C ILE A 405 -20.55 7.10 -29.08
N ALA A 406 -19.26 7.21 -28.77
CA ALA A 406 -18.73 6.99 -27.43
C ALA A 406 -17.29 7.48 -27.37
N PRO A 407 -16.80 7.88 -26.19
CA PRO A 407 -15.40 8.31 -26.09
C PRO A 407 -14.43 7.18 -26.43
N GLY A 408 -13.34 7.55 -27.09
CA GLY A 408 -12.30 6.59 -27.41
C GLY A 408 -12.60 5.66 -28.57
N GLN A 409 -13.63 5.95 -29.35
CA GLN A 409 -14.02 5.08 -30.46
C GLN A 409 -13.43 5.60 -31.77
N THR A 410 -13.11 4.67 -32.66
CA THR A 410 -12.73 4.98 -34.03
C THR A 410 -13.74 4.31 -34.98
N GLY A 411 -13.44 4.36 -36.27
CA GLY A 411 -14.36 3.95 -37.30
C GLY A 411 -14.84 5.13 -38.14
N ASN A 412 -15.55 4.79 -39.20
CA ASN A 412 -15.95 5.80 -40.19
C ASN A 412 -16.70 6.95 -39.53
N ILE A 413 -17.73 6.64 -38.73
CA ILE A 413 -18.51 7.68 -38.08
C ILE A 413 -17.65 8.46 -37.09
N ALA A 414 -16.84 7.75 -36.31
CA ALA A 414 -16.02 8.42 -35.30
C ALA A 414 -14.86 9.18 -35.93
N ASP A 415 -14.24 8.60 -36.96
CA ASP A 415 -13.06 9.23 -37.54
C ASP A 415 -13.43 10.43 -38.41
N TYR A 416 -14.47 10.31 -39.24
CA TYR A 416 -14.73 11.30 -40.27
C TYR A 416 -16.08 12.00 -40.16
N ASN A 417 -16.96 11.59 -39.25
CA ASN A 417 -18.29 12.18 -39.15
C ASN A 417 -18.55 12.86 -37.82
N TYR A 418 -18.37 12.16 -36.70
CA TYR A 418 -18.69 12.71 -35.39
C TYR A 418 -17.78 12.08 -34.36
N LYS A 419 -16.95 12.89 -33.72
CA LYS A 419 -15.96 12.43 -32.75
C LYS A 419 -16.27 13.03 -31.38
N LEU A 420 -16.26 12.18 -30.36
CA LEU A 420 -16.42 12.58 -28.97
C LEU A 420 -15.08 12.61 -28.26
N PRO A 421 -14.87 13.56 -27.36
CA PRO A 421 -13.58 13.63 -26.64
C PRO A 421 -13.43 12.48 -25.64
N ASP A 422 -12.18 12.23 -25.26
CA ASP A 422 -11.90 11.18 -24.30
C ASP A 422 -12.50 11.51 -22.94
N ASP A 423 -12.45 12.78 -22.54
CA ASP A 423 -13.03 13.24 -21.28
C ASP A 423 -14.47 13.75 -21.46
N PHE A 424 -15.21 13.18 -22.41
CA PHE A 424 -16.57 13.62 -22.68
C PHE A 424 -17.46 13.41 -21.47
N THR A 425 -18.23 14.45 -21.11
CA THR A 425 -19.19 14.39 -20.03
C THR A 425 -20.56 14.70 -20.61
N GLY A 426 -21.46 13.73 -20.58
CA GLY A 426 -22.78 13.91 -21.14
C GLY A 426 -23.46 12.56 -21.34
N CYS A 427 -24.47 12.58 -22.20
CA CYS A 427 -25.29 11.40 -22.45
C CYS A 427 -25.48 11.20 -23.95
N VAL A 428 -25.70 9.95 -24.34
CA VAL A 428 -25.98 9.58 -25.72
C VAL A 428 -27.29 8.80 -25.73
N ILE A 429 -28.24 9.26 -26.55
CA ILE A 429 -29.57 8.65 -26.63
C ILE A 429 -29.81 8.26 -28.07
N ALA A 430 -29.88 6.95 -28.33
CA ALA A 430 -30.10 6.45 -29.68
C ALA A 430 -31.33 5.56 -29.68
N TRP A 431 -32.23 5.79 -30.64
CA TRP A 431 -33.42 4.97 -30.76
C TRP A 431 -33.67 4.61 -32.22
N ASN A 432 -34.26 3.43 -32.42
CA ASN A 432 -34.55 2.95 -33.76
C ASN A 432 -35.62 3.83 -34.41
N SER A 433 -35.36 4.24 -35.65
CA SER A 433 -36.28 5.06 -36.42
C SER A 433 -36.52 4.45 -37.79
N ASN A 434 -36.76 3.13 -37.82
CA ASN A 434 -36.99 2.44 -39.09
C ASN A 434 -38.29 2.90 -39.73
N LYS A 435 -39.33 3.13 -38.93
CA LYS A 435 -40.63 3.53 -39.48
C LYS A 435 -40.63 4.95 -40.02
N LEU A 436 -39.65 5.77 -39.62
CA LEU A 436 -39.62 7.18 -40.02
C LEU A 436 -38.54 7.50 -41.03
N ASP A 437 -37.45 6.74 -41.07
CA ASP A 437 -36.30 7.08 -41.91
C ASP A 437 -36.00 6.03 -42.96
N SER A 438 -36.89 5.06 -43.18
CA SER A 438 -36.69 4.03 -44.18
C SER A 438 -37.91 3.97 -45.10
N THR A 439 -37.65 3.87 -46.40
CA THR A 439 -38.70 3.80 -47.41
C THR A 439 -38.41 2.64 -48.35
N VAL A 440 -39.47 2.15 -49.00
CA VAL A 440 -39.34 1.07 -49.97
C VAL A 440 -38.52 1.56 -51.15
N GLY A 441 -37.46 0.83 -51.49
CA GLY A 441 -36.55 1.20 -52.55
C GLY A 441 -35.28 1.87 -52.07
N GLY A 442 -35.26 2.35 -50.82
CA GLY A 442 -34.06 2.95 -50.27
C GLY A 442 -34.19 4.44 -50.00
N ASN A 443 -33.95 4.85 -48.75
CA ASN A 443 -33.93 6.26 -48.38
C ASN A 443 -32.50 6.76 -48.52
N TYR A 444 -32.24 7.53 -49.58
CA TYR A 444 -30.89 7.99 -49.91
C TYR A 444 -30.63 9.42 -49.48
N ASN A 445 -31.50 10.00 -48.65
CA ASN A 445 -31.27 11.37 -48.18
C ASN A 445 -30.18 11.43 -47.12
N TYR A 446 -29.98 10.35 -46.37
CA TYR A 446 -29.00 10.34 -45.29
C TYR A 446 -27.65 9.85 -45.82
N ARG A 447 -26.60 10.62 -45.56
CA ARG A 447 -25.27 10.34 -46.05
C ARG A 447 -24.26 10.42 -44.92
N TYR A 448 -23.13 9.75 -45.11
CA TYR A 448 -22.02 9.78 -44.16
C TYR A 448 -20.71 9.92 -44.92
N ARG A 449 -19.75 10.59 -44.29
CA ARG A 449 -18.44 10.77 -44.92
C ARG A 449 -17.66 9.45 -44.87
N LEU A 450 -17.13 9.04 -46.02
CA LEU A 450 -16.40 7.78 -46.13
C LEU A 450 -14.90 7.97 -46.25
N PHE A 451 -14.44 9.06 -46.84
CA PHE A 451 -13.02 9.33 -47.03
C PHE A 451 -12.66 10.70 -46.50
N ARG A 452 -11.51 10.80 -45.84
CA ARG A 452 -11.00 12.08 -45.38
C ARG A 452 -9.49 11.95 -45.20
N LYS A 453 -8.79 13.08 -45.33
CA LYS A 453 -7.34 13.08 -45.24
C LYS A 453 -6.86 12.82 -43.82
N SER A 454 -7.54 13.40 -42.83
CA SER A 454 -7.14 13.26 -41.44
C SER A 454 -8.36 13.03 -40.57
N LYS A 455 -8.13 12.43 -39.41
CA LYS A 455 -9.20 12.15 -38.47
C LYS A 455 -9.69 13.43 -37.80
N LEU A 456 -11.00 13.51 -37.56
CA LEU A 456 -11.58 14.70 -36.98
C LEU A 456 -11.21 14.83 -35.51
N LYS A 457 -11.01 16.08 -35.08
CA LYS A 457 -10.89 16.38 -33.66
C LYS A 457 -12.27 16.32 -33.02
N PRO A 458 -12.35 16.18 -31.69
CA PRO A 458 -13.65 16.11 -31.03
C PRO A 458 -14.49 17.36 -31.31
N PHE A 459 -15.78 17.13 -31.54
CA PHE A 459 -16.76 18.20 -31.79
C PHE A 459 -16.35 19.06 -32.99
N GLU A 460 -15.95 18.39 -34.07
CA GLU A 460 -15.61 19.05 -35.32
C GLU A 460 -16.59 18.61 -36.41
N ARG A 461 -16.93 19.53 -37.29
CA ARG A 461 -17.86 19.28 -38.39
C ARG A 461 -17.18 19.55 -39.72
N ASP A 462 -17.42 18.67 -40.69
CA ASP A 462 -16.86 18.80 -42.04
C ASP A 462 -17.98 18.59 -43.04
N ILE A 463 -18.39 19.67 -43.71
CA ILE A 463 -19.42 19.62 -44.72
C ILE A 463 -18.85 19.80 -46.12
N SER A 464 -17.53 19.70 -46.28
CA SER A 464 -16.92 19.86 -47.58
C SER A 464 -17.26 18.67 -48.48
N THR A 465 -17.50 18.96 -49.76
CA THR A 465 -17.84 17.94 -50.75
C THR A 465 -16.76 17.80 -51.82
N GLU A 466 -15.53 18.24 -51.53
CA GLU A 466 -14.46 18.15 -52.51
C GLU A 466 -14.04 16.69 -52.73
N ILE A 467 -13.55 16.42 -53.93
CA ILE A 467 -13.16 15.06 -54.30
C ILE A 467 -11.93 14.65 -53.49
N TYR A 468 -11.98 13.45 -52.92
CA TYR A 468 -10.89 12.91 -52.13
C TYR A 468 -9.86 12.25 -53.06
N GLN A 469 -8.59 12.59 -52.86
CA GLN A 469 -7.50 12.04 -53.67
C GLN A 469 -6.93 10.83 -52.94
N ALA A 470 -7.38 9.64 -53.33
CA ALA A 470 -6.89 8.42 -52.69
C ALA A 470 -5.45 8.13 -53.08
N GLY A 471 -5.11 8.29 -54.35
CA GLY A 471 -3.78 8.04 -54.84
C GLY A 471 -2.92 9.29 -54.92
N ASN A 472 -1.93 9.25 -55.81
CA ASN A 472 -1.02 10.37 -55.99
C ASN A 472 -1.39 11.25 -57.18
N LYS A 473 -2.17 10.74 -58.13
CA LYS A 473 -2.58 11.53 -59.28
C LYS A 473 -3.65 12.52 -58.86
N PRO A 474 -3.47 13.81 -59.11
CA PRO A 474 -4.51 14.79 -58.74
C PRO A 474 -5.81 14.52 -59.48
N CYS A 475 -6.93 14.73 -58.78
CA CYS A 475 -8.25 14.50 -59.37
C CYS A 475 -8.74 15.68 -60.20
N ASN A 476 -8.23 16.88 -59.93
CA ASN A 476 -8.64 18.09 -60.64
C ASN A 476 -10.14 18.34 -60.50
N GLY A 477 -10.72 17.97 -59.36
CA GLY A 477 -12.12 18.18 -59.12
C GLY A 477 -13.05 17.28 -59.91
N VAL A 478 -12.56 16.15 -60.41
CA VAL A 478 -13.36 15.22 -61.19
C VAL A 478 -13.26 13.84 -60.56
N ALA A 479 -14.41 13.23 -60.29
CA ALA A 479 -14.43 11.89 -59.71
C ALA A 479 -14.07 10.85 -60.78
N GLY A 480 -13.35 9.81 -60.35
CA GLY A 480 -12.95 8.76 -61.26
C GLY A 480 -12.15 7.66 -60.58
N VAL A 481 -11.09 7.21 -61.22
CA VAL A 481 -10.24 6.16 -60.64
C VAL A 481 -9.40 6.76 -59.52
N ASN A 482 -9.46 6.14 -58.34
CA ASN A 482 -8.77 6.60 -57.14
C ASN A 482 -9.20 8.01 -56.73
N CYS A 483 -10.39 8.42 -57.15
CA CYS A 483 -10.93 9.74 -56.81
C CYS A 483 -12.45 9.57 -56.66
N TYR A 484 -12.90 9.40 -55.42
CA TYR A 484 -14.29 9.12 -55.13
C TYR A 484 -14.92 10.29 -54.38
N PHE A 485 -16.24 10.37 -54.48
CA PHE A 485 -16.99 11.37 -53.72
C PHE A 485 -16.91 11.05 -52.23
N PRO A 486 -16.60 12.02 -51.38
CA PRO A 486 -16.37 11.71 -49.96
C PRO A 486 -17.61 11.24 -49.23
N LEU A 487 -18.82 11.49 -49.74
CA LEU A 487 -20.05 11.16 -49.06
C LEU A 487 -20.70 9.94 -49.68
N GLN A 488 -21.08 8.98 -48.85
CA GLN A 488 -21.75 7.75 -49.27
C GLN A 488 -23.13 7.69 -48.62
N SER A 489 -24.13 7.29 -49.41
CA SER A 489 -25.50 7.25 -48.94
C SER A 489 -25.79 5.94 -48.21
N TYR A 490 -26.62 6.03 -47.17
CA TYR A 490 -26.97 4.85 -46.38
C TYR A 490 -27.91 3.93 -47.16
N GLY A 491 -28.94 4.49 -47.78
CA GLY A 491 -29.93 3.70 -48.49
C GLY A 491 -30.74 2.79 -47.58
N PHE A 492 -31.31 3.35 -46.52
CA PHE A 492 -32.08 2.56 -45.57
C PHE A 492 -33.31 1.95 -46.24
N ARG A 493 -33.60 0.71 -45.89
CA ARG A 493 -34.77 0.00 -46.36
C ARG A 493 -35.47 -0.70 -45.21
N PRO A 494 -36.80 -0.80 -45.25
CA PRO A 494 -37.52 -1.46 -44.16
C PRO A 494 -37.15 -2.94 -43.98
N THR A 495 -36.71 -3.60 -45.04
CA THR A 495 -36.38 -5.02 -44.97
C THR A 495 -35.03 -5.29 -44.32
N TYR A 496 -34.26 -4.25 -44.01
CA TYR A 496 -32.95 -4.43 -43.41
C TYR A 496 -33.07 -4.93 -41.98
N GLY A 497 -31.97 -5.51 -41.48
CA GLY A 497 -31.92 -5.98 -40.11
C GLY A 497 -31.74 -4.83 -39.13
N VAL A 498 -31.75 -5.19 -37.84
CA VAL A 498 -31.64 -4.19 -36.79
C VAL A 498 -30.28 -3.49 -36.84
N GLY A 499 -29.24 -4.20 -37.27
CA GLY A 499 -27.94 -3.58 -37.40
C GLY A 499 -27.82 -2.63 -38.58
N HIS A 500 -28.69 -2.76 -39.57
CA HIS A 500 -28.70 -1.88 -40.73
C HIS A 500 -29.83 -0.87 -40.72
N GLN A 501 -30.77 -0.99 -39.78
CA GLN A 501 -31.88 -0.05 -39.71
C GLN A 501 -31.38 1.32 -39.23
N PRO A 502 -32.03 2.39 -39.67
CA PRO A 502 -31.61 3.73 -39.23
C PRO A 502 -31.87 3.93 -37.74
N TYR A 503 -30.98 4.69 -37.11
CA TYR A 503 -31.09 5.03 -35.70
C TYR A 503 -30.88 6.52 -35.54
N ARG A 504 -31.81 7.16 -34.82
CA ARG A 504 -31.71 8.58 -34.51
C ARG A 504 -30.94 8.74 -33.21
N VAL A 505 -29.91 9.59 -33.23
CA VAL A 505 -29.01 9.77 -32.10
C VAL A 505 -29.00 11.24 -31.70
N VAL A 506 -29.21 11.49 -30.41
CA VAL A 506 -29.10 12.80 -29.79
C VAL A 506 -28.05 12.71 -28.70
N VAL A 507 -27.02 13.54 -28.79
CA VAL A 507 -25.94 13.58 -27.82
C VAL A 507 -26.09 14.87 -27.02
N LEU A 508 -26.26 14.73 -25.71
CA LEU A 508 -26.35 15.86 -24.80
C LEU A 508 -24.99 16.07 -24.15
N SER A 509 -24.36 17.21 -24.46
CA SER A 509 -23.07 17.59 -23.90
C SER A 509 -23.31 18.62 -22.80
N PHE A 510 -22.79 18.33 -21.62
CA PHE A 510 -22.97 19.17 -20.44
C PHE A 510 -21.66 19.87 -20.11
N GLU A 511 -21.74 21.17 -19.82
CA GLU A 511 -20.61 21.96 -19.37
C GLU A 511 -20.71 22.11 -17.86
N LEU A 512 -19.71 21.61 -17.14
CA LEU A 512 -19.74 21.63 -15.69
C LEU A 512 -19.58 23.07 -15.17
N LEU A 513 -19.79 23.22 -13.87
CA LEU A 513 -19.87 24.55 -13.24
C LEU A 513 -18.47 25.16 -13.16
N HIS A 514 -18.19 26.07 -14.09
CA HIS A 514 -17.04 26.98 -14.02
C HIS A 514 -17.45 28.43 -14.20
N ALA A 515 -18.44 28.69 -15.05
CA ALA A 515 -19.06 29.99 -15.24
C ALA A 515 -20.44 29.99 -14.59
N PRO A 516 -21.13 31.13 -14.55
CA PRO A 516 -22.50 31.14 -14.03
C PRO A 516 -23.38 30.12 -14.75
N ALA A 517 -24.13 29.36 -13.97
CA ALA A 517 -24.97 28.32 -14.53
C ALA A 517 -26.21 28.92 -15.20
N THR A 518 -26.56 28.36 -16.37
CA THR A 518 -27.74 28.77 -17.09
C THR A 518 -28.77 27.67 -17.29
N VAL A 519 -28.39 26.41 -17.11
CA VAL A 519 -29.31 25.28 -17.20
C VAL A 519 -29.34 24.60 -15.84
N CYS A 520 -30.53 24.53 -15.25
CA CYS A 520 -30.68 23.98 -13.91
C CYS A 520 -31.90 23.07 -13.87
N GLY A 521 -31.96 22.25 -12.82
CA GLY A 521 -33.07 21.35 -12.64
C GLY A 521 -34.27 22.03 -12.03
N PRO A 522 -35.34 21.26 -11.83
CA PRO A 522 -36.57 21.83 -11.27
C PRO A 522 -36.49 22.07 -9.77
N LYS A 523 -35.29 21.94 -9.19
CA LYS A 523 -35.12 22.14 -7.76
C LYS A 523 -35.45 23.58 -7.38
N LYS A 524 -36.22 23.74 -6.30
CA LYS A 524 -36.65 25.05 -5.84
C LYS A 524 -35.65 25.60 -4.83
N SER A 525 -35.36 26.89 -4.93
CA SER A 525 -34.41 27.53 -4.04
C SER A 525 -35.08 27.88 -2.70
N THR A 526 -34.25 28.12 -1.70
CA THR A 526 -34.67 28.56 -0.38
C THR A 526 -33.97 29.87 -0.04
N ASN A 527 -34.16 30.32 1.20
CA ASN A 527 -33.48 31.51 1.66
C ASN A 527 -32.00 31.22 1.93
N LEU A 528 -31.19 32.28 1.89
CA LEU A 528 -29.75 32.18 2.13
C LEU A 528 -29.49 32.39 3.62
N VAL A 529 -29.49 31.30 4.37
CA VAL A 529 -29.27 31.36 5.81
C VAL A 529 -27.77 31.52 6.06
N LYS A 530 -27.41 32.51 6.89
CA LYS A 530 -26.02 32.83 7.18
C LYS A 530 -25.71 32.59 8.65
N ASN A 531 -24.42 32.44 8.94
CA ASN A 531 -23.89 32.36 10.30
C ASN A 531 -24.41 31.16 11.07
N LYS A 532 -24.88 30.13 10.37
CA LYS A 532 -25.36 28.91 11.01
C LYS A 532 -24.86 27.69 10.25
N CYS A 533 -24.58 26.62 11.01
CA CYS A 533 -24.18 25.35 10.41
C CYS A 533 -25.37 24.74 9.69
N VAL A 534 -25.36 24.78 8.35
CA VAL A 534 -26.45 24.29 7.53
C VAL A 534 -25.88 23.44 6.39
N ASN A 535 -26.76 22.69 5.76
CA ASN A 535 -26.46 22.01 4.50
C ASN A 535 -26.80 22.95 3.35
N PHE A 536 -25.83 23.21 2.49
CA PHE A 536 -25.98 24.16 1.40
C PHE A 536 -25.86 23.45 0.05
N ASN A 537 -26.56 24.00 -0.94
CA ASN A 537 -26.56 23.48 -2.30
C ASN A 537 -26.49 24.69 -3.24
N PHE A 538 -25.30 24.97 -3.76
CA PHE A 538 -25.04 26.09 -4.66
C PHE A 538 -24.81 25.55 -6.06
N ASN A 539 -25.84 25.63 -6.90
CA ASN A 539 -25.76 25.21 -8.31
C ASN A 539 -25.28 23.77 -8.44
N GLY A 540 -25.79 22.90 -7.56
CA GLY A 540 -25.40 21.50 -7.54
C GLY A 540 -24.23 21.18 -6.63
N LEU A 541 -23.48 22.19 -6.19
CA LEU A 541 -22.38 21.98 -5.25
C LEU A 541 -22.99 21.81 -3.86
N THR A 542 -22.95 20.58 -3.35
CA THR A 542 -23.56 20.24 -2.08
C THR A 542 -22.49 20.17 -1.00
N GLY A 543 -22.81 20.71 0.18
CA GLY A 543 -21.87 20.66 1.28
C GLY A 543 -22.56 20.96 2.59
N THR A 544 -21.76 20.91 3.66
CA THR A 544 -22.23 21.24 5.01
C THR A 544 -21.24 22.19 5.65
N GLY A 545 -21.76 23.26 6.26
CA GLY A 545 -20.88 24.20 6.92
C GLY A 545 -21.63 25.48 7.27
N VAL A 546 -20.86 26.46 7.71
CA VAL A 546 -21.35 27.78 8.07
C VAL A 546 -21.00 28.75 6.95
N LEU A 547 -22.00 29.48 6.49
CA LEU A 547 -21.83 30.49 5.44
C LEU A 547 -21.75 31.87 6.09
N THR A 548 -20.67 32.58 5.83
CA THR A 548 -20.47 33.92 6.38
C THR A 548 -20.18 34.89 5.25
N GLU A 549 -20.41 36.17 5.51
CA GLU A 549 -20.08 37.20 4.52
C GLU A 549 -18.57 37.24 4.31
N SER A 550 -18.17 37.22 3.05
CA SER A 550 -16.77 37.09 2.69
C SER A 550 -16.16 38.44 2.35
N ASN A 551 -14.92 38.65 2.79
CA ASN A 551 -14.14 39.83 2.44
C ASN A 551 -13.24 39.59 1.23
N LYS A 552 -13.28 38.39 0.65
CA LYS A 552 -12.43 38.08 -0.50
C LYS A 552 -12.82 38.92 -1.71
N LYS A 553 -11.82 39.46 -2.38
CA LYS A 553 -12.03 40.34 -3.53
C LYS A 553 -12.15 39.49 -4.79
N PHE A 554 -13.33 38.89 -4.95
CA PHE A 554 -13.60 38.09 -6.14
C PHE A 554 -13.68 38.98 -7.37
N LEU A 555 -13.04 38.54 -8.44
CA LEU A 555 -13.20 39.23 -9.71
C LEU A 555 -14.54 38.86 -10.34
N PRO A 556 -15.08 39.73 -11.21
CA PRO A 556 -16.45 39.50 -11.71
C PRO A 556 -16.63 38.16 -12.41
N PHE A 557 -15.61 37.64 -13.09
CA PHE A 557 -15.75 36.36 -13.79
C PHE A 557 -15.62 35.17 -12.85
N GLN A 558 -15.15 35.35 -11.63
CA GLN A 558 -14.95 34.25 -10.70
C GLN A 558 -16.24 33.93 -9.96
N GLN A 559 -16.49 32.64 -9.75
CA GLN A 559 -17.71 32.18 -9.10
C GLN A 559 -17.49 31.41 -7.81
N PHE A 560 -16.31 30.84 -7.59
CA PHE A 560 -16.03 30.14 -6.35
C PHE A 560 -14.52 30.11 -6.13
N GLY A 561 -14.14 29.92 -4.88
CA GLY A 561 -12.74 29.83 -4.51
C GLY A 561 -12.43 28.49 -3.87
N ARG A 562 -11.21 28.01 -4.11
CA ARG A 562 -10.79 26.71 -3.61
C ARG A 562 -9.57 26.87 -2.71
N ASP A 563 -9.49 26.01 -1.70
CA ASP A 563 -8.42 26.02 -0.73
C ASP A 563 -7.28 25.09 -1.16
N ILE A 564 -6.38 24.79 -0.22
CA ILE A 564 -5.24 23.94 -0.53
C ILE A 564 -5.70 22.53 -0.92
N ALA A 565 -6.71 22.01 -0.23
CA ALA A 565 -7.21 20.66 -0.49
C ALA A 565 -8.15 20.60 -1.69
N ASP A 566 -8.16 21.62 -2.55
CA ASP A 566 -8.99 21.67 -3.75
C ASP A 566 -10.48 21.56 -3.42
N THR A 567 -10.87 22.04 -2.25
CA THR A 567 -12.27 22.07 -1.83
C THR A 567 -12.77 23.50 -1.83
N THR A 568 -14.06 23.66 -2.11
CA THR A 568 -14.67 24.98 -2.22
C THR A 568 -14.74 25.63 -0.84
N ASP A 569 -14.00 26.72 -0.64
CA ASP A 569 -14.03 27.48 0.60
C ASP A 569 -14.72 28.82 0.46
N ALA A 570 -15.00 29.27 -0.76
CA ALA A 570 -15.76 30.49 -0.98
C ALA A 570 -16.64 30.29 -2.22
N VAL A 571 -17.84 30.86 -2.19
CA VAL A 571 -18.80 30.67 -3.27
C VAL A 571 -19.56 31.96 -3.51
N ARG A 572 -19.94 32.17 -4.77
CA ARG A 572 -20.77 33.31 -5.14
C ARG A 572 -22.22 32.86 -5.27
N ASP A 573 -23.11 33.55 -4.59
CA ASP A 573 -24.53 33.19 -4.64
C ASP A 573 -25.08 33.45 -6.03
N PRO A 574 -25.78 32.50 -6.64
CA PRO A 574 -26.25 32.69 -8.02
C PRO A 574 -27.26 33.80 -8.18
N GLN A 575 -27.91 34.25 -7.11
CA GLN A 575 -28.94 35.29 -7.20
C GLN A 575 -28.48 36.63 -6.66
N THR A 576 -27.94 36.67 -5.43
CA THR A 576 -27.49 37.93 -4.86
C THR A 576 -26.11 38.34 -5.36
N LEU A 577 -25.37 37.41 -5.97
CA LEU A 577 -24.05 37.69 -6.54
C LEU A 577 -23.08 38.22 -5.50
N GLU A 578 -23.22 37.78 -4.25
CA GLU A 578 -22.31 38.14 -3.17
C GLU A 578 -21.46 36.94 -2.79
N ILE A 579 -20.28 37.21 -2.26
CA ILE A 579 -19.30 36.18 -1.95
C ILE A 579 -19.50 35.73 -0.50
N LEU A 580 -19.50 34.42 -0.29
CA LEU A 580 -19.70 33.83 1.02
C LEU A 580 -18.57 32.86 1.32
N ASP A 581 -17.96 32.99 2.50
CA ASP A 581 -17.01 32.02 3.00
C ASP A 581 -17.73 30.83 3.60
N ILE A 582 -17.19 29.64 3.34
CA ILE A 582 -17.71 28.38 3.85
C ILE A 582 -16.72 27.85 4.86
N THR A 583 -17.16 27.66 6.10
CA THR A 583 -16.30 27.14 7.14
C THR A 583 -16.92 25.87 7.72
N PRO A 584 -16.16 24.78 7.83
CA PRO A 584 -16.73 23.55 8.41
C PRO A 584 -17.24 23.80 9.82
N CYS A 585 -18.33 23.13 10.16
CA CYS A 585 -18.99 23.34 11.44
C CYS A 585 -18.06 22.96 12.60
N SER A 586 -18.42 23.42 13.79
CA SER A 586 -17.58 23.22 14.97
C SER A 586 -17.37 21.73 15.21
N PHE A 587 -16.13 21.37 15.54
CA PHE A 587 -15.73 19.98 15.68
C PHE A 587 -14.51 19.92 16.59
N GLY A 588 -14.12 18.72 16.96
CA GLY A 588 -12.90 18.54 17.72
C GLY A 588 -12.83 17.18 18.38
N GLY A 589 -11.59 16.72 18.57
CA GLY A 589 -11.38 15.43 19.21
C GLY A 589 -11.74 15.44 20.68
N VAL A 590 -12.16 14.28 21.17
CA VAL A 590 -12.60 14.09 22.54
C VAL A 590 -11.78 12.96 23.16
N SER A 591 -11.20 13.23 24.33
CA SER A 591 -10.45 12.23 25.09
C SER A 591 -11.18 11.96 26.39
N VAL A 592 -11.12 10.70 26.85
CA VAL A 592 -11.76 10.29 28.09
C VAL A 592 -10.67 9.90 29.08
N ILE A 593 -10.69 10.52 30.25
CA ILE A 593 -9.73 10.26 31.31
C ILE A 593 -10.46 9.46 32.40
N THR A 594 -9.94 8.27 32.69
CA THR A 594 -10.54 7.41 33.70
C THR A 594 -9.46 6.87 34.62
N PRO A 595 -9.77 6.70 35.91
CA PRO A 595 -8.82 6.06 36.83
C PRO A 595 -8.80 4.54 36.74
N GLY A 596 -9.57 3.95 35.84
CA GLY A 596 -9.68 2.51 35.71
C GLY A 596 -11.03 2.04 36.21
N THR A 597 -11.64 1.13 35.47
CA THR A 597 -12.93 0.58 35.87
C THR A 597 -12.83 -0.22 37.16
N ASN A 598 -11.66 -0.76 37.48
CA ASN A 598 -11.47 -1.46 38.75
C ASN A 598 -11.52 -0.53 39.95
N THR A 599 -11.38 0.79 39.73
CA THR A 599 -11.38 1.76 40.81
C THR A 599 -12.70 2.53 40.90
N SER A 600 -13.11 3.15 39.79
CA SER A 600 -14.35 3.92 39.79
C SER A 600 -14.86 4.05 38.36
N ASN A 601 -16.15 4.37 38.25
CA ASN A 601 -16.78 4.61 36.95
C ASN A 601 -16.78 6.08 36.56
N GLN A 602 -16.29 6.96 37.43
CA GLN A 602 -16.24 8.38 37.09
C GLN A 602 -15.19 8.65 36.02
N VAL A 603 -15.53 9.53 35.08
CA VAL A 603 -14.65 9.89 33.98
C VAL A 603 -14.64 11.40 33.80
N ALA A 604 -13.59 11.88 33.15
CA ALA A 604 -13.47 13.27 32.74
C ALA A 604 -13.35 13.34 31.22
N VAL A 605 -13.84 14.42 30.64
CA VAL A 605 -13.86 14.58 29.19
C VAL A 605 -13.01 15.79 28.81
N LEU A 606 -12.04 15.57 27.92
CA LEU A 606 -11.17 16.64 27.44
C LEU A 606 -11.47 16.88 25.96
N TYR A 607 -12.01 18.04 25.66
CA TYR A 607 -12.20 18.49 24.27
C TYR A 607 -10.89 19.13 23.85
N GLN A 608 -10.19 18.48 22.92
CA GLN A 608 -8.82 18.87 22.61
C GLN A 608 -8.79 20.06 21.65
N GLY A 609 -7.96 21.04 21.97
CA GLY A 609 -7.80 22.22 21.12
C GLY A 609 -9.09 22.98 20.93
N VAL A 610 -9.93 23.06 21.96
CA VAL A 610 -11.23 23.70 21.88
C VAL A 610 -11.37 24.65 23.07
N ASN A 611 -11.71 25.92 22.80
CA ASN A 611 -11.98 26.87 23.84
C ASN A 611 -13.17 26.44 24.71
N CYS A 612 -13.02 26.64 26.03
CA CYS A 612 -14.01 26.14 26.96
C CYS A 612 -15.40 26.75 26.73
N THR A 613 -15.45 27.99 26.22
CA THR A 613 -16.73 28.60 25.87
C THR A 613 -17.28 28.09 24.56
N GLU A 614 -16.47 27.39 23.76
CA GLU A 614 -16.91 26.84 22.48
C GLU A 614 -17.40 25.41 22.58
N VAL A 615 -17.42 24.83 23.78
CA VAL A 615 -17.92 23.46 23.95
C VAL A 615 -19.42 23.44 23.67
N PRO A 616 -19.91 22.54 22.82
CA PRO A 616 -21.35 22.53 22.51
C PRO A 616 -22.19 22.22 23.74
N VAL A 617 -23.30 22.94 23.87
CA VAL A 617 -24.22 22.76 24.98
C VAL A 617 -25.61 22.44 24.44
N ALA A 618 -25.66 21.77 23.30
CA ALA A 618 -26.94 21.44 22.67
C ALA A 618 -27.76 20.52 23.57
N ILE A 619 -29.07 20.77 23.62
CA ILE A 619 -29.97 19.98 24.46
C ILE A 619 -30.69 18.89 23.67
N HIS A 620 -30.43 18.78 22.37
CA HIS A 620 -31.05 17.77 21.52
C HIS A 620 -30.00 16.88 20.91
N ALA A 621 -30.29 15.57 20.86
CA ALA A 621 -29.33 14.61 20.33
C ALA A 621 -29.10 14.78 18.83
N ASP A 622 -30.05 15.38 18.12
CA ASP A 622 -29.91 15.58 16.68
C ASP A 622 -29.03 16.78 16.34
N GLN A 623 -28.74 17.66 17.29
CA GLN A 623 -27.95 18.85 17.05
C GLN A 623 -26.47 18.66 17.37
N LEU A 624 -26.09 17.54 17.97
CA LEU A 624 -24.69 17.33 18.36
C LEU A 624 -24.45 15.84 18.52
N THR A 625 -23.25 15.40 18.11
CA THR A 625 -22.81 14.03 18.28
C THR A 625 -21.48 14.00 19.01
N PRO A 626 -21.25 13.03 19.90
CA PRO A 626 -22.13 11.92 20.31
C PRO A 626 -23.33 12.39 21.13
N THR A 627 -24.30 11.50 21.37
CA THR A 627 -25.54 11.90 22.02
C THR A 627 -25.37 12.17 23.51
N TRP A 628 -24.34 11.62 24.14
CA TRP A 628 -24.17 11.82 25.57
C TRP A 628 -23.70 13.24 25.87
N ARG A 629 -24.04 13.72 27.06
CA ARG A 629 -23.67 15.06 27.51
C ARG A 629 -23.07 14.97 28.91
N VAL A 630 -22.16 15.89 29.19
CA VAL A 630 -21.51 15.94 30.50
C VAL A 630 -21.57 17.36 31.07
N VAL A 637 -15.40 22.61 35.22
CA VAL A 637 -14.93 23.06 33.91
C VAL A 637 -13.63 23.86 34.07
N PHE A 638 -12.57 23.38 33.44
CA PHE A 638 -11.26 24.01 33.50
C PHE A 638 -10.71 24.15 32.08
N GLN A 639 -9.91 25.18 31.87
CA GLN A 639 -9.32 25.47 30.57
C GLN A 639 -7.81 25.28 30.63
N THR A 640 -7.29 24.41 29.78
CA THR A 640 -5.86 24.17 29.63
C THR A 640 -5.46 24.44 28.20
N ARG A 641 -4.15 24.60 27.98
CA ARG A 641 -3.64 24.75 26.62
C ARG A 641 -3.95 23.54 25.76
N ALA A 642 -4.22 22.39 26.37
CA ALA A 642 -4.63 21.20 25.63
C ALA A 642 -6.11 21.18 25.28
N GLY A 643 -6.93 22.02 25.92
CA GLY A 643 -8.33 22.10 25.59
C GLY A 643 -9.17 22.30 26.83
N CYS A 644 -10.44 21.92 26.73
CA CYS A 644 -11.40 22.12 27.80
C CYS A 644 -11.63 20.81 28.54
N LEU A 645 -11.36 20.80 29.85
CA LEU A 645 -11.51 19.62 30.68
C LEU A 645 -12.77 19.78 31.53
N ILE A 646 -13.67 18.79 31.45
CA ILE A 646 -14.94 18.81 32.15
C ILE A 646 -15.04 17.54 32.99
N GLY A 647 -15.39 17.69 34.26
CA GLY A 647 -15.49 16.58 35.18
C GLY A 647 -14.32 16.41 36.12
N ALA A 648 -13.33 17.31 36.06
CA ALA A 648 -12.18 17.27 36.94
C ALA A 648 -12.06 18.61 37.65
N GLU A 649 -11.78 18.56 38.95
CA GLU A 649 -11.65 19.76 39.77
C GLU A 649 -10.19 20.16 39.85
N TYR A 650 -9.88 21.37 39.40
CA TYR A 650 -8.51 21.87 39.45
C TYR A 650 -8.14 22.26 40.87
N VAL A 651 -6.95 21.85 41.30
CA VAL A 651 -6.45 22.15 42.64
C VAL A 651 -5.11 22.85 42.52
N ASN A 652 -4.78 23.63 43.55
CA ASN A 652 -3.54 24.38 43.57
C ASN A 652 -2.34 23.53 44.00
N ASN A 653 -2.58 22.34 44.54
CA ASN A 653 -1.47 21.48 44.94
C ASN A 653 -0.81 20.86 43.71
N SER A 654 0.42 20.38 43.91
CA SER A 654 1.21 19.75 42.86
C SER A 654 1.63 18.37 43.29
N TYR A 655 1.40 17.38 42.42
CA TYR A 655 1.79 16.00 42.67
C TYR A 655 2.52 15.48 41.44
N GLU A 656 3.02 14.24 41.55
CA GLU A 656 3.59 13.58 40.39
C GLU A 656 2.50 13.28 39.37
N CYS A 657 2.88 13.32 38.09
CA CYS A 657 1.90 13.14 37.02
C CYS A 657 1.36 11.72 37.03
N ASP A 658 0.05 11.59 37.20
CA ASP A 658 -0.61 10.29 37.16
C ASP A 658 -1.16 9.99 35.76
N ILE A 659 -2.06 10.85 35.28
CA ILE A 659 -2.60 10.73 33.92
C ILE A 659 -2.24 12.01 33.16
N PRO A 660 -1.35 11.93 32.17
CA PRO A 660 -0.90 13.15 31.48
C PRO A 660 -2.00 13.72 30.60
N ILE A 661 -2.50 14.90 30.98
CA ILE A 661 -3.45 15.62 30.15
C ILE A 661 -2.74 16.42 29.07
N GLY A 662 -1.68 17.13 29.45
CA GLY A 662 -0.89 17.90 28.49
C GLY A 662 -0.64 19.31 28.97
N ALA A 663 0.39 19.93 28.39
CA ALA A 663 0.78 21.32 28.71
C ALA A 663 1.02 21.49 30.20
N GLY A 664 1.66 20.51 30.82
CA GLY A 664 1.95 20.55 32.24
C GLY A 664 0.79 20.20 33.14
N ILE A 665 -0.35 19.82 32.57
CA ILE A 665 -1.54 19.48 33.34
C ILE A 665 -1.68 17.97 33.38
N CYS A 666 -1.92 17.43 34.58
CA CYS A 666 -2.14 16.01 34.78
C CYS A 666 -3.40 15.80 35.62
N ALA A 667 -3.94 14.59 35.54
CA ALA A 667 -5.15 14.23 36.26
C ALA A 667 -4.91 13.02 37.15
N SER A 668 -5.67 12.95 38.23
CA SER A 668 -5.52 11.85 39.18
C SER A 668 -6.85 11.60 39.88
N TYR A 669 -6.94 10.47 40.57
CA TYR A 669 -8.11 10.10 41.36
C TYR A 669 -7.74 10.24 42.83
N GLN A 670 -8.36 11.19 43.51
CA GLN A 670 -8.05 11.42 44.92
C GLN A 670 -9.32 11.51 45.76
N GLN A 682 -11.88 9.64 45.55
CA GLN A 682 -13.27 10.03 45.68
C GLN A 682 -13.74 10.82 44.45
N SER A 683 -12.80 11.54 43.84
CA SER A 683 -13.12 12.35 42.66
C SER A 683 -11.86 12.54 41.83
N ILE A 684 -12.08 12.91 40.57
CA ILE A 684 -10.99 13.18 39.63
C ILE A 684 -10.57 14.64 39.77
N ILE A 685 -9.28 14.86 39.98
CA ILE A 685 -8.73 16.20 40.14
C ILE A 685 -7.67 16.43 39.07
N ALA A 686 -7.53 17.69 38.69
CA ALA A 686 -6.52 18.12 37.73
C ALA A 686 -5.56 19.08 38.41
N TYR A 687 -4.29 19.02 38.02
CA TYR A 687 -3.27 19.80 38.70
C TYR A 687 -2.10 20.03 37.75
N THR A 688 -1.19 20.90 38.16
CA THR A 688 0.08 21.11 37.46
C THR A 688 1.11 20.17 38.07
N MET A 689 1.71 19.33 37.23
CA MET A 689 2.65 18.33 37.73
C MET A 689 3.88 18.99 38.34
N SER A 690 4.36 18.41 39.44
CA SER A 690 5.54 18.92 40.12
C SER A 690 6.79 18.27 39.52
N LEU A 691 7.80 19.10 39.25
CA LEU A 691 9.03 18.59 38.65
C LEU A 691 9.86 17.79 39.65
N GLY A 692 9.78 18.14 40.93
CA GLY A 692 10.54 17.42 41.94
C GLY A 692 10.52 18.17 43.25
N ALA A 693 11.21 17.59 44.23
CA ALA A 693 11.29 18.18 45.55
C ALA A 693 12.16 19.44 45.53
N GLU A 694 11.76 20.44 46.31
CA GLU A 694 12.53 21.66 46.41
C GLU A 694 13.84 21.42 47.16
N ASN A 695 14.91 22.00 46.65
CA ASN A 695 16.22 21.85 47.28
C ASN A 695 17.06 23.09 46.99
N SER A 696 18.05 23.31 47.85
CA SER A 696 18.96 24.44 47.71
C SER A 696 20.31 24.06 48.31
N VAL A 697 21.34 24.07 47.47
CA VAL A 697 22.69 23.70 47.93
C VAL A 697 23.34 24.89 48.60
N ALA A 698 23.90 24.67 49.78
CA ALA A 698 24.52 25.73 50.58
C ALA A 698 25.94 25.99 50.05
N TYR A 699 25.99 26.71 48.92
CA TYR A 699 27.27 27.05 48.33
C TYR A 699 27.97 28.13 49.15
N SER A 700 29.30 28.08 49.16
CA SER A 700 30.11 29.07 49.86
C SER A 700 31.51 29.07 49.25
N ASN A 701 32.27 30.13 49.57
CA ASN A 701 33.62 30.26 49.07
C ASN A 701 34.55 29.18 49.62
N ASN A 702 34.30 28.69 50.84
CA ASN A 702 35.24 27.80 51.50
C ASN A 702 34.54 26.68 52.26
N SER A 703 33.37 26.26 51.81
CA SER A 703 32.61 25.21 52.48
C SER A 703 32.53 23.98 51.59
N ILE A 704 32.75 22.81 52.19
CA ILE A 704 32.69 21.54 51.49
C ILE A 704 31.84 20.57 52.32
N ALA A 705 31.28 19.58 51.64
CA ALA A 705 30.52 18.51 52.26
C ALA A 705 31.18 17.18 51.93
N ILE A 706 31.65 16.48 52.96
CA ILE A 706 32.34 15.20 52.81
C ILE A 706 31.47 14.11 53.42
N PRO A 707 31.21 13.03 52.70
CA PRO A 707 30.38 11.96 53.27
C PRO A 707 31.11 11.20 54.37
N THR A 708 30.39 10.88 55.44
CA THR A 708 30.92 10.10 56.55
C THR A 708 30.39 8.67 56.57
N ASN A 709 29.34 8.38 55.80
CA ASN A 709 28.81 7.04 55.54
C ASN A 709 28.65 6.77 54.07
N PHE A 710 28.28 5.51 53.78
CA PHE A 710 27.94 5.05 52.46
C PHE A 710 26.82 4.02 52.56
N THR A 711 26.17 3.79 51.42
CA THR A 711 25.11 2.81 51.29
C THR A 711 25.36 1.98 50.05
N ILE A 712 25.28 0.66 50.19
CA ILE A 712 25.39 -0.25 49.06
C ILE A 712 24.00 -0.40 48.46
N SER A 713 23.78 0.16 47.27
CA SER A 713 22.46 0.19 46.66
C SER A 713 22.42 -0.77 45.47
N VAL A 714 21.38 -1.60 45.43
CA VAL A 714 21.17 -2.52 44.31
C VAL A 714 19.91 -2.08 43.58
N THR A 715 20.06 -1.73 42.31
CA THR A 715 18.96 -1.30 41.47
C THR A 715 18.74 -2.30 40.35
N THR A 716 17.55 -2.25 39.75
CA THR A 716 17.15 -3.20 38.72
C THR A 716 16.92 -2.45 37.41
N GLU A 717 17.53 -2.94 36.32
CA GLU A 717 17.32 -2.39 34.99
C GLU A 717 16.90 -3.51 34.05
N ILE A 718 15.74 -3.36 33.42
CA ILE A 718 15.18 -4.39 32.54
C ILE A 718 15.33 -3.91 31.10
N LEU A 719 15.93 -4.74 30.25
CA LEU A 719 16.17 -4.39 28.86
C LEU A 719 15.66 -5.52 27.97
N PRO A 720 14.73 -5.25 27.05
CA PRO A 720 14.33 -6.27 26.08
C PRO A 720 15.49 -6.65 25.18
N VAL A 721 15.53 -7.93 24.80
CA VAL A 721 16.60 -8.47 23.98
C VAL A 721 16.07 -8.97 22.64
N SER A 722 15.02 -9.79 22.66
CA SER A 722 14.46 -10.36 21.45
C SER A 722 12.95 -10.33 21.52
N MET A 723 12.32 -10.38 20.35
CA MET A 723 10.87 -10.44 20.22
C MET A 723 10.45 -11.80 19.68
N THR A 724 9.14 -11.96 19.48
CA THR A 724 8.60 -13.22 18.99
C THR A 724 8.94 -13.39 17.51
N LYS A 725 9.44 -14.58 17.16
CA LYS A 725 9.72 -14.92 15.77
C LYS A 725 8.44 -15.42 15.11
N THR A 726 7.98 -14.72 14.08
CA THR A 726 6.70 -15.01 13.44
C THR A 726 6.94 -15.43 11.99
N SER A 727 6.27 -16.50 11.58
CA SER A 727 6.29 -16.96 10.20
C SER A 727 4.88 -16.87 9.64
N VAL A 728 4.76 -16.36 8.42
CA VAL A 728 3.48 -16.16 7.76
C VAL A 728 3.51 -16.84 6.41
N ASP A 729 2.51 -17.67 6.14
CA ASP A 729 2.32 -18.30 4.83
C ASP A 729 1.24 -17.53 4.07
N CYS A 730 1.63 -16.95 2.93
CA CYS A 730 0.68 -16.15 2.16
C CYS A 730 -0.48 -16.98 1.62
N THR A 731 -0.20 -18.18 1.12
CA THR A 731 -1.25 -18.96 0.47
C THR A 731 -2.40 -19.23 1.43
N MET A 732 -2.09 -19.54 2.68
CA MET A 732 -3.14 -19.82 3.65
C MET A 732 -3.84 -18.54 4.10
N TYR A 733 -3.08 -17.47 4.37
CA TYR A 733 -3.67 -16.24 4.89
C TYR A 733 -4.55 -15.56 3.84
N ILE A 734 -4.01 -15.35 2.65
CA ILE A 734 -4.74 -14.63 1.61
C ILE A 734 -5.83 -15.50 1.00
N CYS A 735 -5.51 -16.76 0.73
CA CYS A 735 -6.43 -17.65 0.00
C CYS A 735 -7.00 -18.75 0.88
N GLY A 736 -6.15 -19.54 1.54
CA GLY A 736 -6.64 -20.62 2.37
C GLY A 736 -7.22 -21.77 1.57
N ASP A 737 -6.36 -22.49 0.86
CA ASP A 737 -6.76 -23.67 0.09
C ASP A 737 -7.77 -23.32 -1.01
N SER A 738 -7.48 -22.24 -1.74
CA SER A 738 -8.30 -21.82 -2.88
C SER A 738 -7.40 -21.74 -4.10
N THR A 739 -7.64 -22.64 -5.06
CA THR A 739 -6.79 -22.70 -6.25
C THR A 739 -6.95 -21.45 -7.12
N GLU A 740 -8.20 -20.99 -7.28
CA GLU A 740 -8.43 -19.78 -8.07
C GLU A 740 -7.75 -18.57 -7.45
N CYS A 741 -7.86 -18.43 -6.12
CA CYS A 741 -7.20 -17.32 -5.44
C CYS A 741 -5.70 -17.42 -5.57
N SER A 742 -5.13 -18.63 -5.49
CA SER A 742 -3.70 -18.80 -5.66
C SER A 742 -3.26 -18.41 -7.06
N ASN A 743 -4.02 -18.82 -8.07
CA ASN A 743 -3.69 -18.45 -9.45
C ASN A 743 -3.77 -16.95 -9.65
N LEU A 744 -4.75 -16.29 -9.04
CA LEU A 744 -4.85 -14.84 -9.15
C LEU A 744 -3.71 -14.15 -8.40
N LEU A 745 -3.31 -14.69 -7.26
CA LEU A 745 -2.24 -14.11 -6.47
C LEU A 745 -0.89 -14.27 -7.15
N LEU A 746 -0.73 -15.33 -7.96
CA LEU A 746 0.52 -15.52 -8.68
C LEU A 746 0.82 -14.38 -9.65
N GLN A 747 -0.19 -13.59 -10.01
CA GLN A 747 -0.01 -12.46 -10.92
C GLN A 747 0.56 -11.23 -10.23
N TYR A 748 0.70 -11.24 -8.91
CA TYR A 748 1.20 -10.08 -8.17
C TYR A 748 2.72 -10.11 -7.99
N GLY A 749 3.41 -11.09 -8.55
CA GLY A 749 4.86 -11.10 -8.53
C GLY A 749 5.46 -11.69 -7.27
N SER A 750 6.48 -11.02 -6.73
CA SER A 750 7.25 -11.53 -5.60
C SER A 750 7.00 -10.73 -4.32
N PHE A 751 5.82 -10.13 -4.18
CA PHE A 751 5.49 -9.42 -2.94
C PHE A 751 5.61 -10.35 -1.74
N CYS A 752 5.04 -11.54 -1.85
CA CYS A 752 5.08 -12.50 -0.74
C CYS A 752 6.46 -13.07 -0.52
N THR A 753 7.27 -13.20 -1.60
CA THR A 753 8.65 -13.59 -1.41
C THR A 753 9.39 -12.55 -0.57
N GLN A 754 9.13 -11.26 -0.83
CA GLN A 754 9.73 -10.21 -0.02
C GLN A 754 9.23 -10.26 1.43
N LEU A 755 7.93 -10.50 1.63
CA LEU A 755 7.40 -10.58 2.98
C LEU A 755 8.04 -11.72 3.76
N LYS A 756 8.14 -12.90 3.13
CA LYS A 756 8.76 -14.04 3.79
C LYS A 756 10.24 -13.79 4.07
N ARG A 757 10.93 -13.14 3.13
CA ARG A 757 12.34 -12.82 3.34
C ARG A 757 12.52 -11.87 4.52
N ALA A 758 11.66 -10.85 4.62
CA ALA A 758 11.75 -9.92 5.73
C ALA A 758 11.46 -10.60 7.07
N LEU A 759 10.45 -11.47 7.10
CA LEU A 759 10.13 -12.18 8.33
C LEU A 759 11.26 -13.11 8.74
N THR A 760 11.87 -13.80 7.77
CA THR A 760 13.00 -14.67 8.07
C THR A 760 14.19 -13.86 8.58
N GLY A 761 14.42 -12.69 7.99
CA GLY A 761 15.48 -11.83 8.49
C GLY A 761 15.26 -11.39 9.92
N ILE A 762 14.02 -11.03 10.25
CA ILE A 762 13.69 -10.66 11.62
C ILE A 762 13.91 -11.83 12.57
N ALA A 763 13.47 -13.02 12.16
CA ALA A 763 13.62 -14.20 13.00
C ALA A 763 15.09 -14.52 13.25
N VAL A 764 15.93 -14.40 12.22
CA VAL A 764 17.36 -14.63 12.40
C VAL A 764 17.97 -13.56 13.28
N GLU A 765 17.56 -12.30 13.10
CA GLU A 765 18.09 -11.21 13.91
C GLU A 765 17.75 -11.37 15.38
N GLN A 766 16.61 -11.99 15.69
CA GLN A 766 16.26 -12.23 17.09
C GLN A 766 17.30 -13.14 17.77
N ASP A 767 17.61 -14.27 17.13
CA ASP A 767 18.62 -15.16 17.67
C ASP A 767 19.99 -14.50 17.70
N LYS A 768 20.29 -13.66 16.69
CA LYS A 768 21.55 -12.93 16.69
C LYS A 768 21.64 -12.00 17.89
N ASN A 769 20.55 -11.29 18.21
CA ASN A 769 20.53 -10.41 19.37
C ASN A 769 20.71 -11.19 20.66
N THR A 770 20.02 -12.34 20.78
CA THR A 770 20.17 -13.14 21.99
C THR A 770 21.61 -13.62 22.15
N GLN A 771 22.22 -14.08 21.06
CA GLN A 771 23.61 -14.56 21.12
C GLN A 771 24.56 -13.42 21.47
N GLU A 772 24.33 -12.23 20.92
CA GLU A 772 25.18 -11.09 21.25
C GLU A 772 25.06 -10.72 22.73
N VAL A 773 23.84 -10.72 23.26
CA VAL A 773 23.64 -10.29 24.64
C VAL A 773 24.21 -11.31 25.62
N PHE A 774 23.92 -12.59 25.41
CA PHE A 774 24.21 -13.60 26.43
C PHE A 774 25.46 -14.41 26.17
N ALA A 775 25.74 -14.77 24.91
CA ALA A 775 26.91 -15.60 24.59
C ALA A 775 28.15 -14.71 24.45
N GLN A 776 28.55 -14.12 25.58
CA GLN A 776 29.71 -13.24 25.62
C GLN A 776 30.97 -13.93 26.08
N VAL A 777 30.87 -15.09 26.72
CA VAL A 777 32.03 -15.85 27.19
C VAL A 777 32.01 -17.23 26.55
N LYS A 778 33.19 -17.76 26.26
CA LYS A 778 33.33 -19.07 25.64
C LYS A 778 33.54 -20.17 26.68
N GLN A 779 33.63 -19.83 27.96
CA GLN A 779 33.84 -20.80 29.03
C GLN A 779 32.65 -20.78 29.97
N ILE A 780 32.14 -21.96 30.31
CA ILE A 780 31.02 -22.09 31.23
C ILE A 780 31.62 -22.25 32.63
N TYR A 781 31.85 -21.13 33.29
CA TYR A 781 32.44 -21.14 34.62
C TYR A 781 31.43 -21.66 35.65
N LYS A 782 31.95 -22.31 36.68
CA LYS A 782 31.14 -22.89 37.75
C LYS A 782 31.58 -22.32 39.09
N THR A 783 30.60 -22.06 39.95
CA THR A 783 30.91 -21.58 41.29
C THR A 783 31.53 -22.69 42.13
N PRO A 784 32.38 -22.35 43.09
CA PRO A 784 32.97 -23.37 43.93
C PRO A 784 31.93 -24.04 44.81
N PRO A 785 32.15 -25.29 45.23
CA PRO A 785 31.15 -25.96 46.09
C PRO A 785 30.85 -25.22 47.38
N ILE A 786 31.86 -24.57 47.98
CA ILE A 786 31.64 -23.81 49.20
C ILE A 786 31.10 -22.43 48.83
N LYS A 787 29.90 -22.12 49.31
CA LYS A 787 29.24 -20.85 48.97
C LYS A 787 29.57 -19.75 49.98
N TYR A 788 30.85 -19.52 50.23
CA TYR A 788 31.31 -18.44 51.09
C TYR A 788 32.15 -17.48 50.28
N PHE A 789 31.80 -16.20 50.33
CA PHE A 789 32.52 -15.15 49.59
C PHE A 789 32.74 -13.95 50.49
N GLY A 790 33.21 -14.18 51.71
CA GLY A 790 33.47 -13.11 52.63
C GLY A 790 32.24 -12.53 53.30
N GLY A 791 31.18 -13.29 53.43
CA GLY A 791 29.94 -12.81 54.00
C GLY A 791 28.95 -12.25 52.99
N PHE A 792 29.31 -12.21 51.71
CA PHE A 792 28.39 -11.73 50.68
C PHE A 792 27.49 -12.89 50.24
N ASN A 793 26.22 -12.86 50.63
CA ASN A 793 25.21 -13.80 50.14
C ASN A 793 24.95 -13.63 48.65
N PHE A 794 24.96 -14.75 47.92
CA PHE A 794 24.63 -14.76 46.50
C PHE A 794 23.57 -15.79 46.16
N SER A 795 22.84 -16.30 47.16
CA SER A 795 21.88 -17.39 46.91
C SER A 795 20.73 -16.94 46.02
N GLN A 796 20.31 -15.68 46.13
CA GLN A 796 19.17 -15.20 45.37
C GLN A 796 19.49 -15.02 43.89
N ILE A 797 20.76 -14.98 43.51
CA ILE A 797 21.14 -14.83 42.12
C ILE A 797 21.88 -16.05 41.57
N LEU A 798 22.40 -16.92 42.42
CA LEU A 798 23.05 -18.13 41.93
C LEU A 798 22.00 -19.19 41.59
N PRO A 799 22.29 -20.04 40.60
CA PRO A 799 21.31 -21.07 40.20
C PRO A 799 20.99 -22.02 41.34
N ASP A 800 19.73 -22.45 41.38
CA ASP A 800 19.27 -23.36 42.43
C ASP A 800 19.27 -24.78 41.90
N PRO A 801 20.10 -25.68 42.43
CA PRO A 801 20.09 -27.06 41.94
C PRO A 801 18.78 -27.79 42.19
N SER A 802 17.99 -27.37 43.19
CA SER A 802 16.74 -28.05 43.47
C SER A 802 15.74 -27.91 42.32
N LYS A 803 15.64 -26.71 41.74
CA LYS A 803 14.72 -26.51 40.64
C LYS A 803 15.20 -27.26 39.39
N PRO A 804 14.28 -27.89 38.65
CA PRO A 804 14.71 -28.59 37.43
C PRO A 804 15.30 -27.68 36.38
N SER A 805 14.86 -26.42 36.33
CA SER A 805 15.37 -25.48 35.33
C SER A 805 16.73 -24.89 35.71
N LYS A 806 17.22 -25.16 36.93
CA LYS A 806 18.49 -24.63 37.41
C LYS A 806 18.52 -23.11 37.34
N ARG A 807 17.40 -22.48 37.69
CA ARG A 807 17.28 -21.04 37.71
C ARG A 807 17.35 -20.51 39.13
N SER A 808 17.88 -19.30 39.27
CA SER A 808 17.94 -18.66 40.58
C SER A 808 16.54 -18.23 41.01
N PRO A 809 16.34 -17.99 42.31
CA PRO A 809 15.02 -17.51 42.76
C PRO A 809 14.58 -16.24 42.05
N ILE A 810 15.51 -15.31 41.80
CA ILE A 810 15.16 -14.09 41.08
C ILE A 810 14.76 -14.40 39.64
N GLU A 811 15.53 -15.26 38.96
CA GLU A 811 15.17 -15.65 37.60
C GLU A 811 13.85 -16.41 37.57
N ASP A 812 13.60 -17.25 38.57
CA ASP A 812 12.32 -17.96 38.63
C ASP A 812 11.16 -16.98 38.79
N LEU A 813 11.33 -15.98 39.66
CA LEU A 813 10.28 -14.97 39.85
C LEU A 813 10.07 -14.15 38.58
N LEU A 814 11.15 -13.80 37.88
CA LEU A 814 11.02 -13.06 36.64
C LEU A 814 10.31 -13.90 35.58
N PHE A 815 10.62 -15.20 35.51
CA PHE A 815 9.96 -16.10 34.58
C PHE A 815 8.47 -16.19 34.89
N ASN A 816 8.12 -16.27 36.17
CA ASN A 816 6.71 -16.34 36.54
C ASN A 816 5.99 -15.01 36.31
N LYS A 817 6.72 -13.89 36.36
CA LYS A 817 6.09 -12.58 36.24
C LYS A 817 5.72 -12.21 34.82
N VAL A 818 6.31 -12.86 33.82
CA VAL A 818 6.05 -12.57 32.41
C VAL A 818 5.44 -13.81 31.78
N THR A 819 4.26 -13.65 31.19
CA THR A 819 3.55 -14.75 30.54
C THR A 819 3.66 -14.61 29.02
N LEU A 820 4.09 -15.68 28.36
CA LEU A 820 4.28 -15.67 26.92
C LEU A 820 3.00 -16.13 26.23
N ALA A 821 2.57 -15.37 25.22
CA ALA A 821 1.40 -15.77 24.45
C ALA A 821 1.65 -17.06 23.68
N ASP A 822 2.84 -17.20 23.10
CA ASP A 822 3.20 -18.41 22.36
C ASP A 822 4.69 -18.63 22.49
N ALA A 823 5.08 -19.81 22.97
CA ALA A 823 6.49 -20.15 23.09
C ALA A 823 7.07 -20.77 21.83
N GLY A 824 6.24 -21.05 20.83
CA GLY A 824 6.72 -21.64 19.59
C GLY A 824 6.90 -23.13 19.62
N PHE A 825 6.48 -23.81 20.69
CA PHE A 825 6.64 -25.25 20.79
C PHE A 825 5.48 -25.95 20.09
N ILE A 826 5.42 -27.27 20.22
CA ILE A 826 4.37 -28.06 19.59
C ILE A 826 3.04 -27.82 20.28
N LEU A 841 -7.42 -17.95 20.28
CA LEU A 841 -6.80 -16.98 19.39
C LEU A 841 -5.61 -17.61 18.67
N ILE A 842 -4.85 -18.43 19.39
CA ILE A 842 -3.67 -19.07 18.81
C ILE A 842 -4.08 -20.06 17.72
N CYS A 843 -5.18 -20.79 17.95
CA CYS A 843 -5.67 -21.74 16.95
C CYS A 843 -6.08 -21.01 15.68
N ALA A 844 -6.74 -19.86 15.82
CA ALA A 844 -7.13 -19.08 14.64
C ALA A 844 -5.91 -18.57 13.89
N GLN A 845 -4.86 -18.15 14.62
CA GLN A 845 -3.62 -17.72 13.97
C GLN A 845 -2.98 -18.86 13.20
N LYS A 846 -2.92 -20.05 13.83
CA LYS A 846 -2.29 -21.19 13.17
C LYS A 846 -3.08 -21.63 11.94
N PHE A 847 -4.41 -21.64 12.04
CA PHE A 847 -5.24 -22.09 10.92
C PHE A 847 -5.16 -21.14 9.74
N ASN A 848 -4.79 -19.87 9.97
CA ASN A 848 -4.74 -18.87 8.93
C ASN A 848 -3.32 -18.59 8.45
N GLY A 849 -2.38 -19.49 8.71
CA GLY A 849 -1.04 -19.38 8.19
C GLY A 849 -0.06 -18.60 9.02
N LEU A 850 -0.41 -18.24 10.25
CA LEU A 850 0.48 -17.50 11.14
C LEU A 850 0.97 -18.44 12.23
N THR A 851 2.30 -18.57 12.34
CA THR A 851 2.91 -19.47 13.30
C THR A 851 4.03 -18.75 14.03
N VAL A 852 4.38 -19.28 15.20
CA VAL A 852 5.46 -18.74 16.03
C VAL A 852 6.59 -19.77 16.05
N LEU A 853 7.79 -19.33 15.66
CA LEU A 853 8.97 -20.16 15.65
C LEU A 853 9.69 -20.08 17.00
N PRO A 854 10.11 -21.23 17.55
CA PRO A 854 10.78 -21.20 18.84
C PRO A 854 12.15 -20.56 18.72
N PRO A 855 12.63 -19.89 19.76
CA PRO A 855 13.98 -19.32 19.71
C PRO A 855 15.04 -20.41 19.67
N LEU A 856 16.18 -20.08 19.06
CA LEU A 856 17.27 -21.05 18.95
C LEU A 856 17.81 -21.45 20.31
N LEU A 857 17.99 -20.47 21.20
CA LEU A 857 18.50 -20.75 22.54
C LEU A 857 17.32 -20.90 23.50
N THR A 858 17.26 -22.04 24.18
CA THR A 858 16.21 -22.27 25.16
C THR A 858 16.45 -21.43 26.41
N ASP A 859 15.42 -21.34 27.25
CA ASP A 859 15.56 -20.64 28.53
C ASP A 859 16.61 -21.30 29.40
N GLU A 860 16.75 -22.62 29.31
CA GLU A 860 17.78 -23.31 30.08
C GLU A 860 19.18 -22.88 29.66
N MET A 861 19.41 -22.75 28.36
CA MET A 861 20.73 -22.34 27.89
C MET A 861 21.04 -20.89 28.25
N ILE A 862 20.04 -20.01 28.19
CA ILE A 862 20.24 -18.63 28.59
C ILE A 862 20.54 -18.56 30.09
N ALA A 863 19.82 -19.37 30.89
CA ALA A 863 20.11 -19.42 32.32
C ALA A 863 21.51 -19.95 32.58
N GLN A 864 21.95 -20.93 31.80
CA GLN A 864 23.31 -21.45 31.95
C GLN A 864 24.35 -20.38 31.61
N TYR A 865 24.11 -19.61 30.55
CA TYR A 865 25.01 -18.51 30.22
C TYR A 865 25.06 -17.48 31.35
N THR A 866 23.89 -17.15 31.90
CA THR A 866 23.84 -16.19 33.00
C THR A 866 24.58 -16.71 34.22
N SER A 867 24.42 -18.01 34.53
CA SER A 867 25.12 -18.60 35.67
C SER A 867 26.62 -18.62 35.44
N ALA A 868 27.06 -18.88 34.20
CA ALA A 868 28.48 -18.83 33.89
C ALA A 868 29.03 -17.42 34.08
N LEU A 869 28.29 -16.41 33.63
CA LEU A 869 28.72 -15.03 33.84
C LEU A 869 28.80 -14.70 35.32
N LEU A 870 27.80 -15.15 36.10
CA LEU A 870 27.80 -14.92 37.54
C LEU A 870 29.02 -15.56 38.20
N ALA A 871 29.29 -16.82 37.86
CA ALA A 871 30.44 -17.50 38.45
C ALA A 871 31.74 -16.81 38.07
N GLY A 872 31.86 -16.39 36.81
CA GLY A 872 33.07 -15.69 36.39
C GLY A 872 33.28 -14.39 37.14
N THR A 873 32.23 -13.57 37.23
CA THR A 873 32.36 -12.29 37.90
C THR A 873 32.48 -12.42 39.41
N ILE A 874 32.06 -13.55 39.99
CA ILE A 874 32.19 -13.73 41.43
C ILE A 874 33.57 -14.28 41.79
N THR A 875 34.08 -15.22 41.01
CA THR A 875 35.34 -15.88 41.33
C THR A 875 36.56 -15.22 40.71
N SER A 876 36.38 -14.33 39.72
CA SER A 876 37.53 -13.75 39.04
C SER A 876 37.41 -12.25 38.81
N GLY A 877 36.32 -11.60 39.21
CA GLY A 877 36.20 -10.17 38.98
C GLY A 877 36.05 -9.85 37.50
N TRP A 878 36.80 -8.86 37.04
CA TRP A 878 36.77 -8.44 35.65
C TRP A 878 37.83 -9.13 34.79
N THR A 879 38.63 -10.02 35.39
CA THR A 879 39.74 -10.62 34.65
C THR A 879 39.25 -11.56 33.55
N PHE A 880 38.19 -12.33 33.83
CA PHE A 880 37.70 -13.29 32.84
C PHE A 880 37.11 -12.62 31.61
N GLY A 881 36.70 -11.36 31.71
CA GLY A 881 36.19 -10.64 30.55
C GLY A 881 37.26 -10.15 29.60
N ALA A 882 38.50 -10.02 30.08
CA ALA A 882 39.61 -9.55 29.27
C ALA A 882 40.62 -10.64 28.93
N GLY A 883 40.39 -11.88 29.36
CA GLY A 883 41.30 -12.96 29.11
C GLY A 883 41.03 -14.15 29.99
N PRO A 884 42.10 -14.84 30.42
CA PRO A 884 41.92 -15.98 31.32
C PRO A 884 41.35 -15.54 32.66
N ALA A 885 40.55 -16.41 33.25
CA ALA A 885 39.94 -16.14 34.55
C ALA A 885 40.97 -16.31 35.65
N LEU A 886 41.22 -15.26 36.40
CA LEU A 886 42.18 -15.27 37.51
C LEU A 886 41.41 -15.24 38.81
N GLN A 887 41.56 -16.30 39.61
CA GLN A 887 40.85 -16.38 40.87
C GLN A 887 41.31 -15.29 41.83
N ILE A 888 40.40 -14.86 42.70
CA ILE A 888 40.64 -13.75 43.60
C ILE A 888 39.60 -13.79 44.72
N PRO A 889 39.99 -13.57 45.98
CA PRO A 889 38.98 -13.47 47.05
C PRO A 889 38.02 -12.33 46.78
N PHE A 890 36.74 -12.57 47.09
CA PHE A 890 35.72 -11.56 46.79
C PHE A 890 35.89 -10.27 47.57
N PRO A 891 36.19 -10.27 48.89
CA PRO A 891 36.42 -8.98 49.56
C PRO A 891 37.53 -8.17 48.92
N MET A 892 38.58 -8.84 48.43
CA MET A 892 39.65 -8.13 47.74
C MET A 892 39.13 -7.50 46.44
N GLN A 893 38.27 -8.23 45.71
CA GLN A 893 37.67 -7.69 44.50
C GLN A 893 36.80 -6.47 44.80
N MET A 894 36.05 -6.51 45.90
CA MET A 894 35.22 -5.36 46.25
C MET A 894 36.07 -4.18 46.70
N ALA A 895 37.19 -4.45 47.37
CA ALA A 895 38.16 -3.39 47.64
C ALA A 895 38.70 -2.81 46.34
N TYR A 896 38.86 -3.66 45.33
CA TYR A 896 39.35 -3.21 44.03
C TYR A 896 38.36 -2.22 43.44
N ARG A 897 37.08 -2.59 43.46
CA ARG A 897 36.02 -1.75 42.94
C ARG A 897 35.84 -0.47 43.75
N PHE A 898 36.16 -0.53 45.06
CA PHE A 898 36.21 0.68 45.86
C PHE A 898 37.34 1.60 45.40
N ASN A 899 38.48 1.01 45.05
CA ASN A 899 39.57 1.80 44.48
C ASN A 899 39.15 2.45 43.17
N GLY A 900 38.39 1.73 42.34
CA GLY A 900 37.96 2.27 41.06
C GLY A 900 37.04 3.47 41.20
N ILE A 901 36.28 3.56 42.28
CA ILE A 901 35.36 4.66 42.50
C ILE A 901 36.03 5.73 43.35
N GLY A 902 37.33 5.55 43.61
CA GLY A 902 38.09 6.53 44.36
C GLY A 902 38.04 6.40 45.87
N VAL A 903 37.89 5.19 46.39
CA VAL A 903 37.86 4.93 47.82
C VAL A 903 38.97 3.93 48.16
N THR A 904 39.70 4.21 49.23
CA THR A 904 40.83 3.37 49.61
C THR A 904 40.36 2.00 50.09
N GLN A 905 41.28 1.04 50.08
CA GLN A 905 40.95 -0.32 50.45
C GLN A 905 40.58 -0.45 51.93
N ASN A 906 41.23 0.36 52.78
CA ASN A 906 41.00 0.24 54.21
C ASN A 906 39.57 0.58 54.58
N VAL A 907 38.93 1.50 53.84
CA VAL A 907 37.53 1.82 54.11
C VAL A 907 36.67 0.57 53.98
N LEU A 908 36.96 -0.27 52.99
CA LEU A 908 36.23 -1.52 52.84
C LEU A 908 36.65 -2.55 53.88
N TYR A 909 37.95 -2.71 54.12
CA TYR A 909 38.42 -3.76 55.01
C TYR A 909 38.03 -3.52 56.46
N GLU A 910 37.80 -2.27 56.85
CA GLU A 910 37.32 -1.96 58.19
C GLU A 910 35.80 -2.00 58.30
N ASN A 911 35.08 -2.12 57.17
CA ASN A 911 33.62 -2.14 57.17
C ASN A 911 33.10 -3.30 56.32
N GLN A 912 33.86 -4.40 56.27
CA GLN A 912 33.47 -5.51 55.40
C GLN A 912 32.15 -6.13 55.82
N LYS A 913 31.94 -6.32 57.12
CA LYS A 913 30.69 -6.90 57.60
C LYS A 913 29.51 -5.98 57.31
N LEU A 914 29.68 -4.68 57.52
CA LEU A 914 28.60 -3.73 57.22
C LEU A 914 28.29 -3.71 55.74
N ILE A 915 29.31 -3.75 54.88
CA ILE A 915 29.09 -3.75 53.44
C ILE A 915 28.35 -5.02 53.01
N ALA A 916 28.76 -6.17 53.55
CA ALA A 916 28.09 -7.42 53.22
C ALA A 916 26.65 -7.42 53.67
N ASN A 917 26.38 -6.91 54.88
CA ASN A 917 25.02 -6.83 55.38
C ASN A 917 24.16 -5.91 54.52
N GLN A 918 24.72 -4.77 54.12
CA GLN A 918 23.98 -3.84 53.25
C GLN A 918 23.69 -4.47 51.90
N PHE A 919 24.66 -5.20 51.34
CA PHE A 919 24.44 -5.87 50.06
C PHE A 919 23.36 -6.92 50.17
N ASN A 920 23.38 -7.73 51.24
CA ASN A 920 22.35 -8.75 51.42
C ASN A 920 20.97 -8.13 51.59
N SER A 921 20.89 -7.05 52.38
CA SER A 921 19.61 -6.37 52.57
C SER A 921 19.11 -5.78 51.26
N ALA A 922 20.00 -5.21 50.46
CA ALA A 922 19.60 -4.64 49.17
C ALA A 922 19.11 -5.74 48.22
N ILE A 923 19.77 -6.90 48.21
CA ILE A 923 19.33 -8.00 47.37
C ILE A 923 17.94 -8.48 47.81
N GLY A 924 17.73 -8.61 49.12
CA GLY A 924 16.42 -8.99 49.61
C GLY A 924 15.34 -7.99 49.25
N LYS A 925 15.65 -6.70 49.37
CA LYS A 925 14.70 -5.66 49.01
C LYS A 925 14.40 -5.69 47.51
N ILE A 926 15.40 -5.96 46.69
CA ILE A 926 15.17 -6.07 45.25
C ILE A 926 14.24 -7.24 44.94
N GLN A 927 14.48 -8.38 45.58
CA GLN A 927 13.60 -9.53 45.38
C GLN A 927 12.17 -9.21 45.81
N ASP A 928 12.01 -8.57 46.97
CA ASP A 928 10.67 -8.24 47.45
C ASP A 928 9.98 -7.25 46.52
N SER A 929 10.71 -6.25 46.05
CA SER A 929 10.11 -5.25 45.15
C SER A 929 9.70 -5.88 43.83
N LEU A 930 10.55 -6.75 43.26
CA LEU A 930 10.17 -7.43 42.02
C LEU A 930 9.00 -8.36 42.23
N SER A 931 8.87 -8.94 43.43
CA SER A 931 7.73 -9.81 43.70
C SER A 931 6.44 -9.05 43.95
N SER A 932 6.53 -7.82 44.47
CA SER A 932 5.35 -7.09 44.91
C SER A 932 4.91 -5.98 43.96
N THR A 933 5.80 -5.50 43.09
CA THR A 933 5.43 -4.41 42.19
C THR A 933 4.41 -4.90 41.16
N PRO A 934 3.27 -4.23 41.02
CA PRO A 934 2.27 -4.69 40.04
C PRO A 934 2.79 -4.67 38.61
N SER A 935 3.58 -3.66 38.24
CA SER A 935 4.13 -3.54 36.89
C SER A 935 5.62 -3.21 37.03
N ALA A 936 6.44 -4.25 37.14
CA ALA A 936 7.89 -4.13 37.20
C ALA A 936 8.59 -4.59 35.93
N LEU A 937 8.08 -5.64 35.30
CA LEU A 937 8.60 -6.17 34.04
C LEU A 937 7.81 -5.64 32.85
N GLY A 938 7.42 -4.38 32.90
CA GLY A 938 6.50 -3.84 31.91
C GLY A 938 7.03 -3.85 30.50
N LYS A 939 8.35 -3.74 30.32
CA LYS A 939 8.91 -3.66 28.98
C LYS A 939 8.73 -4.98 28.22
N LEU A 940 9.14 -6.09 28.83
CA LEU A 940 9.00 -7.39 28.18
C LEU A 940 7.54 -7.75 27.96
N GLN A 941 6.69 -7.47 28.95
CA GLN A 941 5.27 -7.73 28.81
C GLN A 941 4.67 -6.89 27.68
N ASP A 942 5.12 -5.64 27.55
CA ASP A 942 4.65 -4.79 26.46
C ASP A 942 5.09 -5.33 25.11
N VAL A 943 6.32 -5.85 25.02
CA VAL A 943 6.78 -6.43 23.77
C VAL A 943 5.92 -7.63 23.39
N VAL A 944 5.68 -8.52 24.36
CA VAL A 944 4.86 -9.71 24.12
C VAL A 944 3.45 -9.31 23.71
N ASN A 945 2.87 -8.33 24.41
CA ASN A 945 1.52 -7.89 24.12
C ASN A 945 1.44 -7.23 22.75
N HIS A 946 2.47 -6.49 22.36
CA HIS A 946 2.49 -5.88 21.02
C HIS A 946 2.51 -6.94 19.94
N ASN A 947 3.35 -7.97 20.12
CA ASN A 947 3.39 -9.06 19.13
C ASN A 947 2.05 -9.78 19.05
N ALA A 948 1.46 -10.09 20.21
CA ALA A 948 0.18 -10.78 20.23
C ALA A 948 -0.93 -9.94 19.61
N GLN A 949 -0.93 -8.63 19.89
CA GLN A 949 -1.94 -7.75 19.33
C GLN A 949 -1.78 -7.61 17.82
N ALA A 950 -0.54 -7.56 17.34
CA ALA A 950 -0.31 -7.51 15.90
C ALA A 950 -0.83 -8.77 15.22
N LEU A 951 -0.56 -9.95 15.81
CA LEU A 951 -1.07 -11.18 15.23
C LEU A 951 -2.60 -11.22 15.27
N ASN A 952 -3.20 -10.78 16.38
CA ASN A 952 -4.65 -10.79 16.48
C ASN A 952 -5.29 -9.84 15.48
N THR A 953 -4.68 -8.67 15.27
CA THR A 953 -5.17 -7.74 14.27
C THR A 953 -5.06 -8.31 12.87
N LEU A 954 -3.94 -9.00 12.58
CA LEU A 954 -3.79 -9.64 11.28
C LEU A 954 -4.86 -10.70 11.06
N VAL A 955 -5.19 -11.47 12.10
CA VAL A 955 -6.26 -12.45 11.98
C VAL A 955 -7.61 -11.77 11.78
N LYS A 956 -7.88 -10.71 12.55
CA LYS A 956 -9.15 -10.01 12.47
C LYS A 956 -9.35 -9.34 11.11
N GLN A 957 -8.26 -8.97 10.45
CA GLN A 957 -8.38 -8.32 9.15
C GLN A 957 -8.97 -9.23 8.08
N LEU A 958 -8.99 -10.54 8.31
CA LEU A 958 -9.59 -11.47 7.36
C LEU A 958 -11.11 -11.36 7.30
N SER A 959 -11.74 -10.72 8.28
CA SER A 959 -13.18 -10.53 8.29
C SER A 959 -13.62 -9.33 7.46
N SER A 960 -12.69 -8.50 7.00
CA SER A 960 -13.04 -7.32 6.23
C SER A 960 -13.38 -7.71 4.79
N LYS A 961 -14.33 -6.98 4.21
CA LYS A 961 -14.75 -7.21 2.84
C LYS A 961 -13.90 -6.46 1.83
N PHE A 962 -13.34 -5.31 2.20
CA PHE A 962 -12.52 -4.49 1.32
C PHE A 962 -13.28 -4.12 0.04
N GLY A 963 -14.58 -3.86 0.19
CA GLY A 963 -15.43 -3.50 -0.93
C GLY A 963 -16.01 -4.67 -1.70
N ALA A 964 -15.66 -5.91 -1.33
CA ALA A 964 -16.20 -7.07 -2.00
C ALA A 964 -17.58 -7.43 -1.43
N ILE A 965 -18.27 -8.35 -2.12
CA ILE A 965 -19.59 -8.76 -1.67
C ILE A 965 -19.51 -9.54 -0.37
N SER A 966 -18.42 -10.28 -0.16
CA SER A 966 -18.25 -11.07 1.04
C SER A 966 -16.77 -11.18 1.37
N SER A 967 -16.49 -11.47 2.64
CA SER A 967 -15.12 -11.67 3.10
C SER A 967 -14.67 -13.13 2.98
N VAL A 968 -15.56 -14.03 2.59
CA VAL A 968 -15.24 -15.45 2.45
C VAL A 968 -15.07 -15.74 0.97
N LEU A 969 -13.93 -16.36 0.62
CA LEU A 969 -13.67 -16.68 -0.78
C LEU A 969 -14.64 -17.73 -1.31
N ASN A 970 -15.04 -18.68 -0.46
CA ASN A 970 -15.96 -19.73 -0.90
C ASN A 970 -17.32 -19.15 -1.26
N ASP A 971 -17.79 -18.17 -0.49
CA ASP A 971 -19.06 -17.53 -0.82
C ASP A 971 -19.02 -16.86 -2.18
N ILE A 972 -17.92 -16.16 -2.47
CA ILE A 972 -17.77 -15.49 -3.77
C ILE A 972 -17.71 -16.53 -4.88
N LEU A 973 -16.95 -17.61 -4.67
CA LEU A 973 -16.81 -18.63 -5.70
C LEU A 973 -18.11 -19.38 -5.95
N SER A 974 -18.97 -19.49 -4.93
CA SER A 974 -20.24 -20.18 -5.08
C SER A 974 -21.36 -19.29 -5.57
N ARG A 975 -21.25 -17.97 -5.38
CA ARG A 975 -22.32 -17.06 -5.78
C ARG A 975 -22.09 -16.37 -7.11
N LEU A 976 -20.87 -16.39 -7.64
CA LEU A 976 -20.54 -15.63 -8.83
C LEU A 976 -19.81 -16.49 -9.85
N ASP A 977 -19.96 -16.12 -11.12
CA ASP A 977 -19.25 -16.77 -12.21
C ASP A 977 -17.77 -16.35 -12.19
N PRO A 978 -16.91 -17.12 -12.85
CA PRO A 978 -15.46 -16.93 -12.71
C PRO A 978 -15.00 -15.50 -13.00
N PRO A 979 -15.58 -14.79 -13.97
CA PRO A 979 -15.16 -13.38 -14.15
C PRO A 979 -15.45 -12.48 -12.94
N GLU A 980 -16.71 -12.40 -12.52
CA GLU A 980 -17.05 -11.60 -11.36
C GLU A 980 -16.38 -12.12 -10.09
N ALA A 981 -16.26 -13.44 -9.98
CA ALA A 981 -15.52 -14.03 -8.87
C ALA A 981 -14.08 -13.56 -8.88
N GLU A 982 -13.45 -13.50 -10.06
CA GLU A 982 -12.08 -13.00 -10.15
C GLU A 982 -11.99 -11.54 -9.72
N VAL A 983 -12.98 -10.73 -10.10
CA VAL A 983 -12.98 -9.33 -9.68
C VAL A 983 -13.03 -9.23 -8.15
N GLN A 984 -13.97 -9.94 -7.53
CA GLN A 984 -14.13 -9.87 -6.07
C GLN A 984 -12.90 -10.44 -5.37
N ILE A 985 -12.35 -11.54 -5.89
CA ILE A 985 -11.15 -12.14 -5.30
C ILE A 985 -9.95 -11.20 -5.46
N ASP A 986 -9.88 -10.45 -6.56
CA ASP A 986 -8.82 -9.48 -6.71
C ASP A 986 -8.92 -8.39 -5.65
N ARG A 987 -10.14 -7.92 -5.39
CA ARG A 987 -10.32 -6.93 -4.31
C ARG A 987 -9.90 -7.50 -2.96
N LEU A 988 -10.32 -8.73 -2.66
CA LEU A 988 -9.95 -9.35 -1.39
C LEU A 988 -8.43 -9.55 -1.29
N ILE A 989 -7.80 -9.96 -2.39
CA ILE A 989 -6.36 -10.18 -2.42
C ILE A 989 -5.62 -8.87 -2.19
N THR A 990 -6.09 -7.78 -2.81
CA THR A 990 -5.48 -6.48 -2.59
C THR A 990 -5.57 -6.08 -1.12
N GLY A 991 -6.75 -6.26 -0.52
CA GLY A 991 -6.91 -5.91 0.88
C GLY A 991 -6.01 -6.71 1.80
N ARG A 992 -5.98 -8.03 1.60
CA ARG A 992 -5.18 -8.88 2.47
C ARG A 992 -3.69 -8.68 2.25
N LEU A 993 -3.27 -8.41 1.01
CA LEU A 993 -1.87 -8.09 0.75
C LEU A 993 -1.48 -6.78 1.42
N GLN A 994 -2.38 -5.78 1.41
CA GLN A 994 -2.10 -4.55 2.13
C GLN A 994 -1.97 -4.80 3.62
N SER A 995 -2.85 -5.65 4.18
CA SER A 995 -2.75 -5.98 5.59
C SER A 995 -1.41 -6.64 5.92
N LEU A 996 -0.98 -7.60 5.09
CA LEU A 996 0.30 -8.26 5.32
C LEU A 996 1.46 -7.29 5.16
N GLN A 997 1.37 -6.38 4.19
CA GLN A 997 2.41 -5.37 4.00
C GLN A 997 2.55 -4.50 5.24
N THR A 998 1.42 -4.03 5.77
CA THR A 998 1.44 -3.20 6.98
C THR A 998 2.02 -3.97 8.16
N TYR A 999 1.60 -5.23 8.33
CA TYR A 999 2.11 -6.03 9.43
C TYR A 999 3.63 -6.21 9.32
N VAL A 1000 4.13 -6.50 8.12
CA VAL A 1000 5.55 -6.71 7.94
C VAL A 1000 6.34 -5.42 8.18
N THR A 1001 5.81 -4.28 7.73
CA THR A 1001 6.49 -3.02 7.96
C THR A 1001 6.58 -2.70 9.44
N GLN A 1002 5.47 -2.84 10.17
CA GLN A 1002 5.49 -2.58 11.60
C GLN A 1002 6.40 -3.57 12.32
N GLN A 1003 6.42 -4.82 11.88
CA GLN A 1003 7.33 -5.81 12.47
C GLN A 1003 8.78 -5.43 12.24
N LEU A 1004 9.11 -4.91 11.05
CA LEU A 1004 10.47 -4.48 10.78
C LEU A 1004 10.88 -3.32 11.67
N ILE A 1005 9.98 -2.34 11.84
CA ILE A 1005 10.29 -1.20 12.70
C ILE A 1005 10.48 -1.66 14.15
N ARG A 1006 9.58 -2.53 14.64
CA ARG A 1006 9.72 -3.04 16.00
C ARG A 1006 10.99 -3.86 16.15
N ALA A 1007 11.38 -4.60 15.11
CA ALA A 1007 12.61 -5.37 15.17
C ALA A 1007 13.83 -4.46 15.21
N ALA A 1008 13.79 -3.35 14.49
CA ALA A 1008 14.89 -2.38 14.59
C ALA A 1008 14.99 -1.81 16.00
N GLU A 1009 13.85 -1.47 16.60
CA GLU A 1009 13.87 -0.98 17.98
C GLU A 1009 14.41 -2.04 18.94
N ILE A 1010 13.98 -3.29 18.77
CA ILE A 1010 14.44 -4.37 19.63
C ILE A 1010 15.93 -4.63 19.43
N ARG A 1011 16.42 -4.48 18.20
CA ARG A 1011 17.85 -4.65 17.95
C ARG A 1011 18.66 -3.54 18.62
N ALA A 1012 18.15 -2.31 18.59
CA ALA A 1012 18.83 -1.24 19.32
C ALA A 1012 18.86 -1.52 20.82
N SER A 1013 17.73 -1.99 21.36
CA SER A 1013 17.69 -2.33 22.79
C SER A 1013 18.65 -3.47 23.11
N ALA A 1014 18.76 -4.46 22.23
CA ALA A 1014 19.65 -5.59 22.46
C ALA A 1014 21.12 -5.17 22.35
N ASN A 1015 21.43 -4.25 21.44
CA ASN A 1015 22.77 -3.71 21.39
C ASN A 1015 23.12 -2.97 22.67
N LEU A 1016 22.17 -2.18 23.19
CA LEU A 1016 22.38 -1.52 24.47
C LEU A 1016 22.59 -2.55 25.59
N ALA A 1017 21.80 -3.61 25.58
CA ALA A 1017 21.93 -4.65 26.61
C ALA A 1017 23.28 -5.34 26.53
N ALA A 1018 23.75 -5.63 25.31
CA ALA A 1018 25.07 -6.24 25.15
C ALA A 1018 26.18 -5.31 25.62
N THR A 1019 26.06 -4.02 25.31
CA THR A 1019 27.04 -3.04 25.80
C THR A 1019 27.03 -2.99 27.32
N LYS A 1020 25.86 -3.02 27.93
CA LYS A 1020 25.77 -3.01 29.39
C LYS A 1020 26.35 -4.28 29.99
N MET A 1021 26.13 -5.43 29.35
CA MET A 1021 26.72 -6.67 29.83
C MET A 1021 28.24 -6.63 29.74
N SER A 1022 28.77 -6.03 28.67
CA SER A 1022 30.22 -5.96 28.52
C SER A 1022 30.85 -4.98 29.50
N GLU A 1023 30.20 -3.84 29.74
CA GLU A 1023 30.83 -2.75 30.47
C GLU A 1023 30.47 -2.69 31.94
N CYS A 1024 29.37 -3.32 32.37
CA CYS A 1024 28.97 -3.32 33.77
C CYS A 1024 29.14 -4.67 34.45
N VAL A 1025 29.01 -5.77 33.70
CA VAL A 1025 29.18 -7.10 34.28
C VAL A 1025 30.62 -7.60 34.12
N LEU A 1026 31.18 -7.48 32.91
CA LEU A 1026 32.54 -7.92 32.66
C LEU A 1026 33.59 -6.93 33.15
N GLY A 1027 33.17 -5.75 33.63
CA GLY A 1027 34.11 -4.78 34.13
C GLY A 1027 33.39 -3.74 34.97
N GLN A 1028 34.17 -2.78 35.46
CA GLN A 1028 33.65 -1.67 36.25
C GLN A 1028 33.61 -0.43 35.37
N SER A 1029 32.45 0.19 35.27
CA SER A 1029 32.22 1.30 34.35
C SER A 1029 32.37 2.62 35.08
N LYS A 1030 33.15 3.54 34.50
CA LYS A 1030 33.27 4.89 35.01
C LYS A 1030 32.20 5.83 34.46
N ARG A 1031 31.42 5.38 33.49
CA ARG A 1031 30.38 6.21 32.91
C ARG A 1031 29.27 6.45 33.92
N VAL A 1032 28.79 7.69 33.99
CA VAL A 1032 27.78 8.07 34.97
C VAL A 1032 26.41 7.60 34.48
N ASP A 1033 25.65 6.98 35.38
CA ASP A 1033 24.28 6.52 35.17
C ASP A 1033 24.17 5.39 34.15
N PHE A 1034 25.28 4.84 33.69
CA PHE A 1034 25.20 3.74 32.73
C PHE A 1034 24.84 2.42 33.40
N CYS A 1035 25.36 2.18 34.60
CA CYS A 1035 25.14 0.93 35.33
C CYS A 1035 24.68 1.21 36.76
N GLY A 1036 23.67 2.06 36.89
CA GLY A 1036 23.09 2.36 38.18
C GLY A 1036 23.05 3.85 38.46
N LYS A 1037 22.59 4.17 39.67
CA LYS A 1037 22.46 5.57 40.06
C LYS A 1037 23.76 6.14 40.60
N GLY A 1038 24.31 5.51 41.64
CA GLY A 1038 25.53 5.98 42.27
C GLY A 1038 26.76 5.53 41.53
N TYR A 1039 27.88 5.50 42.25
CA TYR A 1039 29.14 5.06 41.68
C TYR A 1039 29.11 3.55 41.48
N HIS A 1040 29.28 3.11 40.23
CA HIS A 1040 29.11 1.71 39.90
C HIS A 1040 30.19 0.85 40.55
N LEU A 1041 29.76 -0.15 41.30
CA LEU A 1041 30.67 -1.17 41.84
C LEU A 1041 30.69 -2.40 40.95
N MET A 1042 29.53 -3.03 40.74
CA MET A 1042 29.45 -4.16 39.82
C MET A 1042 28.02 -4.34 39.36
N SER A 1043 27.80 -5.38 38.57
CA SER A 1043 26.47 -5.71 38.05
C SER A 1043 26.36 -7.22 37.88
N PHE A 1044 25.13 -7.71 38.08
CA PHE A 1044 24.84 -9.13 37.94
C PHE A 1044 23.72 -9.32 36.93
N PRO A 1045 23.92 -10.11 35.88
CA PRO A 1045 22.84 -10.36 34.93
C PRO A 1045 21.89 -11.44 35.41
N GLN A 1046 20.64 -11.35 34.96
CA GLN A 1046 19.63 -12.35 35.23
C GLN A 1046 18.79 -12.55 33.97
N SER A 1047 18.56 -13.81 33.61
CA SER A 1047 17.80 -14.11 32.42
C SER A 1047 16.33 -13.76 32.61
N ALA A 1048 15.70 -13.29 31.54
CA ALA A 1048 14.30 -12.94 31.50
C ALA A 1048 13.66 -13.63 30.31
N PRO A 1049 12.33 -13.81 30.33
CA PRO A 1049 11.68 -14.53 29.21
C PRO A 1049 11.97 -13.93 27.84
N HIS A 1050 12.06 -12.60 27.74
CA HIS A 1050 12.37 -11.99 26.45
C HIS A 1050 13.40 -10.88 26.56
N GLY A 1051 14.12 -10.80 27.66
CA GLY A 1051 15.12 -9.76 27.84
C GLY A 1051 16.15 -10.14 28.88
N VAL A 1052 16.69 -9.13 29.54
CA VAL A 1052 17.72 -9.33 30.56
C VAL A 1052 17.48 -8.32 31.69
N VAL A 1053 17.74 -8.73 32.92
CA VAL A 1053 17.60 -7.88 34.09
C VAL A 1053 18.98 -7.72 34.73
N PHE A 1054 19.46 -6.48 34.79
CA PHE A 1054 20.74 -6.17 35.39
C PHE A 1054 20.51 -5.68 36.82
N LEU A 1055 21.15 -6.34 37.78
CA LEU A 1055 21.18 -5.89 39.17
C LEU A 1055 22.47 -5.10 39.34
N HIS A 1056 22.34 -3.78 39.40
CA HIS A 1056 23.48 -2.89 39.53
C HIS A 1056 23.75 -2.62 41.00
N VAL A 1057 24.93 -3.04 41.47
CA VAL A 1057 25.40 -2.75 42.82
C VAL A 1057 26.29 -1.52 42.74
N THR A 1058 25.89 -0.46 43.43
CA THR A 1058 26.54 0.83 43.38
C THR A 1058 26.78 1.37 44.78
N TYR A 1059 27.65 2.37 44.86
CA TYR A 1059 28.07 3.00 46.10
C TYR A 1059 27.44 4.39 46.16
N VAL A 1060 26.62 4.63 47.18
CA VAL A 1060 25.93 5.90 47.34
C VAL A 1060 26.45 6.57 48.60
N PRO A 1061 27.16 7.69 48.50
CA PRO A 1061 27.60 8.38 49.71
C PRO A 1061 26.42 8.90 50.52
N ALA A 1062 26.62 8.98 51.84
CA ALA A 1062 25.54 9.37 52.74
C ALA A 1062 26.13 9.97 54.00
N GLN A 1063 25.27 10.67 54.75
CA GLN A 1063 25.64 11.30 56.02
C GLN A 1063 26.82 12.27 55.82
N GLU A 1064 26.57 13.30 55.02
CA GLU A 1064 27.57 14.32 54.77
C GLU A 1064 27.75 15.19 56.02
N LYS A 1065 28.69 16.13 55.93
CA LYS A 1065 28.99 17.00 57.06
C LYS A 1065 29.59 18.31 56.56
N ASN A 1066 29.28 19.39 57.26
CA ASN A 1066 29.92 20.67 57.00
C ASN A 1066 31.41 20.58 57.25
N PHE A 1067 32.21 21.19 56.38
CA PHE A 1067 33.63 21.34 56.63
C PHE A 1067 34.12 22.62 55.98
N THR A 1068 35.15 23.23 56.56
CA THR A 1068 35.82 24.37 55.97
C THR A 1068 37.03 23.88 55.18
N THR A 1069 37.11 24.28 53.92
CA THR A 1069 38.15 23.80 53.02
C THR A 1069 38.99 24.96 52.50
N ALA A 1070 40.22 24.64 52.12
CA ALA A 1070 41.15 25.61 51.56
C ALA A 1070 41.82 25.00 50.34
N PRO A 1071 42.10 25.80 49.31
CA PRO A 1071 42.79 25.26 48.13
C PRO A 1071 44.17 24.70 48.44
N ALA A 1072 44.91 25.34 49.35
CA ALA A 1072 46.28 24.94 49.63
C ALA A 1072 46.62 25.39 51.05
N ILE A 1073 47.74 24.86 51.56
CA ILE A 1073 48.23 25.19 52.89
C ILE A 1073 49.54 25.96 52.75
N CYS A 1074 49.63 27.11 53.40
CA CYS A 1074 50.84 27.92 53.37
C CYS A 1074 51.72 27.54 54.57
N HIS A 1075 52.95 27.13 54.29
CA HIS A 1075 53.86 26.70 55.35
C HIS A 1075 55.29 26.99 54.91
N ASP A 1076 56.01 27.77 55.72
CA ASP A 1076 57.41 28.12 55.46
C ASP A 1076 57.57 28.80 54.10
N GLY A 1077 56.59 29.61 53.73
CA GLY A 1077 56.63 30.28 52.44
C GLY A 1077 56.35 29.39 51.25
N LYS A 1078 55.89 28.16 51.47
CA LYS A 1078 55.62 27.21 50.41
C LYS A 1078 54.14 26.86 50.40
N ALA A 1079 53.61 26.62 49.20
CA ALA A 1079 52.22 26.22 49.03
C ALA A 1079 52.14 24.72 48.87
N HIS A 1080 51.36 24.07 49.73
CA HIS A 1080 51.19 22.63 49.73
C HIS A 1080 49.79 22.29 49.24
N PHE A 1081 49.72 21.38 48.26
CA PHE A 1081 48.48 20.89 47.70
C PHE A 1081 48.33 19.41 47.99
N PRO A 1082 47.10 18.94 48.24
CA PRO A 1082 46.91 17.52 48.56
C PRO A 1082 47.18 16.64 47.36
N ARG A 1083 47.89 15.54 47.60
CA ARG A 1083 48.24 14.62 46.52
C ARG A 1083 47.00 13.90 45.98
N GLU A 1084 46.14 13.41 46.88
CA GLU A 1084 44.98 12.64 46.48
C GLU A 1084 43.66 13.12 47.07
N GLY A 1085 43.67 13.86 48.17
CA GLY A 1085 42.44 14.23 48.84
C GLY A 1085 42.13 15.72 48.85
N VAL A 1086 41.57 16.20 49.95
CA VAL A 1086 41.17 17.59 50.10
C VAL A 1086 41.47 18.03 51.52
N PHE A 1087 41.86 19.30 51.67
CA PHE A 1087 42.05 19.88 52.98
C PHE A 1087 40.69 20.25 53.59
N VAL A 1088 40.46 19.81 54.82
CA VAL A 1088 39.24 20.11 55.56
C VAL A 1088 39.62 20.56 56.96
N SER A 1089 38.63 21.09 57.67
CA SER A 1089 38.83 21.57 59.04
C SER A 1089 37.52 21.46 59.80
N ASN A 1090 37.59 20.89 61.00
CA ASN A 1090 36.38 20.81 61.84
C ASN A 1090 36.09 22.12 62.54
N GLY A 1091 36.98 23.11 62.44
CA GLY A 1091 36.77 24.39 63.08
C GLY A 1091 38.03 24.94 63.72
N THR A 1092 38.91 24.06 64.18
CA THR A 1092 40.13 24.47 64.86
C THR A 1092 41.39 23.88 64.25
N HIS A 1093 41.34 22.64 63.78
CA HIS A 1093 42.50 21.95 63.24
C HIS A 1093 42.26 21.55 61.79
N TRP A 1094 43.34 21.51 61.02
CA TRP A 1094 43.28 21.19 59.59
C TRP A 1094 43.77 19.78 59.34
N PHE A 1095 43.05 19.07 58.48
CA PHE A 1095 43.42 17.71 58.11
C PHE A 1095 43.30 17.57 56.59
N VAL A 1096 43.81 16.46 56.07
CA VAL A 1096 43.61 16.06 54.69
C VAL A 1096 42.83 14.76 54.68
N THR A 1097 41.78 14.69 53.88
CA THR A 1097 40.91 13.54 53.86
C THR A 1097 40.72 13.06 52.42
N GLN A 1098 40.37 11.79 52.28
CA GLN A 1098 40.06 11.27 50.95
C GLN A 1098 38.70 11.81 50.50
N ARG A 1099 38.25 11.33 49.34
CA ARG A 1099 37.23 12.07 48.61
C ARG A 1099 35.80 11.70 48.97
N ASN A 1100 35.40 10.44 48.81
CA ASN A 1100 34.01 10.08 48.99
C ASN A 1100 33.75 9.45 50.35
N PHE A 1101 34.67 9.63 51.30
CA PHE A 1101 34.55 9.08 52.64
C PHE A 1101 35.41 9.91 53.57
N TYR A 1102 34.83 10.33 54.70
CA TYR A 1102 35.54 11.20 55.63
C TYR A 1102 36.55 10.39 56.42
N GLU A 1103 37.84 10.69 56.22
CA GLU A 1103 38.93 10.02 56.93
C GLU A 1103 40.03 11.03 57.18
N PRO A 1104 39.89 11.86 58.23
CA PRO A 1104 40.86 12.93 58.46
C PRO A 1104 42.23 12.38 58.82
N GLN A 1105 43.27 12.96 58.21
CA GLN A 1105 44.64 12.56 58.47
C GLN A 1105 45.49 13.81 58.67
N ILE A 1106 46.59 13.65 59.40
CA ILE A 1106 47.49 14.76 59.66
C ILE A 1106 48.15 15.19 58.37
N ILE A 1107 48.17 16.50 58.11
CA ILE A 1107 48.77 17.03 56.89
C ILE A 1107 50.29 16.92 57.01
N THR A 1108 50.88 16.04 56.22
CA THR A 1108 52.32 15.83 56.21
C THR A 1108 52.87 16.11 54.81
N THR A 1109 54.19 15.95 54.66
CA THR A 1109 54.83 16.10 53.36
C THR A 1109 54.67 14.88 52.48
N ASP A 1110 54.14 13.77 53.01
CA ASP A 1110 53.97 12.57 52.21
C ASP A 1110 52.66 12.59 51.43
N ASN A 1111 51.61 13.17 52.00
CA ASN A 1111 50.32 13.26 51.34
C ASN A 1111 50.08 14.61 50.68
N THR A 1112 51.09 15.48 50.64
CA THR A 1112 51.00 16.78 49.99
C THR A 1112 52.23 17.00 49.12
N PHE A 1113 52.11 17.91 48.16
CA PHE A 1113 53.23 18.29 47.31
C PHE A 1113 53.34 19.80 47.23
N VAL A 1114 54.55 20.29 47.00
CA VAL A 1114 54.88 21.71 47.03
C VAL A 1114 54.91 22.24 45.60
N SER A 1115 54.33 23.42 45.40
CA SER A 1115 54.36 24.09 44.11
C SER A 1115 54.28 25.60 44.33
N GLY A 1116 55.41 26.29 44.17
CA GLY A 1116 55.43 27.73 44.29
C GLY A 1116 55.28 28.22 45.73
N ASN A 1117 55.06 29.52 45.84
CA ASN A 1117 54.87 30.18 47.12
C ASN A 1117 53.38 30.44 47.36
N CYS A 1118 53.08 31.18 48.42
CA CYS A 1118 51.71 31.46 48.83
C CYS A 1118 51.15 32.73 48.21
N ASP A 1119 51.88 33.36 47.28
CA ASP A 1119 51.46 34.65 46.76
C ASP A 1119 50.30 34.53 45.77
N VAL A 1120 50.31 33.50 44.92
CA VAL A 1120 49.38 33.44 43.81
C VAL A 1120 48.08 32.72 44.14
N VAL A 1121 48.12 31.75 45.06
CA VAL A 1121 46.93 30.95 45.34
C VAL A 1121 45.92 31.79 46.12
N ILE A 1122 44.69 31.84 45.61
CA ILE A 1122 43.61 32.59 46.24
C ILE A 1122 42.91 31.67 47.24
N GLY A 1123 42.81 32.12 48.49
CA GLY A 1123 42.20 31.33 49.53
C GLY A 1123 43.15 30.47 50.33
N ILE A 1124 44.45 30.62 50.14
CA ILE A 1124 45.41 29.83 50.90
C ILE A 1124 45.40 30.28 52.36
N VAL A 1125 45.62 29.33 53.26
CA VAL A 1125 45.62 29.59 54.70
C VAL A 1125 46.92 29.04 55.28
N ASN A 1126 47.34 29.62 56.40
CA ASN A 1126 48.46 29.07 57.15
C ASN A 1126 48.06 27.91 58.07
N ASN A 1127 48.86 26.86 58.01
CA ASN A 1127 48.78 25.68 58.87
C ASN A 1127 50.12 24.97 58.80
N THR A 1128 50.44 24.22 59.85
CA THR A 1128 51.71 23.52 59.92
C THR A 1128 51.65 22.20 59.15
N VAL A 1129 52.74 21.89 58.44
CA VAL A 1129 52.87 20.65 57.70
C VAL A 1129 53.90 19.79 58.42
N TYR A 1130 53.45 18.64 58.92
CA TYR A 1130 54.32 17.78 59.72
C TYR A 1130 55.35 17.09 58.84
N ASP A 1131 56.60 17.06 59.30
CA ASP A 1131 57.67 16.38 58.59
C ASP A 1131 58.08 15.14 59.36
N PRO A 1132 57.83 13.94 58.84
CA PRO A 1132 58.20 12.71 59.57
C PRO A 1132 59.69 12.38 59.44
N LEU A 1133 60.53 13.30 59.89
CA LEU A 1133 61.97 13.11 59.83
C LEU A 1133 62.68 14.00 60.85
N GLN B 23 7.58 44.82 -40.93
CA GLN B 23 7.65 43.61 -40.13
C GLN B 23 8.99 43.51 -39.39
N SER B 24 8.93 43.52 -38.06
CA SER B 24 10.10 43.43 -37.21
C SER B 24 9.89 42.31 -36.20
N TYR B 25 10.91 42.08 -35.37
CA TYR B 25 10.92 41.00 -34.40
C TYR B 25 11.40 41.53 -33.06
N THR B 26 10.78 41.07 -31.97
CA THR B 26 11.14 41.65 -30.68
C THR B 26 10.90 40.61 -29.60
N ASN B 27 11.31 40.95 -28.37
CA ASN B 27 11.24 40.04 -27.24
C ASN B 27 10.01 40.32 -26.39
N SER B 28 9.26 39.26 -26.05
CA SER B 28 8.00 39.47 -25.37
C SER B 28 8.17 39.64 -23.87
N PHE B 29 9.36 39.37 -23.33
CA PHE B 29 9.59 39.48 -21.89
C PHE B 29 8.62 38.56 -21.16
N THR B 30 8.03 38.98 -20.05
CA THR B 30 7.12 38.07 -19.34
C THR B 30 5.66 38.47 -19.51
N ARG B 31 5.33 38.97 -20.69
CA ARG B 31 3.97 39.25 -21.14
C ARG B 31 3.32 37.98 -21.69
N GLY B 32 2.00 37.99 -21.69
CA GLY B 32 1.22 36.92 -22.27
C GLY B 32 0.56 35.98 -21.29
N VAL B 33 0.17 36.46 -20.12
CA VAL B 33 -0.27 35.61 -19.01
C VAL B 33 -1.71 35.96 -18.68
N TYR B 34 -2.55 34.93 -18.57
CA TYR B 34 -3.96 35.09 -18.25
C TYR B 34 -4.34 34.10 -17.17
N TYR B 35 -5.49 34.33 -16.57
CA TYR B 35 -6.02 33.42 -15.56
C TYR B 35 -6.57 32.18 -16.24
N PRO B 36 -6.03 30.99 -15.94
CA PRO B 36 -6.44 29.77 -16.67
C PRO B 36 -7.75 29.16 -16.19
N ASP B 37 -8.44 29.79 -15.25
CA ASP B 37 -9.73 29.31 -14.77
C ASP B 37 -10.48 30.45 -14.08
N LYS B 38 -11.76 30.20 -13.82
CA LYS B 38 -12.64 31.12 -13.11
C LYS B 38 -12.55 30.97 -11.59
N VAL B 39 -11.52 30.29 -11.09
CA VAL B 39 -11.43 29.91 -9.69
C VAL B 39 -10.65 30.98 -8.94
N PHE B 40 -11.25 31.51 -7.87
CA PHE B 40 -10.52 32.43 -7.00
C PHE B 40 -9.45 31.67 -6.20
N ARG B 41 -8.21 32.18 -6.25
CA ARG B 41 -7.07 31.61 -5.57
C ARG B 41 -6.25 32.73 -4.97
N SER B 42 -5.73 32.52 -3.77
CA SER B 42 -5.07 33.57 -3.01
C SER B 42 -3.95 32.99 -2.15
N SER B 43 -2.83 33.73 -2.08
CA SER B 43 -1.65 33.35 -1.31
C SER B 43 -1.26 31.90 -1.58
N VAL B 44 -1.14 31.56 -2.85
CA VAL B 44 -0.94 30.18 -3.30
C VAL B 44 0.06 30.12 -4.44
N LEU B 45 0.68 28.96 -4.62
CA LEU B 45 1.54 28.73 -5.78
C LEU B 45 0.93 27.59 -6.59
N HIS B 46 0.23 27.94 -7.66
CA HIS B 46 -0.56 26.99 -8.44
C HIS B 46 0.11 26.76 -9.79
N SER B 47 0.29 25.51 -10.18
CA SER B 47 0.79 25.27 -11.53
C SER B 47 -0.30 24.61 -12.37
N THR B 48 -0.16 24.78 -13.68
CA THR B 48 -1.17 24.35 -14.63
C THR B 48 -0.51 24.15 -15.99
N GLN B 49 -1.26 23.52 -16.91
CA GLN B 49 -0.82 23.34 -18.28
C GLN B 49 -1.88 23.91 -19.21
N ASP B 50 -1.46 24.81 -20.11
CA ASP B 50 -2.38 25.45 -21.03
C ASP B 50 -1.57 26.03 -22.18
N LEU B 51 -2.30 26.48 -23.20
CA LEU B 51 -1.72 27.32 -24.25
C LEU B 51 -1.28 28.65 -23.65
N PHE B 52 0.03 28.81 -23.44
CA PHE B 52 0.60 30.05 -22.93
C PHE B 52 1.62 30.60 -23.92
N LEU B 53 1.74 31.91 -23.94
CA LEU B 53 2.81 32.55 -24.69
C LEU B 53 4.14 32.30 -23.99
N PRO B 54 5.14 31.75 -24.68
CA PRO B 54 6.41 31.45 -24.02
C PRO B 54 7.05 32.69 -23.39
N PHE B 55 7.85 32.47 -22.36
CA PHE B 55 8.65 33.54 -21.79
C PHE B 55 9.80 33.90 -22.73
N PHE B 56 9.99 35.20 -22.95
CA PHE B 56 10.99 35.71 -23.88
C PHE B 56 10.83 35.11 -25.27
N SER B 57 9.68 35.36 -25.89
CA SER B 57 9.29 34.72 -27.13
C SER B 57 9.44 35.65 -28.32
N ASN B 58 9.79 35.05 -29.47
CA ASN B 58 10.06 35.78 -30.70
C ASN B 58 8.78 36.37 -31.28
N VAL B 59 8.41 37.58 -30.86
CA VAL B 59 7.11 38.15 -31.16
C VAL B 59 7.25 39.13 -32.33
N THR B 60 6.37 39.02 -33.32
CA THR B 60 6.49 39.80 -34.54
C THR B 60 5.74 41.12 -34.40
N TRP B 61 6.43 42.21 -34.71
CA TRP B 61 5.94 43.57 -34.53
C TRP B 61 5.60 44.12 -35.91
N PHE B 62 4.31 44.27 -36.20
CA PHE B 62 3.84 44.66 -37.52
C PHE B 62 3.53 46.15 -37.54
N HIS B 63 4.07 46.85 -38.54
CA HIS B 63 3.86 48.28 -38.72
C HIS B 63 3.05 48.52 -39.97
N ALA B 64 1.92 49.22 -39.82
CA ALA B 64 1.06 49.52 -40.95
C ALA B 64 1.05 51.02 -41.24
N ASN B 76 -0.49 43.29 -47.33
CA ASN B 76 -1.09 43.02 -46.03
C ASN B 76 -1.63 41.59 -45.97
N PRO B 77 -0.75 40.59 -46.10
CA PRO B 77 -1.21 39.20 -46.06
C PRO B 77 -1.84 38.85 -44.72
N VAL B 78 -2.59 37.74 -44.72
CA VAL B 78 -3.24 37.26 -43.51
C VAL B 78 -2.28 36.40 -42.70
N LEU B 79 -2.36 36.53 -41.38
CA LEU B 79 -1.52 35.86 -40.41
C LEU B 79 -2.19 34.60 -39.90
N PRO B 80 -1.43 33.63 -39.39
CA PRO B 80 -2.01 32.34 -39.05
C PRO B 80 -2.53 32.34 -37.60
N PHE B 81 -3.22 31.26 -37.26
CA PHE B 81 -3.82 31.07 -35.94
C PHE B 81 -3.39 29.75 -35.32
N ASN B 82 -2.08 29.52 -35.24
CA ASN B 82 -1.59 28.27 -34.66
C ASN B 82 -1.72 28.32 -33.14
N ASP B 83 -2.68 27.57 -32.60
CA ASP B 83 -2.84 27.35 -31.16
C ASP B 83 -3.11 28.63 -30.38
N GLY B 84 -3.67 29.65 -31.01
CA GLY B 84 -4.02 30.88 -30.34
C GLY B 84 -3.11 32.03 -30.74
N VAL B 85 -3.48 33.22 -30.26
CA VAL B 85 -2.79 34.46 -30.63
C VAL B 85 -2.71 35.37 -29.41
N TYR B 86 -1.57 36.05 -29.27
CA TYR B 86 -1.39 37.15 -28.33
C TYR B 86 -1.23 38.44 -29.14
N PHE B 87 -2.05 39.43 -28.83
CA PHE B 87 -2.10 40.70 -29.56
C PHE B 87 -1.80 41.82 -28.60
N ALA B 88 -1.00 42.80 -29.05
CA ALA B 88 -0.66 43.94 -28.21
C ALA B 88 -0.72 45.23 -29.03
N SER B 89 -1.28 46.27 -28.43
CA SER B 89 -1.42 47.57 -29.07
C SER B 89 -0.92 48.67 -28.14
N THR B 90 -0.34 49.72 -28.74
CA THR B 90 0.26 50.82 -27.99
C THR B 90 -0.11 52.19 -28.53
N GLU B 91 -1.07 52.29 -29.44
CA GLU B 91 -1.32 53.53 -30.17
C GLU B 91 -2.28 54.42 -29.42
N LYS B 92 -2.00 55.73 -29.41
CA LYS B 92 -2.82 56.66 -28.65
C LYS B 92 -4.15 56.96 -29.33
N SER B 93 -4.25 56.74 -30.63
CA SER B 93 -5.45 57.07 -31.40
C SER B 93 -6.30 55.83 -31.61
N ASN B 94 -7.60 56.05 -31.83
CA ASN B 94 -8.53 54.96 -32.04
C ASN B 94 -8.40 54.44 -33.48
N ILE B 95 -7.26 53.79 -33.72
CA ILE B 95 -6.87 53.37 -35.06
C ILE B 95 -7.15 51.89 -35.29
N ILE B 96 -6.81 51.03 -34.34
CA ILE B 96 -7.04 49.61 -34.49
C ILE B 96 -8.46 49.30 -34.04
N ARG B 97 -9.30 48.88 -34.99
CA ARG B 97 -10.74 48.84 -34.73
C ARG B 97 -11.24 47.45 -34.34
N GLY B 98 -10.59 46.38 -34.79
CA GLY B 98 -11.04 45.06 -34.38
C GLY B 98 -10.22 43.98 -35.07
N TRP B 99 -10.87 42.85 -35.31
CA TRP B 99 -10.16 41.69 -35.83
C TRP B 99 -11.09 40.84 -36.69
N ILE B 100 -10.47 40.03 -37.54
CA ILE B 100 -11.15 39.09 -38.43
C ILE B 100 -10.51 37.73 -38.25
N PHE B 101 -11.33 36.70 -38.07
CA PHE B 101 -10.84 35.34 -37.86
C PHE B 101 -11.56 34.40 -38.81
N GLY B 102 -10.91 33.28 -39.13
CA GLY B 102 -11.55 32.25 -39.92
C GLY B 102 -10.51 31.33 -40.52
N THR B 103 -10.78 30.85 -41.73
CA THR B 103 -9.85 30.02 -42.48
C THR B 103 -9.53 30.55 -43.86
N THR B 104 -10.56 30.99 -44.60
CA THR B 104 -10.39 31.46 -45.97
C THR B 104 -11.01 32.82 -46.23
N LEU B 105 -11.63 33.43 -45.23
CA LEU B 105 -12.19 34.80 -45.30
C LEU B 105 -13.12 34.98 -46.49
N ASP B 106 -13.89 33.96 -46.83
CA ASP B 106 -14.73 33.99 -48.02
C ASP B 106 -16.05 33.28 -47.75
N SER B 107 -17.07 33.66 -48.51
CA SER B 107 -18.44 33.24 -48.25
C SER B 107 -18.64 31.72 -48.34
N LYS B 108 -17.62 30.93 -48.65
CA LYS B 108 -17.74 29.49 -48.59
C LYS B 108 -17.67 28.95 -47.16
N THR B 109 -17.17 29.76 -46.21
CA THR B 109 -16.96 29.32 -44.84
C THR B 109 -17.39 30.42 -43.89
N GLN B 110 -17.42 30.09 -42.60
CA GLN B 110 -17.88 31.03 -41.59
C GLN B 110 -16.71 31.82 -41.04
N SER B 111 -16.90 33.13 -40.87
CA SER B 111 -15.83 34.02 -40.45
C SER B 111 -16.34 34.97 -39.37
N LEU B 112 -15.43 35.30 -38.44
CA LEU B 112 -15.75 35.92 -37.16
C LEU B 112 -15.16 37.31 -37.11
N LEU B 113 -15.99 38.31 -36.84
CA LEU B 113 -15.61 39.71 -37.00
C LEU B 113 -15.91 40.47 -35.72
N ILE B 114 -14.88 41.13 -35.18
CA ILE B 114 -14.97 41.92 -33.97
C ILE B 114 -14.71 43.38 -34.36
N VAL B 115 -15.65 44.26 -34.04
CA VAL B 115 -15.53 45.69 -34.31
C VAL B 115 -15.80 46.45 -33.02
N ASN B 116 -15.09 47.55 -32.83
CA ASN B 116 -15.32 48.46 -31.71
C ASN B 116 -15.51 49.87 -32.22
N ASN B 117 -16.38 50.63 -31.55
CA ASN B 117 -16.47 52.06 -31.77
C ASN B 117 -16.55 52.75 -30.41
N ALA B 118 -16.87 54.05 -30.42
CA ALA B 118 -16.72 54.87 -29.23
C ALA B 118 -17.75 54.54 -28.14
N THR B 119 -18.77 53.76 -28.44
CA THR B 119 -19.83 53.47 -27.48
C THR B 119 -20.24 52.01 -27.39
N ASN B 120 -19.84 51.17 -28.33
CA ASN B 120 -20.30 49.78 -28.34
C ASN B 120 -19.27 48.90 -29.03
N VAL B 121 -19.36 47.60 -28.73
CA VAL B 121 -18.52 46.57 -29.33
C VAL B 121 -19.43 45.52 -29.93
N VAL B 122 -19.17 45.13 -31.18
CA VAL B 122 -20.02 44.20 -31.91
C VAL B 122 -19.20 42.99 -32.34
N ILE B 123 -19.69 41.80 -31.99
CA ILE B 123 -19.09 40.54 -32.39
C ILE B 123 -20.08 39.81 -33.29
N LYS B 124 -19.59 39.28 -34.42
CA LYS B 124 -20.53 38.71 -35.38
C LYS B 124 -19.88 37.53 -36.08
N VAL B 125 -20.71 36.57 -36.47
CA VAL B 125 -20.19 35.39 -37.16
C VAL B 125 -21.02 35.18 -38.43
N CYS B 126 -20.41 35.42 -39.58
CA CYS B 126 -21.11 35.29 -40.86
C CYS B 126 -20.15 34.85 -41.95
N GLU B 127 -20.73 34.38 -43.06
CA GLU B 127 -19.95 34.03 -44.24
C GLU B 127 -19.68 35.31 -45.05
N PHE B 128 -18.86 36.18 -44.46
CA PHE B 128 -18.50 37.43 -45.11
C PHE B 128 -17.63 37.17 -46.33
N GLN B 129 -17.77 38.04 -47.33
CA GLN B 129 -16.86 38.09 -48.47
C GLN B 129 -15.91 39.27 -48.21
N PHE B 130 -14.80 38.99 -47.52
CA PHE B 130 -13.94 40.06 -47.05
C PHE B 130 -13.11 40.63 -48.19
N CYS B 131 -12.73 41.90 -48.06
CA CYS B 131 -11.78 42.49 -48.98
C CYS B 131 -10.36 42.13 -48.58
N ASN B 132 -9.45 42.14 -49.56
CA ASN B 132 -8.09 41.69 -49.30
C ASN B 132 -7.28 42.69 -48.49
N ASP B 133 -7.63 43.98 -48.54
CA ASP B 133 -7.18 44.95 -47.54
C ASP B 133 -8.40 45.65 -46.93
N PRO B 134 -9.04 45.03 -45.94
CA PRO B 134 -10.20 45.66 -45.30
C PRO B 134 -9.79 46.76 -44.32
N PHE B 135 -10.74 47.67 -44.10
CA PHE B 135 -10.56 48.72 -43.09
C PHE B 135 -11.89 49.40 -42.79
N VAL B 154 -14.94 46.82 -45.58
CA VAL B 154 -14.62 45.62 -44.82
C VAL B 154 -15.05 44.38 -45.59
N TYR B 155 -16.28 44.39 -46.10
CA TYR B 155 -16.78 43.30 -46.92
C TYR B 155 -17.77 43.85 -47.93
N SER B 156 -17.96 43.10 -49.01
CA SER B 156 -18.91 43.47 -50.05
C SER B 156 -20.29 42.86 -49.84
N SER B 157 -20.44 41.96 -48.86
CA SER B 157 -21.72 41.27 -48.66
C SER B 157 -21.83 40.64 -47.27
N GLU B 164 -24.71 31.26 -37.43
CA GLU B 164 -24.36 32.65 -37.18
C GLU B 164 -24.34 32.95 -35.68
N TYR B 165 -23.82 34.12 -35.33
CA TYR B 165 -23.81 34.54 -33.93
C TYR B 165 -23.70 36.04 -33.86
N VAL B 166 -24.45 36.66 -32.94
CA VAL B 166 -24.40 38.09 -32.70
C VAL B 166 -24.13 38.34 -31.22
N SER B 167 -23.23 39.27 -30.93
CA SER B 167 -22.94 39.68 -29.56
C SER B 167 -22.83 41.19 -29.51
N GLN B 168 -23.74 41.81 -28.76
CA GLN B 168 -23.88 43.27 -28.58
C GLN B 168 -23.18 44.13 -29.62
N ASN B 183 -1.10 53.95 -23.51
CA ASN B 183 -1.32 52.83 -22.59
C ASN B 183 -1.34 51.51 -23.35
N LEU B 184 -0.62 50.52 -22.82
CA LEU B 184 -0.54 49.21 -23.46
C LEU B 184 -1.87 48.48 -23.32
N ARG B 185 -2.28 47.82 -24.41
CA ARG B 185 -3.55 47.09 -24.48
C ARG B 185 -3.23 45.68 -24.96
N GLU B 186 -3.39 44.70 -24.08
CA GLU B 186 -3.06 43.31 -24.39
C GLU B 186 -4.33 42.48 -24.51
N PHE B 187 -4.38 41.63 -25.52
CA PHE B 187 -5.47 40.69 -25.73
C PHE B 187 -4.90 39.31 -26.02
N VAL B 188 -5.65 38.29 -25.66
CA VAL B 188 -5.31 36.90 -25.95
C VAL B 188 -6.53 36.21 -26.52
N PHE B 189 -6.38 35.60 -27.69
CA PHE B 189 -7.45 34.91 -28.38
C PHE B 189 -7.13 33.42 -28.40
N LYS B 190 -8.03 32.61 -27.86
CA LYS B 190 -7.92 31.16 -27.87
C LYS B 190 -9.15 30.58 -28.54
N ASN B 191 -8.96 29.49 -29.29
CA ASN B 191 -10.06 28.81 -29.98
C ASN B 191 -9.91 27.31 -29.68
N ILE B 192 -10.62 26.83 -28.67
CA ILE B 192 -10.48 25.45 -28.23
C ILE B 192 -11.76 25.02 -27.53
N ASP B 193 -12.04 23.71 -27.59
CA ASP B 193 -13.21 23.11 -26.96
C ASP B 193 -14.51 23.74 -27.46
N GLY B 194 -14.55 24.13 -28.73
CA GLY B 194 -15.72 24.79 -29.26
C GLY B 194 -15.99 26.16 -28.68
N TYR B 195 -14.99 26.79 -28.07
CA TYR B 195 -15.14 28.09 -27.45
C TYR B 195 -14.04 29.02 -27.93
N PHE B 196 -14.42 30.28 -28.19
CA PHE B 196 -13.48 31.33 -28.55
C PHE B 196 -13.37 32.25 -27.34
N LYS B 197 -12.26 32.13 -26.62
CA LYS B 197 -12.04 32.90 -25.40
C LYS B 197 -11.16 34.11 -25.69
N ILE B 198 -11.62 35.28 -25.24
CA ILE B 198 -10.88 36.53 -25.38
C ILE B 198 -10.56 37.03 -23.98
N TYR B 199 -9.27 37.20 -23.69
CA TYR B 199 -8.78 37.80 -22.47
C TYR B 199 -8.20 39.17 -22.81
N SER B 200 -8.33 40.12 -21.89
CA SER B 200 -7.88 41.48 -22.15
C SER B 200 -7.31 42.12 -20.90
N LYS B 201 -6.48 43.13 -21.11
CA LYS B 201 -5.90 43.90 -20.02
C LYS B 201 -5.40 45.24 -20.57
N HIS B 202 -5.51 46.28 -19.76
CA HIS B 202 -5.00 47.61 -20.09
C HIS B 202 -4.04 48.05 -18.99
N THR B 203 -2.81 48.38 -19.38
CA THR B 203 -1.75 48.74 -18.43
C THR B 203 -1.11 50.04 -18.87
N PRO B 204 -1.18 51.10 -18.07
CA PRO B 204 -0.48 52.34 -18.43
C PRO B 204 1.03 52.15 -18.37
N ILE B 205 1.73 52.90 -19.23
CA ILE B 205 3.18 52.82 -19.29
C ILE B 205 3.81 53.86 -18.37
N LEU B 211 7.39 46.58 -25.60
CA LEU B 211 6.61 45.98 -24.51
C LEU B 211 7.29 46.22 -23.17
N PRO B 212 6.52 46.65 -22.16
CA PRO B 212 7.10 46.90 -20.85
C PRO B 212 7.58 45.62 -20.19
N GLN B 213 8.62 45.78 -19.36
CA GLN B 213 9.24 44.64 -18.68
C GLN B 213 8.48 44.23 -17.43
N GLY B 214 7.47 44.99 -17.01
CA GLY B 214 6.69 44.65 -15.84
C GLY B 214 5.81 43.43 -16.06
N PHE B 215 5.16 43.01 -14.99
CA PHE B 215 4.31 41.84 -15.00
C PHE B 215 2.86 42.26 -14.74
N SER B 216 1.95 41.73 -15.54
CA SER B 216 0.52 41.97 -15.36
C SER B 216 -0.25 40.84 -16.02
N ALA B 217 -1.30 40.37 -15.35
CA ALA B 217 -2.12 39.27 -15.82
C ALA B 217 -3.32 39.79 -16.59
N LEU B 218 -3.77 38.99 -17.55
CA LEU B 218 -4.90 39.34 -18.40
C LEU B 218 -6.16 38.65 -17.90
N GLU B 219 -7.14 39.45 -17.45
CA GLU B 219 -8.40 38.90 -17.00
C GLU B 219 -9.25 38.49 -18.20
N PRO B 220 -10.06 37.43 -18.06
CA PRO B 220 -10.95 37.04 -19.16
C PRO B 220 -11.93 38.16 -19.50
N LEU B 221 -12.14 38.36 -20.80
CA LEU B 221 -13.05 39.39 -21.29
C LEU B 221 -14.37 38.81 -21.79
N VAL B 222 -14.33 37.77 -22.61
CA VAL B 222 -15.56 37.21 -23.17
C VAL B 222 -15.28 35.76 -23.59
N ASP B 223 -16.35 34.97 -23.68
CA ASP B 223 -16.28 33.58 -24.14
C ASP B 223 -17.41 33.36 -25.14
N LEU B 224 -17.06 33.19 -26.41
CA LEU B 224 -18.04 32.97 -27.47
C LEU B 224 -18.26 31.49 -27.68
N PRO B 225 -19.50 31.00 -27.60
CA PRO B 225 -19.75 29.56 -27.80
C PRO B 225 -19.85 29.18 -29.27
N ILE B 226 -19.30 30.01 -30.14
CA ILE B 226 -19.50 29.86 -31.59
C ILE B 226 -18.98 28.50 -32.07
N GLY B 227 -17.82 28.08 -31.58
CA GLY B 227 -17.24 26.82 -32.02
C GLY B 227 -16.86 26.84 -33.48
N ILE B 228 -16.18 27.90 -33.91
CA ILE B 228 -15.82 28.11 -35.31
C ILE B 228 -14.40 27.60 -35.55
N ASN B 229 -14.18 27.05 -36.73
CA ASN B 229 -12.84 26.60 -37.14
C ASN B 229 -12.01 27.81 -37.54
N ILE B 230 -10.85 27.98 -36.90
CA ILE B 230 -10.01 29.15 -37.09
C ILE B 230 -8.60 28.70 -37.40
N THR B 231 -8.06 29.15 -38.53
CA THR B 231 -6.67 28.92 -38.89
C THR B 231 -5.92 30.16 -39.33
N ARG B 232 -6.62 31.24 -39.72
CA ARG B 232 -6.00 32.48 -40.14
C ARG B 232 -6.79 33.65 -39.59
N PHE B 233 -6.12 34.80 -39.50
CA PHE B 233 -6.72 35.99 -38.90
C PHE B 233 -5.97 37.21 -39.38
N GLN B 234 -6.59 38.37 -39.18
CA GLN B 234 -5.93 39.64 -39.45
C GLN B 234 -6.59 40.76 -38.66
N THR B 235 -5.82 41.82 -38.40
CA THR B 235 -6.35 42.95 -37.68
C THR B 235 -7.21 43.82 -38.60
N LEU B 236 -7.98 44.72 -37.99
CA LEU B 236 -8.89 45.60 -38.70
C LEU B 236 -8.66 47.03 -38.22
N LEU B 237 -8.06 47.85 -39.08
CA LEU B 237 -7.73 49.23 -38.76
C LEU B 237 -8.96 50.11 -38.85
N ALA B 258 -0.23 52.58 -36.05
CA ALA B 258 -1.00 51.41 -36.43
C ALA B 258 -0.15 50.15 -36.27
N ALA B 259 0.85 50.21 -35.40
CA ALA B 259 1.73 49.08 -35.14
C ALA B 259 1.14 48.21 -34.04
N TYR B 260 1.41 46.91 -34.12
CA TYR B 260 0.87 45.96 -33.16
C TYR B 260 1.78 44.74 -33.06
N TYR B 261 1.77 44.11 -31.90
CA TYR B 261 2.59 42.94 -31.62
C TYR B 261 1.74 41.68 -31.69
N VAL B 262 2.29 40.64 -32.32
CA VAL B 262 1.60 39.37 -32.50
C VAL B 262 2.54 38.26 -32.04
N GLY B 263 2.03 37.39 -31.17
CA GLY B 263 2.76 36.21 -30.76
C GLY B 263 1.87 34.99 -30.80
N TYR B 264 2.50 33.81 -30.81
CA TYR B 264 1.79 32.55 -30.96
C TYR B 264 1.95 31.72 -29.69
N LEU B 265 0.82 31.29 -29.12
CA LEU B 265 0.82 30.50 -27.91
C LEU B 265 1.29 29.07 -28.20
N GLN B 266 1.83 28.44 -27.16
CA GLN B 266 2.30 27.06 -27.22
C GLN B 266 1.84 26.34 -25.97
N PRO B 267 1.65 25.01 -26.05
CA PRO B 267 1.25 24.27 -24.84
C PRO B 267 2.37 24.23 -23.82
N ARG B 268 2.22 24.97 -22.72
CA ARG B 268 3.26 25.12 -21.72
C ARG B 268 2.68 24.89 -20.33
N THR B 269 3.57 24.51 -19.41
CA THR B 269 3.25 24.38 -18.00
C THR B 269 3.77 25.62 -17.28
N PHE B 270 2.89 26.30 -16.57
CA PHE B 270 3.20 27.55 -15.90
C PHE B 270 2.94 27.43 -14.40
N LEU B 271 3.80 28.07 -13.61
CA LEU B 271 3.66 28.14 -12.16
C LEU B 271 3.32 29.58 -11.81
N LEU B 272 2.06 29.84 -11.47
CA LEU B 272 1.57 31.16 -11.14
C LEU B 272 1.53 31.36 -9.64
N LYS B 273 1.71 32.61 -9.21
CA LYS B 273 1.67 32.98 -7.80
C LYS B 273 0.49 33.90 -7.55
N TYR B 274 -0.37 33.52 -6.61
CA TYR B 274 -1.54 34.31 -6.22
C TYR B 274 -1.27 34.96 -4.87
N ASN B 275 -1.40 36.29 -4.82
CA ASN B 275 -1.12 37.05 -3.62
C ASN B 275 -2.36 37.08 -2.73
N GLU B 276 -2.35 37.95 -1.71
CA GLU B 276 -3.50 38.05 -0.81
C GLU B 276 -4.73 38.60 -1.53
N ASN B 277 -4.54 39.54 -2.46
CA ASN B 277 -5.67 40.08 -3.22
C ASN B 277 -6.30 39.03 -4.14
N GLY B 278 -5.60 37.95 -4.41
CA GLY B 278 -6.06 36.97 -5.38
C GLY B 278 -5.67 37.25 -6.81
N THR B 279 -4.68 38.11 -7.02
CA THR B 279 -4.26 38.53 -8.35
C THR B 279 -2.91 37.90 -8.67
N ILE B 280 -2.80 37.33 -9.88
CA ILE B 280 -1.54 36.75 -10.32
C ILE B 280 -0.49 37.84 -10.42
N THR B 281 0.55 37.75 -9.60
CA THR B 281 1.61 38.76 -9.58
C THR B 281 2.92 38.28 -10.18
N ASP B 282 3.12 36.96 -10.30
CA ASP B 282 4.36 36.43 -10.86
C ASP B 282 4.09 35.05 -11.44
N ALA B 283 4.94 34.66 -12.39
CA ALA B 283 4.80 33.38 -13.06
C ALA B 283 6.16 32.85 -13.44
N VAL B 284 6.24 31.53 -13.57
CA VAL B 284 7.45 30.83 -13.97
C VAL B 284 7.10 29.90 -15.13
N ASP B 285 7.84 30.02 -16.22
CA ASP B 285 7.71 29.13 -17.38
C ASP B 285 8.62 27.92 -17.15
N CYS B 286 8.01 26.76 -16.92
CA CYS B 286 8.75 25.59 -16.45
C CYS B 286 9.79 25.11 -17.46
N ALA B 287 9.65 25.45 -18.74
CA ALA B 287 10.56 24.98 -19.78
C ALA B 287 11.45 26.08 -20.34
N LEU B 288 11.53 27.23 -19.68
CA LEU B 288 12.35 28.33 -20.18
C LEU B 288 13.83 28.02 -20.06
N ASP B 289 14.27 27.58 -18.88
CA ASP B 289 15.67 27.33 -18.61
C ASP B 289 15.76 26.39 -17.41
N PRO B 290 16.95 25.82 -17.15
CA PRO B 290 17.07 24.90 -16.00
C PRO B 290 16.68 25.53 -14.67
N LEU B 291 16.94 26.82 -14.47
CA LEU B 291 16.54 27.45 -13.21
C LEU B 291 15.02 27.46 -13.04
N SER B 292 14.29 27.75 -14.11
CA SER B 292 12.83 27.73 -14.04
C SER B 292 12.31 26.31 -13.83
N GLU B 293 12.97 25.32 -14.43
CA GLU B 293 12.58 23.93 -14.18
C GLU B 293 12.80 23.56 -12.73
N THR B 294 13.90 24.01 -12.13
CA THR B 294 14.15 23.79 -10.71
C THR B 294 13.08 24.46 -9.86
N LYS B 295 12.71 25.69 -10.22
CA LYS B 295 11.67 26.40 -9.48
C LYS B 295 10.35 25.66 -9.55
N CYS B 296 10.00 25.15 -10.73
CA CYS B 296 8.76 24.40 -10.89
C CYS B 296 8.80 23.09 -10.09
N THR B 297 9.94 22.40 -10.11
CA THR B 297 10.05 21.15 -9.37
C THR B 297 9.94 21.40 -7.86
N LEU B 298 10.59 22.44 -7.36
CA LEU B 298 10.54 22.76 -5.94
C LEU B 298 9.25 23.48 -5.55
N LYS B 299 8.42 23.87 -6.53
CA LYS B 299 7.16 24.57 -6.26
C LYS B 299 7.39 25.84 -5.46
N SER B 300 8.46 26.57 -5.80
CA SER B 300 8.79 27.81 -5.11
C SER B 300 9.47 28.75 -6.09
N PHE B 301 9.33 30.05 -5.83
CA PHE B 301 9.96 31.07 -6.65
C PHE B 301 11.39 31.39 -6.22
N THR B 302 11.83 30.88 -5.08
CA THR B 302 13.19 31.07 -4.59
C THR B 302 13.84 29.71 -4.39
N VAL B 303 15.09 29.59 -4.82
CA VAL B 303 15.84 28.34 -4.75
C VAL B 303 17.05 28.56 -3.85
N GLU B 304 17.23 27.68 -2.87
CA GLU B 304 18.39 27.73 -2.01
C GLU B 304 19.60 27.11 -2.72
N LYS B 305 20.78 27.37 -2.16
CA LYS B 305 22.01 26.84 -2.73
C LYS B 305 22.03 25.32 -2.60
N GLY B 306 22.42 24.65 -3.68
CA GLY B 306 22.49 23.20 -3.68
C GLY B 306 22.35 22.66 -5.09
N ILE B 307 22.19 21.34 -5.15
CA ILE B 307 22.01 20.61 -6.40
C ILE B 307 20.69 19.86 -6.33
N TYR B 308 19.86 20.01 -7.37
CA TYR B 308 18.53 19.45 -7.38
C TYR B 308 18.31 18.64 -8.65
N GLN B 309 17.70 17.47 -8.49
CA GLN B 309 17.33 16.62 -9.63
C GLN B 309 15.97 17.07 -10.13
N THR B 310 15.93 17.63 -11.33
CA THR B 310 14.71 18.20 -11.88
C THR B 310 13.94 17.19 -12.74
N SER B 311 14.59 16.67 -13.77
CA SER B 311 13.93 15.76 -14.70
C SER B 311 14.99 14.87 -15.35
N ASN B 312 14.60 14.22 -16.44
CA ASN B 312 15.51 13.36 -17.20
C ASN B 312 15.40 13.70 -18.67
N PHE B 313 16.53 13.92 -19.32
CA PHE B 313 16.54 14.11 -20.76
C PHE B 313 16.33 12.79 -21.46
N ARG B 314 15.65 12.86 -22.61
CA ARG B 314 15.29 11.68 -23.38
C ARG B 314 15.27 12.05 -24.85
N VAL B 315 16.01 11.30 -25.67
CA VAL B 315 16.05 11.57 -27.10
C VAL B 315 14.75 11.10 -27.74
N GLN B 316 14.09 12.01 -28.47
CA GLN B 316 12.82 11.70 -29.10
C GLN B 316 13.01 10.94 -30.40
N PRO B 317 12.04 10.11 -30.79
CA PRO B 317 12.15 9.37 -32.05
C PRO B 317 12.14 10.31 -33.25
N THR B 318 12.85 9.90 -34.30
CA THR B 318 12.94 10.68 -35.52
C THR B 318 11.97 10.23 -36.59
N GLU B 319 11.65 8.93 -36.62
CA GLU B 319 10.75 8.38 -37.63
C GLU B 319 9.86 7.34 -36.97
N SER B 320 8.81 6.93 -37.71
CA SER B 320 7.92 5.86 -37.30
C SER B 320 7.93 4.80 -38.38
N ILE B 321 8.29 3.58 -38.01
CA ILE B 321 8.39 2.48 -38.97
C ILE B 321 7.36 1.41 -38.61
N VAL B 322 6.92 0.69 -39.63
CA VAL B 322 5.91 -0.36 -39.50
C VAL B 322 6.39 -1.58 -40.27
N ARG B 323 6.44 -2.72 -39.60
CA ARG B 323 6.91 -3.97 -40.21
C ARG B 323 5.84 -5.04 -40.03
N PHE B 324 5.26 -5.47 -41.15
CA PHE B 324 4.17 -6.43 -41.27
C PHE B 324 4.55 -7.51 -42.28
N PRO B 325 4.06 -8.74 -42.12
CA PRO B 325 4.36 -9.78 -43.10
C PRO B 325 3.77 -9.43 -44.47
N ASN B 326 4.44 -9.89 -45.53
CA ASN B 326 4.05 -9.50 -46.87
C ASN B 326 2.93 -10.47 -47.25
N ILE B 327 1.70 -10.02 -47.01
CA ILE B 327 0.49 -10.79 -47.27
C ILE B 327 -0.46 -9.90 -48.08
N THR B 328 -0.97 -10.44 -49.17
CA THR B 328 -1.84 -9.73 -50.09
C THR B 328 -3.24 -10.31 -50.19
N ASN B 329 -3.44 -11.57 -49.81
CA ASN B 329 -4.76 -12.19 -49.90
C ASN B 329 -5.70 -11.58 -48.85
N LEU B 330 -6.99 -11.61 -49.17
CA LEU B 330 -8.03 -11.11 -48.28
C LEU B 330 -8.71 -12.28 -47.60
N CYS B 331 -8.96 -12.15 -46.31
CA CYS B 331 -9.56 -13.24 -45.54
C CYS B 331 -11.00 -13.47 -45.98
N PRO B 332 -11.42 -14.72 -46.18
CA PRO B 332 -12.78 -15.02 -46.64
C PRO B 332 -13.81 -15.00 -45.51
N PHE B 333 -13.96 -13.81 -44.89
CA PHE B 333 -14.96 -13.66 -43.84
C PHE B 333 -16.39 -13.70 -44.38
N ASP B 334 -16.58 -13.39 -45.67
CA ASP B 334 -17.91 -13.46 -46.26
C ASP B 334 -18.42 -14.89 -46.32
N GLU B 335 -17.53 -15.86 -46.52
CA GLU B 335 -17.94 -17.26 -46.55
C GLU B 335 -18.44 -17.73 -45.19
N VAL B 336 -18.13 -17.02 -44.12
CA VAL B 336 -18.57 -17.40 -42.77
C VAL B 336 -19.84 -16.67 -42.38
N PHE B 337 -19.86 -15.34 -42.52
CA PHE B 337 -21.01 -14.55 -42.10
C PHE B 337 -22.17 -14.65 -43.07
N ASN B 338 -21.89 -14.71 -44.38
CA ASN B 338 -22.92 -14.75 -45.41
C ASN B 338 -23.22 -16.17 -45.89
N ALA B 339 -23.08 -17.16 -45.01
CA ALA B 339 -23.39 -18.53 -45.37
C ALA B 339 -24.90 -18.71 -45.50
N THR B 340 -25.31 -19.55 -46.45
CA THR B 340 -26.74 -19.80 -46.66
C THR B 340 -27.36 -20.47 -45.45
N THR B 341 -26.69 -21.47 -44.89
CA THR B 341 -27.16 -22.18 -43.71
C THR B 341 -26.02 -22.31 -42.70
N PHE B 342 -26.39 -22.41 -41.43
CA PHE B 342 -25.44 -22.54 -40.35
C PHE B 342 -25.56 -23.92 -39.71
N ALA B 343 -24.47 -24.38 -39.12
CA ALA B 343 -24.45 -25.67 -38.46
C ALA B 343 -25.13 -25.59 -37.10
N SER B 344 -25.52 -26.75 -36.57
CA SER B 344 -26.08 -26.83 -35.24
C SER B 344 -25.00 -26.58 -34.20
N VAL B 345 -25.43 -26.16 -33.01
CA VAL B 345 -24.47 -25.85 -31.95
C VAL B 345 -23.76 -27.12 -31.47
N TYR B 346 -24.42 -28.28 -31.56
CA TYR B 346 -23.78 -29.52 -31.18
C TYR B 346 -22.69 -29.92 -32.17
N ALA B 347 -22.78 -29.45 -33.41
CA ALA B 347 -21.79 -29.71 -34.46
C ALA B 347 -21.34 -28.39 -35.09
N TRP B 348 -20.96 -27.44 -34.24
CA TRP B 348 -20.58 -26.11 -34.69
C TRP B 348 -19.43 -26.19 -35.70
N ASN B 349 -19.50 -25.34 -36.73
CA ASN B 349 -18.55 -25.41 -37.83
C ASN B 349 -17.37 -24.49 -37.57
N ARG B 350 -16.15 -25.03 -37.72
CA ARG B 350 -14.93 -24.28 -37.49
C ARG B 350 -14.23 -24.01 -38.82
N LYS B 351 -13.92 -22.74 -39.07
CA LYS B 351 -13.23 -22.32 -40.28
C LYS B 351 -11.86 -21.74 -39.90
N ARG B 352 -10.82 -22.25 -40.54
CA ARG B 352 -9.46 -21.78 -40.31
C ARG B 352 -9.17 -20.59 -41.21
N ILE B 353 -8.63 -19.51 -40.65
CA ILE B 353 -8.33 -18.28 -41.37
C ILE B 353 -6.87 -17.94 -41.11
N SER B 354 -6.07 -17.95 -42.17
CA SER B 354 -4.65 -17.67 -42.07
C SER B 354 -4.13 -17.24 -43.44
N ASN B 355 -2.95 -16.63 -43.44
CA ASN B 355 -2.28 -16.19 -44.67
C ASN B 355 -3.17 -15.24 -45.47
N CYS B 356 -3.75 -14.26 -44.78
CA CYS B 356 -4.62 -13.28 -45.43
C CYS B 356 -4.64 -12.00 -44.61
N VAL B 357 -5.11 -10.93 -45.23
CA VAL B 357 -5.25 -9.63 -44.59
C VAL B 357 -6.70 -9.48 -44.17
N ALA B 358 -6.93 -9.27 -42.88
CA ALA B 358 -8.28 -9.20 -42.32
C ALA B 358 -8.66 -7.74 -42.10
N ASP B 359 -9.77 -7.32 -42.70
CA ASP B 359 -10.34 -5.99 -42.50
C ASP B 359 -11.67 -6.19 -41.77
N TYR B 360 -11.61 -6.15 -40.43
CA TYR B 360 -12.78 -6.40 -39.62
C TYR B 360 -13.85 -5.32 -39.76
N SER B 361 -13.48 -4.11 -40.21
CA SER B 361 -14.45 -3.04 -40.34
C SER B 361 -15.54 -3.37 -41.35
N VAL B 362 -15.25 -4.25 -42.32
CA VAL B 362 -16.26 -4.65 -43.29
C VAL B 362 -17.19 -5.73 -42.75
N LEU B 363 -16.88 -6.32 -41.60
CA LEU B 363 -17.74 -7.35 -41.03
C LEU B 363 -19.15 -6.83 -40.79
N TYR B 364 -19.29 -5.56 -40.42
CA TYR B 364 -20.60 -4.98 -40.18
C TYR B 364 -21.48 -5.04 -41.42
N ASN B 365 -20.87 -5.04 -42.61
CA ASN B 365 -21.66 -5.13 -43.83
C ASN B 365 -22.17 -6.54 -44.08
N PHE B 366 -21.48 -7.56 -43.55
CA PHE B 366 -21.84 -8.94 -43.87
C PHE B 366 -23.10 -9.39 -43.15
N ALA B 367 -23.23 -9.03 -41.87
CA ALA B 367 -24.38 -9.44 -41.08
C ALA B 367 -24.95 -8.24 -40.33
N PRO B 368 -26.28 -8.23 -40.12
CA PRO B 368 -26.93 -7.09 -39.43
C PRO B 368 -26.90 -7.20 -37.91
N PHE B 369 -25.73 -7.50 -37.36
CA PHE B 369 -25.57 -7.55 -35.92
C PHE B 369 -25.40 -6.13 -35.35
N PHE B 370 -25.92 -5.93 -34.14
CA PHE B 370 -25.92 -4.59 -33.56
C PHE B 370 -24.53 -4.18 -33.10
N ALA B 371 -23.80 -5.07 -32.43
CA ALA B 371 -22.49 -4.70 -31.90
C ALA B 371 -21.66 -5.95 -31.67
N PHE B 372 -20.35 -5.75 -31.53
CA PHE B 372 -19.41 -6.81 -31.21
C PHE B 372 -19.50 -7.15 -29.72
N LYS B 373 -18.89 -8.28 -29.36
CA LYS B 373 -18.71 -8.68 -27.96
C LYS B 373 -17.36 -9.37 -27.87
N CYS B 374 -16.32 -8.59 -27.55
CA CYS B 374 -14.95 -9.08 -27.57
C CYS B 374 -14.40 -9.17 -26.15
N TYR B 375 -13.57 -10.18 -25.91
CA TYR B 375 -12.96 -10.43 -24.61
C TYR B 375 -11.45 -10.40 -24.76
N GLY B 376 -10.79 -9.61 -23.92
CA GLY B 376 -9.36 -9.46 -23.99
C GLY B 376 -8.86 -8.59 -25.12
N VAL B 377 -9.77 -7.96 -25.87
CA VAL B 377 -9.40 -7.12 -27.00
C VAL B 377 -10.59 -6.23 -27.31
N SER B 378 -10.33 -5.12 -28.00
CA SER B 378 -11.42 -4.24 -28.38
C SER B 378 -11.70 -4.35 -29.87
N PRO B 379 -12.97 -4.26 -30.28
CA PRO B 379 -13.27 -4.27 -31.72
C PRO B 379 -12.68 -3.07 -32.44
N THR B 380 -12.40 -1.99 -31.71
CA THR B 380 -11.83 -0.79 -32.29
C THR B 380 -10.41 -1.02 -32.78
N LYS B 381 -9.64 -1.85 -32.08
CA LYS B 381 -8.22 -2.02 -32.34
C LYS B 381 -7.90 -3.25 -33.19
N LEU B 382 -8.93 -3.99 -33.62
CA LEU B 382 -8.69 -5.24 -34.35
C LEU B 382 -7.90 -5.03 -35.64
N ASN B 383 -8.10 -3.88 -36.30
CA ASN B 383 -7.38 -3.61 -37.54
C ASN B 383 -5.90 -3.30 -37.31
N ASP B 384 -5.49 -3.06 -36.07
CA ASP B 384 -4.12 -2.69 -35.77
C ASP B 384 -3.27 -3.85 -35.26
N LEU B 385 -3.81 -5.06 -35.21
CA LEU B 385 -3.13 -6.20 -34.59
C LEU B 385 -2.85 -7.29 -35.62
N CYS B 386 -1.96 -8.21 -35.22
CA CYS B 386 -1.68 -9.42 -35.98
C CYS B 386 -2.02 -10.63 -35.13
N PHE B 387 -2.34 -11.73 -35.81
CA PHE B 387 -2.65 -12.98 -35.14
C PHE B 387 -1.99 -14.13 -35.90
N THR B 388 -1.57 -15.15 -35.14
CA THR B 388 -0.99 -16.33 -35.76
C THR B 388 -2.03 -17.08 -36.58
N ASN B 389 -3.20 -17.33 -35.99
CA ASN B 389 -4.29 -17.99 -36.69
C ASN B 389 -5.61 -17.42 -36.18
N VAL B 390 -6.63 -17.49 -37.03
CA VAL B 390 -7.98 -17.05 -36.66
C VAL B 390 -8.92 -18.24 -36.85
N TYR B 391 -9.83 -18.43 -35.91
CA TYR B 391 -10.82 -19.49 -36.00
C TYR B 391 -12.22 -18.90 -35.96
N ALA B 392 -13.03 -19.21 -36.96
CA ALA B 392 -14.41 -18.74 -37.02
C ALA B 392 -15.34 -19.92 -36.75
N ASP B 393 -15.99 -19.90 -35.59
CA ASP B 393 -16.92 -20.94 -35.19
C ASP B 393 -18.35 -20.44 -35.39
N SER B 394 -19.08 -21.12 -36.26
CA SER B 394 -20.43 -20.72 -36.63
C SER B 394 -21.43 -21.75 -36.11
N PHE B 395 -22.52 -21.24 -35.52
CA PHE B 395 -23.63 -22.10 -35.11
C PHE B 395 -24.88 -21.25 -34.91
N VAL B 396 -25.97 -21.91 -34.53
CA VAL B 396 -27.25 -21.27 -34.28
C VAL B 396 -27.77 -21.76 -32.93
N ILE B 397 -28.23 -20.82 -32.11
CA ILE B 397 -28.77 -21.13 -30.79
C ILE B 397 -30.05 -20.34 -30.58
N ARG B 398 -30.61 -20.45 -29.37
CA ARG B 398 -31.73 -19.60 -28.99
C ARG B 398 -31.21 -18.25 -28.51
N GLY B 399 -32.11 -17.27 -28.46
CA GLY B 399 -31.72 -15.95 -27.98
C GLY B 399 -31.28 -15.95 -26.54
N ASN B 400 -32.06 -16.60 -25.67
CA ASN B 400 -31.72 -16.66 -24.25
C ASN B 400 -30.44 -17.43 -23.97
N GLU B 401 -29.93 -18.18 -24.94
CA GLU B 401 -28.66 -18.89 -24.81
C GLU B 401 -27.47 -18.08 -25.32
N VAL B 402 -27.71 -16.90 -25.88
CA VAL B 402 -26.61 -16.09 -26.39
C VAL B 402 -25.66 -15.70 -25.27
N SER B 403 -26.20 -15.45 -24.07
CA SER B 403 -25.35 -15.14 -22.92
C SER B 403 -24.46 -16.30 -22.52
N GLN B 404 -24.80 -17.53 -22.94
CA GLN B 404 -23.97 -18.68 -22.60
C GLN B 404 -22.69 -18.74 -23.43
N ILE B 405 -22.60 -17.98 -24.52
CA ILE B 405 -21.40 -17.97 -25.35
C ILE B 405 -20.50 -16.88 -24.76
N ALA B 406 -19.78 -17.25 -23.71
CA ALA B 406 -18.91 -16.34 -22.96
C ALA B 406 -18.03 -17.15 -22.02
N PRO B 407 -16.84 -16.64 -21.66
CA PRO B 407 -15.98 -17.37 -20.72
C PRO B 407 -16.65 -17.51 -19.36
N GLY B 408 -16.43 -18.65 -18.72
CA GLY B 408 -16.95 -18.90 -17.39
C GLY B 408 -18.42 -19.20 -17.30
N GLN B 409 -19.08 -19.50 -18.42
CA GLN B 409 -20.50 -19.77 -18.41
C GLN B 409 -20.76 -21.27 -18.37
N THR B 410 -21.86 -21.64 -17.71
CA THR B 410 -22.38 -23.01 -17.75
C THR B 410 -23.78 -22.98 -18.36
N GLY B 411 -24.45 -24.12 -18.31
CA GLY B 411 -25.71 -24.31 -18.99
C GLY B 411 -25.58 -25.32 -20.13
N ASN B 412 -26.74 -25.67 -20.68
CA ASN B 412 -26.80 -26.74 -21.69
C ASN B 412 -25.84 -26.46 -22.84
N ILE B 413 -25.92 -25.26 -23.42
CA ILE B 413 -25.05 -24.92 -24.55
C ILE B 413 -23.59 -24.91 -24.12
N ALA B 414 -23.30 -24.31 -22.97
CA ALA B 414 -21.92 -24.21 -22.51
C ALA B 414 -21.39 -25.56 -22.04
N ASP B 415 -22.22 -26.33 -21.34
CA ASP B 415 -21.74 -27.59 -20.77
C ASP B 415 -21.58 -28.67 -21.83
N TYR B 416 -22.55 -28.80 -22.75
CA TYR B 416 -22.60 -29.96 -23.63
C TYR B 416 -22.51 -29.62 -25.11
N ASN B 417 -22.53 -28.35 -25.50
CA ASN B 417 -22.53 -27.99 -26.91
C ASN B 417 -21.30 -27.19 -27.32
N TYR B 418 -21.02 -26.08 -26.65
CA TYR B 418 -19.92 -25.20 -27.05
C TYR B 418 -19.40 -24.49 -25.82
N LYS B 419 -18.13 -24.75 -25.47
CA LYS B 419 -17.51 -24.21 -24.28
C LYS B 419 -16.34 -23.32 -24.67
N LEU B 420 -16.29 -22.12 -24.07
CA LEU B 420 -15.18 -21.18 -24.24
C LEU B 420 -14.26 -21.23 -23.04
N PRO B 421 -12.95 -21.08 -23.25
CA PRO B 421 -12.01 -21.12 -22.12
C PRO B 421 -12.13 -19.88 -21.26
N ASP B 422 -11.63 -20.00 -20.03
CA ASP B 422 -11.65 -18.87 -19.10
C ASP B 422 -10.77 -17.73 -19.61
N ASP B 423 -9.62 -18.05 -20.19
CA ASP B 423 -8.72 -17.07 -20.77
C ASP B 423 -8.98 -16.83 -22.24
N PHE B 424 -10.22 -16.97 -22.68
CA PHE B 424 -10.56 -16.80 -24.10
C PHE B 424 -10.26 -15.39 -24.56
N THR B 425 -9.58 -15.29 -25.71
CA THR B 425 -9.27 -14.02 -26.34
C THR B 425 -9.89 -14.03 -27.73
N GLY B 426 -10.86 -13.15 -27.96
CA GLY B 426 -11.55 -13.10 -29.23
C GLY B 426 -12.85 -12.32 -29.10
N CYS B 427 -13.73 -12.54 -30.06
CA CYS B 427 -14.99 -11.83 -30.15
C CYS B 427 -16.14 -12.80 -30.40
N VAL B 428 -17.33 -12.41 -29.96
CA VAL B 428 -18.56 -13.17 -30.18
C VAL B 428 -19.56 -12.24 -30.86
N ILE B 429 -20.08 -12.67 -32.00
CA ILE B 429 -21.02 -11.87 -32.79
C ILE B 429 -22.28 -12.70 -32.97
N ALA B 430 -23.38 -12.24 -32.36
CA ALA B 430 -24.65 -12.93 -32.45
C ALA B 430 -25.70 -11.99 -33.00
N TRP B 431 -26.45 -12.45 -34.00
CA TRP B 431 -27.51 -11.63 -34.57
C TRP B 431 -28.77 -12.47 -34.78
N ASN B 432 -29.92 -11.81 -34.66
CA ASN B 432 -31.20 -12.48 -34.83
C ASN B 432 -31.37 -12.94 -36.27
N SER B 433 -31.77 -14.19 -36.44
CA SER B 433 -32.01 -14.79 -37.76
C SER B 433 -33.38 -15.43 -37.81
N ASN B 434 -34.39 -14.73 -37.30
CA ASN B 434 -35.75 -15.28 -37.29
C ASN B 434 -36.29 -15.43 -38.71
N LYS B 435 -35.99 -14.48 -39.60
CA LYS B 435 -36.51 -14.54 -40.96
C LYS B 435 -35.85 -15.63 -41.79
N LEU B 436 -34.69 -16.13 -41.37
CA LEU B 436 -33.96 -17.12 -42.15
C LEU B 436 -34.00 -18.52 -41.55
N ASP B 437 -34.17 -18.66 -40.24
CA ASP B 437 -34.07 -19.95 -39.58
C ASP B 437 -35.35 -20.38 -38.89
N SER B 438 -36.47 -19.70 -39.15
CA SER B 438 -37.75 -20.06 -38.57
C SER B 438 -38.79 -20.22 -39.67
N THR B 439 -39.59 -21.27 -39.57
CA THR B 439 -40.63 -21.56 -40.54
C THR B 439 -41.94 -21.85 -39.80
N VAL B 440 -43.05 -21.66 -40.51
CA VAL B 440 -44.36 -21.95 -39.94
C VAL B 440 -44.49 -23.44 -39.69
N GLY B 441 -44.85 -23.80 -38.45
CA GLY B 441 -44.93 -25.18 -38.03
C GLY B 441 -43.72 -25.67 -37.26
N GLY B 442 -42.59 -24.96 -37.34
CA GLY B 442 -41.41 -25.34 -36.59
C GLY B 442 -40.25 -25.79 -37.47
N ASN B 443 -39.10 -25.14 -37.31
CA ASN B 443 -37.89 -25.54 -38.00
C ASN B 443 -37.12 -26.50 -37.09
N TYR B 444 -37.16 -27.79 -37.43
CA TYR B 444 -36.58 -28.83 -36.60
C TYR B 444 -35.22 -29.30 -37.09
N ASN B 445 -34.60 -28.57 -38.02
CA ASN B 445 -33.28 -28.96 -38.50
C ASN B 445 -32.19 -28.65 -37.48
N TYR B 446 -32.40 -27.64 -36.64
CA TYR B 446 -31.39 -27.24 -35.67
C TYR B 446 -31.60 -27.99 -34.36
N ARG B 447 -30.52 -28.60 -33.86
CA ARG B 447 -30.58 -29.41 -32.66
C ARG B 447 -29.45 -29.02 -31.72
N TYR B 448 -29.64 -29.33 -30.43
CA TYR B 448 -28.64 -29.09 -29.40
C TYR B 448 -28.57 -30.30 -28.49
N ARG B 449 -27.38 -30.55 -27.96
CA ARG B 449 -27.18 -31.67 -27.04
C ARG B 449 -27.79 -31.35 -25.69
N LEU B 450 -28.62 -32.25 -25.17
CA LEU B 450 -29.32 -32.05 -23.91
C LEU B 450 -28.73 -32.87 -22.76
N PHE B 451 -28.19 -34.05 -23.05
CA PHE B 451 -27.63 -34.92 -22.03
C PHE B 451 -26.22 -35.33 -22.41
N ARG B 452 -25.33 -35.36 -21.41
CA ARG B 452 -23.98 -35.85 -21.59
C ARG B 452 -23.43 -36.29 -20.25
N LYS B 453 -22.48 -37.23 -20.30
CA LYS B 453 -21.93 -37.78 -19.06
C LYS B 453 -21.05 -36.77 -18.34
N SER B 454 -20.25 -36.00 -19.08
CA SER B 454 -19.33 -35.04 -18.50
C SER B 454 -19.37 -33.75 -19.28
N LYS B 455 -18.97 -32.66 -18.62
CA LYS B 455 -18.96 -31.35 -19.24
C LYS B 455 -17.82 -31.25 -20.25
N LEU B 456 -18.06 -30.54 -21.34
CA LEU B 456 -17.07 -30.40 -22.39
C LEU B 456 -15.92 -29.51 -21.96
N LYS B 457 -14.72 -29.86 -22.39
CA LYS B 457 -13.58 -28.97 -22.27
C LYS B 457 -13.69 -27.86 -23.32
N PRO B 458 -12.99 -26.75 -23.12
CA PRO B 458 -13.06 -25.64 -24.09
C PRO B 458 -12.67 -26.09 -25.49
N PHE B 459 -13.42 -25.61 -26.48
CA PHE B 459 -13.17 -25.90 -27.90
C PHE B 459 -13.19 -27.40 -28.18
N GLU B 460 -14.19 -28.09 -27.63
CA GLU B 460 -14.40 -29.51 -27.87
C GLU B 460 -15.73 -29.71 -28.58
N ARG B 461 -15.77 -30.68 -29.48
CA ARG B 461 -16.95 -31.00 -30.26
C ARG B 461 -17.37 -32.44 -30.01
N ASP B 462 -18.68 -32.65 -29.87
CA ASP B 462 -19.24 -33.99 -29.64
C ASP B 462 -20.40 -34.18 -30.60
N ILE B 463 -20.22 -35.03 -31.60
CA ILE B 463 -21.25 -35.34 -32.58
C ILE B 463 -21.81 -36.74 -32.39
N SER B 464 -21.51 -37.38 -31.26
CA SER B 464 -22.01 -38.72 -31.00
C SER B 464 -23.52 -38.69 -30.76
N THR B 465 -24.21 -39.71 -31.29
CA THR B 465 -25.65 -39.83 -31.15
C THR B 465 -26.05 -41.05 -30.31
N GLU B 466 -25.14 -41.56 -29.50
CA GLU B 466 -25.44 -42.73 -28.68
C GLU B 466 -26.45 -42.37 -27.59
N ILE B 467 -27.22 -43.38 -27.18
CA ILE B 467 -28.26 -43.18 -26.17
C ILE B 467 -27.62 -42.89 -24.82
N TYR B 468 -28.11 -41.86 -24.16
CA TYR B 468 -27.61 -41.47 -22.84
C TYR B 468 -28.28 -42.30 -21.76
N GLN B 469 -27.49 -42.84 -20.85
CA GLN B 469 -28.00 -43.67 -19.75
C GLN B 469 -28.19 -42.79 -18.53
N ALA B 470 -29.42 -42.31 -18.32
CA ALA B 470 -29.70 -41.45 -17.18
C ALA B 470 -29.64 -42.22 -15.87
N GLY B 471 -30.20 -43.43 -15.85
CA GLY B 471 -30.24 -44.25 -14.66
C GLY B 471 -29.11 -45.26 -14.62
N ASN B 472 -29.35 -46.35 -13.89
CA ASN B 472 -28.37 -47.43 -13.75
C ASN B 472 -28.64 -48.60 -14.68
N LYS B 473 -29.86 -48.74 -15.18
CA LYS B 473 -30.17 -49.83 -16.11
C LYS B 473 -29.60 -49.52 -17.48
N PRO B 474 -28.79 -50.41 -18.06
CA PRO B 474 -28.25 -50.15 -19.40
C PRO B 474 -29.35 -50.03 -20.44
N CYS B 475 -29.15 -49.12 -21.39
CA CYS B 475 -30.13 -48.89 -22.44
C CYS B 475 -30.01 -49.88 -23.59
N ASN B 476 -28.83 -50.48 -23.77
CA ASN B 476 -28.57 -51.42 -24.87
C ASN B 476 -28.84 -50.79 -26.23
N GLY B 477 -28.58 -49.49 -26.35
CA GLY B 477 -28.77 -48.81 -27.61
C GLY B 477 -30.21 -48.59 -28.02
N VAL B 478 -31.14 -48.63 -27.05
CA VAL B 478 -32.56 -48.45 -27.33
C VAL B 478 -33.09 -47.35 -26.42
N ALA B 479 -33.73 -46.35 -27.02
CA ALA B 479 -34.33 -45.26 -26.24
C ALA B 479 -35.58 -45.73 -25.52
N GLY B 480 -35.78 -45.21 -24.32
CA GLY B 480 -36.95 -45.58 -23.53
C GLY B 480 -37.01 -44.87 -22.20
N VAL B 481 -37.36 -45.61 -21.14
CA VAL B 481 -37.43 -45.02 -19.81
C VAL B 481 -36.02 -44.81 -19.28
N ASN B 482 -35.73 -43.59 -18.83
CA ASN B 482 -34.41 -43.18 -18.35
C ASN B 482 -33.32 -43.36 -19.40
N CYS B 483 -33.71 -43.37 -20.68
CA CYS B 483 -32.76 -43.50 -21.79
C CYS B 483 -33.31 -42.66 -22.94
N TYR B 484 -32.81 -41.43 -23.07
CA TYR B 484 -33.30 -40.48 -24.05
C TYR B 484 -32.25 -40.19 -25.10
N PHE B 485 -32.72 -39.75 -26.26
CA PHE B 485 -31.80 -39.33 -27.32
C PHE B 485 -31.06 -38.07 -26.88
N PRO B 486 -29.74 -38.01 -27.03
CA PRO B 486 -28.98 -36.88 -26.49
C PRO B 486 -29.28 -35.55 -27.17
N LEU B 487 -29.85 -35.55 -28.37
CA LEU B 487 -30.07 -34.34 -29.14
C LEU B 487 -31.54 -33.96 -29.12
N GLN B 488 -31.82 -32.69 -28.81
CA GLN B 488 -33.17 -32.15 -28.77
C GLN B 488 -33.28 -31.03 -29.80
N SER B 489 -34.40 -31.01 -30.52
CA SER B 489 -34.61 -30.04 -31.58
C SER B 489 -35.15 -28.73 -31.03
N TYR B 490 -34.73 -27.62 -31.63
CA TYR B 490 -35.19 -26.30 -31.18
C TYR B 490 -36.64 -26.05 -31.57
N GLY B 491 -36.99 -26.35 -32.82
CA GLY B 491 -38.33 -26.10 -33.31
C GLY B 491 -38.68 -24.63 -33.38
N PHE B 492 -37.82 -23.84 -34.01
CA PHE B 492 -38.04 -22.39 -34.11
C PHE B 492 -39.31 -22.09 -34.90
N ARG B 493 -40.06 -21.10 -34.43
CA ARG B 493 -41.27 -20.62 -35.09
C ARG B 493 -41.26 -19.11 -35.15
N PRO B 494 -41.82 -18.53 -36.20
CA PRO B 494 -41.85 -17.05 -36.30
C PRO B 494 -42.62 -16.37 -35.19
N THR B 495 -43.60 -17.06 -34.60
CA THR B 495 -44.43 -16.47 -33.56
C THR B 495 -43.73 -16.42 -32.20
N TYR B 496 -42.55 -17.01 -32.08
CA TYR B 496 -41.84 -17.03 -30.81
C TYR B 496 -41.33 -15.63 -30.45
N GLY B 497 -41.04 -15.44 -29.17
CA GLY B 497 -40.48 -14.20 -28.69
C GLY B 497 -39.01 -14.06 -29.03
N VAL B 498 -38.45 -12.90 -28.68
CA VAL B 498 -37.05 -12.63 -28.98
C VAL B 498 -36.13 -13.58 -28.23
N GLY B 499 -36.53 -14.02 -27.03
CA GLY B 499 -35.73 -14.97 -26.29
C GLY B 499 -35.76 -16.38 -26.86
N HIS B 500 -36.79 -16.70 -27.65
CA HIS B 500 -36.91 -18.01 -28.27
C HIS B 500 -36.60 -17.99 -29.76
N GLN B 501 -36.41 -16.82 -30.36
CA GLN B 501 -36.10 -16.75 -31.78
C GLN B 501 -34.67 -17.24 -32.04
N PRO B 502 -34.42 -17.82 -33.21
CA PRO B 502 -33.07 -18.30 -33.51
C PRO B 502 -32.09 -17.15 -33.65
N TYR B 503 -30.86 -17.40 -33.22
CA TYR B 503 -29.77 -16.44 -33.31
C TYR B 503 -28.56 -17.11 -33.92
N ARG B 504 -27.99 -16.49 -34.94
CA ARG B 504 -26.76 -16.97 -35.57
C ARG B 504 -25.56 -16.37 -34.85
N VAL B 505 -24.63 -17.23 -34.45
CA VAL B 505 -23.49 -16.85 -33.64
C VAL B 505 -22.21 -17.24 -34.38
N VAL B 506 -21.30 -16.28 -34.52
CA VAL B 506 -19.96 -16.49 -35.04
C VAL B 506 -18.97 -16.05 -33.96
N VAL B 507 -18.09 -16.97 -33.57
CA VAL B 507 -17.07 -16.71 -32.57
C VAL B 507 -15.72 -16.65 -33.27
N LEU B 508 -15.06 -15.51 -33.17
CA LEU B 508 -13.73 -15.31 -33.73
C LEU B 508 -12.70 -15.50 -32.63
N SER B 509 -11.89 -16.55 -32.75
CA SER B 509 -10.83 -16.86 -31.82
C SER B 509 -9.50 -16.41 -32.41
N PHE B 510 -8.77 -15.58 -31.67
CA PHE B 510 -7.51 -15.00 -32.11
C PHE B 510 -6.36 -15.65 -31.36
N GLU B 511 -5.31 -16.01 -32.08
CA GLU B 511 -4.08 -16.54 -31.49
C GLU B 511 -3.06 -15.40 -31.46
N LEU B 512 -2.61 -15.04 -30.26
CA LEU B 512 -1.69 -13.93 -30.12
C LEU B 512 -0.32 -14.28 -30.67
N LEU B 513 0.54 -13.28 -30.77
CA LEU B 513 1.83 -13.40 -31.46
C LEU B 513 2.79 -14.23 -30.61
N HIS B 514 2.94 -15.49 -30.99
CA HIS B 514 4.00 -16.36 -30.50
C HIS B 514 4.76 -17.02 -31.65
N ALA B 515 4.07 -17.37 -32.72
CA ALA B 515 4.63 -17.88 -33.97
C ALA B 515 4.57 -16.78 -35.03
N PRO B 516 5.15 -17.01 -36.21
CA PRO B 516 5.00 -16.03 -37.29
C PRO B 516 3.53 -15.72 -37.57
N ALA B 517 3.24 -14.43 -37.69
CA ALA B 517 1.86 -14.00 -37.91
C ALA B 517 1.43 -14.28 -39.34
N THR B 518 0.19 -14.75 -39.49
CA THR B 518 -0.39 -15.00 -40.80
C THR B 518 -1.64 -14.17 -41.09
N VAL B 519 -2.27 -13.60 -40.08
CA VAL B 519 -3.44 -12.74 -40.24
C VAL B 519 -3.06 -11.36 -39.73
N CYS B 520 -3.14 -10.36 -40.60
CA CYS B 520 -2.74 -9.00 -40.27
C CYS B 520 -3.77 -8.01 -40.79
N GLY B 521 -3.70 -6.79 -40.26
CA GLY B 521 -4.60 -5.74 -40.68
C GLY B 521 -4.16 -5.09 -41.97
N PRO B 522 -4.95 -4.11 -42.42
CA PRO B 522 -4.62 -3.42 -43.68
C PRO B 522 -3.48 -2.43 -43.55
N LYS B 523 -2.80 -2.43 -42.40
CA LYS B 523 -1.70 -1.51 -42.18
C LYS B 523 -0.57 -1.77 -43.17
N LYS B 524 -0.05 -0.69 -43.76
CA LYS B 524 1.01 -0.77 -44.75
C LYS B 524 2.38 -0.69 -44.07
N SER B 525 3.30 -1.51 -44.55
CA SER B 525 4.64 -1.54 -43.99
C SER B 525 5.49 -0.40 -44.55
N THR B 526 6.58 -0.10 -43.85
CA THR B 526 7.56 0.89 -44.27
C THR B 526 8.94 0.21 -44.35
N ASN B 527 9.96 1.03 -44.56
CA ASN B 527 11.33 0.51 -44.59
C ASN B 527 11.81 0.23 -43.16
N LEU B 528 12.80 -0.66 -43.07
CA LEU B 528 13.37 -1.04 -41.77
C LEU B 528 14.55 -0.11 -41.48
N VAL B 529 14.26 0.99 -40.79
CA VAL B 529 15.29 1.95 -40.44
C VAL B 529 16.09 1.44 -39.25
N LYS B 530 17.40 1.45 -39.37
CA LYS B 530 18.29 0.92 -38.35
C LYS B 530 19.17 2.04 -37.78
N ASN B 531 19.69 1.76 -36.58
CA ASN B 531 20.68 2.61 -35.90
C ASN B 531 20.14 4.00 -35.60
N LYS B 532 18.82 4.18 -35.52
CA LYS B 532 18.21 5.45 -35.20
C LYS B 532 17.06 5.24 -34.23
N CYS B 533 16.88 6.21 -33.32
CA CYS B 533 15.77 6.19 -32.38
C CYS B 533 14.48 6.44 -33.14
N VAL B 534 13.67 5.39 -33.32
CA VAL B 534 12.43 5.46 -34.08
C VAL B 534 11.33 4.75 -33.30
N ASN B 535 10.09 5.02 -33.72
CA ASN B 535 8.94 4.24 -33.28
C ASN B 535 8.75 3.06 -34.21
N PHE B 536 8.72 1.85 -33.66
CA PHE B 536 8.64 0.63 -34.43
C PHE B 536 7.35 -0.11 -34.12
N ASN B 537 6.87 -0.84 -35.13
CA ASN B 537 5.65 -1.64 -35.04
C ASN B 537 5.92 -2.97 -35.74
N PHE B 538 6.20 -4.01 -34.97
CA PHE B 538 6.50 -5.34 -35.48
C PHE B 538 5.33 -6.26 -35.18
N ASN B 539 4.50 -6.51 -36.19
CA ASN B 539 3.34 -7.41 -36.07
C ASN B 539 2.43 -7.02 -34.93
N GLY B 540 2.20 -5.71 -34.77
CA GLY B 540 1.38 -5.20 -33.69
C GLY B 540 2.14 -4.85 -32.43
N LEU B 541 3.37 -5.31 -32.28
CA LEU B 541 4.20 -4.96 -31.14
C LEU B 541 4.74 -3.56 -31.36
N THR B 542 4.22 -2.59 -30.60
CA THR B 542 4.58 -1.19 -30.76
C THR B 542 5.57 -0.79 -29.70
N GLY B 543 6.58 -0.02 -30.09
CA GLY B 543 7.57 0.46 -29.13
C GLY B 543 8.37 1.60 -29.70
N THR B 544 9.27 2.11 -28.87
CA THR B 544 10.19 3.18 -29.26
C THR B 544 11.60 2.79 -28.87
N GLY B 545 12.54 2.98 -29.78
CA GLY B 545 13.92 2.65 -29.48
C GLY B 545 14.77 2.64 -30.72
N VAL B 546 16.00 2.16 -30.55
CA VAL B 546 16.98 2.03 -31.63
C VAL B 546 17.06 0.55 -32.00
N LEU B 547 16.94 0.27 -33.30
CA LEU B 547 17.03 -1.09 -33.83
C LEU B 547 18.42 -1.28 -34.41
N THR B 548 19.14 -2.29 -33.93
CA THR B 548 20.47 -2.59 -34.41
C THR B 548 20.55 -4.05 -34.83
N GLU B 549 21.52 -4.36 -35.69
CA GLU B 549 21.72 -5.75 -36.08
C GLU B 549 22.14 -6.58 -34.87
N SER B 550 21.48 -7.71 -34.69
CA SER B 550 21.65 -8.53 -33.50
C SER B 550 22.59 -9.69 -33.76
N ASN B 551 23.44 -9.98 -32.78
CA ASN B 551 24.30 -11.15 -32.81
C ASN B 551 23.70 -12.34 -32.08
N LYS B 552 22.48 -12.21 -31.56
CA LYS B 552 21.84 -13.29 -30.83
C LYS B 552 21.53 -14.46 -31.78
N LYS B 553 21.83 -15.68 -31.31
CA LYS B 553 21.65 -16.88 -32.11
C LYS B 553 20.22 -17.38 -31.92
N PHE B 554 19.29 -16.72 -32.60
CA PHE B 554 17.89 -17.12 -32.55
C PHE B 554 17.71 -18.46 -33.26
N LEU B 555 16.95 -19.35 -32.63
CA LEU B 555 16.58 -20.58 -33.30
C LEU B 555 15.46 -20.31 -34.30
N PRO B 556 15.33 -21.15 -35.34
CA PRO B 556 14.37 -20.85 -36.41
C PRO B 556 12.94 -20.66 -35.95
N PHE B 557 12.51 -21.37 -34.90
CA PHE B 557 11.14 -21.24 -34.43
C PHE B 557 10.93 -20.01 -33.55
N GLN B 558 12.00 -19.36 -33.10
CA GLN B 558 11.88 -18.21 -32.22
C GLN B 558 11.68 -16.93 -33.03
N GLN B 559 10.83 -16.04 -32.52
CA GLN B 559 10.49 -14.81 -33.20
C GLN B 559 10.84 -13.54 -32.43
N PHE B 560 10.99 -13.61 -31.12
CA PHE B 560 11.39 -12.44 -30.35
C PHE B 560 12.03 -12.90 -29.04
N GLY B 561 12.82 -12.02 -28.46
CA GLY B 561 13.48 -12.29 -27.19
C GLY B 561 13.04 -11.29 -26.13
N ARG B 562 12.98 -11.76 -24.89
CA ARG B 562 12.54 -10.94 -23.77
C ARG B 562 13.65 -10.84 -22.73
N ASP B 563 13.71 -9.69 -22.07
CA ASP B 563 14.71 -9.41 -21.06
C ASP B 563 14.18 -9.79 -19.67
N ILE B 564 14.88 -9.31 -18.63
CA ILE B 564 14.48 -9.63 -17.26
C ILE B 564 13.10 -9.06 -16.95
N ALA B 565 12.82 -7.84 -17.42
CA ALA B 565 11.55 -7.19 -17.15
C ALA B 565 10.42 -7.68 -18.05
N ASP B 566 10.59 -8.82 -18.72
CA ASP B 566 9.58 -9.40 -19.60
C ASP B 566 9.19 -8.46 -20.74
N THR B 567 10.13 -7.62 -21.16
CA THR B 567 9.92 -6.72 -22.29
C THR B 567 10.74 -7.19 -23.48
N THR B 568 10.23 -6.93 -24.68
CA THR B 568 10.88 -7.39 -25.90
C THR B 568 12.16 -6.60 -26.13
N ASP B 569 13.30 -7.29 -26.07
CA ASP B 569 14.60 -6.69 -26.34
C ASP B 569 15.22 -7.15 -27.65
N ALA B 570 14.66 -8.17 -28.30
CA ALA B 570 15.10 -8.60 -29.61
C ALA B 570 13.88 -9.08 -30.38
N VAL B 571 13.87 -8.82 -31.70
CA VAL B 571 12.73 -9.14 -32.53
C VAL B 571 13.21 -9.62 -33.90
N ARG B 572 12.43 -10.52 -34.49
CA ARG B 572 12.71 -11.00 -35.85
C ARG B 572 11.80 -10.26 -36.83
N ASP B 573 12.40 -9.68 -37.85
CA ASP B 573 11.63 -8.95 -38.85
C ASP B 573 10.75 -9.91 -39.63
N PRO B 574 9.45 -9.61 -39.78
CA PRO B 574 8.56 -10.57 -40.46
C PRO B 574 8.88 -10.79 -41.92
N GLN B 575 9.64 -9.90 -42.56
CA GLN B 575 9.95 -10.02 -43.98
C GLN B 575 11.38 -10.45 -44.25
N THR B 576 12.37 -9.75 -43.67
CA THR B 576 13.76 -10.12 -43.89
C THR B 576 14.21 -11.29 -43.02
N LEU B 577 13.44 -11.63 -41.99
CA LEU B 577 13.73 -12.77 -41.11
C LEU B 577 15.10 -12.64 -40.44
N GLU B 578 15.52 -11.41 -40.16
CA GLU B 578 16.76 -11.15 -39.46
C GLU B 578 16.47 -10.64 -38.05
N ILE B 579 17.41 -10.87 -37.14
CA ILE B 579 17.22 -10.55 -35.73
C ILE B 579 17.75 -9.15 -35.48
N LEU B 580 16.97 -8.36 -34.74
CA LEU B 580 17.32 -6.99 -34.42
C LEU B 580 17.22 -6.77 -32.91
N ASP B 581 18.26 -6.19 -32.33
CA ASP B 581 18.24 -5.76 -30.94
C ASP B 581 17.55 -4.42 -30.82
N ILE B 582 16.73 -4.28 -29.78
CA ILE B 582 16.00 -3.05 -29.48
C ILE B 582 16.60 -2.46 -28.22
N THR B 583 17.11 -1.23 -28.34
CA THR B 583 17.70 -0.55 -27.20
C THR B 583 16.96 0.76 -26.95
N PRO B 584 16.53 1.05 -25.72
CA PRO B 584 15.85 2.32 -25.46
C PRO B 584 16.74 3.51 -25.83
N CYS B 585 16.10 4.56 -26.35
CA CYS B 585 16.83 5.72 -26.83
C CYS B 585 17.61 6.39 -25.71
N SER B 586 18.56 7.24 -26.10
CA SER B 586 19.44 7.88 -25.14
C SER B 586 18.64 8.70 -24.13
N PHE B 587 19.02 8.57 -22.86
CA PHE B 587 18.28 9.18 -21.76
C PHE B 587 19.24 9.38 -20.59
N GLY B 588 18.77 10.09 -19.58
CA GLY B 588 19.55 10.22 -18.36
C GLY B 588 19.04 11.34 -17.49
N GLY B 589 19.27 11.18 -16.19
CA GLY B 589 18.85 12.20 -15.23
C GLY B 589 19.67 13.48 -15.35
N VAL B 590 19.01 14.59 -15.01
CA VAL B 590 19.61 15.91 -15.09
C VAL B 590 19.49 16.58 -13.73
N SER B 591 20.61 17.10 -13.23
CA SER B 591 20.65 17.84 -11.98
C SER B 591 21.03 19.28 -12.27
N VAL B 592 20.46 20.21 -11.49
CA VAL B 592 20.73 21.63 -11.63
C VAL B 592 21.45 22.11 -10.38
N ILE B 593 22.62 22.73 -10.58
CA ILE B 593 23.44 23.25 -9.50
C ILE B 593 23.33 24.77 -9.54
N THR B 594 22.86 25.34 -8.43
CA THR B 594 22.69 26.79 -8.33
C THR B 594 23.26 27.29 -7.02
N PRO B 595 23.85 28.50 -7.02
CA PRO B 595 24.31 29.10 -5.76
C PRO B 595 23.21 29.75 -4.94
N GLY B 596 21.97 29.66 -5.40
CA GLY B 596 20.85 30.31 -4.73
C GLY B 596 20.37 31.49 -5.53
N THR B 597 19.04 31.62 -5.65
CA THR B 597 18.47 32.75 -6.38
C THR B 597 18.75 34.08 -5.70
N ASN B 598 18.99 34.08 -4.39
CA ASN B 598 19.37 35.30 -3.70
C ASN B 598 20.76 35.79 -4.09
N THR B 599 21.57 34.94 -4.69
CA THR B 599 22.94 35.30 -5.07
C THR B 599 23.06 35.56 -6.57
N SER B 600 22.67 34.60 -7.40
CA SER B 600 22.77 34.75 -8.85
C SER B 600 21.78 33.82 -9.52
N ASN B 601 21.48 34.12 -10.79
CA ASN B 601 20.62 33.29 -11.61
C ASN B 601 21.39 32.28 -12.44
N GLN B 602 22.72 32.31 -12.40
CA GLN B 602 23.53 31.36 -13.16
C GLN B 602 23.39 29.97 -12.58
N VAL B 603 23.30 28.96 -13.46
CA VAL B 603 23.15 27.57 -13.05
C VAL B 603 24.09 26.71 -13.87
N ALA B 604 24.38 25.52 -13.35
CA ALA B 604 25.14 24.50 -14.05
C ALA B 604 24.28 23.25 -14.18
N VAL B 605 24.49 22.49 -15.24
CA VAL B 605 23.68 21.31 -15.54
C VAL B 605 24.58 20.08 -15.52
N LEU B 606 24.21 19.09 -14.72
CA LEU B 606 24.94 17.84 -14.62
C LEU B 606 24.08 16.72 -15.20
N TYR B 607 24.51 16.16 -16.32
CA TYR B 607 23.88 14.97 -16.89
C TYR B 607 24.52 13.77 -16.20
N GLN B 608 23.73 13.07 -15.39
CA GLN B 608 24.27 12.06 -14.49
C GLN B 608 24.51 10.75 -15.23
N GLY B 609 25.68 10.16 -15.03
CA GLY B 609 26.01 8.89 -15.64
C GLY B 609 25.98 8.92 -17.15
N VAL B 610 26.40 10.04 -17.75
CA VAL B 610 26.34 10.22 -19.19
C VAL B 610 27.70 10.73 -19.66
N ASN B 611 28.28 10.07 -20.65
CA ASN B 611 29.52 10.53 -21.26
C ASN B 611 29.35 11.90 -21.89
N CYS B 612 30.36 12.75 -21.71
CA CYS B 612 30.26 14.14 -22.15
C CYS B 612 30.06 14.26 -23.65
N THR B 613 30.58 13.30 -24.43
CA THR B 613 30.34 13.29 -25.87
C THR B 613 28.96 12.76 -26.24
N GLU B 614 28.26 12.14 -25.29
CA GLU B 614 26.93 11.60 -25.53
C GLU B 614 25.82 12.58 -25.16
N VAL B 615 26.16 13.78 -24.70
CA VAL B 615 25.15 14.79 -24.36
C VAL B 615 24.44 15.23 -25.64
N PRO B 616 23.11 15.22 -25.68
CA PRO B 616 22.41 15.60 -26.92
C PRO B 616 22.68 17.05 -27.29
N VAL B 617 22.86 17.28 -28.59
CA VAL B 617 23.12 18.62 -29.12
C VAL B 617 22.08 18.95 -30.18
N ALA B 618 20.87 18.41 -30.01
CA ALA B 618 19.81 18.65 -30.98
C ALA B 618 19.44 20.12 -31.04
N ILE B 619 19.20 20.60 -32.26
CA ILE B 619 18.86 22.01 -32.49
C ILE B 619 17.36 22.23 -32.60
N HIS B 620 16.54 21.18 -32.50
CA HIS B 620 15.10 21.28 -32.60
C HIS B 620 14.47 20.79 -31.31
N ALA B 621 13.42 21.50 -30.87
CA ALA B 621 12.75 21.14 -29.62
C ALA B 621 12.01 19.82 -29.72
N ASP B 622 11.64 19.39 -30.93
CA ASP B 622 10.94 18.12 -31.10
C ASP B 622 11.85 16.91 -31.06
N GLN B 623 13.16 17.11 -31.16
CA GLN B 623 14.11 16.00 -31.17
C GLN B 623 14.70 15.71 -29.79
N LEU B 624 14.43 16.54 -28.80
CA LEU B 624 15.02 16.35 -27.47
C LEU B 624 14.17 17.08 -26.45
N THR B 625 14.01 16.46 -25.27
CA THR B 625 13.32 17.06 -24.14
C THR B 625 14.23 17.05 -22.92
N PRO B 626 14.19 18.11 -22.09
CA PRO B 626 13.37 19.33 -22.18
C PRO B 626 13.80 20.25 -23.32
N THR B 627 12.99 21.27 -23.62
CA THR B 627 13.24 22.11 -24.79
C THR B 627 14.43 23.05 -24.59
N TRP B 628 14.81 23.35 -23.36
CA TRP B 628 15.91 24.28 -23.14
C TRP B 628 17.24 23.62 -23.47
N ARG B 629 18.21 24.46 -23.85
CA ARG B 629 19.55 24.00 -24.20
C ARG B 629 20.58 24.86 -23.47
N VAL B 630 21.72 24.25 -23.16
CA VAL B 630 22.80 24.94 -22.47
C VAL B 630 24.11 24.74 -23.22
N VAL B 637 32.53 22.75 -20.34
CA VAL B 637 32.18 21.34 -20.34
C VAL B 637 33.28 20.52 -19.67
N PHE B 638 32.91 19.80 -18.61
CA PHE B 638 33.85 18.98 -17.85
C PHE B 638 33.25 17.60 -17.65
N GLN B 639 34.12 16.60 -17.56
CA GLN B 639 33.70 15.21 -17.41
C GLN B 639 34.13 14.71 -16.04
N THR B 640 33.17 14.25 -15.24
CA THR B 640 33.42 13.64 -13.94
C THR B 640 32.83 12.24 -13.95
N ARG B 641 33.26 11.43 -12.95
CA ARG B 641 32.69 10.10 -12.80
C ARG B 641 31.19 10.15 -12.51
N ALA B 642 30.68 11.29 -12.06
CA ALA B 642 29.25 11.46 -11.85
C ALA B 642 28.51 11.85 -13.12
N GLY B 643 29.21 12.28 -14.16
CA GLY B 643 28.57 12.59 -15.42
C GLY B 643 29.19 13.80 -16.07
N CYS B 644 28.42 14.45 -16.93
CA CYS B 644 28.91 15.59 -17.70
C CYS B 644 28.38 16.88 -17.10
N LEU B 645 29.29 17.77 -16.71
CA LEU B 645 28.95 19.04 -16.08
C LEU B 645 29.14 20.16 -17.11
N ILE B 646 28.10 20.95 -17.33
CA ILE B 646 28.11 22.03 -18.31
C ILE B 646 27.72 23.31 -17.61
N GLY B 647 28.50 24.37 -17.82
CA GLY B 647 28.27 25.65 -17.18
C GLY B 647 29.15 25.95 -15.99
N ALA B 648 30.08 25.05 -15.65
CA ALA B 648 31.01 25.25 -14.55
C ALA B 648 32.44 25.10 -15.08
N GLU B 649 33.31 25.99 -14.65
CA GLU B 649 34.70 26.00 -15.08
C GLU B 649 35.54 25.24 -14.06
N TYR B 650 36.22 24.18 -14.52
CA TYR B 650 37.06 23.39 -13.63
C TYR B 650 38.36 24.14 -13.35
N VAL B 651 38.76 24.15 -12.07
CA VAL B 651 39.97 24.82 -11.64
C VAL B 651 40.85 23.82 -10.91
N ASN B 652 42.16 24.09 -10.93
CA ASN B 652 43.12 23.22 -10.29
C ASN B 652 43.23 23.44 -8.79
N ASN B 653 42.66 24.52 -8.26
CA ASN B 653 42.69 24.76 -6.83
C ASN B 653 41.72 23.85 -6.11
N SER B 654 41.94 23.70 -4.79
CA SER B 654 41.12 22.85 -3.95
C SER B 654 40.57 23.67 -2.79
N TYR B 655 39.26 23.58 -2.56
CA TYR B 655 38.58 24.26 -1.47
C TYR B 655 37.70 23.26 -0.75
N GLU B 656 37.09 23.72 0.35
CA GLU B 656 36.09 22.91 1.03
C GLU B 656 34.86 22.73 0.14
N CYS B 657 34.22 21.57 0.27
CA CYS B 657 33.08 21.25 -0.59
C CYS B 657 31.90 22.18 -0.27
N ASP B 658 31.47 22.93 -1.28
CA ASP B 658 30.31 23.81 -1.14
C ASP B 658 29.04 23.12 -1.62
N ILE B 659 29.01 22.71 -2.89
CA ILE B 659 27.90 21.96 -3.46
C ILE B 659 28.43 20.62 -3.94
N PRO B 660 28.07 19.51 -3.29
CA PRO B 660 28.64 18.21 -3.65
C PRO B 660 28.10 17.72 -5.00
N ILE B 661 28.98 17.67 -6.00
CA ILE B 661 28.62 17.09 -7.29
C ILE B 661 28.75 15.58 -7.26
N GLY B 662 29.84 15.08 -6.70
CA GLY B 662 30.05 13.64 -6.59
C GLY B 662 31.43 13.22 -7.07
N ALA B 663 31.85 12.04 -6.62
CA ALA B 663 33.14 11.45 -7.00
C ALA B 663 34.30 12.41 -6.69
N GLY B 664 34.23 13.08 -5.54
CA GLY B 664 35.24 14.02 -5.15
C GLY B 664 35.16 15.38 -5.81
N ILE B 665 34.14 15.62 -6.63
CA ILE B 665 33.98 16.88 -7.34
C ILE B 665 32.90 17.69 -6.64
N CYS B 666 33.20 18.97 -6.40
CA CYS B 666 32.26 19.90 -5.79
C CYS B 666 32.20 21.17 -6.62
N ALA B 667 31.14 21.93 -6.43
CA ALA B 667 30.91 23.17 -7.17
C ALA B 667 30.71 24.33 -6.19
N SER B 668 31.08 25.52 -6.63
CA SER B 668 30.96 26.71 -5.81
C SER B 668 30.77 27.93 -6.69
N TYR B 669 30.39 29.05 -6.06
CA TYR B 669 30.22 30.32 -6.74
C TYR B 669 31.37 31.23 -6.31
N GLN B 670 32.25 31.56 -7.24
CA GLN B 670 33.41 32.40 -6.93
C GLN B 670 33.55 33.54 -7.93
N GLN B 682 31.22 35.37 -9.08
CA GLN B 682 31.09 35.88 -10.45
C GLN B 682 30.71 34.76 -11.41
N SER B 683 31.15 33.54 -11.11
CA SER B 683 30.86 32.40 -11.95
C SER B 683 30.90 31.12 -11.12
N ILE B 684 30.30 30.07 -11.66
CA ILE B 684 30.28 28.77 -11.01
C ILE B 684 31.52 27.99 -11.43
N ILE B 685 32.25 27.49 -10.45
CA ILE B 685 33.48 26.74 -10.69
C ILE B 685 33.33 25.35 -10.08
N ALA B 686 34.02 24.38 -10.67
CA ALA B 686 34.07 23.01 -10.19
C ALA B 686 35.50 22.67 -9.81
N TYR B 687 35.65 21.86 -8.77
CA TYR B 687 36.98 21.56 -8.25
C TYR B 687 36.93 20.22 -7.52
N THR B 688 38.12 19.74 -7.17
CA THR B 688 38.27 18.56 -6.32
C THR B 688 38.36 19.02 -4.88
N MET B 689 37.46 18.53 -4.04
CA MET B 689 37.39 19.00 -2.66
C MET B 689 38.66 18.61 -1.90
N SER B 690 39.12 19.53 -1.05
CA SER B 690 40.31 19.30 -0.24
C SER B 690 39.92 18.61 1.06
N LEU B 691 40.68 17.58 1.43
CA LEU B 691 40.37 16.85 2.65
C LEU B 691 40.74 17.63 3.90
N GLY B 692 41.75 18.49 3.82
CA GLY B 692 42.15 19.27 4.96
C GLY B 692 43.50 19.93 4.72
N ALA B 693 43.94 20.65 5.74
CA ALA B 693 45.22 21.35 5.66
C ALA B 693 46.38 20.36 5.71
N GLU B 694 47.43 20.66 4.95
CA GLU B 694 48.61 19.81 4.94
C GLU B 694 49.37 19.95 6.26
N ASN B 695 49.83 18.82 6.79
CA ASN B 695 50.56 18.80 8.04
C ASN B 695 51.55 17.64 8.04
N SER B 696 52.58 17.76 8.86
CA SER B 696 53.60 16.73 8.99
C SER B 696 54.17 16.79 10.40
N VAL B 697 54.02 15.71 11.15
CA VAL B 697 54.51 15.65 12.52
C VAL B 697 55.99 15.32 12.51
N ALA B 698 56.78 16.09 13.26
CA ALA B 698 58.23 15.92 13.31
C ALA B 698 58.57 14.78 14.28
N TYR B 699 58.38 13.56 13.80
CA TYR B 699 58.69 12.38 14.60
C TYR B 699 60.20 12.19 14.71
N SER B 700 60.63 11.67 15.85
CA SER B 700 62.04 11.37 16.09
C SER B 700 62.15 10.32 17.17
N ASN B 701 63.35 9.73 17.28
CA ASN B 701 63.59 8.70 18.28
C ASN B 701 63.50 9.24 19.71
N ASN B 702 63.85 10.51 19.91
CA ASN B 702 63.98 11.04 21.28
C ASN B 702 63.42 12.46 21.39
N SER B 703 62.44 12.83 20.57
CA SER B 703 61.87 14.17 20.58
C SER B 703 60.43 14.11 21.06
N ILE B 704 60.08 15.04 21.95
CA ILE B 704 58.73 15.14 22.49
C ILE B 704 58.27 16.59 22.41
N ALA B 705 56.96 16.79 22.39
CA ALA B 705 56.35 18.11 22.40
C ALA B 705 55.45 18.20 23.62
N ILE B 706 55.77 19.14 24.53
CA ILE B 706 55.04 19.33 25.77
C ILE B 706 54.36 20.69 25.71
N PRO B 707 53.06 20.78 25.97
CA PRO B 707 52.38 22.08 25.93
C PRO B 707 52.80 22.97 27.10
N THR B 708 53.00 24.25 26.80
CA THR B 708 53.33 25.25 27.81
C THR B 708 52.17 26.17 28.14
N ASN B 709 51.12 26.17 27.32
CA ASN B 709 49.85 26.84 27.55
C ASN B 709 48.67 25.92 27.38
N PHE B 710 47.49 26.46 27.70
CA PHE B 710 46.22 25.80 27.49
C PHE B 710 45.18 26.85 27.12
N THR B 711 44.08 26.37 26.55
CA THR B 711 42.95 27.21 26.17
C THR B 711 41.67 26.54 26.66
N ILE B 712 40.82 27.32 27.33
CA ILE B 712 39.51 26.83 27.75
C ILE B 712 38.54 27.06 26.60
N SER B 713 38.11 25.97 25.96
CA SER B 713 37.29 26.04 24.77
C SER B 713 35.85 25.62 25.09
N VAL B 714 34.89 26.42 24.66
CA VAL B 714 33.48 26.10 24.83
C VAL B 714 32.88 25.86 23.45
N THR B 715 32.39 24.65 23.23
CA THR B 715 31.77 24.28 21.96
C THR B 715 30.29 23.99 22.17
N THR B 716 29.53 24.02 21.07
CA THR B 716 28.09 23.84 21.11
C THR B 716 27.70 22.59 20.34
N GLU B 717 26.89 21.73 20.97
CA GLU B 717 26.36 20.54 20.32
C GLU B 717 24.85 20.53 20.46
N ILE B 718 24.15 20.48 19.32
CA ILE B 718 22.69 20.53 19.29
C ILE B 718 22.17 19.14 18.97
N LEU B 719 21.26 18.63 19.81
CA LEU B 719 20.72 17.29 19.64
C LEU B 719 19.19 17.37 19.70
N PRO B 720 18.49 16.93 18.65
CA PRO B 720 17.03 16.86 18.73
C PRO B 720 16.60 15.84 19.79
N VAL B 721 15.49 16.15 20.45
CA VAL B 721 14.95 15.32 21.53
C VAL B 721 13.59 14.76 21.18
N SER B 722 12.67 15.63 20.75
CA SER B 722 11.31 15.21 20.44
C SER B 722 10.86 15.90 19.15
N MET B 723 9.86 15.30 18.50
CA MET B 723 9.24 15.85 17.31
C MET B 723 7.80 16.25 17.62
N THR B 724 7.11 16.74 16.59
CA THR B 724 5.74 17.20 16.76
C THR B 724 4.80 16.01 16.94
N LYS B 725 3.93 16.09 17.94
CA LYS B 725 2.92 15.07 18.17
C LYS B 725 1.72 15.35 17.29
N THR B 726 1.39 14.42 16.40
CA THR B 726 0.35 14.61 15.40
C THR B 726 -0.77 13.61 15.63
N SER B 727 -2.01 14.09 15.59
CA SER B 727 -3.20 13.25 15.67
C SER B 727 -3.98 13.38 14.38
N VAL B 728 -4.43 12.25 13.84
CA VAL B 728 -5.15 12.21 12.57
C VAL B 728 -6.47 11.48 12.80
N ASP B 729 -7.56 12.10 12.36
CA ASP B 729 -8.88 11.48 12.38
C ASP B 729 -9.20 10.99 10.97
N CYS B 730 -9.39 9.67 10.82
CA CYS B 730 -9.64 9.10 9.50
C CYS B 730 -10.96 9.59 8.92
N THR B 731 -12.01 9.66 9.72
CA THR B 731 -13.32 9.98 9.18
C THR B 731 -13.31 11.33 8.49
N MET B 732 -12.63 12.33 9.08
CA MET B 732 -12.57 13.65 8.47
C MET B 732 -11.64 13.67 7.27
N TYR B 733 -10.47 13.04 7.37
CA TYR B 733 -9.50 13.11 6.29
C TYR B 733 -9.99 12.35 5.06
N ILE B 734 -10.40 11.10 5.22
CA ILE B 734 -10.81 10.28 4.10
C ILE B 734 -12.18 10.70 3.58
N CYS B 735 -13.12 10.95 4.48
CA CYS B 735 -14.50 11.21 4.10
C CYS B 735 -14.91 12.67 4.32
N GLY B 736 -14.75 13.18 5.54
CA GLY B 736 -15.16 14.54 5.82
C GLY B 736 -16.66 14.73 5.84
N ASP B 737 -17.31 14.17 6.86
CA ASP B 737 -18.76 14.30 7.05
C ASP B 737 -19.55 13.73 5.87
N SER B 738 -19.16 12.52 5.45
CA SER B 738 -19.86 11.81 4.39
C SER B 738 -20.27 10.44 4.94
N THR B 739 -21.59 10.25 5.10
CA THR B 739 -22.08 8.99 5.68
C THR B 739 -21.81 7.81 4.76
N GLU B 740 -22.02 7.99 3.45
CA GLU B 740 -21.76 6.91 2.50
C GLU B 740 -20.29 6.52 2.50
N CYS B 741 -19.41 7.52 2.51
CA CYS B 741 -17.97 7.22 2.56
C CYS B 741 -17.60 6.52 3.85
N SER B 742 -18.20 6.92 4.97
CA SER B 742 -17.92 6.27 6.24
C SER B 742 -18.37 4.80 6.22
N ASN B 743 -19.57 4.55 5.67
CA ASN B 743 -20.06 3.19 5.57
C ASN B 743 -19.17 2.34 4.68
N LEU B 744 -18.67 2.92 3.58
CA LEU B 744 -17.77 2.18 2.70
C LEU B 744 -16.42 1.93 3.37
N LEU B 745 -15.94 2.91 4.16
CA LEU B 745 -14.66 2.76 4.84
C LEU B 745 -14.74 1.74 5.97
N LEU B 746 -15.93 1.56 6.57
CA LEU B 746 -16.08 0.56 7.61
C LEU B 746 -15.78 -0.85 7.11
N GLN B 747 -15.82 -1.07 5.80
CA GLN B 747 -15.54 -2.38 5.24
C GLN B 747 -14.05 -2.70 5.14
N TYR B 748 -13.18 -1.73 5.43
CA TYR B 748 -11.74 -1.95 5.33
C TYR B 748 -11.12 -2.44 6.63
N GLY B 749 -11.92 -2.69 7.66
CA GLY B 749 -11.40 -3.29 8.88
C GLY B 749 -10.81 -2.30 9.87
N SER B 750 -9.65 -2.65 10.42
CA SER B 750 -9.02 -1.87 11.49
C SER B 750 -7.76 -1.17 11.03
N PHE B 751 -7.66 -0.83 9.74
CA PHE B 751 -6.50 -0.08 9.25
C PHE B 751 -6.34 1.23 10.00
N CYS B 752 -7.44 1.96 10.15
CA CYS B 752 -7.40 3.25 10.83
C CYS B 752 -7.17 3.09 12.33
N THR B 753 -7.66 2.00 12.92
CA THR B 753 -7.33 1.73 14.31
C THR B 753 -5.82 1.56 14.48
N GLN B 754 -5.18 0.86 13.55
CA GLN B 754 -3.73 0.72 13.58
C GLN B 754 -3.03 2.06 13.39
N LEU B 755 -3.53 2.88 12.46
CA LEU B 755 -2.91 4.19 12.23
C LEU B 755 -3.00 5.06 13.48
N LYS B 756 -4.17 5.10 14.11
CA LYS B 756 -4.35 5.88 15.33
C LYS B 756 -3.48 5.34 16.46
N ARG B 757 -3.37 4.01 16.58
CA ARG B 757 -2.53 3.42 17.60
C ARG B 757 -1.07 3.79 17.40
N ALA B 758 -0.59 3.75 16.15
CA ALA B 758 0.79 4.12 15.87
C ALA B 758 1.05 5.59 16.17
N LEU B 759 0.12 6.46 15.79
CA LEU B 759 0.28 7.88 16.07
C LEU B 759 0.29 8.16 17.57
N THR B 760 -0.60 7.48 18.32
CA THR B 760 -0.61 7.65 19.77
C THR B 760 0.69 7.14 20.40
N GLY B 761 1.21 6.03 19.88
CA GLY B 761 2.49 5.54 20.37
C GLY B 761 3.61 6.53 20.14
N ILE B 762 3.65 7.14 18.95
CA ILE B 762 4.66 8.14 18.66
C ILE B 762 4.52 9.34 19.59
N ALA B 763 3.27 9.79 19.81
CA ALA B 763 3.04 10.94 20.68
C ALA B 763 3.48 10.65 22.11
N VAL B 764 3.20 9.44 22.61
CA VAL B 764 3.65 9.07 23.95
C VAL B 764 5.17 8.97 24.01
N GLU B 765 5.78 8.41 22.96
CA GLU B 765 7.23 8.28 22.91
C GLU B 765 7.92 9.63 22.92
N GLN B 766 7.30 10.65 22.34
CA GLN B 766 7.89 11.99 22.36
C GLN B 766 8.04 12.50 23.80
N ASP B 767 6.97 12.41 24.58
CA ASP B 767 7.04 12.82 25.98
C ASP B 767 8.00 11.95 26.77
N LYS B 768 8.04 10.65 26.43
CA LYS B 768 8.99 9.76 27.10
C LYS B 768 10.43 10.19 26.83
N ASN B 769 10.74 10.56 25.59
CA ASN B 769 12.08 11.04 25.24
C ASN B 769 12.40 12.32 25.99
N THR B 770 11.46 13.26 26.03
CA THR B 770 11.70 14.50 26.76
C THR B 770 11.97 14.25 28.24
N GLN B 771 11.18 13.37 28.85
CA GLN B 771 11.36 13.04 30.25
C GLN B 771 12.71 12.36 30.50
N GLU B 772 13.11 11.46 29.60
CA GLU B 772 14.41 10.81 29.74
C GLU B 772 15.55 11.82 29.64
N VAL B 773 15.45 12.75 28.70
CA VAL B 773 16.55 13.68 28.47
C VAL B 773 16.66 14.68 29.62
N PHE B 774 15.53 15.26 30.04
CA PHE B 774 15.59 16.40 30.94
C PHE B 774 15.29 16.05 32.40
N ALA B 775 14.35 15.14 32.66
CA ALA B 775 13.97 14.79 34.03
C ALA B 775 14.93 13.72 34.56
N GLN B 776 16.19 14.14 34.74
CA GLN B 776 17.23 13.25 35.24
C GLN B 776 17.48 13.39 36.73
N VAL B 777 17.04 14.48 37.34
CA VAL B 777 17.21 14.71 38.77
C VAL B 777 15.84 14.90 39.41
N LYS B 778 15.70 14.41 40.64
CA LYS B 778 14.45 14.52 41.39
C LYS B 778 14.41 15.74 42.29
N GLN B 779 15.48 16.52 42.36
CA GLN B 779 15.56 17.71 43.19
C GLN B 779 15.75 18.93 42.30
N ILE B 780 14.96 19.98 42.56
CA ILE B 780 15.06 21.23 41.81
C ILE B 780 16.04 22.11 42.59
N TYR B 781 17.31 21.99 42.26
CA TYR B 781 18.35 22.77 42.94
C TYR B 781 18.29 24.23 42.51
N LYS B 782 18.66 25.11 43.43
CA LYS B 782 18.64 26.55 43.20
C LYS B 782 20.04 27.12 43.43
N THR B 783 20.43 28.07 42.59
CA THR B 783 21.71 28.75 42.76
C THR B 783 21.67 29.65 43.99
N PRO B 784 22.82 29.86 44.65
CA PRO B 784 22.84 30.74 45.80
C PRO B 784 22.57 32.18 45.39
N PRO B 785 22.05 33.01 46.30
CA PRO B 785 21.77 34.41 45.94
C PRO B 785 22.98 35.17 45.48
N ILE B 786 24.15 34.89 46.03
CA ILE B 786 25.39 35.56 45.61
C ILE B 786 25.93 34.84 44.37
N LYS B 787 26.03 35.57 43.27
CA LYS B 787 26.47 34.99 41.99
C LYS B 787 27.98 35.10 41.81
N TYR B 788 28.74 34.62 42.79
CA TYR B 788 30.19 34.57 42.70
C TYR B 788 30.65 33.12 42.79
N PHE B 789 31.45 32.70 41.82
CA PHE B 789 31.95 31.34 41.76
C PHE B 789 33.44 31.35 41.41
N GLY B 790 34.21 32.18 42.09
CA GLY B 790 35.62 32.27 41.85
C GLY B 790 36.02 33.03 40.61
N GLY B 791 35.20 33.96 40.14
CA GLY B 791 35.47 34.69 38.93
C GLY B 791 34.88 34.07 37.67
N PHE B 792 34.22 32.92 37.78
CA PHE B 792 33.59 32.30 36.62
C PHE B 792 32.19 32.89 36.44
N ASN B 793 32.02 33.73 35.41
CA ASN B 793 30.70 34.23 35.01
C ASN B 793 29.80 33.13 34.50
N PHE B 794 28.56 33.10 35.01
CA PHE B 794 27.55 32.16 34.56
C PHE B 794 26.25 32.85 34.18
N SER B 795 26.26 34.17 33.98
CA SER B 795 25.02 34.89 33.73
C SER B 795 24.38 34.51 32.40
N GLN B 796 25.18 34.16 31.40
CA GLN B 796 24.63 33.83 30.09
C GLN B 796 23.94 32.48 30.06
N ILE B 797 24.17 31.63 31.05
CA ILE B 797 23.53 30.32 31.12
C ILE B 797 22.59 30.17 32.29
N LEU B 798 22.70 31.01 33.32
CA LEU B 798 21.78 30.95 34.44
C LEU B 798 20.46 31.63 34.09
N PRO B 799 19.35 31.17 34.66
CA PRO B 799 18.05 31.77 34.34
C PRO B 799 17.99 33.24 34.74
N ASP B 800 17.27 34.02 33.93
CA ASP B 800 17.14 35.45 34.15
C ASP B 800 15.82 35.73 34.85
N PRO B 801 15.82 36.21 36.09
CA PRO B 801 14.54 36.50 36.76
C PRO B 801 13.74 37.60 36.09
N SER B 802 14.38 38.50 35.35
CA SER B 802 13.66 39.59 34.70
C SER B 802 12.68 39.05 33.64
N LYS B 803 13.11 38.08 32.85
CA LYS B 803 12.25 37.54 31.82
C LYS B 803 11.11 36.74 32.45
N PRO B 804 9.89 36.86 31.93
CA PRO B 804 8.77 36.09 32.50
C PRO B 804 8.95 34.58 32.37
N SER B 805 9.64 34.12 31.33
CA SER B 805 9.85 32.69 31.11
C SER B 805 10.96 32.13 31.98
N LYS B 806 11.72 32.98 32.69
CA LYS B 806 12.83 32.54 33.53
C LYS B 806 13.86 31.75 32.73
N ARG B 807 14.12 32.20 31.51
CA ARG B 807 15.10 31.57 30.64
C ARG B 807 16.38 32.38 30.60
N SER B 808 17.50 31.68 30.41
CA SER B 808 18.78 32.34 30.29
C SER B 808 18.87 33.07 28.95
N PRO B 809 19.78 34.04 28.83
CA PRO B 809 19.94 34.72 27.52
C PRO B 809 20.23 33.75 26.39
N ILE B 810 21.03 32.72 26.63
CA ILE B 810 21.32 31.73 25.59
C ILE B 810 20.05 30.95 25.24
N GLU B 811 19.29 30.52 26.24
CA GLU B 811 18.04 29.81 25.97
C GLU B 811 17.04 30.72 25.28
N ASP B 812 16.99 31.99 25.65
CA ASP B 812 16.09 32.93 24.97
C ASP B 812 16.47 33.07 23.50
N LEU B 813 17.77 33.19 23.22
CA LEU B 813 18.22 33.31 21.83
C LEU B 813 17.93 32.03 21.05
N LEU B 814 18.10 30.86 21.67
CA LEU B 814 17.79 29.61 21.00
C LEU B 814 16.29 29.50 20.72
N PHE B 815 15.46 29.94 21.67
CA PHE B 815 14.02 29.94 21.47
C PHE B 815 13.62 30.86 20.33
N ASN B 816 14.26 32.03 20.24
CA ASN B 816 13.95 32.95 19.15
C ASN B 816 14.48 32.44 17.81
N LYS B 817 15.54 31.64 17.83
CA LYS B 817 16.16 31.19 16.59
C LYS B 817 15.39 30.08 15.89
N VAL B 818 14.52 29.37 16.60
CA VAL B 818 13.74 28.27 16.03
C VAL B 818 12.28 28.64 16.11
N THR B 819 11.61 28.62 14.97
CA THR B 819 10.18 28.95 14.88
C THR B 819 9.37 27.67 14.69
N LEU B 820 8.36 27.49 15.54
CA LEU B 820 7.52 26.30 15.50
C LEU B 820 6.33 26.54 14.59
N ALA B 821 6.06 25.59 13.69
CA ALA B 821 4.90 25.69 12.82
C ALA B 821 3.60 25.62 13.63
N ASP B 822 3.55 24.73 14.62
CA ASP B 822 2.38 24.59 15.47
C ASP B 822 2.82 24.15 16.85
N ALA B 823 2.44 24.91 17.87
CA ALA B 823 2.76 24.57 19.25
C ALA B 823 1.74 23.65 19.89
N GLY B 824 0.63 23.37 19.22
CA GLY B 824 -0.39 22.50 19.76
C GLY B 824 -1.35 23.16 20.72
N PHE B 825 -1.29 24.48 20.88
CA PHE B 825 -2.17 25.18 21.80
C PHE B 825 -3.51 25.48 21.12
N ILE B 826 -4.36 26.25 21.79
CA ILE B 826 -5.67 26.58 21.25
C ILE B 826 -5.54 27.57 20.10
N LEU B 841 -2.31 27.33 6.09
CA LEU B 841 -1.98 25.91 5.98
C LEU B 841 -2.45 25.14 7.21
N ILE B 842 -2.31 25.77 8.38
CA ILE B 842 -2.71 25.12 9.63
C ILE B 842 -4.22 24.94 9.67
N CYS B 843 -4.97 25.94 9.18
CA CYS B 843 -6.42 25.83 9.14
C CYS B 843 -6.86 24.69 8.24
N ALA B 844 -6.20 24.52 7.09
CA ALA B 844 -6.53 23.42 6.20
C ALA B 844 -6.23 22.08 6.85
N GLN B 845 -5.12 21.98 7.59
CA GLN B 845 -4.80 20.75 8.30
C GLN B 845 -5.85 20.44 9.35
N LYS B 846 -6.26 21.44 10.12
CA LYS B 846 -7.25 21.23 11.17
C LYS B 846 -8.61 20.83 10.58
N PHE B 847 -9.01 21.49 9.50
CA PHE B 847 -10.31 21.19 8.90
C PHE B 847 -10.37 19.80 8.30
N ASN B 848 -9.21 19.22 7.96
CA ASN B 848 -9.16 17.92 7.33
C ASN B 848 -8.77 16.81 8.30
N GLY B 849 -8.90 17.05 9.60
CA GLY B 849 -8.70 16.01 10.58
C GLY B 849 -7.28 15.85 11.10
N LEU B 850 -6.38 16.78 10.78
CA LEU B 850 -5.00 16.72 11.24
C LEU B 850 -4.79 17.79 12.30
N THR B 851 -4.36 17.37 13.49
CA THR B 851 -4.17 18.28 14.61
C THR B 851 -2.81 18.01 15.25
N VAL B 852 -2.33 19.01 15.98
CA VAL B 852 -1.06 18.92 16.71
C VAL B 852 -1.36 18.95 18.19
N LEU B 853 -0.89 17.93 18.91
CA LEU B 853 -1.06 17.81 20.35
C LEU B 853 0.09 18.50 21.07
N PRO B 854 -0.21 19.29 22.11
CA PRO B 854 0.86 19.98 22.83
C PRO B 854 1.70 18.98 23.61
N PRO B 855 2.99 19.26 23.79
CA PRO B 855 3.82 18.38 24.61
C PRO B 855 3.41 18.41 26.06
N LEU B 856 3.66 17.30 26.75
CA LEU B 856 3.28 17.20 28.16
C LEU B 856 4.05 18.21 29.01
N LEU B 857 5.35 18.35 28.76
CA LEU B 857 6.18 19.29 29.51
C LEU B 857 6.27 20.61 28.73
N THR B 858 5.88 21.70 29.38
CA THR B 858 5.97 23.01 28.75
C THR B 858 7.43 23.46 28.67
N ASP B 859 7.66 24.50 27.88
CA ASP B 859 9.00 25.08 27.79
C ASP B 859 9.46 25.62 29.13
N GLU B 860 8.53 26.12 29.95
CA GLU B 860 8.89 26.61 31.27
C GLU B 860 9.41 25.48 32.16
N MET B 861 8.77 24.31 32.09
CA MET B 861 9.22 23.19 32.92
C MET B 861 10.56 22.65 32.46
N ILE B 862 10.77 22.61 31.14
CA ILE B 862 12.07 22.17 30.62
C ILE B 862 13.16 23.16 31.03
N ALA B 863 12.86 24.46 30.97
CA ALA B 863 13.81 25.46 31.42
C ALA B 863 14.09 25.32 32.91
N GLN B 864 13.07 24.98 33.70
CA GLN B 864 13.29 24.78 35.13
C GLN B 864 14.17 23.55 35.39
N TYR B 865 13.96 22.48 34.64
CA TYR B 865 14.82 21.31 34.75
C TYR B 865 16.27 21.66 34.39
N THR B 866 16.45 22.42 33.30
CA THR B 866 17.78 22.84 32.90
C THR B 866 18.45 23.70 33.96
N SER B 867 17.68 24.62 34.55
CA SER B 867 18.23 25.48 35.60
C SER B 867 18.60 24.67 36.84
N ALA B 868 17.79 23.66 37.18
CA ALA B 868 18.12 22.79 38.30
C ALA B 868 19.41 22.02 38.03
N LEU B 869 19.57 21.51 36.81
CA LEU B 869 20.81 20.83 36.46
C LEU B 869 22.01 21.77 36.53
N LEU B 870 21.83 23.01 36.05
CA LEU B 870 22.90 24.01 36.11
C LEU B 870 23.28 24.30 37.55
N ALA B 871 22.30 24.52 38.42
CA ALA B 871 22.59 24.81 39.82
C ALA B 871 23.29 23.63 40.48
N GLY B 872 22.83 22.41 40.20
CA GLY B 872 23.47 21.24 40.78
C GLY B 872 24.92 21.10 40.34
N THR B 873 25.18 21.23 39.05
CA THR B 873 26.54 21.07 38.55
C THR B 873 27.44 22.24 38.92
N ILE B 874 26.87 23.40 39.25
CA ILE B 874 27.69 24.53 39.65
C ILE B 874 28.02 24.49 41.13
N THR B 875 27.06 24.11 41.97
CA THR B 875 27.23 24.14 43.41
C THR B 875 27.72 22.83 43.99
N SER B 876 27.67 21.72 43.24
CA SER B 876 28.04 20.43 43.79
C SER B 876 28.90 19.58 42.87
N GLY B 877 29.21 20.04 41.66
CA GLY B 877 30.02 19.23 40.77
C GLY B 877 29.26 18.02 40.27
N TRP B 878 29.93 16.86 40.31
CA TRP B 878 29.33 15.60 39.88
C TRP B 878 28.69 14.83 41.01
N THR B 879 28.72 15.37 42.25
CA THR B 879 28.21 14.62 43.40
C THR B 879 26.71 14.43 43.34
N PHE B 880 25.98 15.46 42.91
CA PHE B 880 24.52 15.38 42.88
C PHE B 880 24.00 14.37 41.87
N GLY B 881 24.80 14.03 40.86
CA GLY B 881 24.39 13.01 39.91
C GLY B 881 24.51 11.58 40.41
N ALA B 882 25.32 11.36 41.44
CA ALA B 882 25.52 10.03 42.00
C ALA B 882 24.91 9.87 43.39
N GLY B 883 24.24 10.89 43.91
CA GLY B 883 23.64 10.83 45.21
C GLY B 883 23.27 12.19 45.76
N PRO B 884 23.45 12.39 47.06
CA PRO B 884 23.16 13.69 47.65
C PRO B 884 24.11 14.76 47.11
N ALA B 885 23.59 15.98 46.98
CA ALA B 885 24.38 17.10 46.50
C ALA B 885 25.31 17.59 47.60
N LEU B 886 26.61 17.55 47.34
CA LEU B 886 27.62 17.99 48.29
C LEU B 886 28.20 19.31 47.81
N GLN B 887 28.03 20.35 48.61
CA GLN B 887 28.51 21.68 48.22
C GLN B 887 30.04 21.68 48.14
N ILE B 888 30.56 22.53 47.27
CA ILE B 888 31.99 22.59 46.99
C ILE B 888 32.30 23.92 46.30
N PRO B 889 33.39 24.61 46.66
CA PRO B 889 33.77 25.81 45.92
C PRO B 889 34.07 25.47 44.47
N PHE B 890 33.65 26.36 43.57
CA PHE B 890 33.80 26.10 42.14
C PHE B 890 35.25 26.01 41.68
N PRO B 891 36.18 26.87 42.10
CA PRO B 891 37.58 26.68 41.70
C PRO B 891 38.13 25.33 42.11
N MET B 892 37.73 24.82 43.27
CA MET B 892 38.16 23.49 43.70
C MET B 892 37.59 22.42 42.76
N GLN B 893 36.33 22.59 42.34
CA GLN B 893 35.74 21.65 41.38
C GLN B 893 36.47 21.67 40.04
N MET B 894 36.87 22.85 39.58
CA MET B 894 37.60 22.92 38.32
C MET B 894 38.99 22.33 38.47
N ALA B 895 39.63 22.50 39.63
CA ALA B 895 40.87 21.78 39.90
C ALA B 895 40.64 20.28 39.88
N TYR B 896 39.47 19.84 40.33
CA TYR B 896 39.14 18.43 40.33
C TYR B 896 39.11 17.92 38.88
N ARG B 897 38.42 18.67 38.02
CA ARG B 897 38.31 18.30 36.61
C ARG B 897 39.65 18.40 35.90
N PHE B 898 40.54 19.29 36.37
CA PHE B 898 41.91 19.30 35.86
C PHE B 898 42.64 18.03 36.26
N ASN B 899 42.41 17.55 37.47
CA ASN B 899 42.98 16.27 37.88
C ASN B 899 42.46 15.13 37.01
N GLY B 900 41.17 15.18 36.66
CA GLY B 900 40.59 14.12 35.84
C GLY B 900 41.20 14.03 34.45
N ILE B 901 41.67 15.16 33.92
CA ILE B 901 42.26 15.18 32.58
C ILE B 901 43.77 15.04 32.69
N GLY B 902 44.26 14.78 33.90
CA GLY B 902 45.68 14.55 34.09
C GLY B 902 46.52 15.78 34.33
N VAL B 903 45.95 16.83 34.92
CA VAL B 903 46.67 18.06 35.22
C VAL B 903 46.57 18.34 36.72
N THR B 904 47.70 18.70 37.32
CA THR B 904 47.73 18.91 38.77
C THR B 904 46.93 20.13 39.17
N GLN B 905 46.57 20.19 40.46
CA GLN B 905 45.73 21.27 40.96
C GLN B 905 46.46 22.62 40.91
N ASN B 906 47.78 22.61 41.14
CA ASN B 906 48.52 23.86 41.19
C ASN B 906 48.48 24.60 39.87
N VAL B 907 48.44 23.87 38.74
CA VAL B 907 48.34 24.51 37.44
C VAL B 907 47.10 25.38 37.37
N LEU B 908 45.99 24.90 37.93
CA LEU B 908 44.76 25.69 37.98
C LEU B 908 44.86 26.81 39.01
N TYR B 909 45.34 26.50 40.21
CA TYR B 909 45.34 27.49 41.29
C TYR B 909 46.28 28.66 41.03
N GLU B 910 47.32 28.46 40.21
CA GLU B 910 48.20 29.55 39.83
C GLU B 910 47.72 30.29 38.58
N ASN B 911 46.69 29.80 37.91
CA ASN B 911 46.15 30.43 36.71
C ASN B 911 44.64 30.57 36.78
N GLN B 912 44.10 30.72 37.99
CA GLN B 912 42.65 30.75 38.15
C GLN B 912 42.03 31.94 37.42
N LYS B 913 42.64 33.11 37.53
CA LYS B 913 42.10 34.30 36.86
C LYS B 913 42.14 34.13 35.35
N LEU B 914 43.24 33.60 34.82
CA LEU B 914 43.35 33.38 33.38
C LEU B 914 42.31 32.37 32.90
N ILE B 915 42.10 31.29 33.67
CA ILE B 915 41.11 30.29 33.29
C ILE B 915 39.71 30.88 33.31
N ALA B 916 39.38 31.67 34.34
CA ALA B 916 38.07 32.30 34.40
C ALA B 916 37.86 33.26 33.25
N ASN B 917 38.89 34.06 32.92
CA ASN B 917 38.78 34.99 31.80
C ASN B 917 38.58 34.25 30.48
N GLN B 918 39.32 33.16 30.29
CA GLN B 918 39.17 32.38 29.07
C GLN B 918 37.77 31.77 28.98
N PHE B 919 37.25 31.26 30.11
CA PHE B 919 35.90 30.70 30.11
C PHE B 919 34.86 31.76 29.78
N ASN B 920 34.98 32.95 30.38
CA ASN B 920 34.02 34.02 30.08
C ASN B 920 34.09 34.44 28.62
N SER B 921 35.31 34.56 28.08
CA SER B 921 35.46 34.93 26.67
C SER B 921 34.86 33.86 25.77
N ALA B 922 35.06 32.59 26.11
CA ALA B 922 34.50 31.51 25.30
C ALA B 922 32.98 31.50 25.35
N ILE B 923 32.40 31.78 26.52
CA ILE B 923 30.95 31.85 26.63
C ILE B 923 30.41 33.01 25.79
N GLY B 924 31.07 34.17 25.85
CA GLY B 924 30.66 35.29 25.03
C GLY B 924 30.76 35.00 23.55
N LYS B 925 31.84 34.33 23.13
CA LYS B 925 32.00 33.97 21.73
C LYS B 925 30.93 32.97 21.29
N ILE B 926 30.57 32.03 22.17
CA ILE B 926 29.51 31.08 21.85
C ILE B 926 28.19 31.80 21.67
N GLN B 927 27.87 32.74 22.55
CA GLN B 927 26.65 33.51 22.40
C GLN B 927 26.64 34.30 21.10
N ASP B 928 27.75 34.96 20.78
CA ASP B 928 27.83 35.74 19.54
C ASP B 928 27.69 34.85 18.32
N SER B 929 28.34 33.69 18.33
CA SER B 929 28.26 32.78 17.18
C SER B 929 26.85 32.24 17.00
N LEU B 930 26.19 31.86 18.10
CA LEU B 930 24.81 31.40 17.99
C LEU B 930 23.88 32.51 17.53
N SER B 931 24.18 33.76 17.89
CA SER B 931 23.35 34.88 17.46
C SER B 931 23.60 35.26 16.00
N SER B 932 24.80 35.02 15.48
CA SER B 932 25.17 35.52 14.16
C SER B 932 25.20 34.44 13.08
N THR B 933 25.29 33.17 13.44
CA THR B 933 25.36 32.11 12.43
C THR B 933 24.02 32.00 11.71
N PRO B 934 24.00 32.06 10.38
CA PRO B 934 22.71 31.95 9.68
C PRO B 934 22.01 30.62 9.90
N SER B 935 22.75 29.52 9.97
CA SER B 935 22.19 28.19 10.18
C SER B 935 23.00 27.50 11.28
N ALA B 936 22.64 27.74 12.53
CA ALA B 936 23.27 27.10 13.67
C ALA B 936 22.39 26.06 14.34
N LEU B 937 21.08 26.30 14.40
CA LEU B 937 20.11 25.35 14.95
C LEU B 937 19.45 24.53 13.86
N GLY B 938 20.23 24.13 12.85
CA GLY B 938 19.66 23.51 11.67
C GLY B 938 18.95 22.20 11.93
N LYS B 939 19.37 21.46 12.95
CA LYS B 939 18.77 20.14 13.20
C LYS B 939 17.32 20.26 13.66
N LEU B 940 17.07 21.10 14.67
CA LEU B 940 15.72 21.28 15.17
C LEU B 940 14.82 21.91 14.11
N GLN B 941 15.35 22.90 13.39
CA GLN B 941 14.58 23.52 12.32
C GLN B 941 14.24 22.51 11.22
N ASP B 942 15.19 21.62 10.90
CA ASP B 942 14.92 20.58 9.92
C ASP B 942 13.85 19.61 10.40
N VAL B 943 13.87 19.27 11.69
CA VAL B 943 12.83 18.38 12.23
C VAL B 943 11.46 19.04 12.10
N VAL B 944 11.37 20.32 12.50
CA VAL B 944 10.11 21.04 12.43
C VAL B 944 9.63 21.16 10.98
N ASN B 945 10.56 21.48 10.07
CA ASN B 945 10.21 21.60 8.66
C ASN B 945 9.78 20.28 8.06
N HIS B 946 10.41 19.18 8.48
CA HIS B 946 10.00 17.87 7.99
C HIS B 946 8.58 17.53 8.44
N ASN B 947 8.27 17.80 9.71
CA ASN B 947 6.91 17.54 10.19
C ASN B 947 5.89 18.41 9.44
N ALA B 948 6.20 19.70 9.28
CA ALA B 948 5.28 20.60 8.59
C ALA B 948 5.10 20.18 7.12
N GLN B 949 6.18 19.78 6.46
CA GLN B 949 6.10 19.35 5.07
C GLN B 949 5.30 18.06 4.93
N ALA B 950 5.47 17.14 5.88
CA ALA B 950 4.67 15.91 5.85
C ALA B 950 3.19 16.23 6.00
N LEU B 951 2.84 17.12 6.94
CA LEU B 951 1.43 17.48 7.10
C LEU B 951 0.89 18.19 5.85
N ASN B 952 1.69 19.08 5.26
CA ASN B 952 1.25 19.79 4.07
C ASN B 952 1.06 18.83 2.89
N THR B 953 1.94 17.85 2.76
CA THR B 953 1.79 16.86 1.71
C THR B 953 0.55 16.01 1.93
N LEU B 954 0.28 15.64 3.19
CA LEU B 954 -0.93 14.88 3.49
C LEU B 954 -2.18 15.68 3.13
N VAL B 955 -2.17 16.99 3.41
CA VAL B 955 -3.30 17.83 3.02
C VAL B 955 -3.41 17.92 1.50
N LYS B 956 -2.29 18.13 0.81
CA LYS B 956 -2.30 18.28 -0.64
C LYS B 956 -2.77 17.00 -1.33
N GLN B 957 -2.54 15.84 -0.72
CA GLN B 957 -2.95 14.59 -1.33
C GLN B 957 -4.46 14.45 -1.48
N LEU B 958 -5.23 15.28 -0.76
CA LEU B 958 -6.69 15.24 -0.89
C LEU B 958 -7.17 15.80 -2.21
N SER B 959 -6.32 16.52 -2.96
CA SER B 959 -6.70 17.04 -4.26
C SER B 959 -6.54 16.02 -5.38
N SER B 960 -5.93 14.87 -5.11
CA SER B 960 -5.71 13.86 -6.13
C SER B 960 -7.00 13.09 -6.40
N LYS B 961 -7.18 12.71 -7.67
CA LYS B 961 -8.36 11.95 -8.07
C LYS B 961 -8.19 10.45 -7.89
N PHE B 962 -6.95 9.95 -7.98
CA PHE B 962 -6.66 8.52 -7.86
C PHE B 962 -7.46 7.69 -8.86
N GLY B 963 -7.64 8.23 -10.07
CA GLY B 963 -8.39 7.58 -11.11
C GLY B 963 -9.88 7.80 -11.07
N ALA B 964 -10.39 8.53 -10.07
CA ALA B 964 -11.81 8.80 -9.99
C ALA B 964 -12.18 9.99 -10.88
N ILE B 965 -13.49 10.20 -11.05
CA ILE B 965 -13.95 11.31 -11.87
C ILE B 965 -13.66 12.64 -11.21
N SER B 966 -13.66 12.69 -9.87
CA SER B 966 -13.39 13.93 -9.15
C SER B 966 -12.75 13.59 -7.81
N SER B 967 -12.04 14.58 -7.26
CA SER B 967 -11.43 14.44 -5.95
C SER B 967 -12.35 14.86 -4.82
N VAL B 968 -13.53 15.38 -5.13
CA VAL B 968 -14.50 15.81 -4.12
C VAL B 968 -15.58 14.75 -4.01
N LEU B 969 -15.83 14.29 -2.77
CA LEU B 969 -16.85 13.25 -2.56
C LEU B 969 -18.24 13.76 -2.89
N ASN B 970 -18.51 15.04 -2.59
CA ASN B 970 -19.83 15.60 -2.86
C ASN B 970 -20.14 15.63 -4.35
N ASP B 971 -19.13 15.94 -5.17
CA ASP B 971 -19.33 15.95 -6.61
C ASP B 971 -19.71 14.55 -7.12
N ILE B 972 -19.02 13.53 -6.62
CA ILE B 972 -19.32 12.15 -7.01
C ILE B 972 -20.73 11.77 -6.55
N LEU B 973 -21.08 12.12 -5.31
CA LEU B 973 -22.39 11.76 -4.79
C LEU B 973 -23.52 12.49 -5.51
N SER B 974 -23.25 13.69 -6.03
CA SER B 974 -24.26 14.45 -6.73
C SER B 974 -24.34 14.13 -8.22
N ARG B 975 -23.27 13.59 -8.81
CA ARG B 975 -23.25 13.31 -10.24
C ARG B 975 -23.54 11.86 -10.58
N LEU B 976 -23.46 10.94 -9.63
CA LEU B 976 -23.57 9.51 -9.92
C LEU B 976 -24.55 8.84 -8.98
N ASP B 977 -25.14 7.76 -9.48
CA ASP B 977 -26.03 6.93 -8.68
C ASP B 977 -25.23 6.11 -7.67
N PRO B 978 -25.88 5.61 -6.62
CA PRO B 978 -25.14 4.99 -5.49
C PRO B 978 -24.18 3.89 -5.91
N PRO B 979 -24.49 3.06 -6.92
CA PRO B 979 -23.47 2.07 -7.33
C PRO B 979 -22.19 2.69 -7.90
N GLU B 980 -22.31 3.51 -8.93
CA GLU B 980 -21.13 4.16 -9.51
C GLU B 980 -20.47 5.09 -8.50
N ALA B 981 -21.28 5.76 -7.67
CA ALA B 981 -20.74 6.57 -6.59
C ALA B 981 -19.91 5.72 -5.64
N GLU B 982 -20.39 4.53 -5.31
CA GLU B 982 -19.63 3.63 -4.44
C GLU B 982 -18.32 3.22 -5.09
N VAL B 983 -18.33 2.97 -6.40
CA VAL B 983 -17.09 2.61 -7.09
C VAL B 983 -16.08 3.76 -6.99
N GLN B 984 -16.51 4.98 -7.32
CA GLN B 984 -15.60 6.13 -7.29
C GLN B 984 -15.12 6.41 -5.87
N ILE B 985 -16.02 6.30 -4.89
CA ILE B 985 -15.65 6.53 -3.49
C ILE B 985 -14.69 5.45 -3.01
N ASP B 986 -14.84 4.22 -3.50
CA ASP B 986 -13.87 3.18 -3.16
C ASP B 986 -12.49 3.52 -3.70
N ARG B 987 -12.43 4.02 -4.93
CA ARG B 987 -11.13 4.44 -5.46
C ARG B 987 -10.52 5.57 -4.62
N LEU B 988 -11.33 6.57 -4.28
CA LEU B 988 -10.84 7.68 -3.47
C LEU B 988 -10.38 7.20 -2.09
N ILE B 989 -11.15 6.28 -1.49
CA ILE B 989 -10.81 5.74 -0.17
C ILE B 989 -9.50 4.99 -0.23
N THR B 990 -9.30 4.18 -1.28
CA THR B 990 -8.04 3.47 -1.44
C THR B 990 -6.88 4.45 -1.53
N GLY B 991 -7.04 5.50 -2.34
CA GLY B 991 -5.96 6.47 -2.49
C GLY B 991 -5.63 7.17 -1.18
N ARG B 992 -6.66 7.63 -0.47
CA ARG B 992 -6.43 8.37 0.76
C ARG B 992 -5.90 7.47 1.87
N LEU B 993 -6.35 6.21 1.92
CA LEU B 993 -5.81 5.25 2.87
C LEU B 993 -4.34 4.98 2.58
N GLN B 994 -3.97 4.87 1.31
CA GLN B 994 -2.56 4.71 0.97
C GLN B 994 -1.74 5.92 1.40
N SER B 995 -2.29 7.12 1.21
CA SER B 995 -1.60 8.33 1.65
C SER B 995 -1.38 8.32 3.15
N LEU B 996 -2.42 7.96 3.92
CA LEU B 996 -2.30 7.91 5.37
C LEU B 996 -1.31 6.83 5.80
N GLN B 997 -1.32 5.68 5.11
CA GLN B 997 -0.38 4.61 5.41
C GLN B 997 1.05 5.08 5.23
N THR B 998 1.32 5.75 4.10
CA THR B 998 2.66 6.27 3.84
C THR B 998 3.07 7.30 4.89
N TYR B 999 2.15 8.20 5.23
CA TYR B 999 2.47 9.21 6.24
C TYR B 999 2.81 8.57 7.58
N VAL B 1000 2.03 7.57 7.99
CA VAL B 1000 2.25 6.92 9.28
C VAL B 1000 3.57 6.15 9.27
N THR B 1001 3.90 5.49 8.16
CA THR B 1001 5.16 4.76 8.08
C THR B 1001 6.35 5.71 8.18
N GLN B 1002 6.31 6.81 7.42
CA GLN B 1002 7.40 7.77 7.49
C GLN B 1002 7.49 8.41 8.87
N GLN B 1003 6.35 8.65 9.51
CA GLN B 1003 6.35 9.20 10.86
C GLN B 1003 6.97 8.22 11.85
N LEU B 1004 6.69 6.93 11.69
CA LEU B 1004 7.30 5.92 12.56
C LEU B 1004 8.80 5.87 12.38
N ILE B 1005 9.28 5.93 11.13
CA ILE B 1005 10.73 5.91 10.90
C ILE B 1005 11.39 7.15 11.49
N ARG B 1006 10.78 8.32 11.27
CA ARG B 1006 11.31 9.55 11.83
C ARG B 1006 11.29 9.52 13.36
N ALA B 1007 10.26 8.91 13.95
CA ALA B 1007 10.18 8.79 15.40
C ALA B 1007 11.26 7.87 15.93
N ALA B 1008 11.58 6.80 15.20
CA ALA B 1008 12.70 5.94 15.61
C ALA B 1008 14.01 6.71 15.58
N GLU B 1009 14.23 7.50 14.52
CA GLU B 1009 15.44 8.31 14.46
C GLU B 1009 15.51 9.32 15.60
N ILE B 1010 14.37 9.97 15.89
CA ILE B 1010 14.32 10.96 16.97
C ILE B 1010 14.54 10.29 18.31
N ARG B 1011 14.04 9.06 18.49
CA ARG B 1011 14.26 8.34 19.74
C ARG B 1011 15.73 7.97 19.91
N ALA B 1012 16.40 7.58 18.82
CA ALA B 1012 17.83 7.32 18.90
C ALA B 1012 18.58 8.61 19.28
N SER B 1013 18.21 9.73 18.66
CA SER B 1013 18.86 11.00 18.99
C SER B 1013 18.61 11.39 20.45
N ALA B 1014 17.40 11.13 20.96
CA ALA B 1014 17.07 11.48 22.34
C ALA B 1014 17.80 10.57 23.32
N ASN B 1015 17.98 9.30 22.97
CA ASN B 1015 18.78 8.40 23.80
C ASN B 1015 20.22 8.89 23.86
N LEU B 1016 20.77 9.32 22.72
CA LEU B 1016 22.11 9.89 22.71
C LEU B 1016 22.18 11.15 23.57
N ALA B 1017 21.14 12.00 23.49
CA ALA B 1017 21.13 13.22 24.29
C ALA B 1017 21.06 12.92 25.78
N ALA B 1018 20.26 11.92 26.16
CA ALA B 1018 20.19 11.52 27.56
C ALA B 1018 21.52 10.96 28.05
N THR B 1019 22.18 10.16 27.21
CA THR B 1019 23.50 9.65 27.58
C THR B 1019 24.50 10.79 27.74
N LYS B 1020 24.45 11.78 26.86
CA LYS B 1020 25.35 12.93 26.97
C LYS B 1020 25.04 13.74 28.22
N MET B 1021 23.77 13.90 28.56
CA MET B 1021 23.41 14.61 29.78
C MET B 1021 23.92 13.87 31.02
N SER B 1022 23.83 12.54 31.00
CA SER B 1022 24.29 11.77 32.15
C SER B 1022 25.81 11.77 32.28
N GLU B 1023 26.53 11.70 31.16
CA GLU B 1023 27.97 11.46 31.20
C GLU B 1023 28.81 12.72 31.06
N CYS B 1024 28.26 13.81 30.53
CA CYS B 1024 29.00 15.05 30.38
C CYS B 1024 28.54 16.15 31.33
N VAL B 1025 27.27 16.16 31.72
CA VAL B 1025 26.77 17.17 32.64
C VAL B 1025 26.81 16.67 34.09
N LEU B 1026 26.34 15.45 34.33
CA LEU B 1026 26.35 14.89 35.67
C LEU B 1026 27.71 14.34 36.08
N GLY B 1027 28.68 14.32 35.17
CA GLY B 1027 30.00 13.83 35.50
C GLY B 1027 31.00 14.29 34.45
N GLN B 1028 32.24 13.88 34.65
CA GLN B 1028 33.34 14.17 33.72
C GLN B 1028 33.63 12.91 32.91
N SER B 1029 33.59 13.04 31.60
CA SER B 1029 33.71 11.90 30.69
C SER B 1029 35.14 11.76 30.20
N LYS B 1030 35.68 10.54 30.29
CA LYS B 1030 36.98 10.23 29.74
C LYS B 1030 36.92 9.82 28.27
N ARG B 1031 35.72 9.62 27.73
CA ARG B 1031 35.58 9.23 26.34
C ARG B 1031 35.99 10.36 25.42
N VAL B 1032 36.73 10.03 24.36
CA VAL B 1032 37.26 11.03 23.44
C VAL B 1032 36.15 11.47 22.49
N ASP B 1033 36.02 12.79 22.31
CA ASP B 1033 35.09 13.42 21.38
C ASP B 1033 33.63 13.24 21.75
N PHE B 1034 33.34 12.68 22.92
CA PHE B 1034 31.94 12.49 23.32
C PHE B 1034 31.33 13.79 23.82
N CYS B 1035 32.09 14.61 24.53
CA CYS B 1035 31.61 15.86 25.12
C CYS B 1035 32.53 17.01 24.78
N GLY B 1036 32.86 17.14 23.49
CA GLY B 1036 33.68 18.24 23.01
C GLY B 1036 34.88 17.75 22.21
N LYS B 1037 35.71 18.72 21.82
CA LYS B 1037 36.88 18.41 21.01
C LYS B 1037 38.06 18.00 21.87
N GLY B 1038 38.47 18.86 22.79
CA GLY B 1038 39.62 18.59 23.65
C GLY B 1038 39.26 17.70 24.82
N TYR B 1039 40.10 17.79 25.86
CA TYR B 1039 39.86 17.03 27.07
C TYR B 1039 38.68 17.62 27.82
N HIS B 1040 37.65 16.80 28.04
CA HIS B 1040 36.40 17.28 28.61
C HIS B 1040 36.59 17.73 30.06
N LEU B 1041 36.22 18.98 30.34
CA LEU B 1041 36.17 19.48 31.71
C LEU B 1041 34.75 19.39 32.27
N MET B 1042 33.79 20.02 31.61
CA MET B 1042 32.39 19.89 32.03
C MET B 1042 31.48 20.23 30.87
N SER B 1043 30.17 20.22 31.14
CA SER B 1043 29.16 20.55 30.14
C SER B 1043 27.96 21.19 30.82
N PHE B 1044 27.32 22.10 30.10
CA PHE B 1044 26.15 22.81 30.59
C PHE B 1044 24.99 22.60 29.63
N PRO B 1045 23.86 22.09 30.08
CA PRO B 1045 22.71 21.94 29.18
C PRO B 1045 21.93 23.24 29.04
N GLN B 1046 21.27 23.38 27.90
CA GLN B 1046 20.39 24.51 27.61
C GLN B 1046 19.18 24.00 26.86
N SER B 1047 17.99 24.42 27.29
CA SER B 1047 16.76 23.97 26.66
C SER B 1047 16.62 24.59 25.28
N ALA B 1048 16.05 23.81 24.36
CA ALA B 1048 15.79 24.21 22.99
C ALA B 1048 14.34 23.91 22.68
N PRO B 1049 13.76 24.58 21.67
CA PRO B 1049 12.34 24.34 21.36
C PRO B 1049 11.99 22.88 21.11
N HIS B 1050 12.88 22.12 20.46
CA HIS B 1050 12.60 20.71 20.21
C HIS B 1050 13.80 19.82 20.49
N GLY B 1051 14.80 20.31 21.20
CA GLY B 1051 15.97 19.53 21.51
C GLY B 1051 16.72 20.07 22.70
N VAL B 1052 18.03 19.86 22.70
CA VAL B 1052 18.90 20.30 23.78
C VAL B 1052 20.22 20.78 23.20
N VAL B 1053 20.80 21.81 23.81
CA VAL B 1053 22.08 22.36 23.38
C VAL B 1053 23.07 22.18 24.53
N PHE B 1054 24.14 21.43 24.28
CA PHE B 1054 25.18 21.20 25.25
C PHE B 1054 26.34 22.14 24.99
N LEU B 1055 26.70 22.92 26.00
CA LEU B 1055 27.90 23.77 25.97
C LEU B 1055 29.01 22.97 26.64
N HIS B 1056 29.91 22.43 25.83
CA HIS B 1056 31.02 21.61 26.32
C HIS B 1056 32.22 22.50 26.60
N VAL B 1057 32.63 22.55 27.87
CA VAL B 1057 33.84 23.25 28.28
C VAL B 1057 34.96 22.21 28.36
N THR B 1058 35.99 22.41 27.55
CA THR B 1058 37.09 21.46 27.39
C THR B 1058 38.42 22.19 27.49
N TYR B 1059 39.47 21.39 27.68
CA TYR B 1059 40.84 21.85 27.87
C TYR B 1059 41.62 21.52 26.60
N VAL B 1060 42.15 22.54 25.93
CA VAL B 1060 42.89 22.33 24.69
C VAL B 1060 44.33 22.77 24.93
N PRO B 1061 45.29 21.85 24.91
CA PRO B 1061 46.70 22.25 25.07
C PRO B 1061 47.15 23.14 23.91
N ALA B 1062 48.10 24.02 24.20
CA ALA B 1062 48.56 24.98 23.21
C ALA B 1062 49.97 25.41 23.55
N GLN B 1063 50.64 26.01 22.56
CA GLN B 1063 52.00 26.52 22.69
C GLN B 1063 52.97 25.41 23.13
N GLU B 1064 53.08 24.40 22.27
CA GLU B 1064 53.99 23.29 22.52
C GLU B 1064 55.44 23.75 22.37
N LYS B 1065 56.38 22.84 22.64
CA LYS B 1065 57.79 23.16 22.57
C LYS B 1065 58.58 21.89 22.31
N ASN B 1066 59.68 22.04 21.56
CA ASN B 1066 60.62 20.95 21.36
C ASN B 1066 61.24 20.55 22.70
N PHE B 1067 61.39 19.25 22.91
CA PHE B 1067 62.14 18.76 24.06
C PHE B 1067 62.79 17.44 23.70
N THR B 1068 63.94 17.16 24.32
CA THR B 1068 64.59 15.87 24.18
C THR B 1068 64.18 14.98 25.35
N THR B 1069 63.70 13.79 25.04
CA THR B 1069 63.15 12.88 26.04
C THR B 1069 63.93 11.58 26.04
N ALA B 1070 63.89 10.90 27.20
CA ALA B 1070 64.53 9.61 27.38
C ALA B 1070 63.58 8.68 28.10
N PRO B 1071 63.58 7.39 27.78
CA PRO B 1071 62.70 6.45 28.49
C PRO B 1071 62.99 6.35 29.98
N ALA B 1072 64.26 6.43 30.37
CA ALA B 1072 64.64 6.27 31.77
C ALA B 1072 65.97 6.98 31.99
N ILE B 1073 66.31 7.15 33.28
CA ILE B 1073 67.54 7.80 33.69
C ILE B 1073 68.44 6.76 34.34
N CYS B 1074 69.69 6.68 33.89
CA CYS B 1074 70.66 5.74 34.46
C CYS B 1074 71.45 6.46 35.55
N HIS B 1075 71.42 5.92 36.77
CA HIS B 1075 72.10 6.54 37.90
C HIS B 1075 72.52 5.46 38.88
N ASP B 1076 73.82 5.40 39.17
CA ASP B 1076 74.39 4.43 40.11
C ASP B 1076 74.05 2.99 39.71
N GLY B 1077 74.05 2.74 38.40
CA GLY B 1077 73.72 1.42 37.90
C GLY B 1077 72.25 1.05 38.00
N LYS B 1078 71.38 2.01 38.30
CA LYS B 1078 69.96 1.76 38.43
C LYS B 1078 69.19 2.56 37.39
N ALA B 1079 68.08 1.99 36.93
CA ALA B 1079 67.22 2.63 35.95
C ALA B 1079 66.04 3.28 36.67
N HIS B 1080 65.87 4.58 36.48
CA HIS B 1080 64.80 5.34 37.11
C HIS B 1080 63.78 5.72 36.06
N PHE B 1081 62.51 5.45 36.36
CA PHE B 1081 61.38 5.77 35.51
C PHE B 1081 60.48 6.78 36.22
N PRO B 1082 59.88 7.71 35.48
CA PRO B 1082 59.03 8.72 36.12
C PRO B 1082 57.75 8.10 36.67
N ARG B 1083 57.38 8.52 37.87
CA ARG B 1083 56.19 7.98 38.52
C ARG B 1083 54.92 8.44 37.80
N GLU B 1084 54.85 9.73 37.46
CA GLU B 1084 53.66 10.30 36.85
C GLU B 1084 53.91 11.08 35.57
N GLY B 1085 55.12 11.56 35.33
CA GLY B 1085 55.37 12.42 34.19
C GLY B 1085 56.30 11.86 33.14
N VAL B 1086 57.13 12.71 32.56
CA VAL B 1086 58.05 12.33 31.50
C VAL B 1086 59.36 13.08 31.70
N PHE B 1087 60.47 12.41 31.37
CA PHE B 1087 61.76 13.07 31.38
C PHE B 1087 61.93 13.93 30.14
N VAL B 1088 62.31 15.19 30.34
CA VAL B 1088 62.56 16.13 29.26
C VAL B 1088 63.89 16.82 29.52
N SER B 1089 64.38 17.54 28.50
CA SER B 1089 65.62 18.27 28.60
C SER B 1089 65.57 19.47 27.66
N ASN B 1090 65.96 20.64 28.17
CA ASN B 1090 66.01 21.82 27.33
C ASN B 1090 67.27 21.86 26.46
N GLY B 1091 68.19 20.93 26.67
CA GLY B 1091 69.42 20.89 25.89
C GLY B 1091 70.64 20.58 26.73
N THR B 1092 70.62 20.98 27.99
CA THR B 1092 71.76 20.79 28.88
C THR B 1092 71.40 20.06 30.17
N HIS B 1093 70.22 20.32 30.73
CA HIS B 1093 69.81 19.73 32.00
C HIS B 1093 68.53 18.92 31.82
N TRP B 1094 68.40 17.89 32.64
CA TRP B 1094 67.27 16.97 32.58
C TRP B 1094 66.29 17.24 33.72
N PHE B 1095 65.00 17.24 33.38
CA PHE B 1095 63.95 17.44 34.36
C PHE B 1095 62.86 16.40 34.14
N VAL B 1096 61.94 16.32 35.09
CA VAL B 1096 60.72 15.53 34.96
C VAL B 1096 59.54 16.49 35.01
N THR B 1097 58.63 16.35 34.06
CA THR B 1097 57.50 17.25 33.94
C THR B 1097 56.20 16.47 33.85
N GLN B 1098 55.11 17.12 34.23
CA GLN B 1098 53.81 16.49 34.07
C GLN B 1098 53.43 16.46 32.59
N ARG B 1099 52.20 15.99 32.32
CA ARG B 1099 51.91 15.52 30.98
C ARG B 1099 51.38 16.59 30.02
N ASN B 1100 50.26 17.23 30.35
CA ASN B 1100 49.64 18.14 29.41
C ASN B 1100 49.97 19.59 29.70
N PHE B 1101 51.01 19.84 30.50
CA PHE B 1101 51.43 21.19 30.87
C PHE B 1101 52.89 21.13 31.26
N TYR B 1102 53.68 22.04 30.71
CA TYR B 1102 55.13 22.03 30.95
C TYR B 1102 55.42 22.60 32.34
N GLU B 1103 55.95 21.74 33.22
CA GLU B 1103 56.30 22.15 34.58
C GLU B 1103 57.55 21.38 34.98
N PRO B 1104 58.73 21.85 34.57
CA PRO B 1104 59.97 21.10 34.83
C PRO B 1104 60.28 21.05 36.32
N GLN B 1105 60.65 19.87 36.80
CA GLN B 1105 61.02 19.66 38.18
C GLN B 1105 62.32 18.85 38.24
N ILE B 1106 63.04 19.03 39.35
CA ILE B 1106 64.29 18.30 39.54
C ILE B 1106 64.01 16.81 39.70
N ILE B 1107 64.76 15.98 38.98
CA ILE B 1107 64.57 14.54 39.03
C ILE B 1107 65.10 14.04 40.37
N THR B 1108 64.20 13.60 41.24
CA THR B 1108 64.54 13.07 42.55
C THR B 1108 64.05 11.63 42.67
N THR B 1109 64.30 11.04 43.83
CA THR B 1109 63.82 9.69 44.12
C THR B 1109 62.36 9.66 44.52
N ASP B 1110 61.74 10.83 44.75
CA ASP B 1110 60.34 10.86 45.14
C ASP B 1110 59.41 10.81 43.94
N ASN B 1111 59.80 11.42 42.83
CA ASN B 1111 59.00 11.43 41.61
C ASN B 1111 59.44 10.38 40.60
N THR B 1112 60.38 9.50 40.97
CA THR B 1112 60.82 8.41 40.12
C THR B 1112 60.86 7.13 40.92
N PHE B 1113 60.86 6.00 40.20
CA PHE B 1113 60.97 4.69 40.82
C PHE B 1113 62.01 3.86 40.08
N VAL B 1114 62.62 2.92 40.82
CA VAL B 1114 63.74 2.13 40.32
C VAL B 1114 63.23 0.77 39.88
N SER B 1115 63.73 0.29 38.74
CA SER B 1115 63.38 -1.04 38.24
C SER B 1115 64.54 -1.55 37.39
N GLY B 1116 65.32 -2.48 37.94
CA GLY B 1116 66.40 -3.09 37.20
C GLY B 1116 67.59 -2.16 37.01
N ASN B 1117 68.49 -2.60 36.14
CA ASN B 1117 69.69 -1.85 35.80
C ASN B 1117 69.51 -1.16 34.45
N CYS B 1118 70.59 -0.58 33.94
CA CYS B 1118 70.55 0.20 32.69
C CYS B 1118 70.86 -0.64 31.46
N ASP B 1119 70.97 -1.98 31.61
CA ASP B 1119 71.40 -2.81 30.50
C ASP B 1119 70.28 -3.02 29.47
N VAL B 1120 69.03 -3.18 29.93
CA VAL B 1120 67.97 -3.61 29.03
C VAL B 1120 67.22 -2.44 28.38
N VAL B 1121 67.14 -1.30 29.05
CA VAL B 1121 66.35 -0.18 28.53
C VAL B 1121 67.06 0.44 27.34
N ILE B 1122 66.35 0.55 26.22
CA ILE B 1122 66.90 1.14 25.00
C ILE B 1122 66.65 2.64 25.03
N GLY B 1123 67.71 3.42 24.87
CA GLY B 1123 67.60 4.87 24.92
C GLY B 1123 67.84 5.49 26.27
N ILE B 1124 68.27 4.71 27.27
CA ILE B 1124 68.54 5.26 28.59
C ILE B 1124 69.76 6.16 28.53
N VAL B 1125 69.75 7.22 29.34
CA VAL B 1125 70.84 8.19 29.40
C VAL B 1125 71.27 8.35 30.84
N ASN B 1126 72.53 8.75 31.03
CA ASN B 1126 73.01 9.10 32.36
C ASN B 1126 72.64 10.53 32.76
N ASN B 1127 72.14 10.66 33.99
CA ASN B 1127 71.84 11.91 34.66
C ASN B 1127 71.77 11.62 36.16
N THR B 1128 72.01 12.66 36.96
CA THR B 1128 72.01 12.50 38.41
C THR B 1128 70.60 12.56 38.96
N VAL B 1129 70.31 11.70 39.94
CA VAL B 1129 69.02 11.67 40.62
C VAL B 1129 69.24 12.20 42.03
N TYR B 1130 68.59 13.33 42.34
CA TYR B 1130 68.80 13.98 43.63
C TYR B 1130 68.12 13.20 44.75
N ASP B 1131 68.83 13.02 45.85
CA ASP B 1131 68.29 12.34 47.03
C ASP B 1131 68.05 13.35 48.14
N PRO B 1132 66.80 13.64 48.50
CA PRO B 1132 66.53 14.62 49.57
C PRO B 1132 66.74 14.05 50.96
N LEU B 1133 67.95 13.59 51.22
CA LEU B 1133 68.29 13.01 52.52
C LEU B 1133 69.80 13.07 52.77
N GLN C 23 8.06 -56.07 -23.07
CA GLN C 23 7.74 -54.91 -22.25
C GLN C 23 8.60 -54.86 -20.99
N SER C 24 9.42 -53.83 -20.88
CA SER C 24 10.30 -53.63 -19.73
C SER C 24 10.09 -52.23 -19.17
N TYR C 25 10.80 -51.93 -18.10
CA TYR C 25 10.66 -50.66 -17.39
C TYR C 25 12.04 -50.10 -17.09
N THR C 26 12.20 -48.78 -17.21
CA THR C 26 13.53 -48.23 -17.05
C THR C 26 13.41 -46.79 -16.55
N ASN C 27 14.56 -46.20 -16.25
CA ASN C 27 14.61 -44.87 -15.66
C ASN C 27 14.92 -43.82 -16.73
N SER C 28 14.13 -42.74 -16.73
CA SER C 28 14.27 -41.76 -17.80
C SER C 28 15.39 -40.77 -17.56
N PHE C 29 15.96 -40.74 -16.35
CA PHE C 29 17.02 -39.79 -16.03
C PHE C 29 16.49 -38.38 -16.26
N THR C 30 17.28 -37.46 -16.83
CA THR C 30 16.77 -36.11 -17.00
C THR C 30 16.44 -35.79 -18.45
N ARG C 31 15.93 -36.80 -19.16
CA ARG C 31 15.37 -36.69 -20.50
C ARG C 31 13.92 -36.23 -20.43
N GLY C 32 13.46 -35.67 -21.54
CA GLY C 32 12.08 -35.27 -21.69
C GLY C 32 11.81 -33.78 -21.61
N VAL C 33 12.76 -32.94 -22.04
CA VAL C 33 12.71 -31.51 -21.80
C VAL C 33 12.66 -30.80 -23.15
N TYR C 34 11.71 -29.87 -23.28
CA TYR C 34 11.55 -29.09 -24.50
C TYR C 34 11.40 -27.62 -24.15
N TYR C 35 11.53 -26.78 -25.15
CA TYR C 35 11.35 -25.35 -24.97
C TYR C 35 9.87 -25.04 -24.85
N PRO C 36 9.41 -24.47 -23.73
CA PRO C 36 7.97 -24.27 -23.52
C PRO C 36 7.40 -23.05 -24.21
N ASP C 37 8.19 -22.32 -25.01
CA ASP C 37 7.70 -21.18 -25.76
C ASP C 37 8.66 -20.88 -26.90
N LYS C 38 8.22 -20.01 -27.80
CA LYS C 38 9.00 -19.53 -28.93
C LYS C 38 9.88 -18.34 -28.58
N VAL C 39 10.07 -18.07 -27.30
CA VAL C 39 10.73 -16.85 -26.84
C VAL C 39 12.21 -17.12 -26.67
N PHE C 40 13.05 -16.30 -27.29
CA PHE C 40 14.48 -16.39 -27.06
C PHE C 40 14.83 -15.87 -25.67
N ARG C 41 15.58 -16.68 -24.92
CA ARG C 41 16.01 -16.37 -23.56
C ARG C 41 17.46 -16.81 -23.40
N SER C 42 18.25 -16.00 -22.70
CA SER C 42 19.68 -16.22 -22.61
C SER C 42 20.21 -15.76 -21.26
N SER C 43 21.15 -16.54 -20.71
CA SER C 43 21.79 -16.28 -19.42
C SER C 43 20.75 -15.94 -18.35
N VAL C 44 19.75 -16.82 -18.24
CA VAL C 44 18.59 -16.57 -17.39
C VAL C 44 18.18 -17.86 -16.67
N LEU C 45 17.47 -17.71 -15.56
CA LEU C 45 16.87 -18.85 -14.86
C LEU C 45 15.35 -18.65 -14.88
N HIS C 46 14.69 -19.36 -15.78
CA HIS C 46 13.26 -19.15 -16.03
C HIS C 46 12.49 -20.36 -15.53
N SER C 47 11.43 -20.15 -14.76
CA SER C 47 10.59 -21.27 -14.41
C SER C 47 9.22 -21.14 -15.06
N THR C 48 8.56 -22.29 -15.21
CA THR C 48 7.31 -22.38 -15.94
C THR C 48 6.55 -23.60 -15.46
N GLN C 49 5.29 -23.67 -15.87
CA GLN C 49 4.44 -24.83 -15.59
C GLN C 49 3.88 -25.37 -16.90
N ASP C 50 4.09 -26.65 -17.15
CA ASP C 50 3.64 -27.28 -18.38
C ASP C 50 3.59 -28.79 -18.18
N LEU C 51 3.00 -29.47 -19.15
CA LEU C 51 3.14 -30.92 -19.25
C LEU C 51 4.59 -31.30 -19.52
N PHE C 52 5.30 -31.77 -18.50
CA PHE C 52 6.68 -32.21 -18.61
C PHE C 52 6.79 -33.67 -18.19
N LEU C 53 7.73 -34.37 -18.79
CA LEU C 53 8.07 -35.71 -18.34
C LEU C 53 8.81 -35.62 -17.02
N PRO C 54 8.34 -36.31 -15.97
CA PRO C 54 8.99 -36.21 -14.66
C PRO C 54 10.46 -36.60 -14.72
N PHE C 55 11.24 -36.04 -13.79
CA PHE C 55 12.61 -36.47 -13.63
C PHE C 55 12.68 -37.84 -12.97
N PHE C 56 13.52 -38.72 -13.54
CA PHE C 56 13.63 -40.11 -13.11
C PHE C 56 12.28 -40.82 -13.09
N SER C 57 11.68 -40.92 -14.27
CA SER C 57 10.30 -41.39 -14.41
C SER C 57 10.25 -42.82 -14.96
N ASN C 58 9.24 -43.56 -14.49
CA ASN C 58 9.06 -44.97 -14.82
C ASN C 58 8.67 -45.15 -16.27
N VAL C 59 9.64 -45.24 -17.18
CA VAL C 59 9.39 -45.20 -18.61
C VAL C 59 9.39 -46.62 -19.17
N THR C 60 8.37 -46.94 -19.97
CA THR C 60 8.20 -48.30 -20.45
C THR C 60 8.94 -48.51 -21.76
N TRP C 61 9.75 -49.56 -21.82
CA TRP C 61 10.64 -49.87 -22.94
C TRP C 61 10.04 -51.05 -23.69
N PHE C 62 9.51 -50.80 -24.89
CA PHE C 62 8.78 -51.78 -25.66
C PHE C 62 9.70 -52.38 -26.73
N HIS C 63 9.74 -53.71 -26.77
CA HIS C 63 10.56 -54.44 -27.73
C HIS C 63 9.65 -55.16 -28.71
N ALA C 64 9.84 -54.90 -30.00
CA ALA C 64 9.04 -55.54 -31.03
C ALA C 64 9.89 -56.48 -31.88
N ASN C 76 0.16 -56.79 -29.82
CA ASN C 76 0.57 -55.41 -30.01
C ASN C 76 -0.56 -54.43 -29.68
N PRO C 77 -1.04 -54.44 -28.43
CA PRO C 77 -2.14 -53.55 -28.07
C PRO C 77 -1.76 -52.08 -28.23
N VAL C 78 -2.79 -51.23 -28.25
CA VAL C 78 -2.59 -49.79 -28.38
C VAL C 78 -2.35 -49.18 -27.01
N LEU C 79 -1.46 -48.20 -26.98
CA LEU C 79 -1.01 -47.49 -25.80
C LEU C 79 -1.81 -46.21 -25.61
N PRO C 80 -1.89 -45.68 -24.38
CA PRO C 80 -2.78 -44.54 -24.13
C PRO C 80 -2.05 -43.22 -24.37
N PHE C 81 -2.82 -42.14 -24.33
CA PHE C 81 -2.32 -40.78 -24.56
C PHE C 81 -2.71 -39.85 -23.40
N ASN C 82 -2.36 -40.25 -22.18
CA ASN C 82 -2.70 -39.42 -21.02
C ASN C 82 -1.75 -38.22 -20.96
N ASP C 83 -2.27 -37.03 -21.28
CA ASP C 83 -1.58 -35.76 -21.11
C ASP C 83 -0.28 -35.66 -21.92
N GLY C 84 -0.18 -36.39 -23.02
CA GLY C 84 0.99 -36.31 -23.88
C GLY C 84 1.85 -37.56 -23.79
N VAL C 85 2.86 -37.61 -24.68
CA VAL C 85 3.72 -38.78 -24.82
C VAL C 85 5.15 -38.32 -25.08
N TYR C 86 6.10 -39.02 -24.47
CA TYR C 86 7.52 -38.91 -24.79
C TYR C 86 7.97 -40.20 -25.44
N PHE C 87 8.57 -40.09 -26.63
CA PHE C 87 8.97 -41.24 -27.44
C PHE C 87 10.47 -41.18 -27.67
N ALA C 88 11.14 -42.32 -27.59
CA ALA C 88 12.57 -42.38 -27.81
C ALA C 88 12.94 -43.59 -28.64
N SER C 89 13.84 -43.40 -29.60
CA SER C 89 14.29 -44.45 -30.50
C SER C 89 15.81 -44.48 -30.53
N THR C 90 16.36 -45.69 -30.70
CA THR C 90 17.81 -45.89 -30.69
C THR C 90 18.29 -46.81 -31.81
N GLU C 91 17.46 -47.14 -32.78
CA GLU C 91 17.77 -48.19 -33.75
C GLU C 91 18.54 -47.62 -34.93
N LYS C 92 19.55 -48.37 -35.40
CA LYS C 92 20.39 -47.88 -36.48
C LYS C 92 19.72 -47.97 -37.84
N SER C 93 18.70 -48.82 -37.98
CA SER C 93 18.03 -49.06 -39.25
C SER C 93 16.74 -48.27 -39.33
N ASN C 94 16.31 -47.97 -40.55
CA ASN C 94 15.08 -47.21 -40.77
C ASN C 94 13.88 -48.13 -40.57
N ILE C 95 13.66 -48.48 -39.31
CA ILE C 95 12.66 -49.48 -38.94
C ILE C 95 11.39 -48.83 -38.41
N ILE C 96 11.52 -47.84 -37.53
CA ILE C 96 10.35 -47.17 -36.98
C ILE C 96 9.92 -46.07 -37.95
N ARG C 97 8.74 -46.23 -38.55
CA ARG C 97 8.38 -45.39 -39.69
C ARG C 97 7.48 -44.22 -39.32
N GLY C 98 6.68 -44.33 -38.26
CA GLY C 98 5.87 -43.20 -37.87
C GLY C 98 4.97 -43.56 -36.69
N TRP C 99 3.80 -42.91 -36.66
CA TRP C 99 2.91 -43.06 -35.52
C TRP C 99 1.46 -42.92 -35.95
N ILE C 100 0.57 -43.45 -35.12
CA ILE C 100 -0.87 -43.39 -35.30
C ILE C 100 -1.48 -42.88 -34.00
N PHE C 101 -2.37 -41.89 -34.10
CA PHE C 101 -3.02 -41.29 -32.95
C PHE C 101 -4.53 -41.25 -33.17
N GLY C 102 -5.27 -41.24 -32.07
CA GLY C 102 -6.70 -41.09 -32.16
C GLY C 102 -7.36 -41.55 -30.86
N THR C 103 -8.55 -42.13 -31.00
CA THR C 103 -9.27 -42.70 -29.88
C THR C 103 -9.67 -44.15 -30.08
N THR C 104 -10.18 -44.49 -31.27
CA THR C 104 -10.66 -45.83 -31.56
C THR C 104 -10.08 -46.43 -32.83
N LEU C 105 -9.25 -45.68 -33.56
CA LEU C 105 -8.54 -46.15 -34.75
C LEU C 105 -9.49 -46.75 -35.79
N ASP C 106 -10.68 -46.20 -35.93
CA ASP C 106 -11.70 -46.76 -36.80
C ASP C 106 -12.48 -45.64 -37.48
N SER C 107 -13.04 -45.98 -38.64
CA SER C 107 -13.66 -44.99 -39.53
C SER C 107 -14.84 -44.24 -38.90
N LYS C 108 -15.22 -44.55 -37.66
CA LYS C 108 -16.23 -43.75 -36.97
C LYS C 108 -15.68 -42.43 -36.44
N THR C 109 -14.36 -42.30 -36.34
CA THR C 109 -13.73 -41.13 -35.74
C THR C 109 -12.51 -40.74 -36.57
N GLN C 110 -11.93 -39.59 -36.24
CA GLN C 110 -10.80 -39.07 -37.00
C GLN C 110 -9.50 -39.53 -36.37
N SER C 111 -8.56 -39.94 -37.22
CA SER C 111 -7.29 -40.50 -36.75
C SER C 111 -6.13 -39.92 -37.53
N LEU C 112 -5.01 -39.75 -36.83
CA LEU C 112 -3.89 -38.93 -37.27
C LEU C 112 -2.67 -39.81 -37.51
N LEU C 113 -2.10 -39.72 -38.71
CA LEU C 113 -1.10 -40.68 -39.16
C LEU C 113 0.14 -39.94 -39.65
N ILE C 114 1.28 -40.28 -39.07
CA ILE C 114 2.58 -39.69 -39.42
C ILE C 114 3.43 -40.80 -40.02
N VAL C 115 3.92 -40.56 -41.25
CA VAL C 115 4.78 -41.51 -41.95
C VAL C 115 6.03 -40.78 -42.41
N ASN C 116 7.17 -41.46 -42.37
CA ASN C 116 8.42 -40.93 -42.90
C ASN C 116 9.01 -41.93 -43.90
N ASN C 117 9.66 -41.40 -44.93
CA ASN C 117 10.49 -42.22 -45.81
C ASN C 117 11.79 -41.47 -46.07
N ALA C 118 12.57 -41.97 -47.03
CA ALA C 118 13.95 -41.50 -47.19
C ALA C 118 14.05 -40.08 -47.72
N THR C 119 12.96 -39.50 -48.20
CA THR C 119 13.00 -38.17 -48.80
C THR C 119 11.90 -37.23 -48.34
N ASN C 120 10.85 -37.72 -47.69
CA ASN C 120 9.72 -36.87 -47.34
C ASN C 120 9.04 -37.40 -46.09
N VAL C 121 8.30 -36.52 -45.43
CA VAL C 121 7.49 -36.85 -44.26
C VAL C 121 6.05 -36.41 -44.53
N VAL C 122 5.10 -37.30 -44.27
CA VAL C 122 3.69 -37.04 -44.58
C VAL C 122 2.87 -37.14 -43.30
N ILE C 123 2.09 -36.09 -43.02
CA ILE C 123 1.17 -36.05 -41.89
C ILE C 123 -0.25 -35.98 -42.45
N LYS C 124 -1.16 -36.79 -41.92
CA LYS C 124 -2.48 -36.85 -42.51
C LYS C 124 -3.51 -37.09 -41.43
N VAL C 125 -4.73 -36.59 -41.65
CA VAL C 125 -5.80 -36.77 -40.69
C VAL C 125 -7.01 -37.29 -41.44
N CYS C 126 -7.37 -38.55 -41.21
CA CYS C 126 -8.50 -39.17 -41.88
C CYS C 126 -9.17 -40.20 -40.99
N GLU C 127 -10.39 -40.58 -41.36
CA GLU C 127 -11.11 -41.66 -40.69
C GLU C 127 -10.63 -43.00 -41.24
N PHE C 128 -9.37 -43.31 -40.96
CA PHE C 128 -8.78 -44.56 -41.42
C PHE C 128 -9.44 -45.75 -40.70
N GLN C 129 -9.50 -46.87 -41.42
CA GLN C 129 -9.86 -48.16 -40.83
C GLN C 129 -8.55 -48.93 -40.64
N PHE C 130 -7.93 -48.74 -39.48
CA PHE C 130 -6.58 -49.26 -39.27
C PHE C 130 -6.62 -50.76 -39.03
N CYS C 131 -5.53 -51.43 -39.38
CA CYS C 131 -5.36 -52.83 -39.03
C CYS C 131 -4.87 -52.96 -37.59
N ASN C 132 -5.17 -54.10 -36.97
CA ASN C 132 -4.84 -54.27 -35.57
C ASN C 132 -3.35 -54.48 -35.33
N ASP C 133 -2.61 -54.98 -36.31
CA ASP C 133 -1.15 -54.88 -36.33
C ASP C 133 -0.71 -54.22 -37.64
N PRO C 134 -0.73 -52.89 -37.70
CA PRO C 134 -0.29 -52.21 -38.91
C PRO C 134 1.22 -52.16 -39.04
N PHE C 135 1.67 -52.02 -40.29
CA PHE C 135 3.10 -51.82 -40.57
C PHE C 135 3.30 -51.35 -42.00
N VAL C 154 -1.32 -50.94 -43.54
CA VAL C 154 -1.55 -49.93 -42.52
C VAL C 154 -3.06 -49.74 -42.32
N TYR C 155 -3.80 -49.61 -43.42
CA TYR C 155 -5.24 -49.50 -43.35
C TYR C 155 -5.84 -50.11 -44.61
N SER C 156 -7.11 -50.50 -44.51
CA SER C 156 -7.84 -51.06 -45.64
C SER C 156 -8.61 -50.02 -46.43
N SER C 157 -8.68 -48.77 -45.95
CA SER C 157 -9.48 -47.75 -46.61
C SER C 157 -9.07 -46.33 -46.20
N GLU C 164 -10.41 -33.06 -42.27
CA GLU C 164 -9.17 -33.69 -42.70
C GLU C 164 -8.01 -32.70 -42.63
N TYR C 165 -6.78 -33.20 -42.79
CA TYR C 165 -5.61 -32.33 -42.82
C TYR C 165 -4.48 -33.06 -43.54
N VAL C 166 -3.74 -32.32 -44.36
CA VAL C 166 -2.58 -32.84 -45.06
C VAL C 166 -1.38 -31.94 -44.78
N SER C 167 -0.23 -32.56 -44.48
CA SER C 167 1.01 -31.82 -44.27
C SER C 167 2.13 -32.56 -44.99
N GLN C 168 2.72 -31.89 -45.98
CA GLN C 168 3.80 -32.39 -46.85
C GLN C 168 3.99 -33.90 -46.87
N ASN C 183 22.34 -43.38 -32.91
CA ASN C 183 22.06 -42.05 -32.37
C ASN C 183 20.65 -41.98 -31.79
N LEU C 184 20.55 -41.42 -30.59
CA LEU C 184 19.27 -41.31 -29.90
C LEU C 184 18.38 -40.29 -30.61
N ARG C 185 17.10 -40.63 -30.73
CA ARG C 185 16.11 -39.79 -31.41
C ARG C 185 14.93 -39.62 -30.45
N GLU C 186 14.74 -38.41 -29.94
CA GLU C 186 13.70 -38.11 -28.97
C GLU C 186 12.61 -37.26 -29.60
N PHE C 187 11.36 -37.61 -29.31
CA PHE C 187 10.20 -36.86 -29.75
C PHE C 187 9.27 -36.67 -28.56
N VAL C 188 8.51 -35.58 -28.60
CA VAL C 188 7.49 -35.28 -27.60
C VAL C 188 6.22 -34.86 -28.35
N PHE C 189 5.12 -35.54 -28.04
CA PHE C 189 3.82 -35.27 -28.65
C PHE C 189 2.89 -34.71 -27.58
N LYS C 190 2.36 -33.51 -27.84
CA LYS C 190 1.38 -32.88 -26.96
C LYS C 190 0.12 -32.59 -27.77
N ASN C 191 -1.04 -32.73 -27.13
CA ASN C 191 -2.33 -32.46 -27.75
C ASN C 191 -3.13 -31.58 -26.80
N ILE C 192 -3.07 -30.26 -27.00
CA ILE C 192 -3.71 -29.33 -26.08
C ILE C 192 -4.02 -28.03 -26.83
N ASP C 193 -5.06 -27.34 -26.37
CA ASP C 193 -5.49 -26.06 -26.94
C ASP C 193 -5.81 -26.19 -28.42
N GLY C 194 -6.35 -27.34 -28.83
CA GLY C 194 -6.64 -27.56 -30.24
C GLY C 194 -5.42 -27.65 -31.12
N TYR C 195 -4.24 -27.91 -30.54
CA TYR C 195 -3.00 -27.99 -31.29
C TYR C 195 -2.28 -29.28 -30.93
N PHE C 196 -1.70 -29.91 -31.95
CA PHE C 196 -0.86 -31.10 -31.78
C PHE C 196 0.57 -30.66 -32.01
N LYS C 197 1.34 -30.53 -30.93
CA LYS C 197 2.71 -30.06 -31.00
C LYS C 197 3.67 -31.24 -30.96
N ILE C 198 4.60 -31.27 -31.91
CA ILE C 198 5.65 -32.27 -31.98
C ILE C 198 6.99 -31.58 -31.80
N TYR C 199 7.73 -32.00 -30.78
CA TYR C 199 9.09 -31.56 -30.53
C TYR C 199 10.03 -32.71 -30.83
N SER C 200 11.23 -32.42 -31.33
CA SER C 200 12.16 -33.47 -31.72
C SER C 200 13.59 -33.05 -31.41
N LYS C 201 14.45 -34.06 -31.29
CA LYS C 201 15.89 -33.84 -31.08
C LYS C 201 16.63 -35.11 -31.45
N HIS C 202 17.84 -34.94 -32.00
CA HIS C 202 18.73 -36.04 -32.32
C HIS C 202 20.05 -35.83 -31.61
N THR C 203 20.47 -36.82 -30.82
CA THR C 203 21.68 -36.71 -30.01
C THR C 203 22.54 -37.95 -30.21
N PRO C 204 23.75 -37.82 -30.74
CA PRO C 204 24.63 -38.98 -30.87
C PRO C 204 25.06 -39.50 -29.50
N ILE C 205 25.29 -40.80 -29.43
CA ILE C 205 25.70 -41.45 -28.19
C ILE C 205 27.21 -41.51 -28.10
N LEU C 211 18.85 -45.08 -22.16
CA LEU C 211 18.86 -43.63 -22.34
C LEU C 211 20.10 -43.01 -21.73
N PRO C 212 20.75 -42.12 -22.47
CA PRO C 212 21.96 -41.47 -21.96
C PRO C 212 21.66 -40.57 -20.78
N GLN C 213 22.64 -40.45 -19.88
CA GLN C 213 22.50 -39.65 -18.68
C GLN C 213 22.73 -38.17 -18.92
N GLY C 214 23.18 -37.78 -20.11
CA GLY C 214 23.41 -36.39 -20.42
C GLY C 214 22.11 -35.60 -20.54
N PHE C 215 22.28 -34.29 -20.71
CA PHE C 215 21.15 -33.37 -20.81
C PHE C 215 21.11 -32.75 -22.19
N SER C 216 19.91 -32.73 -22.78
CA SER C 216 19.70 -32.09 -24.07
C SER C 216 18.22 -31.73 -24.19
N ALA C 217 17.97 -30.55 -24.74
CA ALA C 217 16.61 -30.03 -24.88
C ALA C 217 16.07 -30.34 -26.27
N LEU C 218 14.75 -30.50 -26.35
CA LEU C 218 14.06 -30.84 -27.59
C LEU C 218 13.48 -29.58 -28.21
N GLU C 219 13.97 -29.20 -29.38
CA GLU C 219 13.42 -28.06 -30.08
C GLU C 219 12.08 -28.42 -30.73
N PRO C 220 11.17 -27.45 -30.82
CA PRO C 220 9.90 -27.72 -31.50
C PRO C 220 10.12 -28.10 -32.95
N LEU C 221 9.36 -29.10 -33.42
CA LEU C 221 9.45 -29.59 -34.79
C LEU C 221 8.28 -29.13 -35.64
N VAL C 222 7.05 -29.28 -35.16
CA VAL C 222 5.88 -28.90 -35.96
C VAL C 222 4.71 -28.65 -35.01
N ASP C 223 3.73 -27.89 -35.48
CA ASP C 223 2.50 -27.60 -34.75
C ASP C 223 1.33 -27.78 -35.71
N LEU C 224 0.52 -28.82 -35.48
CA LEU C 224 -0.62 -29.10 -36.32
C LEU C 224 -1.87 -28.47 -35.73
N PRO C 225 -2.60 -27.64 -36.49
CA PRO C 225 -3.80 -27.00 -35.97
C PRO C 225 -5.03 -27.89 -36.03
N ILE C 226 -4.81 -29.21 -36.14
CA ILE C 226 -5.89 -30.14 -36.41
C ILE C 226 -6.96 -30.09 -35.32
N GLY C 227 -6.54 -30.01 -34.05
CA GLY C 227 -7.48 -30.00 -32.96
C GLY C 227 -8.27 -31.29 -32.83
N ILE C 228 -7.55 -32.42 -32.90
CA ILE C 228 -8.16 -33.74 -32.89
C ILE C 228 -8.17 -34.29 -31.47
N ASN C 229 -9.23 -35.03 -31.14
CA ASN C 229 -9.33 -35.69 -29.84
C ASN C 229 -8.46 -36.93 -29.86
N ILE C 230 -7.53 -37.02 -28.89
CA ILE C 230 -6.54 -38.09 -28.85
C ILE C 230 -6.57 -38.72 -27.46
N THR C 231 -6.77 -40.03 -27.40
CA THR C 231 -6.67 -40.79 -26.16
C THR C 231 -5.82 -42.05 -26.27
N ARG C 232 -5.57 -42.55 -27.47
CA ARG C 232 -4.77 -43.74 -27.68
C ARG C 232 -3.87 -43.54 -28.90
N PHE C 233 -2.79 -44.31 -28.94
CA PHE C 233 -1.79 -44.16 -30.00
C PHE C 233 -0.97 -45.44 -30.09
N GLN C 234 -0.26 -45.57 -31.20
CA GLN C 234 0.68 -46.68 -31.37
C GLN C 234 1.73 -46.31 -32.41
N THR C 235 2.89 -46.95 -32.31
CA THR C 235 3.96 -46.72 -33.26
C THR C 235 3.67 -47.47 -34.57
N LEU C 236 4.42 -47.10 -35.61
CA LEU C 236 4.27 -47.69 -36.94
C LEU C 236 5.65 -48.10 -37.44
N LEU C 237 5.87 -49.40 -37.49
CA LEU C 237 7.15 -49.96 -37.92
C LEU C 237 7.29 -49.93 -39.43
N ALA C 258 13.81 -52.71 -33.12
CA ALA C 258 12.48 -52.11 -33.16
C ALA C 258 11.99 -51.74 -31.77
N ALA C 259 12.94 -51.54 -30.85
CA ALA C 259 12.63 -51.16 -29.47
C ALA C 259 12.51 -49.65 -29.35
N TYR C 260 11.63 -49.22 -28.45
CA TYR C 260 11.40 -47.80 -28.26
C TYR C 260 10.92 -47.53 -26.84
N TYR C 261 11.23 -46.32 -26.34
CA TYR C 261 10.87 -45.91 -25.00
C TYR C 261 9.64 -44.98 -25.05
N VAL C 262 8.72 -45.21 -24.11
CA VAL C 262 7.49 -44.44 -24.02
C VAL C 262 7.33 -43.96 -22.59
N GLY C 263 7.10 -42.65 -22.43
CA GLY C 263 6.79 -42.09 -21.13
C GLY C 263 5.60 -41.16 -21.23
N TYR C 264 4.99 -40.87 -20.09
CA TYR C 264 3.78 -40.07 -20.02
C TYR C 264 4.05 -38.77 -19.28
N LEU C 265 3.72 -37.65 -19.91
CA LEU C 265 3.94 -36.34 -19.32
C LEU C 265 2.93 -36.08 -18.20
N GLN C 266 3.32 -35.21 -17.28
CA GLN C 266 2.49 -34.80 -16.16
C GLN C 266 2.61 -33.30 -15.99
N PRO C 267 1.58 -32.64 -15.45
CA PRO C 267 1.68 -31.19 -15.23
C PRO C 267 2.69 -30.87 -14.13
N ARG C 268 3.84 -30.32 -14.51
CA ARG C 268 4.93 -30.07 -13.59
C ARG C 268 5.45 -28.65 -13.77
N THR C 269 6.06 -28.14 -12.70
CA THR C 269 6.76 -26.86 -12.72
C THR C 269 8.25 -27.13 -12.85
N PHE C 270 8.87 -26.53 -13.86
CA PHE C 270 10.27 -26.75 -14.18
C PHE C 270 11.03 -25.43 -14.14
N LEU C 271 12.27 -25.50 -13.66
CA LEU C 271 13.19 -24.36 -13.62
C LEU C 271 14.30 -24.64 -14.63
N LEU C 272 14.25 -23.96 -15.78
CA LEU C 272 15.20 -24.15 -16.86
C LEU C 272 16.27 -23.06 -16.80
N LYS C 273 17.47 -23.40 -17.26
CA LYS C 273 18.60 -22.48 -17.31
C LYS C 273 18.98 -22.23 -18.75
N TYR C 274 19.02 -20.95 -19.13
CA TYR C 274 19.40 -20.53 -20.48
C TYR C 274 20.80 -19.93 -20.43
N ASN C 275 21.71 -20.48 -21.25
CA ASN C 275 23.09 -20.04 -21.27
C ASN C 275 23.24 -18.84 -22.21
N GLU C 276 24.49 -18.48 -22.52
CA GLU C 276 24.73 -17.35 -23.42
C GLU C 276 24.23 -17.63 -24.83
N ASN C 277 24.36 -18.88 -25.30
CA ASN C 277 23.87 -19.23 -26.63
C ASN C 277 22.35 -19.17 -26.71
N GLY C 278 21.66 -19.16 -25.57
CA GLY C 278 20.21 -19.22 -25.57
C GLY C 278 19.65 -20.63 -25.58
N THR C 279 20.45 -21.63 -25.25
CA THR C 279 20.05 -23.03 -25.29
C THR C 279 19.87 -23.55 -23.87
N ILE C 280 18.76 -24.25 -23.63
CA ILE C 280 18.52 -24.85 -22.32
C ILE C 280 19.58 -25.89 -22.06
N THR C 281 20.40 -25.67 -21.03
CA THR C 281 21.47 -26.59 -20.68
C THR C 281 21.22 -27.38 -19.41
N ASP C 282 20.31 -26.93 -18.55
CA ASP C 282 20.02 -27.64 -17.32
C ASP C 282 18.59 -27.31 -16.88
N ALA C 283 18.03 -28.21 -16.08
CA ALA C 283 16.65 -28.05 -15.61
C ALA C 283 16.53 -28.67 -14.22
N VAL C 284 15.55 -28.17 -13.47
CA VAL C 284 15.23 -28.66 -12.14
C VAL C 284 13.73 -28.96 -12.09
N ASP C 285 13.38 -30.17 -11.68
CA ASP C 285 12.00 -30.57 -11.46
C ASP C 285 11.62 -30.20 -10.04
N CYS C 286 10.74 -29.21 -9.89
CA CYS C 286 10.48 -28.62 -8.58
C CYS C 286 9.88 -29.60 -7.58
N ALA C 287 9.26 -30.68 -8.06
CA ALA C 287 8.59 -31.64 -7.18
C ALA C 287 9.32 -32.98 -7.09
N LEU C 288 10.56 -33.06 -7.56
CA LEU C 288 11.29 -34.32 -7.54
C LEU C 288 11.68 -34.72 -6.11
N ASP C 289 12.26 -33.79 -5.37
CA ASP C 289 12.74 -34.07 -4.01
C ASP C 289 12.88 -32.74 -3.28
N PRO C 290 13.06 -32.77 -1.96
CA PRO C 290 13.19 -31.51 -1.21
C PRO C 290 14.31 -30.61 -1.70
N LEU C 291 15.43 -31.18 -2.15
CA LEU C 291 16.53 -30.36 -2.65
C LEU C 291 16.11 -29.57 -3.89
N SER C 292 15.37 -30.23 -4.80
CA SER C 292 14.92 -29.53 -6.00
C SER C 292 13.87 -28.47 -5.65
N GLU C 293 13.04 -28.74 -4.65
CA GLU C 293 12.10 -27.72 -4.19
C GLU C 293 12.82 -26.51 -3.62
N THR C 294 13.90 -26.76 -2.87
CA THR C 294 14.71 -25.66 -2.36
C THR C 294 15.36 -24.88 -3.49
N LYS C 295 15.86 -25.58 -4.50
CA LYS C 295 16.46 -24.91 -5.66
C LYS C 295 15.43 -24.04 -6.37
N CYS C 296 14.21 -24.56 -6.54
CA CYS C 296 13.17 -23.78 -7.20
C CYS C 296 12.76 -22.56 -6.37
N THR C 297 12.67 -22.73 -5.04
CA THR C 297 12.31 -21.62 -4.18
C THR C 297 13.38 -20.53 -4.20
N LEU C 298 14.65 -20.93 -4.16
CA LEU C 298 15.75 -19.96 -4.20
C LEU C 298 16.05 -19.46 -5.59
N LYS C 299 15.42 -20.04 -6.62
CA LYS C 299 15.63 -19.63 -8.02
C LYS C 299 17.11 -19.73 -8.40
N SER C 300 17.77 -20.79 -7.95
CA SER C 300 19.18 -21.00 -8.24
C SER C 300 19.46 -22.49 -8.31
N PHE C 301 20.48 -22.86 -9.08
CA PHE C 301 20.88 -24.25 -9.22
C PHE C 301 21.87 -24.68 -8.15
N THR C 302 22.39 -23.74 -7.35
CA THR C 302 23.29 -24.05 -6.26
C THR C 302 22.71 -23.52 -4.96
N VAL C 303 22.80 -24.33 -3.91
CA VAL C 303 22.23 -23.99 -2.61
C VAL C 303 23.37 -23.93 -1.59
N GLU C 304 23.43 -22.84 -0.84
CA GLU C 304 24.41 -22.70 0.22
C GLU C 304 23.96 -23.47 1.46
N LYS C 305 24.90 -23.67 2.38
CA LYS C 305 24.60 -24.37 3.62
C LYS C 305 23.64 -23.56 4.46
N GLY C 306 22.62 -24.23 5.01
CA GLY C 306 21.65 -23.57 5.84
C GLY C 306 20.32 -24.32 5.83
N ILE C 307 19.32 -23.67 6.39
CA ILE C 307 17.96 -24.21 6.47
C ILE C 307 17.02 -23.23 5.78
N TYR C 308 16.19 -23.73 4.88
CA TYR C 308 15.32 -22.91 4.06
C TYR C 308 13.89 -23.40 4.15
N GLN C 309 12.95 -22.46 4.29
CA GLN C 309 11.53 -22.76 4.29
C GLN C 309 11.04 -22.77 2.84
N THR C 310 10.67 -23.95 2.35
CA THR C 310 10.30 -24.11 0.95
C THR C 310 8.79 -23.98 0.74
N SER C 311 8.00 -24.77 1.43
CA SER C 311 6.56 -24.78 1.24
C SER C 311 5.90 -25.30 2.52
N ASN C 312 4.62 -25.66 2.40
CA ASN C 312 3.86 -26.22 3.52
C ASN C 312 3.13 -27.46 3.05
N PHE C 313 3.28 -28.55 3.79
CA PHE C 313 2.51 -29.75 3.51
C PHE C 313 1.07 -29.57 3.96
N ARG C 314 0.16 -30.18 3.20
CA ARG C 314 -1.27 -30.06 3.43
C ARG C 314 -1.94 -31.36 3.02
N VAL C 315 -2.73 -31.94 3.92
CA VAL C 315 -3.42 -33.18 3.63
C VAL C 315 -4.60 -32.89 2.70
N GLN C 316 -4.67 -33.60 1.59
CA GLN C 316 -5.70 -33.40 0.59
C GLN C 316 -6.99 -34.11 1.00
N PRO C 317 -8.15 -33.59 0.58
CA PRO C 317 -9.42 -34.25 0.91
C PRO C 317 -9.53 -35.61 0.24
N THR C 318 -10.22 -36.52 0.91
CA THR C 318 -10.41 -37.87 0.40
C THR C 318 -11.74 -38.06 -0.30
N GLU C 319 -12.78 -37.34 0.12
CA GLU C 319 -14.11 -37.45 -0.46
C GLU C 319 -14.73 -36.06 -0.56
N SER C 320 -15.84 -35.99 -1.31
CA SER C 320 -16.63 -34.78 -1.43
C SER C 320 -18.05 -35.11 -0.99
N ILE C 321 -18.55 -34.38 0.01
CA ILE C 321 -19.87 -34.64 0.56
C ILE C 321 -20.74 -33.41 0.32
N VAL C 322 -22.04 -33.66 0.22
CA VAL C 322 -23.04 -32.63 -0.07
C VAL C 322 -24.21 -32.84 0.89
N ARG C 323 -24.56 -31.80 1.64
CA ARG C 323 -25.65 -31.86 2.62
C ARG C 323 -26.66 -30.76 2.32
N PHE C 324 -27.85 -31.16 1.91
CA PHE C 324 -28.98 -30.33 1.51
C PHE C 324 -30.23 -30.74 2.28
N PRO C 325 -31.15 -29.83 2.53
CA PRO C 325 -32.40 -30.21 3.22
C PRO C 325 -33.22 -31.17 2.37
N ASN C 326 -33.97 -32.05 3.04
CA ASN C 326 -34.68 -33.11 2.32
C ASN C 326 -35.98 -32.44 1.86
N ILE C 327 -35.95 -31.94 0.62
CA ILE C 327 -37.07 -31.26 -0.02
C ILE C 327 -37.29 -31.90 -1.39
N THR C 328 -38.53 -32.26 -1.67
CA THR C 328 -38.91 -32.93 -2.90
C THR C 328 -39.86 -32.12 -3.76
N ASN C 329 -40.57 -31.15 -3.21
CA ASN C 329 -41.50 -30.36 -3.98
C ASN C 329 -40.76 -29.44 -4.95
N LEU C 330 -41.42 -29.13 -6.06
CA LEU C 330 -40.89 -28.23 -7.07
C LEU C 330 -41.52 -26.86 -6.93
N CYS C 331 -40.69 -25.82 -7.04
CA CYS C 331 -41.17 -24.46 -6.86
C CYS C 331 -42.12 -24.07 -8.00
N PRO C 332 -43.25 -23.44 -7.69
CA PRO C 332 -44.23 -23.07 -8.74
C PRO C 332 -43.85 -21.78 -9.45
N PHE C 333 -42.71 -21.80 -10.13
CA PHE C 333 -42.28 -20.64 -10.91
C PHE C 333 -43.14 -20.42 -12.15
N ASP C 334 -43.80 -21.48 -12.64
CA ASP C 334 -44.69 -21.33 -13.80
C ASP C 334 -45.89 -20.46 -13.47
N GLU C 335 -46.39 -20.54 -12.23
CA GLU C 335 -47.52 -19.71 -11.82
C GLU C 335 -47.17 -18.22 -11.80
N VAL C 336 -45.89 -17.88 -11.79
CA VAL C 336 -45.46 -16.49 -11.77
C VAL C 336 -45.15 -15.99 -13.18
N PHE C 337 -44.32 -16.72 -13.91
CA PHE C 337 -43.91 -16.28 -15.25
C PHE C 337 -44.99 -16.49 -16.29
N ASN C 338 -45.76 -17.58 -16.19
CA ASN C 338 -46.80 -17.91 -17.17
C ASN C 338 -48.19 -17.47 -16.71
N ALA C 339 -48.26 -16.38 -15.95
CA ALA C 339 -49.56 -15.86 -15.53
C ALA C 339 -50.29 -15.23 -16.71
N THR C 340 -51.62 -15.39 -16.73
CA THR C 340 -52.41 -14.81 -17.81
C THR C 340 -52.33 -13.30 -17.81
N THR C 341 -52.45 -12.68 -16.63
CA THR C 341 -52.36 -11.23 -16.50
C THR C 341 -51.43 -10.89 -15.35
N PHE C 342 -50.82 -9.71 -15.44
CA PHE C 342 -49.89 -9.22 -14.43
C PHE C 342 -50.50 -8.02 -13.71
N ALA C 343 -50.06 -7.82 -12.47
CA ALA C 343 -50.54 -6.70 -11.68
C ALA C 343 -49.86 -5.40 -12.11
N SER C 344 -50.49 -4.28 -11.74
CA SER C 344 -49.89 -2.98 -12.00
C SER C 344 -48.68 -2.76 -11.09
N VAL C 345 -47.79 -1.86 -11.52
CA VAL C 345 -46.58 -1.62 -10.75
C VAL C 345 -46.91 -0.95 -9.41
N TYR C 346 -48.00 -0.17 -9.36
CA TYR C 346 -48.41 0.43 -8.09
C TYR C 346 -48.93 -0.60 -7.11
N ALA C 347 -49.41 -1.74 -7.59
CA ALA C 347 -49.92 -2.84 -6.78
C ALA C 347 -49.23 -4.14 -7.19
N TRP C 348 -47.90 -4.11 -7.26
CA TRP C 348 -47.13 -5.26 -7.71
C TRP C 348 -47.42 -6.48 -6.86
N ASN C 349 -47.51 -7.65 -7.50
CA ASN C 349 -47.92 -8.86 -6.81
C ASN C 349 -46.70 -9.62 -6.28
N ARG C 350 -46.74 -9.99 -5.01
CA ARG C 350 -45.66 -10.71 -4.36
C ARG C 350 -46.06 -12.15 -4.10
N LYS C 351 -45.23 -13.09 -4.54
CA LYS C 351 -45.45 -14.51 -4.36
C LYS C 351 -44.34 -15.08 -3.48
N ARG C 352 -44.73 -15.77 -2.42
CA ARG C 352 -43.79 -16.40 -1.51
C ARG C 352 -43.43 -17.79 -2.03
N ILE C 353 -42.14 -18.10 -2.06
CA ILE C 353 -41.63 -19.37 -2.57
C ILE C 353 -40.72 -19.95 -1.51
N SER C 354 -41.11 -21.11 -0.97
CA SER C 354 -40.35 -21.79 0.07
C SER C 354 -40.75 -23.25 0.10
N ASN C 355 -39.91 -24.06 0.75
CA ASN C 355 -40.14 -25.49 0.91
C ASN C 355 -40.30 -26.19 -0.44
N CYS C 356 -39.38 -25.88 -1.35
CA CYS C 356 -39.42 -26.47 -2.69
C CYS C 356 -38.01 -26.44 -3.29
N VAL C 357 -37.83 -27.24 -4.34
CA VAL C 357 -36.57 -27.30 -5.07
C VAL C 357 -36.71 -26.43 -6.31
N ALA C 358 -35.83 -25.45 -6.44
CA ALA C 358 -35.89 -24.48 -7.53
C ALA C 358 -34.87 -24.85 -8.60
N ASP C 359 -35.35 -25.02 -9.82
CA ASP C 359 -34.50 -25.26 -11.00
C ASP C 359 -34.63 -24.04 -11.90
N TYR C 360 -33.75 -23.06 -11.70
CA TYR C 360 -33.82 -21.81 -12.43
C TYR C 360 -33.53 -21.99 -13.92
N SER C 361 -32.85 -23.07 -14.31
CA SER C 361 -32.51 -23.27 -15.71
C SER C 361 -33.76 -23.42 -16.58
N VAL C 362 -34.88 -23.86 -15.99
CA VAL C 362 -36.12 -23.97 -16.75
C VAL C 362 -36.85 -22.65 -16.88
N LEU C 363 -36.42 -21.62 -16.15
CA LEU C 363 -37.10 -20.31 -16.24
C LEU C 363 -37.07 -19.78 -17.67
N TYR C 364 -35.99 -20.04 -18.40
CA TYR C 364 -35.90 -19.57 -19.79
C TYR C 364 -37.03 -20.12 -20.65
N ASN C 365 -37.57 -21.28 -20.29
CA ASN C 365 -38.67 -21.84 -21.07
C ASN C 365 -39.99 -21.14 -20.77
N PHE C 366 -40.13 -20.55 -19.58
CA PHE C 366 -41.41 -19.99 -19.18
C PHE C 366 -41.70 -18.66 -19.89
N ALA C 367 -40.70 -17.81 -20.03
CA ALA C 367 -40.88 -16.51 -20.67
C ALA C 367 -39.78 -16.27 -21.69
N PRO C 368 -40.09 -15.53 -22.78
CA PRO C 368 -39.10 -15.28 -23.83
C PRO C 368 -38.20 -14.08 -23.55
N PHE C 369 -37.67 -14.01 -22.34
CA PHE C 369 -36.73 -12.96 -22.00
C PHE C 369 -35.34 -13.27 -22.53
N PHE C 370 -34.62 -12.21 -22.92
CA PHE C 370 -33.32 -12.41 -23.55
C PHE C 370 -32.26 -12.86 -22.56
N ALA C 371 -32.20 -12.23 -21.38
CA ALA C 371 -31.16 -12.55 -20.41
C ALA C 371 -31.60 -12.13 -19.02
N PHE C 372 -30.92 -12.69 -18.02
CA PHE C 372 -31.12 -12.33 -16.64
C PHE C 372 -30.45 -11.00 -16.32
N LYS C 373 -30.80 -10.44 -15.17
CA LYS C 373 -30.13 -9.25 -14.62
C LYS C 373 -30.08 -9.44 -13.11
N CYS C 374 -28.98 -10.00 -12.62
CA CYS C 374 -28.85 -10.37 -11.21
C CYS C 374 -27.84 -9.47 -10.53
N TYR C 375 -28.10 -9.16 -9.26
CA TYR C 375 -27.25 -8.30 -8.45
C TYR C 375 -26.79 -9.08 -7.22
N GLY C 376 -25.47 -9.10 -6.98
CA GLY C 376 -24.92 -9.84 -5.87
C GLY C 376 -24.86 -11.34 -6.08
N VAL C 377 -25.20 -11.81 -7.28
CA VAL C 377 -25.21 -13.25 -7.56
C VAL C 377 -25.19 -13.40 -9.08
N SER C 378 -24.77 -14.58 -9.54
CA SER C 378 -24.77 -14.82 -10.98
C SER C 378 -25.88 -15.79 -11.35
N PRO C 379 -26.52 -15.60 -12.50
CA PRO C 379 -27.53 -16.59 -12.94
C PRO C 379 -26.95 -17.95 -13.19
N THR C 380 -25.64 -18.03 -13.44
CA THR C 380 -24.98 -19.30 -13.68
C THR C 380 -24.95 -20.17 -12.43
N LYS C 381 -24.82 -19.56 -11.26
CA LYS C 381 -24.61 -20.29 -10.02
C LYS C 381 -25.89 -20.49 -9.20
N LEU C 382 -27.03 -20.03 -9.72
CA LEU C 382 -28.27 -20.08 -8.94
C LEU C 382 -28.66 -21.51 -8.58
N ASN C 383 -28.35 -22.48 -9.44
CA ASN C 383 -28.69 -23.87 -9.15
C ASN C 383 -27.82 -24.48 -8.04
N ASP C 384 -26.73 -23.81 -7.67
CA ASP C 384 -25.79 -24.35 -6.69
C ASP C 384 -26.00 -23.77 -5.29
N LEU C 385 -27.00 -22.93 -5.08
CA LEU C 385 -27.15 -22.20 -3.83
C LEU C 385 -28.46 -22.57 -3.14
N CYS C 386 -28.54 -22.22 -1.87
CA CYS C 386 -29.76 -22.33 -1.08
C CYS C 386 -30.19 -20.96 -0.60
N PHE C 387 -31.49 -20.82 -0.35
CA PHE C 387 -32.06 -19.57 0.14
C PHE C 387 -33.09 -19.88 1.20
N THR C 388 -33.18 -18.99 2.20
CA THR C 388 -34.19 -19.15 3.24
C THR C 388 -35.59 -18.97 2.66
N ASN C 389 -35.80 -17.91 1.89
CA ASN C 389 -37.08 -17.65 1.24
C ASN C 389 -36.83 -16.97 -0.08
N VAL C 390 -37.76 -17.16 -1.02
CA VAL C 390 -37.69 -16.51 -2.32
C VAL C 390 -38.96 -15.68 -2.50
N TYR C 391 -38.81 -14.48 -3.03
CA TYR C 391 -39.97 -13.61 -3.30
C TYR C 391 -40.01 -13.26 -4.78
N ALA C 392 -41.13 -13.53 -5.42
CA ALA C 392 -41.33 -13.22 -6.83
C ALA C 392 -42.29 -12.04 -6.94
N ASP C 393 -41.77 -10.89 -7.35
CA ASP C 393 -42.58 -9.68 -7.50
C ASP C 393 -42.86 -9.46 -8.99
N SER C 394 -44.13 -9.49 -9.36
CA SER C 394 -44.56 -9.39 -10.74
C SER C 394 -45.29 -8.07 -10.96
N PHE C 395 -44.94 -7.39 -12.05
CA PHE C 395 -45.67 -6.19 -12.46
C PHE C 395 -45.39 -5.92 -13.94
N VAL C 396 -45.98 -4.84 -14.44
CA VAL C 396 -45.83 -4.40 -15.82
C VAL C 396 -45.50 -2.92 -15.82
N ILE C 397 -44.49 -2.53 -16.60
CA ILE C 397 -44.07 -1.15 -16.70
C ILE C 397 -43.83 -0.81 -18.18
N ARG C 398 -43.35 0.40 -18.42
CA ARG C 398 -42.90 0.76 -19.76
C ARG C 398 -41.47 0.27 -19.99
N GLY C 399 -41.07 0.22 -21.26
CA GLY C 399 -39.73 -0.21 -21.58
C GLY C 399 -38.66 0.72 -21.01
N ASN C 400 -38.84 2.02 -21.20
CA ASN C 400 -37.87 2.99 -20.70
C ASN C 400 -37.78 3.02 -19.18
N GLU C 401 -38.74 2.41 -18.49
CA GLU C 401 -38.71 2.32 -17.03
C GLU C 401 -38.06 1.03 -16.54
N VAL C 402 -37.66 0.13 -17.45
CA VAL C 402 -37.04 -1.12 -17.04
C VAL C 402 -35.73 -0.85 -16.29
N SER C 403 -34.99 0.18 -16.72
CA SER C 403 -33.76 0.54 -16.04
C SER C 403 -34.01 1.03 -14.61
N GLN C 404 -35.24 1.44 -14.30
CA GLN C 404 -35.54 1.90 -12.94
C GLN C 404 -35.66 0.74 -11.95
N ILE C 405 -35.79 -0.49 -12.44
CA ILE C 405 -35.88 -1.66 -11.53
C ILE C 405 -34.43 -2.11 -11.30
N ALA C 406 -33.78 -1.43 -10.37
CA ALA C 406 -32.39 -1.67 -10.02
C ALA C 406 -32.04 -0.94 -8.73
N PRO C 407 -31.06 -1.42 -7.97
CA PRO C 407 -30.67 -0.71 -6.74
C PRO C 407 -30.14 0.69 -7.04
N GLY C 408 -30.47 1.63 -6.16
CA GLY C 408 -29.97 2.98 -6.28
C GLY C 408 -30.64 3.83 -7.34
N GLN C 409 -31.77 3.40 -7.87
CA GLN C 409 -32.46 4.14 -8.92
C GLN C 409 -33.57 5.01 -8.33
N THR C 410 -33.80 6.16 -8.96
CA THR C 410 -34.94 7.01 -8.67
C THR C 410 -35.80 7.12 -9.93
N GLY C 411 -36.79 7.99 -9.86
CA GLY C 411 -37.79 8.10 -10.91
C GLY C 411 -39.16 7.66 -10.41
N ASN C 412 -40.16 7.90 -11.26
CA ASN C 412 -41.54 7.66 -10.86
C ASN C 412 -41.75 6.24 -10.36
N ILE C 413 -41.32 5.25 -11.14
CA ILE C 413 -41.49 3.86 -10.76
C ILE C 413 -40.70 3.55 -9.49
N ALA C 414 -39.45 4.03 -9.41
CA ALA C 414 -38.62 3.74 -8.26
C ALA C 414 -39.07 4.52 -7.03
N ASP C 415 -39.46 5.78 -7.21
CA ASP C 415 -39.80 6.62 -6.07
C ASP C 415 -41.18 6.25 -5.49
N TYR C 416 -42.17 6.03 -6.35
CA TYR C 416 -43.55 5.92 -5.89
C TYR C 416 -44.22 4.59 -6.18
N ASN C 417 -43.59 3.69 -6.93
CA ASN C 417 -44.23 2.43 -7.30
C ASN C 417 -43.50 1.21 -6.77
N TYR C 418 -42.21 1.08 -7.05
CA TYR C 418 -41.47 -0.12 -6.66
C TYR C 418 -40.01 0.26 -6.44
N LYS C 419 -39.54 0.10 -5.20
CA LYS C 419 -38.18 0.50 -4.81
C LYS C 419 -37.41 -0.73 -4.36
N LEU C 420 -36.19 -0.87 -4.87
CA LEU C 420 -35.26 -1.92 -4.49
C LEU C 420 -34.21 -1.38 -3.53
N PRO C 421 -33.79 -2.17 -2.55
CA PRO C 421 -32.78 -1.69 -1.59
C PRO C 421 -31.41 -1.57 -2.25
N ASP C 422 -30.55 -0.79 -1.60
CA ASP C 422 -29.18 -0.61 -2.11
C ASP C 422 -28.41 -1.92 -2.05
N ASP C 423 -28.61 -2.70 -0.99
CA ASP C 423 -27.96 -4.00 -0.84
C ASP C 423 -28.82 -5.14 -1.38
N PHE C 424 -29.62 -4.88 -2.41
CA PHE C 424 -30.52 -5.89 -2.96
C PHE C 424 -29.71 -7.06 -3.52
N THR C 425 -30.13 -8.27 -3.17
CA THR C 425 -29.54 -9.50 -3.68
C THR C 425 -30.64 -10.29 -4.37
N GLY C 426 -30.51 -10.46 -5.68
CA GLY C 426 -31.52 -11.17 -6.45
C GLY C 426 -31.34 -10.89 -7.92
N CYS C 427 -32.41 -11.14 -8.67
CA CYS C 427 -32.40 -11.01 -10.12
C CYS C 427 -33.63 -10.24 -10.59
N VAL C 428 -33.50 -9.60 -11.74
CA VAL C 428 -34.59 -8.87 -12.38
C VAL C 428 -34.72 -9.40 -13.80
N ILE C 429 -35.92 -9.85 -14.16
CA ILE C 429 -36.19 -10.43 -15.47
C ILE C 429 -37.32 -9.64 -16.11
N ALA C 430 -37.00 -8.92 -17.19
CA ALA C 430 -37.99 -8.11 -17.88
C ALA C 430 -38.04 -8.54 -19.33
N TRP C 431 -39.24 -8.76 -19.86
CA TRP C 431 -39.40 -9.14 -21.25
C TRP C 431 -40.56 -8.35 -21.87
N ASN C 432 -40.41 -8.08 -23.17
CA ASN C 432 -41.44 -7.35 -23.90
C ASN C 432 -42.72 -8.16 -23.98
N SER C 433 -43.84 -7.52 -23.67
CA SER C 433 -45.16 -8.13 -23.72
C SER C 433 -46.13 -7.28 -24.53
N ASN C 434 -45.67 -6.79 -25.68
CA ASN C 434 -46.51 -5.94 -26.52
C ASN C 434 -47.70 -6.73 -27.07
N LYS C 435 -47.48 -7.98 -27.45
CA LYS C 435 -48.56 -8.78 -28.03
C LYS C 435 -49.62 -9.18 -27.01
N LEU C 436 -49.31 -9.11 -25.71
CA LEU C 436 -50.23 -9.55 -24.67
C LEU C 436 -50.84 -8.41 -23.88
N ASP C 437 -50.17 -7.25 -23.78
CA ASP C 437 -50.61 -6.17 -22.91
C ASP C 437 -50.93 -4.89 -23.67
N SER C 438 -51.00 -4.94 -24.99
CA SER C 438 -51.33 -3.77 -25.79
C SER C 438 -52.49 -4.09 -26.71
N THR C 439 -53.45 -3.17 -26.81
CA THR C 439 -54.63 -3.32 -27.65
C THR C 439 -54.81 -2.07 -28.49
N VAL C 440 -55.52 -2.22 -29.61
CA VAL C 440 -55.81 -1.08 -30.48
C VAL C 440 -56.73 -0.12 -29.75
N GLY C 441 -56.33 1.15 -29.68
CA GLY C 441 -57.05 2.16 -28.96
C GLY C 441 -56.50 2.47 -27.59
N GLY C 442 -55.66 1.59 -27.04
CA GLY C 442 -55.04 1.83 -25.75
C GLY C 442 -55.50 0.90 -24.67
N ASN C 443 -54.55 0.20 -24.04
CA ASN C 443 -54.83 -0.66 -22.89
C ASN C 443 -54.67 0.17 -21.63
N TYR C 444 -55.79 0.54 -21.01
CA TYR C 444 -55.78 1.44 -19.86
C TYR C 444 -55.95 0.70 -18.54
N ASN C 445 -55.81 -0.62 -18.53
CA ASN C 445 -55.93 -1.38 -17.28
C ASN C 445 -54.69 -1.21 -16.41
N TYR C 446 -53.54 -0.96 -17.01
CA TYR C 446 -52.29 -0.85 -16.26
C TYR C 446 -52.06 0.61 -15.85
N ARG C 447 -51.79 0.83 -14.57
CA ARG C 447 -51.63 2.16 -14.02
C ARG C 447 -50.36 2.21 -13.16
N TYR C 448 -49.85 3.43 -13.00
CA TYR C 448 -48.68 3.67 -12.16
C TYR C 448 -48.92 4.92 -11.32
N ARG C 449 -48.35 4.94 -10.13
CA ARG C 449 -48.49 6.09 -9.25
C ARG C 449 -47.61 7.24 -9.75
N LEU C 450 -48.21 8.42 -9.89
CA LEU C 450 -47.52 9.58 -10.40
C LEU C 450 -47.17 10.61 -9.33
N PHE C 451 -47.97 10.71 -8.28
CA PHE C 451 -47.75 11.68 -7.22
C PHE C 451 -47.78 10.98 -5.86
N ARG C 452 -46.87 11.39 -4.99
CA ARG C 452 -46.84 10.89 -3.61
C ARG C 452 -46.12 11.90 -2.74
N LYS C 453 -46.47 11.91 -1.45
CA LYS C 453 -45.89 12.88 -0.53
C LYS C 453 -44.42 12.57 -0.25
N SER C 454 -44.08 11.30 -0.09
CA SER C 454 -42.73 10.89 0.23
C SER C 454 -42.33 9.68 -0.60
N LYS C 455 -41.02 9.51 -0.76
CA LYS C 455 -40.49 8.39 -1.53
C LYS C 455 -40.65 7.09 -0.77
N LEU C 456 -40.94 6.01 -1.50
CA LEU C 456 -41.16 4.72 -0.88
C LEU C 456 -39.87 4.12 -0.34
N LYS C 457 -39.97 3.44 0.80
CA LYS C 457 -38.87 2.62 1.28
C LYS C 457 -38.79 1.35 0.46
N PRO C 458 -37.65 0.66 0.48
CA PRO C 458 -37.54 -0.58 -0.31
C PRO C 458 -38.58 -1.61 0.07
N PHE C 459 -39.13 -2.28 -0.94
CA PHE C 459 -40.14 -3.33 -0.77
C PHE C 459 -41.36 -2.81 -0.01
N GLU C 460 -41.84 -1.64 -0.40
CA GLU C 460 -43.05 -1.05 0.14
C GLU C 460 -44.10 -0.93 -0.95
N ARG C 461 -45.36 -1.14 -0.58
CA ARG C 461 -46.48 -1.08 -1.50
C ARG C 461 -47.48 -0.02 -1.03
N ASP C 462 -47.99 0.76 -1.99
CA ASP C 462 -48.96 1.81 -1.72
C ASP C 462 -50.11 1.67 -2.71
N ILE C 463 -51.27 1.22 -2.22
CA ILE C 463 -52.46 1.06 -3.05
C ILE C 463 -53.50 2.12 -2.74
N SER C 464 -53.13 3.17 -2.01
CA SER C 464 -54.07 4.22 -1.68
C SER C 464 -54.43 5.04 -2.91
N THR C 465 -55.70 5.42 -3.01
CA THR C 465 -56.20 6.20 -4.13
C THR C 465 -56.67 7.59 -3.71
N GLU C 466 -56.19 8.08 -2.56
CA GLU C 466 -56.59 9.39 -2.08
C GLU C 466 -56.01 10.49 -2.97
N ILE C 467 -56.73 11.62 -3.02
CA ILE C 467 -56.31 12.73 -3.86
C ILE C 467 -55.04 13.35 -3.30
N TYR C 468 -54.07 13.58 -4.17
CA TYR C 468 -52.80 14.19 -3.79
C TYR C 468 -52.93 15.71 -3.77
N GLN C 469 -52.47 16.32 -2.69
CA GLN C 469 -52.53 17.77 -2.53
C GLN C 469 -51.20 18.36 -3.01
N ALA C 470 -51.18 18.83 -4.26
CA ALA C 470 -49.95 19.40 -4.80
C ALA C 470 -49.65 20.75 -4.17
N GLY C 471 -50.66 21.60 -3.99
CA GLY C 471 -50.50 22.92 -3.42
C GLY C 471 -50.80 22.95 -1.93
N ASN C 472 -51.17 24.13 -1.45
CA ASN C 472 -51.49 24.32 -0.04
C ASN C 472 -52.99 24.29 0.25
N LYS C 473 -53.83 24.50 -0.76
CA LYS C 473 -55.27 24.46 -0.57
C LYS C 473 -55.73 23.00 -0.43
N PRO C 474 -56.42 22.64 0.64
CA PRO C 474 -56.89 21.26 0.78
C PRO C 474 -57.85 20.88 -0.34
N CYS C 475 -57.74 19.63 -0.79
CA CYS C 475 -58.59 19.13 -1.86
C CYS C 475 -59.96 18.67 -1.38
N ASN C 476 -60.08 18.31 -0.10
CA ASN C 476 -61.33 17.82 0.47
C ASN C 476 -61.84 16.58 -0.27
N GLY C 477 -60.93 15.76 -0.76
CA GLY C 477 -61.31 14.54 -1.45
C GLY C 477 -61.91 14.75 -2.83
N VAL C 478 -61.65 15.90 -3.46
CA VAL C 478 -62.20 16.21 -4.77
C VAL C 478 -61.04 16.60 -5.68
N ALA C 479 -60.95 15.95 -6.84
CA ALA C 479 -59.92 16.27 -7.80
C ALA C 479 -60.23 17.59 -8.50
N GLY C 480 -59.18 18.35 -8.80
CA GLY C 480 -59.34 19.63 -9.47
C GLY C 480 -58.03 20.34 -9.73
N VAL C 481 -58.00 21.65 -9.48
CA VAL C 481 -56.78 22.42 -9.68
C VAL C 481 -55.81 22.12 -8.54
N ASN C 482 -54.57 21.75 -8.90
CA ASN C 482 -53.54 21.37 -7.96
C ASN C 482 -53.94 20.17 -7.10
N CYS C 483 -54.89 19.37 -7.57
CA CYS C 483 -55.36 18.18 -6.87
C CYS C 483 -55.67 17.12 -7.93
N TYR C 484 -54.73 16.23 -8.18
CA TYR C 484 -54.86 15.24 -9.23
C TYR C 484 -54.95 13.84 -8.64
N PHE C 485 -55.53 12.93 -9.42
CA PHE C 485 -55.59 11.53 -9.03
C PHE C 485 -54.18 10.94 -9.03
N PRO C 486 -53.78 10.23 -7.97
CA PRO C 486 -52.38 9.78 -7.88
C PRO C 486 -52.00 8.75 -8.93
N LEU C 487 -52.95 8.07 -9.56
CA LEU C 487 -52.66 7.00 -10.50
C LEU C 487 -52.90 7.47 -11.93
N GLN C 488 -51.92 7.22 -12.79
CA GLN C 488 -51.98 7.56 -14.20
C GLN C 488 -51.89 6.29 -15.03
N SER C 489 -52.72 6.20 -16.07
CA SER C 489 -52.79 5.02 -16.91
C SER C 489 -51.72 5.05 -18.00
N TYR C 490 -51.18 3.87 -18.32
CA TYR C 490 -50.14 3.78 -19.33
C TYR C 490 -50.72 3.99 -20.73
N GLY C 491 -51.83 3.33 -21.03
CA GLY C 491 -52.43 3.40 -22.35
C GLY C 491 -51.56 2.79 -23.44
N PHE C 492 -51.12 1.55 -23.23
CA PHE C 492 -50.26 0.89 -24.20
C PHE C 492 -50.98 0.68 -25.51
N ARG C 493 -50.25 0.89 -26.61
CA ARG C 493 -50.76 0.67 -27.96
C ARG C 493 -49.75 -0.10 -28.78
N PRO C 494 -50.20 -0.96 -29.70
CA PRO C 494 -49.25 -1.72 -30.52
C PRO C 494 -48.34 -0.86 -31.39
N THR C 495 -48.79 0.34 -31.77
CA THR C 495 -48.01 1.20 -32.63
C THR C 495 -46.88 1.92 -31.90
N TYR C 496 -46.80 1.80 -30.58
CA TYR C 496 -45.77 2.48 -29.81
C TYR C 496 -44.40 1.87 -30.09
N GLY C 497 -43.35 2.62 -29.78
CA GLY C 497 -42.00 2.16 -29.92
C GLY C 497 -41.60 1.21 -28.80
N VAL C 498 -40.38 0.69 -28.91
CA VAL C 498 -39.89 -0.28 -27.94
C VAL C 498 -39.77 0.35 -26.55
N GLY C 499 -39.45 1.65 -26.50
CA GLY C 499 -39.38 2.33 -25.22
C GLY C 499 -40.72 2.58 -24.57
N HIS C 500 -41.80 2.58 -25.36
CA HIS C 500 -43.15 2.77 -24.83
C HIS C 500 -43.96 1.49 -24.77
N GLN C 501 -43.45 0.39 -25.34
CA GLN C 501 -44.19 -0.86 -25.29
C GLN C 501 -44.19 -1.43 -23.89
N PRO C 502 -45.25 -2.15 -23.51
CA PRO C 502 -45.31 -2.75 -22.17
C PRO C 502 -44.25 -3.82 -21.98
N TYR C 503 -43.73 -3.91 -20.77
CA TYR C 503 -42.74 -4.90 -20.38
C TYR C 503 -43.17 -5.56 -19.09
N ARG C 504 -43.18 -6.89 -19.09
CA ARG C 504 -43.48 -7.66 -17.90
C ARG C 504 -42.20 -7.92 -17.12
N VAL C 505 -42.22 -7.59 -15.83
CA VAL C 505 -41.04 -7.64 -14.97
C VAL C 505 -41.34 -8.56 -13.79
N VAL C 506 -40.44 -9.52 -13.56
CA VAL C 506 -40.45 -10.40 -12.40
C VAL C 506 -39.13 -10.21 -11.68
N VAL C 507 -39.21 -9.84 -10.40
CA VAL C 507 -38.04 -9.63 -9.56
C VAL C 507 -37.98 -10.78 -8.56
N LEU C 508 -36.88 -11.54 -8.60
CA LEU C 508 -36.64 -12.63 -7.67
C LEU C 508 -35.72 -12.14 -6.57
N SER C 509 -36.25 -12.07 -5.35
CA SER C 509 -35.49 -11.66 -4.17
C SER C 509 -35.10 -12.91 -3.38
N PHE C 510 -33.80 -13.04 -3.12
CA PHE C 510 -33.23 -14.20 -2.44
C PHE C 510 -32.82 -13.80 -1.04
N GLU C 511 -33.16 -14.65 -0.06
CA GLU C 511 -32.73 -14.46 1.32
C GLU C 511 -31.56 -15.42 1.57
N LEU C 512 -30.40 -14.86 1.91
CA LEU C 512 -29.21 -15.68 2.10
C LEU C 512 -29.33 -16.52 3.37
N LEU C 513 -28.40 -17.46 3.52
CA LEU C 513 -28.47 -18.47 4.58
C LEU C 513 -28.18 -17.84 5.94
N HIS C 514 -29.25 -17.58 6.69
CA HIS C 514 -29.18 -17.24 8.11
C HIS C 514 -30.09 -18.14 8.94
N ALA C 515 -31.25 -18.50 8.42
CA ALA C 515 -32.19 -19.44 8.99
C ALA C 515 -32.12 -20.76 8.21
N PRO C 516 -32.82 -21.80 8.66
CA PRO C 516 -32.86 -23.04 7.86
C PRO C 516 -33.32 -22.77 6.44
N ALA C 517 -32.62 -23.35 5.48
CA ALA C 517 -32.93 -23.14 4.08
C ALA C 517 -34.17 -23.92 3.67
N THR C 518 -35.03 -23.28 2.88
CA THR C 518 -36.23 -23.91 2.36
C THR C 518 -36.27 -23.99 0.84
N VAL C 519 -35.45 -23.22 0.14
CA VAL C 519 -35.37 -23.27 -1.32
C VAL C 519 -33.95 -23.70 -1.68
N CYS C 520 -33.83 -24.80 -2.40
CA CYS C 520 -32.54 -25.37 -2.75
C CYS C 520 -32.53 -25.80 -4.20
N GLY C 521 -31.33 -26.01 -4.74
CA GLY C 521 -31.18 -26.45 -6.10
C GLY C 521 -31.38 -27.94 -6.24
N PRO C 522 -31.26 -28.42 -7.50
CA PRO C 522 -31.46 -29.85 -7.76
C PRO C 522 -30.28 -30.71 -7.32
N LYS C 523 -29.34 -30.12 -6.59
CA LYS C 523 -28.17 -30.87 -6.14
C LYS C 523 -28.58 -31.99 -5.20
N LYS C 524 -28.02 -33.17 -5.42
CA LYS C 524 -28.33 -34.34 -4.61
C LYS C 524 -27.38 -34.46 -3.43
N SER C 525 -27.92 -34.82 -2.28
CA SER C 525 -27.12 -34.95 -1.08
C SER C 525 -26.39 -36.29 -1.05
N THR C 526 -25.37 -36.37 -0.22
CA THR C 526 -24.60 -37.58 0.02
C THR C 526 -24.64 -37.91 1.51
N ASN C 527 -23.85 -38.91 1.91
CA ASN C 527 -23.75 -39.26 3.32
C ASN C 527 -22.88 -38.24 4.06
N LEU C 528 -23.09 -38.17 5.38
CA LEU C 528 -22.35 -37.24 6.23
C LEU C 528 -21.11 -37.96 6.75
N VAL C 529 -20.01 -37.84 6.02
CA VAL C 529 -18.76 -38.48 6.39
C VAL C 529 -18.09 -37.66 7.49
N LYS C 530 -17.71 -38.32 8.57
CA LYS C 530 -17.12 -37.67 9.73
C LYS C 530 -15.68 -38.13 9.94
N ASN C 531 -14.93 -37.31 10.67
CA ASN C 531 -13.57 -37.62 11.13
C ASN C 531 -12.60 -37.82 9.97
N LYS C 532 -12.89 -37.28 8.80
CA LYS C 532 -12.02 -37.38 7.65
C LYS C 532 -11.95 -36.04 6.93
N CYS C 533 -10.77 -35.74 6.39
CA CYS C 533 -10.58 -34.53 5.58
C CYS C 533 -11.33 -34.68 4.27
N VAL C 534 -12.46 -33.97 4.15
CA VAL C 534 -13.31 -34.05 2.96
C VAL C 534 -13.71 -32.65 2.53
N ASN C 535 -14.22 -32.56 1.30
CA ASN C 535 -14.88 -31.35 0.81
C ASN C 535 -16.35 -31.43 1.16
N PHE C 536 -16.85 -30.41 1.86
CA PHE C 536 -18.21 -30.39 2.35
C PHE C 536 -18.99 -29.24 1.71
N ASN C 537 -20.30 -29.46 1.57
CA ASN C 537 -21.21 -28.48 0.99
C ASN C 537 -22.49 -28.51 1.84
N PHE C 538 -22.62 -27.53 2.74
CA PHE C 538 -23.77 -27.42 3.63
C PHE C 538 -24.62 -26.23 3.19
N ASN C 539 -25.73 -26.54 2.49
CA ASN C 539 -26.68 -25.52 2.04
C ASN C 539 -26.00 -24.44 1.20
N GLY C 540 -25.08 -24.84 0.33
CA GLY C 540 -24.33 -23.92 -0.49
C GLY C 540 -23.03 -23.44 0.12
N LEU C 541 -22.83 -23.64 1.42
CA LEU C 541 -21.57 -23.28 2.08
C LEU C 541 -20.56 -24.36 1.74
N THR C 542 -19.59 -24.02 0.90
CA THR C 542 -18.59 -24.96 0.42
C THR C 542 -17.29 -24.77 1.19
N GLY C 543 -16.65 -25.87 1.55
CA GLY C 543 -15.38 -25.78 2.24
C GLY C 543 -14.65 -27.11 2.22
N THR C 544 -13.47 -27.11 2.82
CA THR C 544 -12.65 -28.31 2.94
C THR C 544 -12.18 -28.42 4.39
N GLY C 545 -12.29 -29.62 4.95
CA GLY C 545 -11.86 -29.82 6.32
C GLY C 545 -12.36 -31.14 6.87
N VAL C 546 -12.15 -31.30 8.18
CA VAL C 546 -12.58 -32.48 8.92
C VAL C 546 -13.81 -32.09 9.73
N LEU C 547 -14.87 -32.90 9.61
CA LEU C 547 -16.11 -32.69 10.34
C LEU C 547 -16.13 -33.65 11.53
N THR C 548 -16.28 -33.10 12.73
CA THR C 548 -16.33 -33.90 13.95
C THR C 548 -17.58 -33.56 14.73
N GLU C 549 -17.99 -34.47 15.61
CA GLU C 549 -19.14 -34.20 16.46
C GLU C 549 -18.81 -33.06 17.41
N SER C 550 -19.72 -32.09 17.50
CA SER C 550 -19.47 -30.85 18.23
C SER C 550 -20.12 -30.91 19.61
N ASN C 551 -19.41 -30.37 20.60
CA ASN C 551 -19.95 -30.22 21.94
C ASN C 551 -20.52 -28.83 22.17
N LYS C 552 -20.52 -27.97 21.15
CA LYS C 552 -21.04 -26.62 21.30
C LYS C 552 -22.54 -26.64 21.54
N LYS C 553 -22.99 -25.84 22.50
CA LYS C 553 -24.40 -25.80 22.89
C LYS C 553 -25.13 -24.80 22.00
N PHE C 554 -25.41 -25.23 20.77
CA PHE C 554 -26.15 -24.42 19.83
C PHE C 554 -27.60 -24.23 20.30
N LEU C 555 -28.08 -23.00 20.22
CA LEU C 555 -29.48 -22.76 20.49
C LEU C 555 -30.33 -23.18 19.28
N PRO C 556 -31.60 -23.51 19.49
CA PRO C 556 -32.41 -24.07 18.38
C PRO C 556 -32.48 -23.18 17.15
N PHE C 557 -32.47 -21.86 17.31
CA PHE C 557 -32.55 -20.98 16.16
C PHE C 557 -31.22 -20.81 15.43
N GLN C 558 -30.11 -21.23 16.03
CA GLN C 558 -28.79 -21.06 15.44
C GLN C 558 -28.48 -22.21 14.48
N GLN C 559 -27.84 -21.87 13.36
CA GLN C 559 -27.53 -22.84 12.32
C GLN C 559 -26.04 -23.02 12.05
N PHE C 560 -25.21 -22.03 12.38
CA PHE C 560 -23.78 -22.17 12.18
C PHE C 560 -23.06 -21.23 13.13
N GLY C 561 -21.79 -21.54 13.40
CA GLY C 561 -20.96 -20.72 14.26
C GLY C 561 -19.75 -20.21 13.50
N ARG C 562 -19.32 -19.00 13.86
CA ARG C 562 -18.20 -18.35 13.20
C ARG C 562 -17.09 -18.07 14.21
N ASP C 563 -15.86 -18.14 13.74
CA ASP C 563 -14.67 -17.92 14.56
C ASP C 563 -14.25 -16.46 14.49
N ILE C 564 -13.03 -16.19 14.95
CA ILE C 564 -12.51 -14.82 14.98
C ILE C 564 -12.41 -14.26 13.56
N ALA C 565 -11.95 -15.08 12.61
CA ALA C 565 -11.77 -14.65 11.23
C ALA C 565 -13.07 -14.62 10.43
N ASP C 566 -14.22 -14.66 11.11
CA ASP C 566 -15.53 -14.62 10.45
C ASP C 566 -15.73 -15.78 9.48
N THR C 567 -15.09 -16.90 9.76
CA THR C 567 -15.24 -18.11 8.95
C THR C 567 -16.03 -19.15 9.73
N THR C 568 -16.79 -19.97 9.01
CA THR C 568 -17.64 -20.97 9.63
C THR C 568 -16.80 -22.07 10.26
N ASP C 569 -16.85 -22.18 11.58
CA ASP C 569 -16.15 -23.23 12.31
C ASP C 569 -17.07 -24.29 12.89
N ALA C 570 -18.38 -24.04 12.90
CA ALA C 570 -19.36 -25.03 13.32
C ALA C 570 -20.60 -24.89 12.46
N VAL C 571 -21.24 -26.01 12.14
CA VAL C 571 -22.39 -26.00 11.24
C VAL C 571 -23.42 -27.02 11.73
N ARG C 572 -24.69 -26.72 11.48
CA ARG C 572 -25.78 -27.63 11.78
C ARG C 572 -26.19 -28.36 10.51
N ASP C 573 -26.23 -29.68 10.57
CA ASP C 573 -26.61 -30.47 9.41
C ASP C 573 -28.08 -30.22 9.07
N PRO C 574 -28.42 -29.93 7.82
CA PRO C 574 -29.81 -29.61 7.49
C PRO C 574 -30.78 -30.76 7.69
N GLN C 575 -30.31 -32.00 7.76
CA GLN C 575 -31.17 -33.16 7.90
C GLN C 575 -31.14 -33.78 9.29
N THR C 576 -29.95 -34.08 9.81
CA THR C 576 -29.86 -34.68 11.14
C THR C 576 -29.97 -33.65 12.25
N LEU C 577 -29.82 -32.36 11.93
CA LEU C 577 -29.96 -31.27 12.89
C LEU C 577 -28.97 -31.40 14.05
N GLU C 578 -27.80 -31.96 13.79
CA GLU C 578 -26.74 -32.07 14.78
C GLU C 578 -25.61 -31.12 14.44
N ILE C 579 -24.87 -30.72 15.47
CA ILE C 579 -23.83 -29.71 15.33
C ILE C 579 -22.50 -30.40 15.05
N LEU C 580 -21.76 -29.88 14.08
CA LEU C 580 -20.48 -30.45 13.67
C LEU C 580 -19.42 -29.35 13.67
N ASP C 581 -18.29 -29.64 14.31
CA ASP C 581 -17.13 -28.77 14.24
C ASP C 581 -16.36 -29.02 12.96
N ILE C 582 -15.89 -27.93 12.33
CA ILE C 582 -15.10 -27.98 11.11
C ILE C 582 -13.69 -27.57 11.46
N THR C 583 -12.73 -28.45 11.21
CA THR C 583 -11.33 -28.16 11.48
C THR C 583 -10.53 -28.28 10.20
N PRO C 584 -9.70 -27.30 9.85
CA PRO C 584 -8.89 -27.41 8.63
C PRO C 584 -7.99 -28.64 8.69
N CYS C 585 -7.80 -29.27 7.53
CA CYS C 585 -7.05 -30.51 7.45
C CYS C 585 -5.61 -30.31 7.89
N SER C 586 -4.93 -31.42 8.17
CA SER C 586 -3.57 -31.37 8.70
C SER C 586 -2.65 -30.64 7.72
N PHE C 587 -1.80 -29.78 8.27
CA PHE C 587 -0.95 -28.91 7.47
C PHE C 587 0.26 -28.52 8.31
N GLY C 588 1.22 -27.87 7.68
CA GLY C 588 2.36 -27.34 8.41
C GLY C 588 3.51 -26.99 7.50
N GLY C 589 4.30 -26.02 7.96
CA GLY C 589 5.45 -25.59 7.19
C GLY C 589 6.56 -26.63 7.16
N VAL C 590 7.31 -26.63 6.07
CA VAL C 590 8.38 -27.58 5.84
C VAL C 590 9.67 -26.81 5.57
N SER C 591 10.74 -27.16 6.28
CA SER C 591 12.05 -26.57 6.09
C SER C 591 13.01 -27.64 5.59
N VAL C 592 13.94 -27.24 4.73
CA VAL C 592 14.94 -28.16 4.17
C VAL C 592 16.31 -27.73 4.68
N ILE C 593 17.01 -28.68 5.30
CA ILE C 593 18.34 -28.46 5.85
C ILE C 593 19.34 -29.16 4.93
N THR C 594 20.27 -28.38 4.37
CA THR C 594 21.27 -28.93 3.47
C THR C 594 22.65 -28.42 3.85
N PRO C 595 23.69 -29.24 3.70
CA PRO C 595 25.06 -28.76 3.94
C PRO C 595 25.64 -27.98 2.76
N GLY C 596 24.87 -27.75 1.72
CA GLY C 596 25.34 -27.06 0.52
C GLY C 596 25.50 -28.05 -0.62
N THR C 597 25.06 -27.63 -1.81
CA THR C 597 25.18 -28.49 -2.99
C THR C 597 26.63 -28.73 -3.37
N ASN C 598 27.54 -27.83 -3.00
CA ASN C 598 28.96 -28.04 -3.25
C ASN C 598 29.54 -29.17 -2.42
N THR C 599 28.84 -29.57 -1.34
CA THR C 599 29.33 -30.62 -0.46
C THR C 599 28.61 -31.95 -0.69
N SER C 600 27.29 -31.95 -0.61
CA SER C 600 26.52 -33.17 -0.79
C SER C 600 25.10 -32.82 -1.21
N ASN C 601 24.41 -33.81 -1.78
CA ASN C 601 23.01 -33.67 -2.18
C ASN C 601 22.06 -34.16 -1.10
N GLN C 602 22.57 -34.71 0.01
CA GLN C 602 21.71 -35.18 1.08
C GLN C 602 21.06 -34.01 1.80
N VAL C 603 19.78 -34.16 2.14
CA VAL C 603 19.02 -33.12 2.82
C VAL C 603 18.22 -33.75 3.96
N ALA C 604 17.83 -32.90 4.91
CA ALA C 604 16.94 -33.26 5.99
C ALA C 604 15.70 -32.40 5.92
N VAL C 605 14.57 -32.94 6.37
CA VAL C 605 13.28 -32.26 6.29
C VAL C 605 12.75 -32.04 7.70
N LEU C 606 12.44 -30.79 8.03
CA LEU C 606 11.87 -30.43 9.32
C LEU C 606 10.44 -29.97 9.13
N TYR C 607 9.49 -30.74 9.64
CA TYR C 607 8.09 -30.35 9.68
C TYR C 607 7.91 -29.51 10.94
N GLN C 608 7.66 -28.22 10.77
CA GLN C 608 7.71 -27.29 11.88
C GLN C 608 6.41 -27.32 12.68
N GLY C 609 6.54 -27.38 14.01
CA GLY C 609 5.39 -27.38 14.88
C GLY C 609 4.45 -28.54 14.64
N VAL C 610 5.00 -29.71 14.31
CA VAL C 610 4.19 -30.89 13.98
C VAL C 610 4.73 -32.07 14.77
N ASN C 611 3.84 -32.77 15.48
CA ASN C 611 4.21 -33.98 16.18
C ASN C 611 4.71 -35.05 15.23
N CYS C 612 5.78 -35.75 15.64
CA CYS C 612 6.42 -36.71 14.75
C CYS C 612 5.48 -37.84 14.32
N THR C 613 4.51 -38.19 15.17
CA THR C 613 3.52 -39.19 14.79
C THR C 613 2.44 -38.62 13.88
N GLU C 614 2.36 -37.29 13.74
CA GLU C 614 1.37 -36.66 12.89
C GLU C 614 1.91 -36.36 11.49
N VAL C 615 3.14 -36.74 11.20
CA VAL C 615 3.70 -36.52 9.85
C VAL C 615 2.96 -37.41 8.85
N PRO C 616 2.46 -36.87 7.75
CA PRO C 616 1.71 -37.69 6.80
C PRO C 616 2.58 -38.79 6.19
N VAL C 617 1.98 -39.97 6.06
CA VAL C 617 2.67 -41.13 5.49
C VAL C 617 1.87 -41.65 4.30
N ALA C 618 1.19 -40.75 3.60
CA ALA C 618 0.37 -41.15 2.46
C ALA C 618 1.22 -41.75 1.36
N ILE C 619 0.70 -42.81 0.73
CA ILE C 619 1.42 -43.50 -0.33
C ILE C 619 0.98 -43.07 -1.72
N HIS C 620 0.04 -42.13 -1.82
CA HIS C 620 -0.46 -41.64 -3.09
C HIS C 620 -0.22 -40.14 -3.19
N ALA C 621 0.20 -39.70 -4.37
CA ALA C 621 0.51 -38.28 -4.59
C ALA C 621 -0.74 -37.41 -4.50
N ASP C 622 -1.93 -37.97 -4.74
CA ASP C 622 -3.16 -37.20 -4.68
C ASP C 622 -3.65 -36.97 -3.26
N GLN C 623 -3.13 -37.71 -2.28
CA GLN C 623 -3.57 -37.59 -0.90
C GLN C 623 -2.71 -36.65 -0.06
N LEU C 624 -1.59 -36.17 -0.61
CA LEU C 624 -0.69 -35.31 0.16
C LEU C 624 0.17 -34.51 -0.81
N THR C 625 0.42 -33.25 -0.44
CA THR C 625 1.31 -32.38 -1.20
C THR C 625 2.40 -31.83 -0.28
N PRO C 626 3.63 -31.67 -0.77
CA PRO C 626 4.14 -31.98 -2.12
C PRO C 626 4.21 -33.47 -2.40
N THR C 627 4.45 -33.86 -3.66
CA THR C 627 4.39 -35.25 -4.06
C THR C 627 5.58 -36.06 -3.55
N TRP C 628 6.70 -35.42 -3.24
CA TRP C 628 7.86 -36.17 -2.78
C TRP C 628 7.66 -36.68 -1.36
N ARG C 629 8.33 -37.79 -1.06
CA ARG C 629 8.26 -38.41 0.26
C ARG C 629 9.67 -38.70 0.76
N VAL C 630 9.84 -38.66 2.08
CA VAL C 630 11.13 -38.93 2.69
C VAL C 630 10.98 -39.96 3.81
N VAL C 637 14.33 -40.41 12.27
CA VAL C 637 13.23 -39.59 12.74
C VAL C 637 13.46 -39.16 14.18
N PHE C 638 13.51 -37.85 14.39
CA PHE C 638 13.75 -37.27 15.71
C PHE C 638 12.70 -36.19 15.98
N GLN C 639 12.36 -36.02 17.26
CA GLN C 639 11.34 -35.05 17.67
C GLN C 639 12.01 -33.95 18.48
N THR C 640 11.85 -32.71 18.03
CA THR C 640 12.34 -31.52 18.73
C THR C 640 11.15 -30.61 19.00
N ARG C 641 11.37 -29.66 19.91
CA ARG C 641 10.34 -28.65 20.17
C ARG C 641 10.03 -27.82 18.94
N ALA C 642 10.94 -27.79 17.96
CA ALA C 642 10.70 -27.10 16.69
C ALA C 642 9.90 -27.94 15.71
N GLY C 643 9.79 -29.25 15.92
CA GLY C 643 8.99 -30.08 15.06
C GLY C 643 9.64 -31.43 14.84
N CYS C 644 9.28 -32.07 13.74
CA CYS C 644 9.76 -33.41 13.43
C CYS C 644 10.85 -33.35 12.37
N LEU C 645 12.03 -33.85 12.71
CA LEU C 645 13.19 -33.84 11.83
C LEU C 645 13.39 -35.24 11.25
N ILE C 646 13.43 -35.35 9.93
CA ILE C 646 13.57 -36.62 9.23
C ILE C 646 14.78 -36.53 8.31
N GLY C 647 15.65 -37.53 8.37
CA GLY C 647 16.86 -37.56 7.58
C GLY C 647 18.12 -37.17 8.31
N ALA C 648 18.03 -36.87 9.61
CA ALA C 648 19.19 -36.54 10.42
C ALA C 648 19.24 -37.47 11.62
N GLU C 649 20.45 -37.95 11.92
CA GLU C 649 20.66 -38.87 13.03
C GLU C 649 21.07 -38.09 14.27
N TYR C 650 20.27 -38.21 15.33
CA TYR C 650 20.58 -37.53 16.58
C TYR C 650 21.73 -38.23 17.30
N VAL C 651 22.68 -37.43 17.80
CA VAL C 651 23.83 -37.94 18.51
C VAL C 651 23.89 -37.28 19.87
N ASN C 652 24.54 -37.97 20.81
CA ASN C 652 24.67 -37.47 22.17
C ASN C 652 25.81 -36.47 22.34
N ASN C 653 26.68 -36.35 21.35
CA ASN C 653 27.77 -35.39 21.43
C ASN C 653 27.25 -33.96 21.21
N SER C 654 28.04 -33.00 21.64
CA SER C 654 27.70 -31.58 21.53
C SER C 654 28.81 -30.85 20.78
N TYR C 655 28.43 -30.08 19.78
CA TYR C 655 29.36 -29.28 18.99
C TYR C 655 28.81 -27.86 18.88
N GLU C 656 29.60 -26.98 18.27
CA GLU C 656 29.13 -25.64 17.96
C GLU C 656 28.02 -25.71 16.91
N CYS C 657 27.07 -24.79 17.01
CA CYS C 657 25.91 -24.80 16.12
C CYS C 657 26.34 -24.50 14.69
N ASP C 658 26.08 -25.44 13.79
CA ASP C 658 26.37 -25.26 12.37
C ASP C 658 25.15 -24.76 11.62
N ILE C 659 24.07 -25.53 11.64
CA ILE C 659 22.79 -25.11 11.04
C ILE C 659 21.74 -25.07 12.14
N PRO C 660 21.26 -23.88 12.52
CA PRO C 660 20.32 -23.79 13.65
C PRO C 660 18.95 -24.36 13.28
N ILE C 661 18.59 -25.47 13.90
CA ILE C 661 17.26 -26.04 13.75
C ILE C 661 16.26 -25.35 14.67
N GLY C 662 16.64 -25.14 15.93
CA GLY C 662 15.79 -24.46 16.89
C GLY C 662 15.68 -25.21 18.19
N ALA C 663 15.28 -24.48 19.25
CA ALA C 663 15.09 -25.05 20.59
C ALA C 663 16.35 -25.76 21.07
N GLY C 664 17.51 -25.17 20.81
CA GLY C 664 18.76 -25.76 21.21
C GLY C 664 19.27 -26.88 20.32
N ILE C 665 18.56 -27.19 19.24
CA ILE C 665 18.94 -28.27 18.33
C ILE C 665 19.57 -27.66 17.09
N CYS C 666 20.71 -28.21 16.69
CA CYS C 666 21.41 -27.79 15.49
C CYS C 666 21.76 -29.01 14.65
N ALA C 667 22.03 -28.77 13.37
CA ALA C 667 22.35 -29.82 12.42
C ALA C 667 23.70 -29.55 11.77
N SER C 668 24.38 -30.63 11.37
CA SER C 668 25.69 -30.51 10.75
C SER C 668 25.91 -31.69 9.81
N TYR C 669 26.94 -31.58 8.98
CA TYR C 669 27.35 -32.63 8.07
C TYR C 669 28.65 -33.23 8.60
N GLN C 670 28.59 -34.49 9.03
CA GLN C 670 29.78 -35.14 9.58
C GLN C 670 30.00 -36.51 8.97
N GLN C 682 29.74 -37.28 5.89
CA GLN C 682 29.19 -38.51 5.33
C GLN C 682 27.67 -38.55 5.48
N SER C 683 27.17 -37.92 6.55
CA SER C 683 25.73 -37.89 6.81
C SER C 683 25.39 -36.66 7.64
N ILE C 684 24.11 -36.31 7.63
CA ILE C 684 23.60 -35.19 8.38
C ILE C 684 23.23 -35.67 9.78
N ILE C 685 23.76 -34.99 10.80
CA ILE C 685 23.51 -35.33 12.19
C ILE C 685 22.88 -34.14 12.89
N ALA C 686 22.07 -34.43 13.90
CA ALA C 686 21.44 -33.43 14.74
C ALA C 686 21.94 -33.58 16.17
N TYR C 687 22.08 -32.47 16.87
CA TYR C 687 22.67 -32.49 18.20
C TYR C 687 22.18 -31.28 18.98
N THR C 688 22.47 -31.29 20.28
CA THR C 688 22.24 -30.13 21.14
C THR C 688 23.50 -29.28 21.15
N MET C 689 23.38 -28.01 20.77
CA MET C 689 24.54 -27.15 20.65
C MET C 689 25.19 -26.94 22.02
N SER C 690 26.52 -26.91 22.03
CA SER C 690 27.29 -26.70 23.25
C SER C 690 27.49 -25.20 23.46
N LEU C 691 27.27 -24.75 24.69
CA LEU C 691 27.42 -23.33 24.99
C LEU C 691 28.88 -22.91 25.04
N GLY C 692 29.78 -23.82 25.41
CA GLY C 692 31.18 -23.49 25.48
C GLY C 692 31.96 -24.56 26.22
N ALA C 693 33.25 -24.32 26.34
CA ALA C 693 34.13 -25.27 27.02
C ALA C 693 33.88 -25.25 28.52
N GLU C 694 33.97 -26.42 29.14
CA GLU C 694 33.79 -26.53 30.57
C GLU C 694 34.98 -25.91 31.30
N ASN C 695 34.68 -25.17 32.37
CA ASN C 695 35.72 -24.51 33.15
C ASN C 695 35.25 -24.37 34.59
N SER C 696 36.22 -24.25 35.50
CA SER C 696 35.92 -24.08 36.92
C SER C 696 37.05 -23.29 37.55
N VAL C 697 36.72 -22.12 38.10
CA VAL C 697 37.71 -21.25 38.72
C VAL C 697 37.99 -21.74 40.13
N ALA C 698 39.28 -21.87 40.47
CA ALA C 698 39.69 -22.37 41.78
C ALA C 698 39.63 -21.23 42.79
N TYR C 699 38.41 -20.93 43.23
CA TYR C 699 38.20 -19.89 44.22
C TYR C 699 38.67 -20.36 45.60
N SER C 700 39.18 -19.42 46.40
CA SER C 700 39.61 -19.70 47.76
C SER C 700 39.59 -18.40 48.56
N ASN C 701 39.67 -18.55 49.88
CA ASN C 701 39.66 -17.40 50.78
C ASN C 701 40.90 -16.53 50.60
N ASN C 702 42.04 -17.13 50.23
CA ASN C 702 43.31 -16.40 50.23
C ASN C 702 44.18 -16.75 49.03
N SER C 703 43.58 -17.13 47.91
CA SER C 703 44.32 -17.52 46.71
C SER C 703 44.08 -16.51 45.60
N ILE C 704 45.16 -16.12 44.92
CA ILE C 704 45.10 -15.18 43.82
C ILE C 704 45.90 -15.74 42.65
N ALA C 705 45.56 -15.28 41.45
CA ALA C 705 46.28 -15.65 40.23
C ALA C 705 46.80 -14.37 39.59
N ILE C 706 48.13 -14.26 39.48
CA ILE C 706 48.79 -13.09 38.93
C ILE C 706 49.46 -13.50 37.63
N PRO C 707 49.23 -12.78 36.53
CA PRO C 707 49.88 -13.15 35.26
C PRO C 707 51.37 -12.86 35.28
N THR C 708 52.15 -13.79 34.73
CA THR C 708 53.59 -13.64 34.60
C THR C 708 54.05 -13.33 33.18
N ASN C 709 53.16 -13.51 32.20
CA ASN C 709 53.33 -13.10 30.80
C ASN C 709 52.16 -12.28 30.30
N PHE C 710 52.34 -11.80 29.06
CA PHE C 710 51.31 -11.09 28.32
C PHE C 710 51.44 -11.44 26.85
N THR C 711 50.36 -11.17 26.11
CA THR C 711 50.32 -11.38 24.67
C THR C 711 49.72 -10.13 24.03
N ILE C 712 50.37 -9.63 22.99
CA ILE C 712 49.85 -8.51 22.22
C ILE C 712 48.94 -9.09 21.14
N SER C 713 47.64 -8.87 21.28
CA SER C 713 46.64 -9.47 20.40
C SER C 713 46.06 -8.41 19.47
N VAL C 714 46.01 -8.71 18.18
CA VAL C 714 45.41 -7.82 17.19
C VAL C 714 44.17 -8.51 16.65
N THR C 715 43.00 -7.88 16.84
CA THR C 715 41.74 -8.41 16.37
C THR C 715 41.16 -7.48 15.31
N THR C 716 40.22 -8.01 14.53
CA THR C 716 39.63 -7.28 13.42
C THR C 716 38.13 -7.10 13.67
N GLU C 717 37.65 -5.87 13.53
CA GLU C 717 36.23 -5.55 13.65
C GLU C 717 35.78 -4.80 12.41
N ILE C 718 34.80 -5.35 11.70
CA ILE C 718 34.30 -4.77 10.46
C ILE C 718 32.95 -4.12 10.73
N LEU C 719 32.81 -2.86 10.35
CA LEU C 719 31.59 -2.11 10.59
C LEU C 719 31.14 -1.45 9.29
N PRO C 720 29.93 -1.73 8.79
CA PRO C 720 29.43 -1.00 7.63
C PRO C 720 29.24 0.47 7.95
N VAL C 721 29.48 1.31 6.95
CA VAL C 721 29.40 2.76 7.10
C VAL C 721 28.31 3.35 6.20
N SER C 722 28.32 2.99 4.92
CA SER C 722 27.37 3.53 3.96
C SER C 722 26.88 2.42 3.05
N MET C 723 25.71 2.63 2.46
CA MET C 723 25.12 1.72 1.48
C MET C 723 25.10 2.37 0.12
N THR C 724 24.55 1.65 -0.86
CA THR C 724 24.49 2.14 -2.23
C THR C 724 23.45 3.25 -2.35
N LYS C 725 23.84 4.35 -2.98
CA LYS C 725 22.92 5.45 -3.24
C LYS C 725 22.14 5.16 -4.52
N THR C 726 20.82 5.05 -4.41
CA THR C 726 19.97 4.65 -5.52
C THR C 726 19.03 5.78 -5.88
N SER C 727 18.91 6.06 -7.18
CA SER C 727 17.96 7.04 -7.71
C SER C 727 16.96 6.32 -8.60
N VAL C 728 15.68 6.64 -8.44
CA VAL C 728 14.61 6.00 -9.18
C VAL C 728 13.79 7.08 -9.86
N ASP C 729 13.56 6.92 -11.17
CA ASP C 729 12.68 7.79 -11.93
C ASP C 729 11.34 7.08 -12.12
N CYS C 730 10.27 7.68 -11.58
CA CYS C 730 8.95 7.05 -11.67
C CYS C 730 8.46 6.93 -13.10
N THR C 731 8.66 7.97 -13.92
CA THR C 731 8.08 7.96 -15.25
C THR C 731 8.59 6.78 -16.06
N MET C 732 9.88 6.47 -15.94
CA MET C 732 10.45 5.35 -16.69
C MET C 732 10.03 4.01 -16.08
N TYR C 733 10.06 3.90 -14.75
CA TYR C 733 9.76 2.61 -14.11
C TYR C 733 8.30 2.24 -14.29
N ILE C 734 7.38 3.15 -13.93
CA ILE C 734 5.96 2.85 -13.98
C ILE C 734 5.45 2.83 -15.42
N CYS C 735 5.87 3.81 -16.22
CA CYS C 735 5.33 3.99 -17.56
C CYS C 735 6.33 3.64 -18.65
N GLY C 736 7.52 4.25 -18.64
CA GLY C 736 8.50 3.99 -19.67
C GLY C 736 8.13 4.56 -21.02
N ASP C 737 8.14 5.89 -21.13
CA ASP C 737 7.86 6.59 -22.39
C ASP C 737 6.44 6.30 -22.89
N SER C 738 5.48 6.38 -21.98
CA SER C 738 4.06 6.22 -22.31
C SER C 738 3.32 7.47 -21.86
N THR C 739 2.82 8.25 -22.82
CA THR C 739 2.15 9.50 -22.49
C THR C 739 0.84 9.26 -21.75
N GLU C 740 0.07 8.25 -22.19
CA GLU C 740 -1.20 7.94 -21.52
C GLU C 740 -0.95 7.49 -20.09
N CYS C 741 0.06 6.64 -19.88
CA CYS C 741 0.38 6.20 -18.52
C CYS C 741 0.84 7.37 -17.66
N SER C 742 1.62 8.30 -18.23
CA SER C 742 2.04 9.46 -17.47
C SER C 742 0.87 10.33 -17.08
N ASN C 743 -0.07 10.54 -18.01
CA ASN C 743 -1.26 11.33 -17.70
C ASN C 743 -2.10 10.67 -16.62
N LEU C 744 -2.21 9.35 -16.66
CA LEU C 744 -2.97 8.64 -15.62
C LEU C 744 -2.24 8.69 -14.28
N LEU C 745 -0.91 8.63 -14.30
CA LEU C 745 -0.13 8.67 -13.07
C LEU C 745 -0.16 10.06 -12.44
N LEU C 746 -0.32 11.10 -13.26
CA LEU C 746 -0.41 12.46 -12.71
C LEU C 746 -1.60 12.62 -11.77
N GLN C 747 -2.60 11.73 -11.86
CA GLN C 747 -3.77 11.81 -10.99
C GLN C 747 -3.53 11.25 -9.60
N TYR C 748 -2.38 10.64 -9.34
CA TYR C 748 -2.09 10.05 -8.05
C TYR C 748 -1.39 11.01 -7.09
N GLY C 749 -1.19 12.26 -7.48
CA GLY C 749 -0.67 13.26 -6.58
C GLY C 749 0.84 13.30 -6.48
N SER C 750 1.36 13.39 -5.25
CA SER C 750 2.79 13.57 -5.01
C SER C 750 3.43 12.33 -4.39
N PHE C 751 2.88 11.14 -4.66
CA PHE C 751 3.49 9.92 -4.16
C PHE C 751 4.94 9.79 -4.63
N CYS C 752 5.16 10.02 -5.92
CA CYS C 752 6.50 9.92 -6.47
C CYS C 752 7.41 11.05 -6.02
N THR C 753 6.85 12.23 -5.76
CA THR C 753 7.66 13.28 -5.16
C THR C 753 8.17 12.84 -3.79
N GLN C 754 7.31 12.19 -3.00
CA GLN C 754 7.75 11.66 -1.71
C GLN C 754 8.80 10.58 -1.87
N LEU C 755 8.61 9.68 -2.85
CA LEU C 755 9.60 8.62 -3.07
C LEU C 755 10.96 9.19 -3.44
N LYS C 756 10.97 10.16 -4.36
CA LYS C 756 12.22 10.79 -4.75
C LYS C 756 12.87 11.54 -3.60
N ARG C 757 12.04 12.22 -2.79
CA ARG C 757 12.56 12.93 -1.62
C ARG C 757 13.21 11.97 -0.64
N ALA C 758 12.56 10.84 -0.37
CA ALA C 758 13.12 9.85 0.55
C ALA C 758 14.42 9.27 0.01
N LEU C 759 14.46 8.95 -1.29
CA LEU C 759 15.68 8.42 -1.87
C LEU C 759 16.82 9.43 -1.82
N THR C 760 16.52 10.70 -2.10
CA THR C 760 17.54 11.75 -2.01
C THR C 760 18.03 11.91 -0.58
N GLY C 761 17.12 11.83 0.39
CA GLY C 761 17.53 11.90 1.78
C GLY C 761 18.46 10.75 2.17
N ILE C 762 18.15 9.55 1.71
CA ILE C 762 19.02 8.39 1.98
C ILE C 762 20.39 8.60 1.33
N ALA C 763 20.41 9.09 0.09
CA ALA C 763 21.67 9.30 -0.61
C ALA C 763 22.52 10.35 0.10
N VAL C 764 21.91 11.42 0.59
CA VAL C 764 22.64 12.44 1.33
C VAL C 764 23.13 11.88 2.66
N GLU C 765 22.31 11.08 3.33
CA GLU C 765 22.69 10.49 4.61
C GLU C 765 23.86 9.55 4.46
N GLN C 766 24.01 8.89 3.31
CA GLN C 766 25.15 8.01 3.10
C GLN C 766 26.45 8.80 3.13
N ASP C 767 26.52 9.91 2.39
CA ASP C 767 27.71 10.75 2.41
C ASP C 767 27.92 11.37 3.79
N LYS C 768 26.83 11.71 4.47
CA LYS C 768 26.95 12.24 5.84
C LYS C 768 27.59 11.21 6.76
N ASN C 769 27.17 9.95 6.66
CA ASN C 769 27.75 8.89 7.47
C ASN C 769 29.22 8.70 7.16
N THR C 770 29.58 8.69 5.87
CA THR C 770 30.98 8.54 5.50
C THR C 770 31.83 9.69 6.06
N GLN C 771 31.33 10.91 5.95
CA GLN C 771 32.05 12.07 6.46
C GLN C 771 32.20 12.01 7.98
N GLU C 772 31.15 11.57 8.68
CA GLU C 772 31.24 11.44 10.12
C GLU C 772 32.26 10.39 10.53
N VAL C 773 32.29 9.25 9.83
CA VAL C 773 33.18 8.16 10.21
C VAL C 773 34.64 8.53 9.92
N PHE C 774 34.91 9.06 8.72
CA PHE C 774 36.28 9.19 8.27
C PHE C 774 36.85 10.59 8.41
N ALA C 775 36.06 11.63 8.14
CA ALA C 775 36.55 13.01 8.20
C ALA C 775 36.48 13.52 9.63
N GLN C 776 37.31 12.91 10.49
CA GLN C 776 37.37 13.27 11.89
C GLN C 776 38.49 14.24 12.23
N VAL C 777 39.49 14.38 11.35
CA VAL C 777 40.60 15.30 11.56
C VAL C 777 40.66 16.28 10.41
N LYS C 778 41.04 17.52 10.71
CA LYS C 778 41.15 18.57 9.71
C LYS C 778 42.56 18.69 9.13
N GLN C 779 43.51 17.91 9.62
CA GLN C 779 44.89 17.95 9.15
C GLN C 779 45.25 16.60 8.55
N ILE C 780 45.86 16.63 7.36
CA ILE C 780 46.30 15.41 6.68
C ILE C 780 47.74 15.16 7.12
N TYR C 781 47.89 14.43 8.21
CA TYR C 781 49.22 14.13 8.74
C TYR C 781 49.94 13.14 7.85
N LYS C 782 51.27 13.25 7.80
CA LYS C 782 52.12 12.40 6.99
C LYS C 782 53.15 11.71 7.88
N THR C 783 53.42 10.44 7.59
CA THR C 783 54.43 9.70 8.31
C THR C 783 55.81 10.22 7.96
N PRO C 784 56.77 10.14 8.89
CA PRO C 784 58.13 10.59 8.59
C PRO C 784 58.77 9.70 7.54
N PRO C 785 59.74 10.23 6.78
CA PRO C 785 60.39 9.40 5.74
C PRO C 785 61.05 8.15 6.29
N ILE C 786 61.62 8.21 7.49
CA ILE C 786 62.24 7.04 8.11
C ILE C 786 61.15 6.21 8.77
N LYS C 787 61.00 4.97 8.33
CA LYS C 787 59.95 4.08 8.84
C LYS C 787 60.43 3.24 10.01
N TYR C 788 60.98 3.90 11.04
CA TYR C 788 61.40 3.23 12.26
C TYR C 788 60.61 3.79 13.43
N PHE C 789 59.98 2.91 14.19
CA PHE C 789 59.16 3.30 15.35
C PHE C 789 59.46 2.39 16.53
N GLY C 790 60.75 2.19 16.81
CA GLY C 790 61.15 1.35 17.91
C GLY C 790 61.03 -0.14 17.68
N GLY C 791 61.10 -0.58 16.42
CA GLY C 791 60.93 -1.98 16.09
C GLY C 791 59.51 -2.40 15.78
N PHE C 792 58.55 -1.48 15.86
CA PHE C 792 57.17 -1.79 15.52
C PHE C 792 56.99 -1.62 14.00
N ASN C 793 56.86 -2.74 13.28
CA ASN C 793 56.50 -2.72 11.86
C ASN C 793 55.09 -2.20 11.63
N PHE C 794 54.97 -1.26 10.68
CA PHE C 794 53.67 -0.72 10.28
C PHE C 794 53.47 -0.78 8.77
N SER C 795 54.26 -1.57 8.05
CA SER C 795 54.18 -1.59 6.59
C SER C 795 52.86 -2.14 6.09
N GLN C 796 52.26 -3.08 6.82
CA GLN C 796 51.01 -3.70 6.37
C GLN C 796 49.81 -2.78 6.51
N ILE C 797 49.93 -1.71 7.29
CA ILE C 797 48.83 -0.76 7.47
C ILE C 797 49.14 0.63 6.91
N LEU C 798 50.42 0.95 6.69
CA LEU C 798 50.76 2.24 6.10
C LEU C 798 50.55 2.21 4.59
N PRO C 799 50.20 3.34 3.99
CA PRO C 799 49.96 3.37 2.54
C PRO C 799 51.22 2.99 1.75
N ASP C 800 51.00 2.30 0.64
CA ASP C 800 52.09 1.85 -0.21
C ASP C 800 52.26 2.82 -1.38
N PRO C 801 53.38 3.53 -1.47
CA PRO C 801 53.56 4.46 -2.60
C PRO C 801 53.62 3.77 -3.95
N SER C 802 54.00 2.49 -4.00
CA SER C 802 54.09 1.78 -5.27
C SER C 802 52.73 1.64 -5.93
N LYS C 803 51.70 1.32 -5.16
CA LYS C 803 50.36 1.16 -5.72
C LYS C 803 49.82 2.51 -6.17
N PRO C 804 49.16 2.58 -7.32
CA PRO C 804 48.58 3.87 -7.76
C PRO C 804 47.52 4.40 -6.82
N SER C 805 46.78 3.53 -6.14
CA SER C 805 45.73 3.97 -5.22
C SER C 805 46.27 4.42 -3.87
N LYS C 806 47.56 4.23 -3.61
CA LYS C 806 48.18 4.61 -2.33
C LYS C 806 47.49 3.94 -1.16
N ARG C 807 47.12 2.67 -1.34
CA ARG C 807 46.47 1.88 -0.31
C ARG C 807 47.46 0.92 0.33
N SER C 808 47.24 0.63 1.61
CA SER C 808 48.08 -0.33 2.31
C SER C 808 47.77 -1.73 1.82
N PRO C 809 48.68 -2.68 2.04
CA PRO C 809 48.39 -4.08 1.64
C PRO C 809 47.10 -4.61 2.24
N ILE C 810 46.82 -4.28 3.51
CA ILE C 810 45.58 -4.73 4.13
C ILE C 810 44.37 -4.08 3.45
N GLU C 811 44.44 -2.77 3.18
CA GLU C 811 43.34 -2.10 2.48
C GLU C 811 43.18 -2.64 1.07
N ASP C 812 44.28 -2.95 0.39
CA ASP C 812 44.19 -3.53 -0.94
C ASP C 812 43.51 -4.89 -0.90
N LEU C 813 43.86 -5.72 0.09
CA LEU C 813 43.23 -7.03 0.21
C LEU C 813 41.74 -6.89 0.54
N LEU C 814 41.39 -5.93 1.40
CA LEU C 814 39.98 -5.71 1.72
C LEU C 814 39.21 -5.22 0.50
N PHE C 815 39.83 -4.36 -0.31
CA PHE C 815 39.19 -3.89 -1.54
C PHE C 815 38.97 -5.04 -2.51
N ASN C 816 39.96 -5.94 -2.63
CA ASN C 816 39.81 -7.09 -3.50
C ASN C 816 38.79 -8.09 -2.98
N LYS C 817 38.61 -8.15 -1.65
CA LYS C 817 37.74 -9.15 -1.05
C LYS C 817 36.26 -8.82 -1.19
N VAL C 818 35.91 -7.56 -1.44
CA VAL C 818 34.52 -7.14 -1.58
C VAL C 818 34.31 -6.63 -3.00
N THR C 819 33.34 -7.21 -3.70
CA THR C 819 33.03 -6.83 -5.07
C THR C 819 31.74 -6.01 -5.08
N LEU C 820 31.80 -4.84 -5.72
CA LEU C 820 30.65 -3.95 -5.79
C LEU C 820 29.83 -4.24 -7.03
N ALA C 821 28.52 -4.36 -6.86
CA ALA C 821 27.63 -4.58 -8.00
C ALA C 821 27.63 -3.38 -8.93
N ASP C 822 27.62 -2.17 -8.36
CA ASP C 822 27.65 -0.95 -9.16
C ASP C 822 28.37 0.13 -8.37
N ALA C 823 29.41 0.71 -8.97
CA ALA C 823 30.15 1.80 -8.33
C ALA C 823 29.56 3.17 -8.61
N GLY C 824 28.56 3.26 -9.47
CA GLY C 824 27.94 4.53 -9.78
C GLY C 824 28.66 5.37 -10.82
N PHE C 825 29.70 4.83 -11.45
CA PHE C 825 30.47 5.58 -12.44
C PHE C 825 29.78 5.48 -13.80
N ILE C 826 30.43 6.00 -14.84
CA ILE C 826 29.88 5.99 -16.19
C ILE C 826 29.89 4.57 -16.75
N LEU C 841 22.02 -7.43 -15.78
CA LEU C 841 21.09 -6.98 -14.74
C LEU C 841 21.17 -5.47 -14.57
N ILE C 842 22.38 -4.93 -14.63
CA ILE C 842 22.57 -3.49 -14.45
C ILE C 842 21.96 -2.73 -15.62
N CYS C 843 22.08 -3.26 -16.83
CA CYS C 843 21.48 -2.61 -17.99
C CYS C 843 19.96 -2.57 -17.87
N ALA C 844 19.35 -3.65 -17.38
CA ALA C 844 17.91 -3.66 -17.18
C ALA C 844 17.49 -2.65 -16.13
N GLN C 845 18.28 -2.52 -15.06
CA GLN C 845 17.98 -1.52 -14.03
C GLN C 845 18.06 -0.11 -14.60
N LYS C 846 19.11 0.17 -15.38
CA LYS C 846 19.26 1.50 -15.96
C LYS C 846 18.15 1.82 -16.95
N PHE C 847 17.77 0.85 -17.77
CA PHE C 847 16.75 1.09 -18.79
C PHE C 847 15.38 1.31 -18.17
N ASN C 848 15.17 0.84 -16.94
CA ASN C 848 13.88 0.95 -16.27
C ASN C 848 13.85 2.06 -15.22
N GLY C 849 14.79 3.01 -15.31
CA GLY C 849 14.77 4.17 -14.45
C GLY C 849 15.47 4.04 -13.11
N LEU C 850 16.23 2.96 -12.90
CA LEU C 850 16.96 2.75 -11.65
C LEU C 850 18.44 2.96 -11.92
N THR C 851 19.04 3.89 -11.18
CA THR C 851 20.45 4.23 -11.35
C THR C 851 21.14 4.27 -10.00
N VAL C 852 22.46 4.14 -10.03
CA VAL C 852 23.30 4.19 -8.83
C VAL C 852 24.14 5.45 -8.90
N LEU C 853 24.05 6.29 -7.86
CA LEU C 853 24.81 7.51 -7.76
C LEU C 853 26.16 7.24 -7.07
N PRO C 854 27.25 7.79 -7.61
CA PRO C 854 28.55 7.56 -6.99
C PRO C 854 28.64 8.27 -5.66
N PRO C 855 29.39 7.72 -4.70
CA PRO C 855 29.58 8.41 -3.42
C PRO C 855 30.38 9.70 -3.60
N LEU C 856 30.13 10.65 -2.71
CA LEU C 856 30.82 11.93 -2.78
C LEU C 856 32.32 11.77 -2.57
N LEU C 857 32.71 10.96 -1.60
CA LEU C 857 34.12 10.71 -1.31
C LEU C 857 34.58 9.46 -2.04
N THR C 858 35.61 9.60 -2.86
CA THR C 858 36.15 8.46 -3.57
C THR C 858 36.93 7.56 -2.61
N ASP C 859 37.24 6.34 -3.08
CA ASP C 859 38.04 5.42 -2.29
C ASP C 859 39.42 6.00 -2.01
N GLU C 860 39.96 6.78 -2.95
CA GLU C 860 41.27 7.42 -2.74
C GLU C 860 41.22 8.40 -1.58
N MET C 861 40.14 9.20 -1.50
CA MET C 861 40.05 10.18 -0.43
C MET C 861 39.84 9.50 0.92
N ILE C 862 39.05 8.42 0.96
CA ILE C 862 38.87 7.67 2.21
C ILE C 862 40.19 7.04 2.64
N ALA C 863 40.96 6.51 1.68
CA ALA C 863 42.27 5.97 2.00
C ALA C 863 43.21 7.05 2.51
N GLN C 864 43.12 8.25 1.94
CA GLN C 864 43.95 9.37 2.42
C GLN C 864 43.56 9.76 3.84
N TYR C 865 42.27 9.80 4.15
CA TYR C 865 41.83 10.07 5.51
C TYR C 865 42.34 9.01 6.48
N THR C 866 42.26 7.73 6.07
CA THR C 866 42.75 6.65 6.92
C THR C 866 44.26 6.76 7.14
N SER C 867 45.00 7.11 6.09
CA SER C 867 46.45 7.27 6.22
C SER C 867 46.78 8.45 7.13
N ALA C 868 46.02 9.53 7.04
CA ALA C 868 46.24 10.67 7.92
C ALA C 868 45.99 10.27 9.38
N LEU C 869 44.92 9.52 9.63
CA LEU C 869 44.65 9.04 10.99
C LEU C 869 45.76 8.14 11.48
N LEU C 870 46.27 7.25 10.61
CA LEU C 870 47.37 6.37 10.97
C LEU C 870 48.61 7.16 11.34
N ALA C 871 48.97 8.14 10.50
CA ALA C 871 50.15 8.95 10.78
C ALA C 871 49.99 9.72 12.08
N GLY C 872 48.81 10.29 12.31
CA GLY C 872 48.58 11.02 13.55
C GLY C 872 48.71 10.14 14.77
N THR C 873 48.08 8.96 14.75
CA THR C 873 48.12 8.08 15.91
C THR C 873 49.49 7.42 16.08
N ILE C 874 50.30 7.36 15.02
CA ILE C 874 51.62 6.76 15.16
C ILE C 874 52.64 7.79 15.65
N THR C 875 52.57 9.02 15.15
CA THR C 875 53.56 10.04 15.47
C THR C 875 53.18 10.90 16.67
N SER C 876 51.92 10.88 17.11
CA SER C 876 51.50 11.76 18.19
C SER C 876 50.63 11.09 19.24
N GLY C 877 50.30 9.81 19.10
CA GLY C 877 49.45 9.16 20.09
C GLY C 877 48.03 9.69 20.04
N TRP C 878 47.49 9.98 21.22
CA TRP C 878 46.14 10.52 21.33
C TRP C 878 46.08 12.04 21.37
N THR C 879 47.24 12.71 21.26
CA THR C 879 47.27 14.16 21.40
C THR C 879 46.59 14.86 20.23
N PHE C 880 46.77 14.33 19.01
CA PHE C 880 46.20 14.98 17.84
C PHE C 880 44.67 14.92 17.81
N GLY C 881 44.08 13.97 18.53
CA GLY C 881 42.63 13.90 18.61
C GLY C 881 42.00 14.92 19.53
N ALA C 882 42.77 15.46 20.48
CA ALA C 882 42.27 16.44 21.43
C ALA C 882 42.81 17.84 21.19
N GLY C 883 43.62 18.03 20.15
CA GLY C 883 44.18 19.33 19.85
C GLY C 883 45.35 19.24 18.89
N PRO C 884 46.37 20.08 19.10
CA PRO C 884 47.55 20.02 18.23
C PRO C 884 48.28 18.70 18.38
N ALA C 885 48.87 18.24 17.27
CA ALA C 885 49.61 16.99 17.28
C ALA C 885 50.97 17.20 17.94
N LEU C 886 51.23 16.47 19.00
CA LEU C 886 52.49 16.55 19.74
C LEU C 886 53.30 15.30 19.45
N GLN C 887 54.48 15.49 18.85
CA GLN C 887 55.31 14.35 18.50
C GLN C 887 55.81 13.64 19.76
N ILE C 888 56.02 12.33 19.62
CA ILE C 888 56.40 11.48 20.74
C ILE C 888 56.99 10.18 20.20
N PRO C 889 58.07 9.67 20.78
CA PRO C 889 58.57 8.35 20.36
C PRO C 889 57.53 7.27 20.60
N PHE C 890 57.43 6.34 19.65
CA PHE C 890 56.40 5.31 19.74
C PHE C 890 56.56 4.38 20.94
N PRO C 891 57.75 3.89 21.30
CA PRO C 891 57.84 3.08 22.53
C PRO C 891 57.35 3.80 23.77
N MET C 892 57.59 5.11 23.85
CA MET C 892 57.08 5.88 24.97
C MET C 892 55.56 5.92 24.95
N GLN C 893 54.97 6.06 23.76
CA GLN C 893 53.51 6.03 23.64
C GLN C 893 52.94 4.69 24.06
N MET C 894 53.61 3.59 23.70
CA MET C 894 53.12 2.28 24.11
C MET C 894 53.28 2.07 25.61
N ALA C 895 54.35 2.61 26.20
CA ALA C 895 54.46 2.64 27.65
C ALA C 895 53.31 3.43 28.27
N TYR C 896 52.89 4.49 27.58
CA TYR C 896 51.78 5.31 28.07
C TYR C 896 50.51 4.46 28.12
N ARG C 897 50.26 3.73 27.04
CA ARG C 897 49.08 2.88 26.95
C ARG C 897 49.16 1.71 27.92
N PHE C 898 50.39 1.26 28.25
CA PHE C 898 50.56 0.28 29.31
C PHE C 898 50.17 0.88 30.66
N ASN C 899 50.52 2.14 30.89
CA ASN C 899 50.08 2.83 32.10
C ASN C 899 48.57 2.92 32.16
N GLY C 900 47.93 3.18 31.02
CA GLY C 900 46.49 3.31 30.99
C GLY C 900 45.75 2.03 31.37
N ILE C 901 46.36 0.88 31.09
CA ILE C 901 45.74 -0.41 31.39
C ILE C 901 46.24 -0.91 32.74
N GLY C 902 46.98 -0.07 33.45
CA GLY C 902 47.45 -0.41 34.78
C GLY C 902 48.75 -1.18 34.85
N VAL C 903 49.64 -0.98 33.89
CA VAL C 903 50.95 -1.66 33.87
C VAL C 903 52.04 -0.60 33.84
N THR C 904 53.06 -0.78 34.66
CA THR C 904 54.13 0.20 34.77
C THR C 904 54.96 0.26 33.49
N GLN C 905 55.68 1.38 33.33
CA GLN C 905 56.46 1.60 32.12
C GLN C 905 57.61 0.62 32.00
N ASN C 906 58.21 0.23 33.13
CA ASN C 906 59.37 -0.65 33.09
C ASN C 906 59.04 -2.00 32.49
N VAL C 907 57.81 -2.50 32.69
CA VAL C 907 57.41 -3.76 32.10
C VAL C 907 57.53 -3.70 30.58
N LEU C 908 57.16 -2.55 29.99
CA LEU C 908 57.32 -2.39 28.55
C LEU C 908 58.78 -2.16 28.17
N TYR C 909 59.49 -1.31 28.90
CA TYR C 909 60.86 -0.95 28.50
C TYR C 909 61.83 -2.12 28.63
N GLU C 910 61.54 -3.09 29.50
CA GLU C 910 62.36 -4.29 29.59
C GLU C 910 61.93 -5.39 28.63
N ASN C 911 60.79 -5.22 27.94
CA ASN C 911 60.30 -6.23 27.00
C ASN C 911 59.91 -5.58 25.68
N GLN C 912 60.59 -4.49 25.30
CA GLN C 912 60.21 -3.76 24.10
C GLN C 912 60.36 -4.62 22.85
N LYS C 913 61.46 -5.37 22.74
CA LYS C 913 61.67 -6.21 21.58
C LYS C 913 60.62 -7.32 21.50
N LEU C 914 60.30 -7.94 22.64
CA LEU C 914 59.27 -8.98 22.65
C LEU C 914 57.91 -8.41 22.25
N ILE C 915 57.58 -7.23 22.76
CA ILE C 915 56.29 -6.61 22.42
C ILE C 915 56.23 -6.28 20.94
N ALA C 916 57.31 -5.73 20.39
CA ALA C 916 57.34 -5.41 18.96
C ALA C 916 57.21 -6.68 18.12
N ASN C 917 57.92 -7.75 18.50
CA ASN C 917 57.81 -9.00 17.76
C ASN C 917 56.41 -9.57 17.82
N GLN C 918 55.77 -9.53 19.00
CA GLN C 918 54.40 -10.01 19.13
C GLN C 918 53.45 -9.19 18.28
N PHE C 919 53.63 -7.87 18.26
CA PHE C 919 52.77 -7.02 17.44
C PHE C 919 52.93 -7.33 15.96
N ASN C 920 54.17 -7.49 15.50
CA ASN C 920 54.41 -7.81 14.10
C ASN C 920 53.81 -9.17 13.73
N SER C 921 53.98 -10.16 14.61
CA SER C 921 53.40 -11.48 14.35
C SER C 921 51.88 -11.41 14.31
N ALA C 922 51.27 -10.63 15.21
CA ALA C 922 49.81 -10.49 15.21
C ALA C 922 49.32 -9.80 13.94
N ILE C 923 50.05 -8.78 13.47
CA ILE C 923 49.66 -8.11 12.24
C ILE C 923 49.75 -9.08 11.05
N GLY C 924 50.82 -9.86 11.00
CA GLY C 924 50.94 -10.86 9.94
C GLY C 924 49.84 -11.89 9.98
N LYS C 925 49.49 -12.36 11.19
CA LYS C 925 48.41 -13.33 11.33
C LYS C 925 47.07 -12.72 10.92
N ILE C 926 46.84 -11.45 11.24
CA ILE C 926 45.62 -10.78 10.83
C ILE C 926 45.53 -10.71 9.32
N GLN C 927 46.65 -10.35 8.67
CA GLN C 927 46.66 -10.30 7.20
C GLN C 927 46.39 -11.67 6.60
N ASP C 928 47.03 -12.71 7.14
CA ASP C 928 46.82 -14.06 6.63
C ASP C 928 45.38 -14.51 6.82
N SER C 929 44.80 -14.24 8.00
CA SER C 929 43.43 -14.64 8.26
C SER C 929 42.45 -13.92 7.35
N LEU C 930 42.64 -12.61 7.14
CA LEU C 930 41.77 -11.88 6.22
C LEU C 930 41.94 -12.37 4.79
N SER C 931 43.14 -12.82 4.43
CA SER C 931 43.35 -13.34 3.07
C SER C 931 42.78 -14.74 2.88
N SER C 932 42.71 -15.53 3.95
CA SER C 932 42.34 -16.94 3.82
C SER C 932 40.93 -17.27 4.28
N THR C 933 40.31 -16.42 5.08
CA THR C 933 38.97 -16.72 5.58
C THR C 933 37.96 -16.63 4.43
N PRO C 934 37.16 -17.68 4.19
CA PRO C 934 36.19 -17.62 3.09
C PRO C 934 35.16 -16.51 3.24
N SER C 935 34.70 -16.25 4.47
CA SER C 935 33.72 -15.19 4.74
C SER C 935 34.21 -14.39 5.93
N ALA C 936 35.04 -13.39 5.66
CA ALA C 936 35.54 -12.47 6.68
C ALA C 936 34.93 -11.08 6.60
N LEU C 937 34.68 -10.59 5.38
CA LEU C 937 34.03 -9.30 5.15
C LEU C 937 32.54 -9.47 4.90
N GLY C 938 31.89 -10.38 5.63
CA GLY C 938 30.52 -10.74 5.33
C GLY C 938 29.53 -9.61 5.47
N LYS C 939 29.80 -8.65 6.36
CA LYS C 939 28.84 -7.57 6.60
C LYS C 939 28.70 -6.66 5.38
N LEU C 940 29.84 -6.18 4.86
CA LEU C 940 29.80 -5.30 3.70
C LEU C 940 29.26 -6.03 2.47
N GLN C 941 29.68 -7.28 2.29
CA GLN C 941 29.16 -8.07 1.16
C GLN C 941 27.67 -8.28 1.29
N ASP C 942 27.18 -8.50 2.51
CA ASP C 942 25.74 -8.66 2.72
C ASP C 942 25.00 -7.36 2.41
N VAL C 943 25.57 -6.22 2.78
CA VAL C 943 24.94 -4.94 2.45
C VAL C 943 24.84 -4.76 0.94
N VAL C 944 25.95 -5.02 0.23
CA VAL C 944 25.96 -4.88 -1.21
C VAL C 944 24.97 -5.84 -1.86
N ASN C 945 24.93 -7.09 -1.37
CA ASN C 945 24.02 -8.09 -1.92
C ASN C 945 22.57 -7.72 -1.65
N HIS C 946 22.28 -7.15 -0.48
CA HIS C 946 20.92 -6.72 -0.18
C HIS C 946 20.48 -5.61 -1.13
N ASN C 947 21.36 -4.63 -1.36
CA ASN C 947 21.01 -3.55 -2.30
C ASN C 947 20.79 -4.10 -3.71
N ALA C 948 21.68 -4.98 -4.16
CA ALA C 948 21.56 -5.55 -5.50
C ALA C 948 20.29 -6.39 -5.63
N GLN C 949 19.97 -7.17 -4.59
CA GLN C 949 18.77 -8.00 -4.62
C GLN C 949 17.51 -7.14 -4.61
N ALA C 950 17.52 -6.05 -3.85
CA ALA C 950 16.37 -5.14 -3.86
C ALA C 950 16.16 -4.54 -5.25
N LEU C 951 17.25 -4.10 -5.90
CA LEU C 951 17.12 -3.55 -7.24
C LEU C 951 16.64 -4.60 -8.23
N ASN C 952 17.17 -5.82 -8.13
CA ASN C 952 16.76 -6.89 -9.03
C ASN C 952 15.29 -7.26 -8.83
N THR C 953 14.82 -7.27 -7.58
CA THR C 953 13.41 -7.54 -7.30
C THR C 953 12.54 -6.42 -7.86
N LEU C 954 12.98 -5.17 -7.72
CA LEU C 954 12.22 -4.05 -8.29
C LEU C 954 12.12 -4.18 -9.81
N VAL C 955 13.20 -4.60 -10.46
CA VAL C 955 13.15 -4.82 -11.91
C VAL C 955 12.22 -5.97 -12.25
N LYS C 956 12.32 -7.08 -11.51
CA LYS C 956 11.50 -8.25 -11.79
C LYS C 956 10.02 -7.98 -11.59
N GLN C 957 9.68 -7.04 -10.70
CA GLN C 957 8.28 -6.74 -10.44
C GLN C 957 7.57 -6.15 -11.66
N LEU C 958 8.32 -5.65 -12.65
CA LEU C 958 7.71 -5.12 -13.85
C LEU C 958 7.10 -6.19 -14.73
N SER C 959 7.42 -7.46 -14.51
CA SER C 959 6.83 -8.56 -15.28
C SER C 959 5.48 -9.00 -14.74
N SER C 960 5.07 -8.50 -13.58
CA SER C 960 3.80 -8.88 -12.99
C SER C 960 2.64 -8.18 -13.70
N LYS C 961 1.52 -8.88 -13.80
CA LYS C 961 0.32 -8.32 -14.44
C LYS C 961 -0.55 -7.54 -13.46
N PHE C 962 -0.52 -7.91 -12.17
CA PHE C 962 -1.34 -7.25 -11.15
C PHE C 962 -2.82 -7.28 -11.51
N GLY C 963 -3.26 -8.40 -12.10
CA GLY C 963 -4.64 -8.55 -12.51
C GLY C 963 -4.98 -7.98 -13.87
N ALA C 964 -4.03 -7.34 -14.55
CA ALA C 964 -4.28 -6.80 -15.87
C ALA C 964 -4.13 -7.89 -16.93
N ILE C 965 -4.55 -7.56 -18.16
CA ILE C 965 -4.46 -8.53 -19.25
C ILE C 965 -3.01 -8.79 -19.63
N SER C 966 -2.13 -7.79 -19.49
CA SER C 966 -0.74 -7.94 -19.83
C SER C 966 0.10 -7.04 -18.94
N SER C 967 1.38 -7.39 -18.81
CA SER C 967 2.33 -6.58 -18.05
C SER C 967 3.01 -5.52 -18.89
N VAL C 968 2.76 -5.49 -20.20
CA VAL C 968 3.36 -4.52 -21.10
C VAL C 968 2.32 -3.46 -21.42
N LEU C 969 2.67 -2.19 -21.22
CA LEU C 969 1.74 -1.09 -21.48
C LEU C 969 1.41 -0.99 -22.97
N ASN C 970 2.39 -1.26 -23.84
CA ASN C 970 2.15 -1.16 -25.27
C ASN C 970 1.13 -2.19 -25.73
N ASP C 971 1.18 -3.41 -25.18
CA ASP C 971 0.20 -4.42 -25.53
C ASP C 971 -1.21 -3.98 -25.16
N ILE C 972 -1.38 -3.39 -23.97
CA ILE C 972 -2.68 -2.91 -23.55
C ILE C 972 -3.15 -1.78 -24.45
N LEU C 973 -2.25 -0.85 -24.77
CA LEU C 973 -2.63 0.29 -25.60
C LEU C 973 -2.96 -0.12 -27.03
N SER C 974 -2.36 -1.21 -27.51
CA SER C 974 -2.63 -1.69 -28.87
C SER C 974 -3.81 -2.64 -28.95
N ARG C 975 -4.18 -3.28 -27.85
CA ARG C 975 -5.27 -4.26 -27.87
C ARG C 975 -6.60 -3.71 -27.37
N LEU C 976 -6.61 -2.56 -26.68
CA LEU C 976 -7.82 -2.07 -26.05
C LEU C 976 -8.04 -0.60 -26.39
N ASP C 977 -9.31 -0.20 -26.37
CA ASP C 977 -9.70 1.18 -26.55
C ASP C 977 -9.35 2.00 -25.32
N PRO C 978 -9.26 3.33 -25.44
CA PRO C 978 -8.72 4.18 -24.36
C PRO C 978 -9.42 3.97 -23.02
N PRO C 979 -10.74 3.73 -22.97
CA PRO C 979 -11.34 3.45 -21.64
C PRO C 979 -10.82 2.17 -20.98
N GLU C 980 -10.94 1.04 -21.66
CA GLU C 980 -10.43 -0.22 -21.10
C GLU C 980 -8.92 -0.18 -20.92
N ALA C 981 -8.22 0.48 -21.83
CA ALA C 981 -6.79 0.68 -21.68
C ALA C 981 -6.50 1.47 -20.41
N GLU C 982 -7.29 2.50 -20.12
CA GLU C 982 -7.10 3.26 -18.89
C GLU C 982 -7.33 2.40 -17.66
N VAL C 983 -8.34 1.53 -17.71
CA VAL C 983 -8.59 0.63 -16.58
C VAL C 983 -7.38 -0.27 -16.34
N GLN C 984 -6.88 -0.92 -17.40
CA GLN C 984 -5.75 -1.83 -17.25
C GLN C 984 -4.49 -1.09 -16.82
N ILE C 985 -4.26 0.10 -17.38
CA ILE C 985 -3.10 0.90 -17.00
C ILE C 985 -3.21 1.38 -15.56
N ASP C 986 -4.42 1.66 -15.09
CA ASP C 986 -4.61 2.00 -13.69
C ASP C 986 -4.22 0.84 -12.78
N ARG C 987 -4.63 -0.38 -13.16
CA ARG C 987 -4.22 -1.54 -12.37
C ARG C 987 -2.70 -1.70 -12.36
N LEU C 988 -2.07 -1.58 -13.53
CA LEU C 988 -0.61 -1.69 -13.61
C LEU C 988 0.08 -0.59 -12.79
N ILE C 989 -0.45 0.63 -12.86
CA ILE C 989 0.13 1.75 -12.11
C ILE C 989 0.02 1.51 -10.62
N THR C 990 -1.13 1.00 -10.17
CA THR C 990 -1.29 0.68 -8.76
C THR C 990 -0.27 -0.36 -8.31
N GLY C 991 -0.10 -1.42 -9.12
CA GLY C 991 0.86 -2.45 -8.76
C GLY C 991 2.29 -1.93 -8.69
N ARG C 992 2.70 -1.17 -9.70
CA ARG C 992 4.07 -0.67 -9.74
C ARG C 992 4.31 0.39 -8.67
N LEU C 993 3.31 1.22 -8.37
CA LEU C 993 3.44 2.17 -7.28
C LEU C 993 3.57 1.45 -5.94
N GLN C 994 2.83 0.36 -5.74
CA GLN C 994 2.99 -0.41 -4.52
C GLN C 994 4.39 -1.01 -4.44
N SER C 995 4.91 -1.51 -5.57
CA SER C 995 6.27 -2.04 -5.58
C SER C 995 7.29 -0.97 -5.20
N LEU C 996 7.16 0.22 -5.77
CA LEU C 996 8.08 1.31 -5.45
C LEU C 996 7.94 1.73 -3.99
N GLN C 997 6.70 1.76 -3.48
CA GLN C 997 6.48 2.11 -2.07
C GLN C 997 7.18 1.13 -1.16
N THR C 998 7.03 -0.17 -1.44
CA THR C 998 7.70 -1.20 -0.63
C THR C 998 9.21 -1.06 -0.71
N TYR C 999 9.74 -0.85 -1.91
CA TYR C 999 11.19 -0.69 -2.06
C TYR C 999 11.70 0.50 -1.25
N VAL C 1000 10.99 1.63 -1.32
CA VAL C 1000 11.43 2.82 -0.61
C VAL C 1000 11.35 2.63 0.90
N THR C 1001 10.31 1.95 1.38
CA THR C 1001 10.18 1.70 2.82
C THR C 1001 11.32 0.81 3.31
N GLN C 1002 11.60 -0.28 2.59
CA GLN C 1002 12.69 -1.16 2.99
C GLN C 1002 14.03 -0.44 2.91
N GLN C 1003 14.20 0.42 1.91
CA GLN C 1003 15.44 1.19 1.79
C GLN C 1003 15.59 2.16 2.97
N LEU C 1004 14.49 2.76 3.41
CA LEU C 1004 14.55 3.66 4.56
C LEU C 1004 14.93 2.90 5.83
N ILE C 1005 14.35 1.71 6.03
CA ILE C 1005 14.69 0.92 7.22
C ILE C 1005 16.16 0.50 7.17
N ARG C 1006 16.63 0.03 6.01
CA ARG C 1006 18.02 -0.36 5.88
C ARG C 1006 18.94 0.84 6.08
N ALA C 1007 18.54 2.02 5.61
CA ALA C 1007 19.33 3.22 5.81
C ALA C 1007 19.41 3.61 7.26
N ALA C 1008 18.32 3.43 8.01
CA ALA C 1008 18.37 3.67 9.45
C ALA C 1008 19.34 2.72 10.13
N GLU C 1009 19.30 1.44 9.76
CA GLU C 1009 20.24 0.48 10.33
C GLU C 1009 21.69 0.85 9.99
N ILE C 1010 21.92 1.25 8.73
CA ILE C 1010 23.27 1.61 8.31
C ILE C 1010 23.73 2.87 9.02
N ARG C 1011 22.82 3.81 9.28
CA ARG C 1011 23.17 5.02 10.02
C ARG C 1011 23.53 4.70 11.46
N ALA C 1012 22.81 3.77 12.08
CA ALA C 1012 23.19 3.34 13.43
C ALA C 1012 24.58 2.69 13.42
N SER C 1013 24.84 1.84 12.42
CA SER C 1013 26.16 1.21 12.33
C SER C 1013 27.25 2.25 12.10
N ALA C 1014 26.97 3.27 11.30
CA ALA C 1014 27.96 4.31 11.02
C ALA C 1014 28.21 5.18 12.24
N ASN C 1015 27.16 5.44 13.03
CA ASN C 1015 27.34 6.16 14.29
C ASN C 1015 28.22 5.35 15.24
N LEU C 1016 27.99 4.04 15.31
CA LEU C 1016 28.85 3.18 16.12
C LEU C 1016 30.29 3.21 15.62
N ALA C 1017 30.47 3.19 14.29
CA ALA C 1017 31.81 3.22 13.73
C ALA C 1017 32.52 4.54 14.03
N ALA C 1018 31.79 5.66 13.95
CA ALA C 1018 32.37 6.95 14.28
C ALA C 1018 32.75 7.02 15.76
N THR C 1019 31.89 6.48 16.63
CA THR C 1019 32.23 6.44 18.06
C THR C 1019 33.47 5.60 18.30
N LYS C 1020 33.59 4.46 17.61
CA LYS C 1020 34.77 3.61 17.75
C LYS C 1020 36.02 4.31 17.23
N MET C 1021 35.89 5.04 16.13
CA MET C 1021 37.03 5.80 15.61
C MET C 1021 37.47 6.88 16.59
N SER C 1022 36.50 7.54 17.23
CA SER C 1022 36.85 8.59 18.18
C SER C 1022 37.47 8.04 19.46
N GLU C 1023 36.95 6.91 19.95
CA GLU C 1023 37.32 6.44 21.28
C GLU C 1023 38.39 5.36 21.30
N CYS C 1024 38.63 4.68 20.17
CA CYS C 1024 39.66 3.64 20.11
C CYS C 1024 40.86 4.04 19.26
N VAL C 1025 40.67 4.88 18.25
CA VAL C 1025 41.78 5.33 17.41
C VAL C 1025 42.35 6.65 17.91
N LEU C 1026 41.50 7.63 18.19
CA LEU C 1026 41.95 8.91 18.68
C LEU C 1026 42.30 8.91 20.16
N GLY C 1027 42.06 7.81 20.86
CA GLY C 1027 42.38 7.72 22.27
C GLY C 1027 42.38 6.27 22.73
N GLN C 1028 42.66 6.09 24.01
CA GLN C 1028 42.65 4.78 24.64
C GLN C 1028 41.38 4.63 25.45
N SER C 1029 40.62 3.57 25.18
CA SER C 1029 39.30 3.37 25.77
C SER C 1029 39.39 2.46 26.97
N LYS C 1030 38.80 2.87 28.08
CA LYS C 1030 38.68 2.03 29.27
C LYS C 1030 37.44 1.14 29.24
N ARG C 1031 36.55 1.33 28.28
CA ARG C 1031 35.36 0.52 28.18
C ARG C 1031 35.72 -0.91 27.79
N VAL C 1032 35.07 -1.87 28.46
CA VAL C 1032 35.37 -3.28 28.24
C VAL C 1032 34.69 -3.74 26.96
N ASP C 1033 35.45 -4.46 26.12
CA ASP C 1033 34.99 -5.09 24.88
C ASP C 1033 34.58 -4.08 23.81
N PHE C 1034 34.82 -2.79 24.02
CA PHE C 1034 34.46 -1.80 23.01
C PHE C 1034 35.47 -1.78 21.86
N CYS C 1035 36.75 -1.94 22.16
CA CYS C 1035 37.81 -1.88 21.16
C CYS C 1035 38.72 -3.11 21.27
N GLY C 1036 38.12 -4.29 21.30
CA GLY C 1036 38.87 -5.53 21.33
C GLY C 1036 38.44 -6.42 22.49
N LYS C 1037 39.15 -7.54 22.62
CA LYS C 1037 38.84 -8.52 23.65
C LYS C 1037 39.50 -8.17 24.98
N GLY C 1038 40.83 -8.04 24.98
CA GLY C 1038 41.58 -7.76 26.18
C GLY C 1038 41.58 -6.28 26.51
N TYR C 1039 42.58 -5.89 27.30
CA TYR C 1039 42.73 -4.49 27.67
C TYR C 1039 43.20 -3.68 26.47
N HIS C 1040 42.41 -2.69 26.08
CA HIS C 1040 42.67 -1.95 24.85
C HIS C 1040 43.95 -1.13 24.96
N LEU C 1041 44.87 -1.36 24.02
CA LEU C 1041 46.07 -0.53 23.88
C LEU C 1041 45.86 0.56 22.83
N MET C 1042 45.55 0.17 21.60
CA MET C 1042 45.24 1.14 20.56
C MET C 1042 44.43 0.47 19.46
N SER C 1043 44.14 1.25 18.42
CA SER C 1043 43.40 0.75 17.27
C SER C 1043 43.84 1.49 16.01
N PHE C 1044 43.80 0.77 14.90
CA PHE C 1044 44.20 1.32 13.60
C PHE C 1044 43.04 1.17 12.62
N PRO C 1045 42.58 2.25 12.01
CA PRO C 1045 41.51 2.13 11.00
C PRO C 1045 42.05 1.73 9.64
N GLN C 1046 41.20 1.06 8.88
CA GLN C 1046 41.50 0.69 7.50
C GLN C 1046 40.25 0.88 6.67
N SER C 1047 40.40 1.51 5.50
CA SER C 1047 39.26 1.76 4.63
C SER C 1047 38.78 0.47 4.01
N ALA C 1048 37.46 0.38 3.83
CA ALA C 1048 36.79 -0.74 3.21
C ALA C 1048 35.87 -0.21 2.12
N PRO C 1049 35.49 -1.06 1.15
CA PRO C 1049 34.65 -0.57 0.05
C PRO C 1049 33.36 0.08 0.51
N HIS C 1050 32.73 -0.43 1.57
CA HIS C 1050 31.50 0.17 2.06
C HIS C 1050 31.47 0.30 3.58
N GLY C 1051 32.61 0.18 4.24
CA GLY C 1051 32.66 0.27 5.69
C GLY C 1051 34.05 0.62 6.17
N VAL C 1052 34.36 0.15 7.37
CA VAL C 1052 35.65 0.41 8.01
C VAL C 1052 36.07 -0.84 8.77
N VAL C 1053 37.37 -1.11 8.79
CA VAL C 1053 37.93 -2.25 9.50
C VAL C 1053 38.87 -1.71 10.58
N PHE C 1054 38.55 -2.00 11.83
CA PHE C 1054 39.38 -1.59 12.96
C PHE C 1054 40.27 -2.74 13.39
N LEU C 1055 41.58 -2.50 13.40
CA LEU C 1055 42.56 -3.44 13.94
C LEU C 1055 42.81 -3.02 15.38
N HIS C 1056 42.25 -3.77 16.32
CA HIS C 1056 42.37 -3.47 17.74
C HIS C 1056 43.58 -4.19 18.31
N VAL C 1057 44.56 -3.43 18.79
CA VAL C 1057 45.73 -3.96 19.48
C VAL C 1057 45.45 -3.89 20.97
N THR C 1058 45.43 -5.05 21.63
CA THR C 1058 45.05 -5.18 23.03
C THR C 1058 46.08 -6.02 23.76
N TYR C 1059 46.02 -5.94 25.08
CA TYR C 1059 46.92 -6.61 26.00
C TYR C 1059 46.17 -7.75 26.67
N VAL C 1060 46.63 -8.98 26.48
CA VAL C 1060 45.97 -10.16 27.04
C VAL C 1060 46.93 -10.80 28.04
N PRO C 1061 46.61 -10.78 29.34
CA PRO C 1061 47.47 -11.46 30.31
C PRO C 1061 47.52 -12.96 30.06
N ALA C 1062 48.65 -13.57 30.42
CA ALA C 1062 48.86 -14.99 30.16
C ALA C 1062 49.86 -15.54 31.16
N GLN C 1063 49.89 -16.87 31.25
CA GLN C 1063 50.80 -17.59 32.14
C GLN C 1063 50.63 -17.14 33.59
N GLU C 1064 49.44 -17.37 34.12
CA GLU C 1064 49.13 -17.03 35.50
C GLU C 1064 49.87 -17.99 36.44
N LYS C 1065 49.73 -17.74 37.75
CA LYS C 1065 50.39 -18.56 38.75
C LYS C 1065 49.63 -18.49 40.05
N ASN C 1066 49.64 -19.61 40.79
CA ASN C 1066 49.09 -19.64 42.14
C ASN C 1066 49.86 -18.69 43.04
N PHE C 1067 49.15 -17.96 43.89
CA PHE C 1067 49.79 -17.18 44.93
C PHE C 1067 48.87 -17.10 46.14
N THR C 1068 49.46 -16.99 47.32
CA THR C 1068 48.70 -16.75 48.54
C THR C 1068 48.68 -15.26 48.82
N THR C 1069 47.49 -14.71 49.02
CA THR C 1069 47.30 -13.27 49.18
C THR C 1069 46.66 -12.97 50.53
N ALA C 1070 46.90 -11.76 51.01
CA ALA C 1070 46.34 -11.27 52.27
C ALA C 1070 45.82 -9.85 52.06
N PRO C 1071 44.72 -9.49 52.72
CA PRO C 1071 44.21 -8.12 52.58
C PRO C 1071 45.19 -7.06 53.07
N ALA C 1072 45.92 -7.34 54.14
CA ALA C 1072 46.83 -6.36 54.73
C ALA C 1072 47.93 -7.09 55.48
N ILE C 1073 48.96 -6.34 55.84
CA ILE C 1073 50.10 -6.86 56.59
C ILE C 1073 50.10 -6.24 57.98
N CYS C 1074 50.20 -7.08 59.00
CA CYS C 1074 50.26 -6.62 60.37
C CYS C 1074 51.71 -6.46 60.78
N HIS C 1075 52.08 -5.26 61.21
CA HIS C 1075 53.46 -4.98 61.60
C HIS C 1075 53.47 -3.89 62.67
N ASP C 1076 54.07 -4.21 63.82
CA ASP C 1076 54.19 -3.26 64.93
C ASP C 1076 52.81 -2.74 65.37
N GLY C 1077 51.81 -3.62 65.33
CA GLY C 1077 50.46 -3.22 65.70
C GLY C 1077 49.77 -2.34 64.69
N LYS C 1078 50.31 -2.20 63.49
CA LYS C 1078 49.74 -1.36 62.45
C LYS C 1078 49.36 -2.21 61.24
N ALA C 1079 48.29 -1.83 60.56
CA ALA C 1079 47.82 -2.51 59.37
C ALA C 1079 48.31 -1.76 58.15
N HIS C 1080 49.04 -2.46 57.28
CA HIS C 1080 49.60 -1.89 56.06
C HIS C 1080 48.84 -2.43 54.86
N PHE C 1081 48.39 -1.52 53.99
CA PHE C 1081 47.69 -1.85 52.77
C PHE C 1081 48.52 -1.41 51.56
N PRO C 1082 48.50 -2.16 50.47
CA PRO C 1082 49.31 -1.79 49.30
C PRO C 1082 48.78 -0.53 48.64
N ARG C 1083 49.71 0.35 48.27
CA ARG C 1083 49.32 1.62 47.64
C ARG C 1083 48.75 1.39 46.24
N GLU C 1084 49.39 0.54 45.45
CA GLU C 1084 49.00 0.32 44.07
C GLU C 1084 48.83 -1.14 43.69
N GLY C 1085 49.43 -2.08 44.41
CA GLY C 1085 49.40 -3.47 44.01
C GLY C 1085 48.67 -4.40 44.94
N VAL C 1086 49.19 -5.61 45.10
CA VAL C 1086 48.57 -6.64 45.94
C VAL C 1086 49.67 -7.40 46.66
N PHE C 1087 49.39 -7.82 47.89
CA PHE C 1087 50.31 -8.67 48.63
C PHE C 1087 50.18 -10.11 48.14
N VAL C 1088 51.32 -10.73 47.81
CA VAL C 1088 51.38 -12.11 47.38
C VAL C 1088 52.48 -12.81 48.15
N SER C 1089 52.51 -14.13 48.03
CA SER C 1089 53.51 -14.95 48.69
C SER C 1089 53.74 -16.22 47.88
N ASN C 1090 55.01 -16.55 47.65
CA ASN C 1090 55.32 -17.79 46.94
C ASN C 1090 55.24 -19.01 47.86
N GLY C 1091 55.04 -18.81 49.16
CA GLY C 1091 54.95 -19.90 50.10
C GLY C 1091 55.69 -19.64 51.39
N THR C 1092 56.76 -18.86 51.32
CA THR C 1092 57.58 -18.57 52.50
C THR C 1092 57.76 -17.08 52.76
N HIS C 1093 57.88 -16.27 51.71
CA HIS C 1093 58.12 -14.84 51.85
C HIS C 1093 57.00 -14.04 51.20
N TRP C 1094 56.76 -12.86 51.74
CA TRP C 1094 55.69 -11.99 51.29
C TRP C 1094 56.25 -10.83 50.48
N PHE C 1095 55.59 -10.52 49.36
CA PHE C 1095 55.98 -9.42 48.50
C PHE C 1095 54.74 -8.63 48.12
N VAL C 1096 54.96 -7.46 47.52
CA VAL C 1096 53.91 -6.67 46.92
C VAL C 1096 54.19 -6.58 45.42
N THR C 1097 53.18 -6.85 44.61
CA THR C 1097 53.35 -6.89 43.17
C THR C 1097 52.29 -6.02 42.50
N GLN C 1098 52.60 -5.58 41.28
CA GLN C 1098 51.60 -4.84 40.51
C GLN C 1098 50.53 -5.80 40.01
N ARG C 1099 49.61 -5.26 39.21
CA ARG C 1099 48.33 -5.94 39.04
C ARG C 1099 48.29 -6.95 37.91
N ASN C 1100 48.55 -6.54 36.67
CA ASN C 1100 48.38 -7.42 35.54
C ASN C 1100 49.68 -8.03 35.07
N PHE C 1101 50.73 -7.98 35.91
CA PHE C 1101 52.03 -8.53 35.59
C PHE C 1101 52.75 -8.83 36.89
N TYR C 1102 53.31 -10.03 37.00
CA TYR C 1102 53.97 -10.45 38.23
C TYR C 1102 55.32 -9.78 38.35
N GLU C 1103 55.47 -8.93 39.37
CA GLU C 1103 56.73 -8.24 39.63
C GLU C 1103 56.89 -8.09 41.13
N PRO C 1104 57.36 -9.14 41.81
CA PRO C 1104 57.43 -9.11 43.28
C PRO C 1104 58.45 -8.08 43.76
N GLN C 1105 58.05 -7.30 44.77
CA GLN C 1105 58.90 -6.30 45.38
C GLN C 1105 58.84 -6.41 46.89
N ILE C 1106 59.90 -5.97 47.55
CA ILE C 1106 59.96 -6.02 49.01
C ILE C 1106 58.92 -5.06 49.58
N ILE C 1107 58.15 -5.54 50.56
CA ILE C 1107 57.11 -4.72 51.19
C ILE C 1107 57.79 -3.68 52.07
N THR C 1108 57.72 -2.42 51.67
CA THR C 1108 58.30 -1.31 52.41
C THR C 1108 57.20 -0.31 52.79
N THR C 1109 57.61 0.75 53.48
CA THR C 1109 56.69 1.82 53.83
C THR C 1109 56.41 2.77 52.67
N ASP C 1110 57.15 2.65 51.56
CA ASP C 1110 56.94 3.54 50.42
C ASP C 1110 55.82 3.03 49.52
N ASN C 1111 55.68 1.72 49.38
CA ASN C 1111 54.64 1.13 48.54
C ASN C 1111 53.42 0.67 49.35
N THR C 1112 53.38 0.98 50.64
CA THR C 1112 52.24 0.65 51.49
C THR C 1112 51.86 1.87 52.31
N PHE C 1113 50.64 1.86 52.82
CA PHE C 1113 50.14 2.91 53.70
C PHE C 1113 49.46 2.30 54.92
N VAL C 1114 49.48 3.04 56.02
CA VAL C 1114 49.01 2.57 57.32
C VAL C 1114 47.60 3.11 57.56
N SER C 1115 46.74 2.24 58.08
CA SER C 1115 45.37 2.64 58.44
C SER C 1115 44.89 1.74 59.56
N GLY C 1116 44.86 2.27 60.78
CA GLY C 1116 44.35 1.53 61.92
C GLY C 1116 45.29 0.43 62.39
N ASN C 1117 44.75 -0.41 63.27
CA ASN C 1117 45.47 -1.55 63.82
C ASN C 1117 45.03 -2.83 63.12
N CYS C 1118 45.49 -3.96 63.63
CA CYS C 1118 45.23 -5.27 63.03
C CYS C 1118 43.98 -5.94 63.58
N ASP C 1119 43.20 -5.24 64.40
CA ASP C 1119 42.05 -5.87 65.06
C ASP C 1119 40.88 -6.08 64.10
N VAL C 1120 40.63 -5.13 63.21
CA VAL C 1120 39.39 -5.14 62.43
C VAL C 1120 39.53 -5.89 61.10
N VAL C 1121 40.72 -5.89 60.50
CA VAL C 1121 40.88 -6.48 59.18
C VAL C 1121 40.82 -8.00 59.29
N ILE C 1122 39.95 -8.61 58.49
CA ILE C 1122 39.79 -10.05 58.47
C ILE C 1122 40.76 -10.64 57.45
N GLY C 1123 41.58 -11.59 57.90
CA GLY C 1123 42.57 -12.21 57.05
C GLY C 1123 43.93 -11.55 57.09
N ILE C 1124 44.17 -10.61 58.00
CA ILE C 1124 45.47 -9.98 58.10
C ILE C 1124 46.49 -10.99 58.63
N VAL C 1125 47.73 -10.86 58.15
CA VAL C 1125 48.83 -11.75 58.54
C VAL C 1125 50.00 -10.90 59.02
N ASN C 1126 50.82 -11.49 59.88
CA ASN C 1126 52.08 -10.85 60.25
C ASN C 1126 53.19 -11.06 59.24
N ASN C 1127 53.88 -9.97 58.91
CA ASN C 1127 55.07 -9.92 58.08
C ASN C 1127 55.79 -8.61 58.38
N THR C 1128 57.09 -8.59 58.13
CA THR C 1128 57.89 -7.41 58.41
C THR C 1128 57.79 -6.41 57.26
N VAL C 1129 57.71 -5.13 57.61
CA VAL C 1129 57.68 -4.03 56.65
C VAL C 1129 59.01 -3.30 56.73
N TYR C 1130 59.76 -3.32 55.63
CA TYR C 1130 61.09 -2.74 55.62
C TYR C 1130 61.01 -1.22 55.62
N ASP C 1131 61.83 -0.58 56.45
CA ASP C 1131 61.90 0.87 56.51
C ASP C 1131 63.22 1.33 55.92
N PRO C 1132 63.23 2.01 54.77
CA PRO C 1132 64.49 2.47 54.15
C PRO C 1132 65.03 3.73 54.82
N LEU C 1133 65.31 3.63 56.12
CA LEU C 1133 65.83 4.76 56.88
C LEU C 1133 66.55 4.27 58.14
N GLU D 1 -33.68 53.78 -5.68
CA GLU D 1 -33.79 53.18 -4.37
C GLU D 1 -35.15 52.53 -4.17
N VAL D 2 -35.21 51.56 -3.25
CA VAL D 2 -36.46 50.85 -2.98
C VAL D 2 -37.39 51.76 -2.19
N GLN D 3 -38.65 51.82 -2.60
CA GLN D 3 -39.62 52.74 -2.03
C GLN D 3 -40.95 52.02 -1.81
N LEU D 4 -41.49 52.14 -0.60
CA LEU D 4 -42.77 51.56 -0.22
C LEU D 4 -43.67 52.67 0.30
N LEU D 5 -44.91 52.71 -0.18
CA LEU D 5 -45.85 53.76 0.20
C LEU D 5 -47.18 53.12 0.63
N GLU D 6 -47.60 53.40 1.85
CA GLU D 6 -48.88 52.92 2.35
C GLU D 6 -49.98 53.96 2.12
N SER D 7 -51.20 53.47 1.99
CA SER D 7 -52.36 54.33 1.82
C SER D 7 -53.62 53.55 2.18
N GLY D 8 -54.69 54.30 2.43
CA GLY D 8 -55.97 53.72 2.77
C GLY D 8 -56.31 53.72 4.26
N GLY D 9 -55.34 53.96 5.12
CA GLY D 9 -55.61 53.99 6.54
C GLY D 9 -56.42 55.21 6.95
N GLY D 10 -57.27 55.01 7.96
CA GLY D 10 -58.12 56.09 8.45
C GLY D 10 -59.00 55.69 9.60
N LEU D 11 -60.21 56.21 9.64
CA LEU D 11 -61.17 55.94 10.70
C LEU D 11 -62.24 54.98 10.19
N VAL D 12 -62.55 53.97 11.01
CA VAL D 12 -63.56 52.98 10.66
C VAL D 12 -64.33 52.60 11.92
N GLN D 13 -65.60 52.29 11.74
CA GLN D 13 -66.44 51.88 12.86
C GLN D 13 -66.09 50.46 13.29
N PRO D 14 -66.30 50.12 14.55
CA PRO D 14 -66.07 48.74 15.00
C PRO D 14 -66.96 47.76 14.25
N GLY D 15 -66.39 46.62 13.89
CA GLY D 15 -67.10 45.64 13.11
C GLY D 15 -67.22 45.94 11.63
N GLY D 16 -66.58 47.00 11.16
CA GLY D 16 -66.64 47.40 9.77
C GLY D 16 -65.57 46.73 8.93
N SER D 17 -65.25 47.39 7.80
CA SER D 17 -64.27 46.87 6.87
C SER D 17 -63.39 48.01 6.37
N LEU D 18 -62.17 47.67 5.96
CA LEU D 18 -61.22 48.64 5.43
C LEU D 18 -60.25 47.92 4.52
N ARG D 19 -59.55 48.70 3.70
CA ARG D 19 -58.56 48.18 2.77
C ARG D 19 -57.32 49.05 2.80
N LEU D 20 -56.16 48.43 3.00
CA LEU D 20 -54.87 49.11 2.92
C LEU D 20 -54.16 48.71 1.64
N SER D 21 -53.48 49.68 1.04
CA SER D 21 -52.74 49.46 -0.20
C SER D 21 -51.30 49.89 0.01
N CYS D 22 -50.35 49.07 -0.42
CA CYS D 22 -48.94 49.44 -0.39
C CYS D 22 -48.39 49.33 -1.80
N ALA D 23 -47.87 50.45 -2.30
CA ALA D 23 -47.23 50.51 -3.61
C ALA D 23 -45.72 50.39 -3.44
N ALA D 24 -45.10 49.63 -4.33
CA ALA D 24 -43.69 49.31 -4.25
C ALA D 24 -42.96 49.73 -5.52
N SER D 25 -41.70 50.12 -5.36
CA SER D 25 -40.86 50.46 -6.50
C SER D 25 -39.40 50.21 -6.14
N GLY D 26 -38.59 50.00 -7.18
CA GLY D 26 -37.16 49.84 -7.01
C GLY D 26 -36.66 48.41 -6.92
N PHE D 27 -37.54 47.42 -7.08
CA PHE D 27 -37.13 46.02 -7.01
C PHE D 27 -38.09 45.17 -7.82
N SER D 28 -37.66 43.95 -8.11
CA SER D 28 -38.47 43.00 -8.86
C SER D 28 -39.64 42.57 -7.98
N PHE D 29 -40.83 43.11 -8.28
CA PHE D 29 -41.97 42.92 -7.39
C PHE D 29 -42.41 41.46 -7.34
N SER D 30 -42.35 40.75 -8.47
CA SER D 30 -42.88 39.40 -8.55
C SER D 30 -42.05 38.38 -7.78
N GLY D 31 -40.85 38.73 -7.34
CA GLY D 31 -39.96 37.80 -6.69
C GLY D 31 -39.85 37.89 -5.18
N TYR D 32 -40.56 38.84 -4.56
CA TYR D 32 -40.45 39.07 -3.12
C TYR D 32 -41.77 38.75 -2.44
N ALA D 33 -41.67 38.10 -1.28
CA ALA D 33 -42.84 37.82 -0.45
C ALA D 33 -43.01 38.96 0.55
N LEU D 34 -44.07 39.74 0.38
CA LEU D 34 -44.28 40.96 1.16
C LEU D 34 -45.08 40.67 2.42
N SER D 35 -45.00 41.58 3.38
CA SER D 35 -45.64 41.36 4.68
C SER D 35 -46.36 42.63 5.13
N TRP D 36 -47.37 42.42 5.96
CA TRP D 36 -48.03 43.49 6.71
C TRP D 36 -47.78 43.24 8.19
N VAL D 37 -47.27 44.27 8.87
CA VAL D 37 -46.94 44.19 10.30
C VAL D 37 -47.53 45.42 10.98
N ARG D 38 -48.27 45.20 12.06
CA ARG D 38 -48.92 46.29 12.79
C ARG D 38 -48.30 46.47 14.17
N GLN D 39 -48.42 47.70 14.68
CA GLN D 39 -47.93 48.03 16.01
C GLN D 39 -48.97 48.90 16.70
N THR D 40 -49.42 48.48 17.86
CA THR D 40 -50.31 49.30 18.67
C THR D 40 -49.48 50.39 19.37
N PRO D 41 -49.93 51.65 19.36
CA PRO D 41 -49.17 52.70 20.04
C PRO D 41 -48.96 52.36 21.51
N GLY D 42 -47.70 52.50 21.96
CA GLY D 42 -47.32 52.10 23.29
C GLY D 42 -47.02 50.63 23.46
N LYS D 43 -47.08 49.84 22.39
CA LYS D 43 -46.81 48.41 22.47
C LYS D 43 -45.74 48.00 21.47
N GLY D 44 -45.49 46.69 21.36
CA GLY D 44 -44.47 46.18 20.46
C GLY D 44 -45.01 45.83 19.09
N LEU D 45 -44.09 45.43 18.22
CA LEU D 45 -44.46 45.04 16.87
C LEU D 45 -45.17 43.69 16.85
N GLU D 46 -46.05 43.52 15.88
CA GLU D 46 -46.79 42.26 15.72
C GLU D 46 -47.02 42.00 14.25
N TRP D 47 -46.49 40.88 13.75
CA TRP D 47 -46.70 40.52 12.36
C TRP D 47 -48.15 40.16 12.11
N VAL D 48 -48.69 40.69 11.00
CA VAL D 48 -50.10 40.48 10.64
C VAL D 48 -50.24 39.42 9.55
N SER D 49 -49.65 39.66 8.39
CA SER D 49 -49.89 38.76 7.25
C SER D 49 -48.69 38.77 6.31
N SER D 50 -48.70 37.82 5.38
CA SER D 50 -47.63 37.69 4.40
C SER D 50 -48.20 37.06 3.13
N ILE D 51 -47.64 37.47 1.99
CA ILE D 51 -48.01 36.90 0.70
C ILE D 51 -46.75 36.65 -0.11
N SER D 52 -46.74 35.54 -0.84
CA SER D 52 -45.59 35.13 -1.63
C SER D 52 -45.50 35.95 -2.92
N GLY D 53 -44.37 35.77 -3.63
CA GLY D 53 -44.17 36.53 -4.85
C GLY D 53 -45.14 36.15 -5.96
N SER D 54 -45.44 34.86 -6.08
CA SER D 54 -46.35 34.37 -7.11
C SER D 54 -47.82 34.43 -6.67
N ALA D 55 -48.09 34.89 -5.45
CA ALA D 55 -49.44 35.01 -4.90
C ALA D 55 -50.15 33.66 -4.82
N ASP D 56 -49.41 32.56 -4.86
CA ASP D 56 -49.99 31.23 -4.76
C ASP D 56 -50.14 30.76 -3.32
N SER D 57 -49.57 31.47 -2.36
CA SER D 57 -49.66 31.10 -0.95
C SER D 57 -49.81 32.35 -0.11
N THR D 58 -50.77 32.34 0.81
CA THR D 58 -51.00 33.43 1.74
C THR D 58 -50.87 32.91 3.17
N TYR D 59 -50.35 33.76 4.06
CA TYR D 59 -50.13 33.39 5.45
C TYR D 59 -50.71 34.47 6.35
N TYR D 60 -51.44 34.05 7.37
CA TYR D 60 -52.10 34.98 8.29
C TYR D 60 -51.77 34.60 9.72
N ALA D 61 -51.70 35.61 10.58
CA ALA D 61 -51.51 35.37 12.00
C ALA D 61 -52.78 34.80 12.62
N ASP D 62 -52.61 34.08 13.72
CA ASP D 62 -53.75 33.47 14.40
C ASP D 62 -54.69 34.52 14.97
N SER D 63 -54.18 35.70 15.31
CA SER D 63 -55.01 36.76 15.87
C SER D 63 -55.87 37.44 14.82
N VAL D 64 -55.51 37.35 13.53
CA VAL D 64 -56.24 38.00 12.46
C VAL D 64 -56.70 37.00 11.40
N LYS D 65 -56.60 35.70 11.67
CA LYS D 65 -56.99 34.70 10.69
C LYS D 65 -58.50 34.75 10.46
N GLY D 66 -58.90 34.69 9.19
CA GLY D 66 -60.29 34.78 8.78
C GLY D 66 -60.79 36.20 8.63
N ARG D 67 -60.40 37.08 9.53
CA ARG D 67 -60.82 38.47 9.45
C ARG D 67 -60.14 39.19 8.29
N PHE D 68 -58.85 38.94 8.09
CA PHE D 68 -58.04 39.65 7.12
C PHE D 68 -57.84 38.81 5.87
N THR D 69 -57.50 39.49 4.77
CA THR D 69 -57.20 38.81 3.51
C THR D 69 -56.14 39.61 2.78
N ILE D 70 -55.03 38.96 2.42
CA ILE D 70 -53.94 39.61 1.71
C ILE D 70 -54.05 39.28 0.23
N SER D 71 -53.63 40.23 -0.61
CA SER D 71 -53.62 40.03 -2.05
C SER D 71 -52.56 40.91 -2.64
N ARG D 72 -52.23 40.67 -3.91
CA ARG D 72 -51.23 41.47 -4.60
C ARG D 72 -51.55 41.55 -6.09
N ASP D 73 -51.11 42.66 -6.68
CA ASP D 73 -51.16 42.86 -8.13
C ASP D 73 -49.72 43.12 -8.58
N ASN D 74 -49.15 42.14 -9.28
CA ASN D 74 -47.79 42.27 -9.81
C ASN D 74 -47.74 43.17 -11.04
N SER D 75 -48.81 43.21 -11.84
CA SER D 75 -48.85 44.12 -12.97
C SER D 75 -48.88 45.57 -12.53
N LYS D 76 -49.27 45.84 -11.29
CA LYS D 76 -49.29 47.18 -10.75
C LYS D 76 -48.25 47.42 -9.66
N ASN D 77 -47.45 46.40 -9.29
CA ASN D 77 -46.44 46.52 -8.24
C ASN D 77 -47.06 47.00 -6.93
N THR D 78 -48.25 46.49 -6.60
CA THR D 78 -48.93 46.87 -5.38
C THR D 78 -49.41 45.62 -4.65
N PHE D 79 -49.68 45.76 -3.36
CA PHE D 79 -50.33 44.67 -2.64
C PHE D 79 -51.19 45.23 -1.51
N TYR D 80 -52.31 44.56 -1.28
CA TYR D 80 -53.41 45.06 -0.47
C TYR D 80 -53.71 44.12 0.68
N LEU D 81 -54.24 44.73 1.75
CA LEU D 81 -54.71 44.03 2.95
C LEU D 81 -56.16 44.47 3.17
N GLN D 82 -57.10 43.57 2.88
CA GLN D 82 -58.51 43.84 3.06
C GLN D 82 -58.95 43.20 4.39
N MET D 83 -59.31 44.03 5.35
CA MET D 83 -59.75 43.54 6.65
C MET D 83 -61.24 43.82 6.83
N SER D 84 -61.90 42.91 7.54
CA SER D 84 -63.32 43.03 7.83
C SER D 84 -63.57 42.58 9.26
N SER D 85 -64.71 43.02 9.81
CA SER D 85 -65.08 42.72 11.19
C SER D 85 -64.00 43.16 12.17
N LEU D 86 -63.50 44.38 11.95
CA LEU D 86 -62.39 44.89 12.74
C LEU D 86 -62.80 45.06 14.20
N ARG D 87 -61.96 44.56 15.10
CA ARG D 87 -62.19 44.71 16.52
C ARG D 87 -61.56 46.01 17.02
N ALA D 88 -61.85 46.35 18.28
CA ALA D 88 -61.28 47.56 18.86
C ALA D 88 -59.78 47.47 19.02
N ASP D 89 -59.25 46.24 19.17
CA ASP D 89 -57.82 46.04 19.32
C ASP D 89 -57.06 46.17 18.01
N ASP D 90 -57.76 46.27 16.88
CA ASP D 90 -57.10 46.40 15.58
C ASP D 90 -56.58 47.81 15.30
N THR D 91 -56.87 48.78 16.17
CA THR D 91 -56.37 50.13 16.02
C THR D 91 -54.85 50.13 16.21
N ALA D 92 -54.12 50.42 15.14
CA ALA D 92 -52.67 50.34 15.17
C ALA D 92 -52.09 51.04 13.96
N ILE D 93 -50.76 51.19 13.97
CA ILE D 93 -50.03 51.69 12.81
C ILE D 93 -49.57 50.48 12.01
N TYR D 94 -49.96 50.43 10.74
CA TYR D 94 -49.64 49.31 9.86
C TYR D 94 -48.49 49.70 8.93
N TYR D 95 -47.54 48.78 8.78
CA TYR D 95 -46.42 48.94 7.87
C TYR D 95 -46.42 47.79 6.86
N CYS D 96 -46.09 48.10 5.62
CA CYS D 96 -45.83 47.08 4.61
C CYS D 96 -44.32 46.89 4.52
N ALA D 97 -43.88 45.65 4.73
CA ALA D 97 -42.48 45.32 4.84
C ALA D 97 -42.04 44.41 3.71
N LYS D 98 -40.82 44.66 3.22
CA LYS D 98 -40.17 43.95 2.13
C LYS D 98 -38.91 43.23 2.65
N PRO D 99 -38.71 41.98 2.27
CA PRO D 99 -37.49 41.27 2.65
C PRO D 99 -36.36 41.61 1.69
N PRO D 100 -35.11 41.41 2.10
CA PRO D 100 -33.99 41.60 1.18
C PRO D 100 -33.84 40.42 0.24
N LEU D 101 -33.07 40.65 -0.83
CA LEU D 101 -32.76 39.57 -1.76
C LEU D 101 -31.89 38.54 -1.08
N GLY D 102 -32.20 37.26 -1.32
CA GLY D 102 -31.59 36.16 -0.60
C GLY D 102 -32.41 35.67 0.58
N SER D 103 -33.33 36.49 1.08
CA SER D 103 -34.28 36.10 2.11
C SER D 103 -35.70 36.50 1.72
N ASN D 104 -35.96 36.57 0.41
CA ASN D 104 -37.25 37.02 -0.10
C ASN D 104 -38.34 35.96 -0.01
N LEU D 105 -38.00 34.72 0.30
CA LEU D 105 -38.99 33.66 0.44
C LEU D 105 -39.46 33.58 1.88
N PHE D 106 -40.76 33.31 2.06
CA PHE D 106 -41.35 33.14 3.39
C PHE D 106 -40.89 31.80 3.94
N ALA D 107 -39.70 31.79 4.54
CA ALA D 107 -39.06 30.57 4.99
C ALA D 107 -38.26 30.89 6.26
N VAL D 108 -37.31 30.03 6.58
CA VAL D 108 -36.60 30.12 7.86
C VAL D 108 -35.89 31.46 7.99
N GLY D 109 -35.19 31.89 6.93
CA GLY D 109 -34.39 33.10 7.00
C GLY D 109 -35.16 34.37 6.68
N TYR D 110 -36.49 34.31 6.75
CA TYR D 110 -37.31 35.46 6.40
C TYR D 110 -37.15 36.58 7.42
N HIS D 111 -36.82 37.77 6.94
CA HIS D 111 -36.74 38.97 7.76
C HIS D 111 -36.92 40.18 6.86
N PHE D 112 -36.90 41.37 7.45
CA PHE D 112 -37.18 42.61 6.75
C PHE D 112 -35.95 43.49 6.75
N ASP D 113 -35.63 44.05 5.58
CA ASP D 113 -34.53 45.01 5.46
C ASP D 113 -35.02 46.44 5.24
N TYR D 114 -36.26 46.62 4.79
CA TYR D 114 -36.83 47.93 4.58
C TYR D 114 -38.25 47.97 5.10
N TRP D 115 -38.63 49.10 5.69
CA TRP D 115 -39.97 49.29 6.23
C TRP D 115 -40.59 50.55 5.62
N GLY D 116 -41.90 50.50 5.41
CA GLY D 116 -42.61 51.65 4.90
C GLY D 116 -42.88 52.68 5.98
N GLN D 117 -43.40 53.84 5.54
CA GLN D 117 -43.72 54.90 6.48
C GLN D 117 -44.85 54.51 7.42
N GLY D 118 -45.80 53.72 6.93
CA GLY D 118 -46.90 53.24 7.75
C GLY D 118 -48.10 54.18 7.75
N THR D 119 -49.25 53.60 8.06
CA THR D 119 -50.50 54.34 8.14
C THR D 119 -51.23 53.97 9.42
N LEU D 120 -51.78 54.97 10.10
CA LEU D 120 -52.52 54.75 11.33
C LEU D 120 -53.96 54.40 11.02
N VAL D 121 -54.46 53.33 11.63
CA VAL D 121 -55.85 52.89 11.47
C VAL D 121 -56.49 52.89 12.85
N THR D 122 -57.57 53.65 13.01
CA THR D 122 -58.31 53.75 14.26
C THR D 122 -59.67 53.11 14.09
N VAL D 123 -60.00 52.20 15.00
CA VAL D 123 -61.28 51.50 14.94
C VAL D 123 -62.27 52.12 15.91
N TYR E 2 -44.34 29.56 19.47
CA TYR E 2 -43.04 30.07 19.87
C TYR E 2 -43.17 31.46 20.46
N VAL E 3 -42.54 31.67 21.62
CA VAL E 3 -42.63 32.93 22.35
C VAL E 3 -41.21 33.44 22.59
N LEU E 4 -40.99 34.71 22.29
CA LEU E 4 -39.71 35.37 22.53
C LEU E 4 -39.83 36.26 23.77
N THR E 5 -38.88 36.13 24.68
CA THR E 5 -38.89 36.85 25.95
C THR E 5 -37.80 37.92 25.94
N GLN E 6 -38.18 39.15 26.25
CA GLN E 6 -37.27 40.28 26.33
C GLN E 6 -37.50 41.04 27.63
N PRO E 7 -36.46 41.65 28.19
CA PRO E 7 -36.65 42.49 29.37
C PRO E 7 -37.45 43.72 29.01
N PRO E 8 -38.28 44.21 29.94
CA PRO E 8 -39.08 45.42 29.64
C PRO E 8 -38.25 46.64 29.32
N SER E 9 -37.09 46.80 29.96
CA SER E 9 -36.25 47.96 29.74
C SER E 9 -34.83 47.64 30.18
N VAL E 10 -33.89 48.50 29.78
CA VAL E 10 -32.49 48.36 30.15
C VAL E 10 -31.90 49.75 30.27
N SER E 11 -30.97 49.92 31.22
CA SER E 11 -30.31 51.18 31.47
C SER E 11 -28.81 50.96 31.58
N VAL E 12 -28.04 51.92 31.04
CA VAL E 12 -26.59 51.84 31.06
C VAL E 12 -26.04 53.24 30.94
N ALA E 13 -24.86 53.46 31.52
CA ALA E 13 -24.22 54.76 31.44
C ALA E 13 -23.74 55.04 30.00
N PRO E 14 -23.81 56.28 29.56
CA PRO E 14 -23.34 56.61 28.20
C PRO E 14 -21.84 56.34 28.06
N GLY E 15 -21.46 55.90 26.86
CA GLY E 15 -20.07 55.60 26.57
C GLY E 15 -19.55 54.38 27.31
N THR E 17 -21.84 50.02 26.03
CA THR E 17 -21.82 48.79 26.83
C THR E 17 -23.23 48.29 27.10
N ALA E 18 -24.19 48.79 26.33
CA ALA E 18 -25.58 48.38 26.49
C ALA E 18 -25.76 46.94 25.99
N ARG E 19 -26.58 46.18 26.72
CA ARG E 19 -26.83 44.78 26.41
C ARG E 19 -28.33 44.53 26.38
N VAL E 20 -28.81 43.90 25.31
CA VAL E 20 -30.21 43.53 25.17
C VAL E 20 -30.26 42.02 24.92
N THR E 21 -31.17 41.34 25.62
CA THR E 21 -31.27 39.89 25.54
C THR E 21 -32.64 39.48 25.01
N CYS E 22 -32.66 38.45 24.17
CA CYS E 22 -33.89 37.84 23.67
C CYS E 22 -33.82 36.36 24.02
N GLY E 23 -34.73 35.90 24.87
CA GLY E 23 -34.70 34.55 25.38
C GLY E 23 -35.83 33.70 24.81
N ALA E 24 -35.48 32.46 24.45
CA ALA E 24 -36.46 31.51 23.94
C ALA E 24 -35.87 30.11 24.10
N ASN E 25 -36.76 29.11 24.03
CA ASN E 25 -36.34 27.72 24.15
C ASN E 25 -35.65 27.28 22.88
N ASN E 26 -34.41 26.81 23.00
CA ASN E 26 -33.60 26.35 21.86
C ASN E 26 -33.49 27.43 20.78
N ILE E 27 -33.26 28.67 21.21
CA ILE E 27 -33.13 29.79 20.28
C ILE E 27 -31.82 29.75 19.51
N GLY E 28 -30.86 28.93 19.94
CA GLY E 28 -29.59 28.83 19.24
C GLY E 28 -29.70 28.22 17.86
N SER E 29 -30.74 27.43 17.61
CA SER E 29 -30.98 26.84 16.30
C SER E 29 -31.86 27.72 15.41
N GLU E 30 -32.31 28.86 15.91
CA GLU E 30 -33.16 29.77 15.16
C GLU E 30 -32.38 31.00 14.76
N SER E 31 -32.69 31.55 13.58
CA SER E 31 -32.08 32.78 13.12
C SER E 31 -32.80 33.97 13.76
N VAL E 32 -32.05 34.81 14.46
CA VAL E 32 -32.59 35.93 15.21
C VAL E 32 -32.17 37.22 14.51
N HIS E 33 -33.13 38.11 14.26
CA HIS E 33 -32.87 39.39 13.64
C HIS E 33 -33.28 40.52 14.58
N TRP E 34 -32.45 41.56 14.63
CA TRP E 34 -32.65 42.68 15.54
C TRP E 34 -32.98 43.93 14.76
N TYR E 35 -34.10 44.56 15.13
CA TYR E 35 -34.58 45.80 14.55
C TYR E 35 -34.53 46.91 15.60
N GLN E 36 -34.28 48.12 15.13
CA GLN E 36 -34.27 49.32 15.98
C GLN E 36 -35.34 50.27 15.49
N GLN E 37 -36.18 50.75 16.40
CA GLN E 37 -37.28 51.67 16.09
C GLN E 37 -37.18 52.88 17.00
N LYS E 38 -37.10 54.06 16.40
CA LYS E 38 -37.02 55.30 17.16
C LYS E 38 -38.43 55.80 17.47
N ALA E 39 -38.54 57.02 17.98
CA ALA E 39 -39.83 57.61 18.33
C ALA E 39 -40.51 58.11 17.07
N GLY E 40 -41.64 57.50 16.72
CA GLY E 40 -42.38 57.92 15.54
C GLY E 40 -41.71 57.60 14.22
N GLN E 41 -40.84 56.59 14.19
CA GLN E 41 -40.13 56.20 12.99
C GLN E 41 -40.30 54.71 12.74
N ALA E 42 -40.19 54.32 11.48
CA ALA E 42 -40.30 52.92 11.12
C ALA E 42 -39.09 52.14 11.64
N PRO E 43 -39.27 50.85 11.95
CA PRO E 43 -38.13 50.06 12.42
C PRO E 43 -37.04 49.95 11.37
N VAL E 44 -35.80 49.88 11.83
CA VAL E 44 -34.62 49.75 10.98
C VAL E 44 -33.87 48.50 11.38
N LEU E 45 -33.61 47.62 10.41
CA LEU E 45 -32.85 46.41 10.67
C LEU E 45 -31.42 46.77 11.06
N VAL E 46 -30.96 46.25 12.19
CA VAL E 46 -29.60 46.54 12.65
C VAL E 46 -28.78 45.25 12.67
N ILE E 47 -29.43 44.11 12.85
CA ILE E 47 -28.72 42.82 12.88
C ILE E 47 -29.56 41.79 12.15
N TYR E 48 -28.91 40.98 11.30
CA TYR E 48 -29.57 39.85 10.67
C TYR E 48 -28.70 38.62 10.79
N TYR E 49 -29.35 37.45 10.90
CA TYR E 49 -28.67 36.16 11.02
C TYR E 49 -27.70 36.15 12.22
N ASP E 50 -28.14 36.79 13.30
CA ASP E 50 -27.54 36.73 14.64
C ASP E 50 -26.22 37.49 14.77
N ARG E 51 -25.57 37.83 13.66
CA ARG E 51 -24.39 38.68 13.76
C ARG E 51 -24.17 39.57 12.53
N GLY E 52 -25.08 39.50 11.56
CA GLY E 52 -24.88 40.22 10.30
C GLY E 52 -25.29 41.67 10.45
N ARG E 53 -24.38 42.58 10.10
CA ARG E 53 -24.62 44.01 10.21
C ARG E 53 -24.76 44.61 8.81
N PRO E 54 -25.89 45.25 8.50
CA PRO E 54 -26.04 45.87 7.18
C PRO E 54 -25.10 47.05 7.00
N SER E 55 -24.86 47.38 5.74
CA SER E 55 -24.01 48.52 5.41
C SER E 55 -24.67 49.81 5.86
N GLY E 56 -23.85 50.74 6.34
CA GLY E 56 -24.32 52.01 6.86
C GLY E 56 -24.66 52.01 8.33
N ILE E 57 -24.85 50.85 8.94
CA ILE E 57 -25.11 50.76 10.37
C ILE E 57 -23.79 50.94 11.12
N PRO E 58 -23.74 51.77 12.17
CA PRO E 58 -22.49 51.95 12.90
C PRO E 58 -21.99 50.64 13.48
N GLU E 59 -20.65 50.52 13.54
CA GLU E 59 -20.00 49.31 14.03
C GLU E 59 -20.21 49.09 15.53
N ARG E 60 -20.90 49.99 16.21
CA ARG E 60 -21.17 49.80 17.64
C ARG E 60 -22.06 48.58 17.88
N PHE E 61 -22.97 48.30 16.96
CA PHE E 61 -23.91 47.19 17.12
C PHE E 61 -23.24 45.87 16.77
N SER E 62 -23.41 44.88 17.64
CA SER E 62 -22.91 43.53 17.39
C SER E 62 -23.95 42.54 17.93
N GLY E 63 -23.90 41.31 17.40
CA GLY E 63 -24.88 40.32 17.76
C GLY E 63 -24.24 38.97 18.05
N SER E 64 -24.97 38.17 18.82
CA SER E 64 -24.58 36.79 19.09
C SER E 64 -25.85 36.01 19.41
N ASN E 65 -25.77 34.68 19.28
CA ASN E 65 -26.91 33.82 19.54
C ASN E 65 -26.37 32.44 19.91
N SER E 66 -26.61 32.02 21.15
CA SER E 66 -26.08 30.74 21.60
C SER E 66 -26.92 30.20 22.74
N GLY E 67 -26.84 28.89 22.94
CA GLY E 67 -27.53 28.23 24.03
C GLY E 67 -29.02 28.48 24.01
N ASN E 68 -29.50 29.31 24.94
CA ASN E 68 -30.91 29.65 25.04
C ASN E 68 -31.14 31.16 24.99
N THR E 69 -30.21 31.92 24.42
CA THR E 69 -30.35 33.37 24.41
C THR E 69 -29.63 33.99 23.22
N ALA E 70 -30.17 35.10 22.74
CA ALA E 70 -29.54 35.92 21.71
C ALA E 70 -29.27 37.30 22.30
N THR E 71 -28.05 37.80 22.08
CA THR E 71 -27.59 39.03 22.70
C THR E 71 -27.26 40.07 21.63
N LEU E 72 -27.78 41.28 21.81
CA LEU E 72 -27.43 42.43 21.01
C LEU E 72 -26.65 43.40 21.88
N THR E 73 -25.41 43.69 21.49
CA THR E 73 -24.50 44.51 22.28
C THR E 73 -24.22 45.81 21.53
N ILE E 74 -24.40 46.93 22.23
CA ILE E 74 -24.13 48.26 21.69
C ILE E 74 -22.98 48.83 22.51
N SER E 75 -21.78 48.82 21.94
CA SER E 75 -20.61 49.34 22.63
C SER E 75 -20.51 50.86 22.42
N ARG E 76 -20.18 51.56 23.50
CA ARG E 76 -20.09 53.03 23.49
C ARG E 76 -21.41 53.65 23.02
N VAL E 77 -22.46 53.38 23.80
CA VAL E 77 -23.79 53.84 23.45
C VAL E 77 -23.85 55.36 23.47
N GLU E 78 -24.38 55.95 22.40
CA GLU E 78 -24.50 57.39 22.27
C GLU E 78 -25.91 57.83 22.63
N ALA E 79 -26.16 59.13 22.50
CA ALA E 79 -27.48 59.67 22.81
C ALA E 79 -28.51 59.25 21.77
N GLY E 80 -28.11 59.13 20.51
CA GLY E 80 -29.03 58.73 19.45
C GLY E 80 -29.37 57.27 19.41
N ASP E 81 -28.68 56.44 20.19
CA ASP E 81 -28.95 55.00 20.22
C ASP E 81 -30.11 54.63 21.12
N GLU E 82 -30.71 55.59 21.82
CA GLU E 82 -31.85 55.31 22.71
C GLU E 82 -33.09 55.09 21.86
N ALA E 83 -33.54 53.84 21.79
CA ALA E 83 -34.70 53.48 20.97
C ALA E 83 -35.24 52.14 21.47
N GLU E 84 -36.20 51.60 20.74
CA GLU E 84 -36.80 50.31 21.05
C GLU E 84 -36.19 49.24 20.15
N TYR E 85 -35.69 48.17 20.76
CA TYR E 85 -35.02 47.10 20.03
C TYR E 85 -35.85 45.83 20.10
N TYR E 86 -36.09 45.22 18.94
CA TYR E 86 -36.96 44.05 18.83
C TYR E 86 -36.20 42.88 18.21
N CYS E 87 -36.38 41.70 18.78
CA CYS E 87 -35.87 40.47 18.20
C CYS E 87 -36.98 39.75 17.46
N GLN E 88 -36.63 39.16 16.32
CA GLN E 88 -37.60 38.55 15.42
C GLN E 88 -37.05 37.23 14.88
N VAL E 89 -37.91 36.22 14.85
CA VAL E 89 -37.59 34.92 14.28
C VAL E 89 -38.76 34.47 13.41
N TRP E 90 -38.55 33.35 12.71
CA TRP E 90 -39.57 32.73 11.88
C TRP E 90 -39.81 31.32 12.41
N ASP E 91 -40.96 31.12 13.05
CA ASP E 91 -41.27 29.83 13.66
C ASP E 91 -41.46 28.78 12.58
N LYS E 92 -40.59 27.76 12.59
CA LYS E 92 -40.70 26.68 11.61
C LYS E 92 -41.92 25.81 11.87
N SER E 93 -42.31 25.65 13.14
CA SER E 93 -43.41 24.75 13.48
C SER E 93 -44.78 25.33 13.14
N SER E 94 -44.88 26.64 12.89
CA SER E 94 -46.17 27.26 12.64
C SER E 94 -46.19 28.22 11.46
N ASP E 95 -45.04 28.52 10.86
CA ASP E 95 -44.94 29.49 9.77
C ASP E 95 -45.42 30.88 10.20
N HIS E 96 -45.07 31.28 11.42
CA HIS E 96 -45.44 32.59 11.96
C HIS E 96 -44.18 33.44 12.16
N VAL E 97 -44.27 34.71 11.80
CA VAL E 97 -43.20 35.65 12.08
C VAL E 97 -43.37 36.16 13.51
N VAL E 98 -42.46 35.76 14.40
CA VAL E 98 -42.58 36.04 15.82
C VAL E 98 -41.66 37.19 16.16
N PHE E 99 -42.21 38.25 16.76
CA PHE E 99 -41.44 39.38 17.22
C PHE E 99 -41.22 39.31 18.72
N GLY E 100 -40.19 40.03 19.19
CA GLY E 100 -39.90 40.07 20.60
C GLY E 100 -40.83 40.99 21.36
N GLY E 101 -40.73 40.92 22.68
CA GLY E 101 -41.55 41.78 23.52
C GLY E 101 -41.21 43.26 23.37
N GLY E 102 -39.92 43.57 23.29
CA GLY E 102 -39.50 44.96 23.14
C GLY E 102 -38.70 45.42 24.34
N THR E 103 -37.56 46.07 24.05
CA THR E 103 -36.69 46.62 25.08
C THR E 103 -36.36 48.05 24.73
N LYS E 104 -36.55 48.96 25.68
CA LYS E 104 -36.30 50.38 25.48
C LYS E 104 -35.14 50.82 26.37
N LEU E 105 -34.22 51.59 25.79
CA LEU E 105 -33.07 52.10 26.52
C LEU E 105 -32.73 53.52 26.09
N GLU F 1 22.08 -15.71 -57.63
CA GLU F 1 22.45 -14.36 -57.22
C GLU F 1 21.65 -13.31 -57.98
N VAL F 2 21.53 -12.12 -57.40
CA VAL F 2 20.79 -11.04 -58.02
C VAL F 2 21.60 -10.47 -59.18
N GLN F 3 20.94 -10.28 -60.32
CA GLN F 3 21.59 -9.86 -61.55
C GLN F 3 20.78 -8.78 -62.24
N LEU F 4 21.45 -7.69 -62.60
CA LEU F 4 20.84 -6.56 -63.31
C LEU F 4 21.63 -6.31 -64.59
N LEU F 5 20.92 -6.17 -65.70
CA LEU F 5 21.56 -5.98 -67.00
C LEU F 5 20.93 -4.79 -67.71
N GLU F 6 21.75 -3.80 -68.05
CA GLU F 6 21.28 -2.64 -68.80
C GLU F 6 21.49 -2.84 -70.30
N SER F 7 20.64 -2.17 -71.08
CA SER F 7 20.73 -2.23 -72.54
C SER F 7 19.99 -1.04 -73.12
N GLY F 8 20.29 -0.74 -74.38
CA GLY F 8 19.66 0.34 -75.10
C GLY F 8 20.48 1.62 -75.19
N GLY F 9 21.54 1.75 -74.38
CA GLY F 9 22.34 2.94 -74.44
C GLY F 9 23.17 3.02 -75.72
N GLY F 10 23.38 4.25 -76.18
CA GLY F 10 24.14 4.47 -77.40
C GLY F 10 24.28 5.92 -77.77
N LEU F 11 24.25 6.21 -79.07
CA LEU F 11 24.40 7.57 -79.58
C LEU F 11 23.05 8.10 -80.02
N VAL F 12 22.75 9.34 -79.64
CA VAL F 12 21.49 9.98 -79.99
C VAL F 12 21.75 11.46 -80.26
N GLN F 13 20.98 12.02 -81.20
CA GLN F 13 21.12 13.43 -81.52
C GLN F 13 20.51 14.29 -80.42
N PRO F 14 21.01 15.52 -80.25
CA PRO F 14 20.41 16.42 -79.25
C PRO F 14 18.95 16.70 -79.58
N GLY F 15 18.12 16.72 -78.53
CA GLY F 15 16.69 16.91 -78.70
C GLY F 15 15.94 15.67 -79.16
N GLY F 16 16.60 14.53 -79.26
CA GLY F 16 15.98 13.30 -79.70
C GLY F 16 15.36 12.52 -78.57
N SER F 17 15.22 11.21 -78.80
CA SER F 17 14.61 10.32 -77.82
C SER F 17 15.39 9.02 -77.77
N LEU F 18 15.31 8.35 -76.61
CA LEU F 18 15.99 7.08 -76.42
C LEU F 18 15.24 6.30 -75.33
N ARG F 19 15.52 5.00 -75.28
CA ARG F 19 14.90 4.11 -74.29
C ARG F 19 15.97 3.17 -73.72
N LEU F 20 16.05 3.14 -72.40
CA LEU F 20 16.92 2.20 -71.69
C LEU F 20 16.08 1.10 -71.06
N SER F 21 16.62 -0.11 -71.09
CA SER F 21 15.94 -1.27 -70.51
C SER F 21 16.88 -1.94 -69.51
N CYS F 22 16.36 -2.27 -68.33
CA CYS F 22 17.13 -3.03 -67.35
C CYS F 22 16.35 -4.29 -67.02
N ALA F 23 16.98 -5.43 -67.25
CA ALA F 23 16.43 -6.73 -66.91
C ALA F 23 16.97 -7.20 -65.57
N ALA F 24 16.09 -7.79 -64.76
CA ALA F 24 16.42 -8.17 -63.40
C ALA F 24 16.16 -9.65 -63.19
N SER F 25 16.96 -10.25 -62.31
CA SER F 25 16.76 -11.65 -61.95
C SER F 25 17.32 -11.88 -60.55
N GLY F 26 16.81 -12.92 -59.91
CA GLY F 26 17.30 -13.33 -58.60
C GLY F 26 16.52 -12.79 -57.41
N PHE F 27 15.44 -12.06 -57.63
CA PHE F 27 14.66 -11.51 -56.53
C PHE F 27 13.22 -11.31 -56.99
N SER F 28 12.33 -11.14 -56.01
CA SER F 28 10.92 -10.90 -56.28
C SER F 28 10.77 -9.52 -56.92
N PHE F 29 10.56 -9.50 -58.23
CA PHE F 29 10.57 -8.24 -58.98
C PHE F 29 9.45 -7.31 -58.55
N SER F 30 8.27 -7.86 -58.28
CA SER F 30 7.09 -7.04 -58.01
C SER F 30 7.15 -6.32 -56.67
N GLY F 31 8.10 -6.67 -55.79
CA GLY F 31 8.15 -6.10 -54.47
C GLY F 31 9.21 -5.04 -54.23
N TYR F 32 10.02 -4.72 -55.23
CA TYR F 32 11.12 -3.78 -55.09
C TYR F 32 10.87 -2.53 -55.92
N ALA F 33 11.19 -1.38 -55.34
CA ALA F 33 11.12 -0.10 -56.06
C ALA F 33 12.48 0.18 -56.68
N LEU F 34 12.55 0.13 -58.00
CA LEU F 34 13.81 0.23 -58.73
C LEU F 34 14.12 1.68 -59.07
N SER F 35 15.39 1.95 -59.36
CA SER F 35 15.84 3.31 -59.61
C SER F 35 16.75 3.36 -60.83
N TRP F 36 16.78 4.53 -61.46
CA TRP F 36 17.76 4.87 -62.48
C TRP F 36 18.61 6.02 -61.94
N VAL F 37 19.94 5.83 -61.97
CA VAL F 37 20.89 6.81 -61.48
C VAL F 37 21.98 7.00 -62.52
N ARG F 38 22.26 8.25 -62.88
CA ARG F 38 23.23 8.55 -63.91
C ARG F 38 24.45 9.26 -63.31
N GLN F 39 25.59 9.12 -64.00
CA GLN F 39 26.83 9.76 -63.60
C GLN F 39 27.51 10.31 -64.83
N THR F 40 27.79 11.61 -64.83
CA THR F 40 28.57 12.21 -65.91
C THR F 40 30.03 11.87 -65.71
N PRO F 41 30.76 11.44 -66.75
CA PRO F 41 32.18 11.14 -66.59
C PRO F 41 32.94 12.33 -66.04
N GLY F 42 33.76 12.07 -65.00
CA GLY F 42 34.45 13.12 -64.30
C GLY F 42 33.64 13.83 -63.25
N LYS F 43 32.39 13.41 -63.01
CA LYS F 43 31.54 14.05 -62.01
C LYS F 43 30.99 13.02 -61.03
N GLY F 44 30.11 13.46 -60.13
CA GLY F 44 29.54 12.57 -59.13
C GLY F 44 28.24 11.94 -59.58
N LEU F 45 27.72 11.07 -58.71
CA LEU F 45 26.48 10.36 -58.99
C LEU F 45 25.28 11.30 -58.86
N GLU F 46 24.24 11.03 -59.64
CA GLU F 46 23.02 11.83 -59.60
C GLU F 46 21.84 10.92 -59.85
N TRP F 47 20.92 10.86 -58.88
CA TRP F 47 19.72 10.05 -59.03
C TRP F 47 18.80 10.65 -60.09
N VAL F 48 18.29 9.79 -60.97
CA VAL F 48 17.44 10.21 -62.08
C VAL F 48 15.97 9.95 -61.78
N SER F 49 15.60 8.69 -61.57
CA SER F 49 14.19 8.35 -61.43
C SER F 49 14.01 7.11 -60.56
N SER F 50 12.76 6.87 -60.17
CA SER F 50 12.41 5.72 -59.36
C SER F 50 10.99 5.29 -59.66
N ILE F 51 10.75 3.98 -59.56
CA ILE F 51 9.40 3.43 -59.73
C ILE F 51 9.16 2.39 -58.65
N SER F 52 7.92 2.36 -58.14
CA SER F 52 7.55 1.46 -57.07
C SER F 52 7.34 0.04 -57.60
N GLY F 53 7.15 -0.90 -56.67
CA GLY F 53 6.98 -2.29 -57.05
C GLY F 53 5.69 -2.53 -57.81
N SER F 54 4.60 -1.89 -57.39
CA SER F 54 3.30 -2.04 -58.03
C SER F 54 3.11 -1.11 -59.21
N ALA F 55 4.11 -0.28 -59.53
CA ALA F 55 4.07 0.66 -60.65
C ALA F 55 2.93 1.68 -60.52
N ASP F 56 2.40 1.86 -59.30
CA ASP F 56 1.34 2.82 -59.06
C ASP F 56 1.86 4.22 -58.76
N SER F 57 3.17 4.37 -58.54
CA SER F 57 3.76 5.66 -58.23
C SER F 57 5.12 5.77 -58.92
N THR F 58 5.36 6.90 -59.58
CA THR F 58 6.62 7.18 -60.23
C THR F 58 7.20 8.46 -59.66
N TYR F 59 8.53 8.52 -59.56
CA TYR F 59 9.23 9.66 -59.00
C TYR F 59 10.34 10.07 -59.94
N TYR F 60 10.45 11.37 -60.21
CA TYR F 60 11.43 11.92 -61.12
C TYR F 60 12.19 13.06 -60.46
N ALA F 61 13.46 13.19 -60.82
CA ALA F 61 14.25 14.31 -60.34
C ALA F 61 13.81 15.61 -61.02
N ASP F 62 14.06 16.73 -60.35
CA ASP F 62 13.66 18.03 -60.89
C ASP F 62 14.44 18.36 -62.16
N SER F 63 15.65 17.83 -62.32
CA SER F 63 16.44 18.10 -63.51
C SER F 63 15.96 17.34 -64.74
N VAL F 64 15.22 16.25 -64.54
CA VAL F 64 14.73 15.43 -65.65
C VAL F 64 13.21 15.29 -65.63
N LYS F 65 12.52 16.08 -64.82
CA LYS F 65 11.07 15.99 -64.74
C LYS F 65 10.44 16.42 -66.06
N GLY F 66 9.46 15.65 -66.51
CA GLY F 66 8.78 15.90 -67.78
C GLY F 66 9.49 15.31 -68.98
N ARG F 67 10.82 15.41 -69.00
CA ARG F 67 11.58 14.86 -70.13
C ARG F 67 11.60 13.34 -70.08
N PHE F 68 11.73 12.75 -68.90
CA PHE F 68 11.90 11.31 -68.73
C PHE F 68 10.59 10.68 -68.28
N THR F 69 10.49 9.37 -68.50
CA THR F 69 9.33 8.60 -68.05
C THR F 69 9.80 7.19 -67.70
N ILE F 70 9.49 6.76 -66.48
CA ILE F 70 9.88 5.44 -66.00
C ILE F 70 8.68 4.51 -66.10
N SER F 71 8.95 3.24 -66.38
CA SER F 71 7.91 2.23 -66.45
C SER F 71 8.52 0.88 -66.10
N ARG F 72 7.66 -0.11 -65.89
CA ARG F 72 8.13 -1.45 -65.56
C ARG F 72 7.15 -2.49 -66.06
N ASP F 73 7.68 -3.67 -66.37
CA ASP F 73 6.91 -4.85 -66.71
C ASP F 73 7.30 -5.93 -65.71
N ASN F 74 6.37 -6.25 -64.80
CA ASN F 74 6.59 -7.29 -63.80
C ASN F 74 6.47 -8.68 -64.40
N SER F 75 5.61 -8.86 -65.42
CA SER F 75 5.52 -10.14 -66.09
C SER F 75 6.80 -10.49 -66.84
N LYS F 76 7.63 -9.49 -67.15
CA LYS F 76 8.91 -9.72 -67.80
C LYS F 76 10.11 -9.45 -66.92
N ASN F 77 9.90 -9.02 -65.66
CA ASN F 77 11.00 -8.70 -64.74
C ASN F 77 11.95 -7.67 -65.34
N THR F 78 11.40 -6.66 -66.01
CA THR F 78 12.19 -5.62 -66.63
C THR F 78 11.61 -4.26 -66.26
N PHE F 79 12.43 -3.22 -66.39
CA PHE F 79 11.90 -1.87 -66.26
C PHE F 79 12.71 -0.91 -67.12
N TYR F 80 12.00 0.08 -67.68
CA TYR F 80 12.48 0.92 -68.76
C TYR F 80 12.45 2.39 -68.35
N LEU F 81 13.36 3.15 -68.97
CA LEU F 81 13.46 4.60 -68.83
C LEU F 81 13.42 5.17 -70.25
N GLN F 82 12.28 5.78 -70.60
CA GLN F 82 12.09 6.40 -71.90
C GLN F 82 12.33 7.90 -71.75
N MET F 83 13.40 8.41 -72.36
CA MET F 83 13.72 9.82 -72.29
C MET F 83 13.51 10.47 -73.67
N SER F 84 13.09 11.72 -73.64
CA SER F 84 12.87 12.49 -74.85
C SER F 84 13.38 13.92 -74.63
N SER F 85 13.63 14.61 -75.74
CA SER F 85 14.16 15.97 -75.72
C SER F 85 15.46 16.04 -74.92
N LEU F 86 16.35 15.08 -75.18
CA LEU F 86 17.58 14.96 -74.43
C LEU F 86 18.48 16.17 -74.66
N ARG F 87 18.98 16.74 -73.57
CA ARG F 87 19.91 17.86 -73.66
C ARG F 87 21.35 17.34 -73.76
N ALA F 88 22.27 18.26 -74.02
CA ALA F 88 23.68 17.89 -74.12
C ALA F 88 24.24 17.42 -72.78
N ASP F 89 23.66 17.89 -71.68
CA ASP F 89 24.11 17.49 -70.36
C ASP F 89 23.64 16.10 -69.96
N ASP F 90 22.76 15.48 -70.75
CA ASP F 90 22.25 14.15 -70.43
C ASP F 90 23.24 13.04 -70.80
N THR F 91 24.36 13.37 -71.44
CA THR F 91 25.38 12.37 -71.77
C THR F 91 26.00 11.87 -70.47
N ALA F 92 25.79 10.60 -70.15
CA ALA F 92 26.26 10.05 -68.89
C ALA F 92 26.19 8.53 -68.94
N ILE F 93 26.75 7.90 -67.92
CA ILE F 93 26.63 6.46 -67.72
C ILE F 93 25.43 6.23 -66.79
N TYR F 94 24.46 5.44 -67.26
CA TYR F 94 23.25 5.17 -66.52
C TYR F 94 23.32 3.79 -65.89
N TYR F 95 22.92 3.70 -64.63
CA TYR F 95 22.84 2.45 -63.89
C TYR F 95 21.41 2.23 -63.41
N CYS F 96 20.96 0.98 -63.46
CA CYS F 96 19.70 0.59 -62.84
C CYS F 96 20.02 -0.03 -61.48
N ALA F 97 19.45 0.53 -60.43
CA ALA F 97 19.78 0.18 -59.07
C ALA F 97 18.59 -0.44 -58.36
N LYS F 98 18.88 -1.45 -57.54
CA LYS F 98 17.93 -2.22 -56.76
C LYS F 98 18.18 -2.01 -55.27
N PRO F 99 17.14 -1.79 -54.48
CA PRO F 99 17.31 -1.69 -53.03
C PRO F 99 17.33 -3.06 -52.39
N PRO F 100 17.89 -3.19 -51.18
CA PRO F 100 17.82 -4.47 -50.48
C PRO F 100 16.45 -4.69 -49.84
N LEU F 101 16.22 -5.94 -49.46
CA LEU F 101 14.98 -6.27 -48.75
C LEU F 101 15.00 -5.62 -47.38
N GLY F 102 13.85 -5.06 -46.99
CA GLY F 102 13.75 -4.24 -45.80
C GLY F 102 13.87 -2.76 -46.07
N SER F 103 14.43 -2.38 -47.21
CA SER F 103 14.49 -0.99 -47.65
C SER F 103 14.03 -0.88 -49.10
N ASN F 104 13.15 -1.79 -49.53
CA ASN F 104 12.71 -1.85 -50.92
C ASN F 104 11.65 -0.80 -51.25
N LEU F 105 11.10 -0.11 -50.26
CA LEU F 105 10.12 0.92 -50.50
C LEU F 105 10.80 2.28 -50.66
N PHE F 106 10.28 3.09 -51.58
CA PHE F 106 10.80 4.44 -51.81
C PHE F 106 10.37 5.32 -50.63
N ALA F 107 11.14 5.26 -49.56
CA ALA F 107 10.80 5.93 -48.31
C ALA F 107 12.09 6.40 -47.66
N VAL F 108 12.04 6.65 -46.34
CA VAL F 108 13.15 7.29 -45.63
C VAL F 108 14.41 6.43 -45.74
N GLY F 109 14.28 5.12 -45.54
CA GLY F 109 15.43 4.25 -45.51
C GLY F 109 15.86 3.73 -46.86
N TYR F 110 15.40 4.38 -47.93
CA TYR F 110 15.70 3.90 -49.28
C TYR F 110 17.17 4.08 -49.60
N HIS F 111 17.81 2.99 -50.03
CA HIS F 111 19.19 3.01 -50.48
C HIS F 111 19.40 1.82 -51.41
N PHE F 112 20.61 1.70 -51.95
CA PHE F 112 20.92 0.68 -52.94
C PHE F 112 21.97 -0.27 -52.39
N ASP F 113 21.74 -1.58 -52.56
CA ASP F 113 22.70 -2.59 -52.18
C ASP F 113 23.39 -3.24 -53.38
N TYR F 114 22.80 -3.14 -54.57
CA TYR F 114 23.38 -3.70 -55.78
C TYR F 114 23.24 -2.70 -56.91
N TRP F 115 24.27 -2.63 -57.76
CA TRP F 115 24.28 -1.74 -58.91
C TRP F 115 24.57 -2.54 -60.17
N GLY F 116 23.94 -2.12 -61.27
CA GLY F 116 24.18 -2.76 -62.55
C GLY F 116 25.48 -2.31 -63.18
N GLN F 117 25.83 -2.98 -64.29
CA GLN F 117 27.05 -2.63 -65.00
C GLN F 117 26.98 -1.24 -65.62
N GLY F 118 25.79 -0.83 -66.06
CA GLY F 118 25.60 0.50 -66.61
C GLY F 118 25.83 0.56 -68.11
N THR F 119 25.23 1.57 -68.72
CA THR F 119 25.37 1.81 -70.15
C THR F 119 25.66 3.28 -70.39
N LEU F 120 26.60 3.55 -71.30
CA LEU F 120 26.96 4.92 -71.63
C LEU F 120 26.01 5.47 -72.69
N VAL F 121 25.49 6.67 -72.46
CA VAL F 121 24.61 7.35 -73.40
C VAL F 121 25.25 8.68 -73.75
N THR F 122 25.50 8.89 -75.04
CA THR F 122 26.11 10.11 -75.55
C THR F 122 25.08 10.88 -76.37
N VAL F 123 24.91 12.15 -76.04
CA VAL F 123 23.95 12.99 -76.74
C VAL F 123 24.64 13.86 -77.77
N TYR G 2 17.40 19.74 -50.27
CA TYR G 2 18.46 19.24 -49.40
C TYR G 2 19.76 19.08 -50.18
N VAL G 3 20.85 19.60 -49.62
CA VAL G 3 22.16 19.60 -50.26
C VAL G 3 23.16 18.94 -49.32
N LEU G 4 23.93 17.99 -49.86
CA LEU G 4 24.99 17.32 -49.12
C LEU G 4 26.34 17.90 -49.53
N THR G 5 27.16 18.25 -48.54
CA THR G 5 28.45 18.88 -48.78
C THR G 5 29.56 17.89 -48.45
N GLN G 6 30.48 17.70 -49.38
CA GLN G 6 31.64 16.83 -49.21
C GLN G 6 32.90 17.55 -49.65
N PRO G 7 34.04 17.25 -49.03
CA PRO G 7 35.30 17.83 -49.48
C PRO G 7 35.65 17.32 -50.87
N PRO G 8 36.29 18.14 -51.70
CA PRO G 8 36.66 17.68 -53.05
C PRO G 8 37.60 16.49 -53.05
N SER G 9 38.52 16.41 -52.09
CA SER G 9 39.48 15.32 -52.04
C SER G 9 40.02 15.21 -50.63
N VAL G 10 40.69 14.09 -50.36
CA VAL G 10 41.32 13.83 -49.07
C VAL G 10 42.58 13.01 -49.30
N SER G 11 43.61 13.27 -48.49
CA SER G 11 44.87 12.56 -48.59
C SER G 11 45.30 12.10 -47.21
N VAL G 12 45.90 10.91 -47.15
CA VAL G 12 46.37 10.34 -45.89
C VAL G 12 47.46 9.33 -46.20
N ALA G 13 48.39 9.17 -45.26
CA ALA G 13 49.46 8.21 -45.43
C ALA G 13 48.92 6.78 -45.37
N PRO G 14 49.48 5.86 -46.16
CA PRO G 14 49.01 4.48 -46.12
C PRO G 14 49.26 3.85 -44.75
N GLY G 15 48.33 2.98 -44.35
CA GLY G 15 48.42 2.31 -43.07
C GLY G 15 48.22 3.23 -41.88
N THR G 17 43.59 5.32 -41.62
CA THR G 17 43.24 6.51 -40.84
C THR G 17 42.57 7.56 -41.71
N ALA G 18 42.10 7.15 -42.88
CA ALA G 18 41.43 8.06 -43.79
C ALA G 18 40.07 8.45 -43.25
N ARG G 19 39.70 9.72 -43.43
CA ARG G 19 38.45 10.26 -42.92
C ARG G 19 37.73 11.00 -44.03
N VAL G 20 36.46 10.68 -44.24
CA VAL G 20 35.62 11.36 -45.23
C VAL G 20 34.40 11.90 -44.50
N THR G 21 34.05 13.16 -44.79
CA THR G 21 32.95 13.83 -44.11
C THR G 21 31.86 14.22 -45.11
N CYS G 22 30.61 14.09 -44.68
CA CYS G 22 29.45 14.51 -45.44
C CYS G 22 28.65 15.45 -44.54
N GLY G 23 28.56 16.72 -44.94
CA GLY G 23 27.95 17.74 -44.13
C GLY G 23 26.61 18.20 -44.68
N ALA G 24 25.64 18.36 -43.79
CA ALA G 24 24.32 18.85 -44.15
C ALA G 24 23.65 19.38 -42.90
N ASN G 25 22.61 20.18 -43.10
CA ASN G 25 21.86 20.77 -41.99
C ASN G 25 20.98 19.70 -41.35
N ASN G 26 21.18 19.49 -40.04
CA ASN G 26 20.43 18.49 -39.28
C ASN G 26 20.53 17.11 -39.92
N ILE G 27 21.75 16.75 -40.32
CA ILE G 27 21.97 15.44 -40.93
C ILE G 27 21.93 14.30 -39.92
N GLY G 28 21.96 14.62 -38.63
CA GLY G 28 21.89 13.58 -37.61
C GLY G 28 20.55 12.86 -37.55
N SER G 29 19.49 13.50 -38.03
CA SER G 29 18.17 12.88 -38.09
C SER G 29 17.92 12.16 -39.41
N GLU G 30 18.87 12.19 -40.33
CA GLU G 30 18.73 11.54 -41.63
C GLU G 30 19.62 10.30 -41.70
N SER G 31 19.14 9.28 -42.40
CA SER G 31 19.92 8.07 -42.62
C SER G 31 20.89 8.30 -43.76
N VAL G 32 22.19 8.11 -43.50
CA VAL G 32 23.25 8.37 -44.45
C VAL G 32 23.86 7.05 -44.88
N HIS G 33 23.98 6.85 -46.19
CA HIS G 33 24.57 5.64 -46.74
C HIS G 33 25.80 6.00 -47.57
N TRP G 34 26.84 5.19 -47.43
CA TRP G 34 28.13 5.43 -48.07
C TRP G 34 28.39 4.37 -49.12
N TYR G 35 28.66 4.84 -50.35
CA TYR G 35 29.00 4.01 -51.49
C TYR G 35 30.44 4.26 -51.91
N GLN G 36 31.09 3.22 -52.41
CA GLN G 36 32.45 3.29 -52.93
C GLN G 36 32.43 2.92 -54.40
N GLN G 37 33.05 3.74 -55.24
CA GLN G 37 33.12 3.54 -56.68
C GLN G 37 34.56 3.62 -57.12
N LYS G 38 35.04 2.56 -57.77
CA LYS G 38 36.40 2.51 -58.28
C LYS G 38 36.45 3.12 -59.68
N ALA G 39 37.58 2.96 -60.36
CA ALA G 39 37.77 3.51 -61.69
C ALA G 39 37.09 2.60 -62.71
N GLY G 40 36.04 3.10 -63.36
CA GLY G 40 35.34 2.32 -64.37
C GLY G 40 34.53 1.18 -63.80
N GLN G 41 34.10 1.27 -62.55
CA GLN G 41 33.32 0.22 -61.90
C GLN G 41 32.08 0.81 -61.27
N ALA G 42 31.04 -0.01 -61.15
CA ALA G 42 29.80 0.43 -60.53
C ALA G 42 30.01 0.68 -59.04
N PRO G 43 29.25 1.61 -58.45
CA PRO G 43 29.38 1.86 -57.01
C PRO G 43 29.02 0.65 -56.19
N VAL G 44 29.70 0.50 -55.06
CA VAL G 44 29.48 -0.60 -54.12
C VAL G 44 29.13 -0.02 -52.77
N LEU G 45 28.00 -0.46 -52.21
CA LEU G 45 27.59 0.00 -50.88
C LEU G 45 28.57 -0.49 -49.83
N VAL G 46 29.09 0.43 -49.02
CA VAL G 46 30.04 0.06 -47.99
C VAL G 46 29.47 0.34 -46.61
N ILE G 47 28.55 1.30 -46.51
CA ILE G 47 27.92 1.64 -45.24
C ILE G 47 26.45 1.94 -45.47
N TYR G 48 25.59 1.40 -44.61
CA TYR G 48 24.17 1.73 -44.64
C TYR G 48 23.69 2.04 -43.22
N TYR G 49 22.73 2.96 -43.13
CA TYR G 49 22.14 3.38 -41.86
C TYR G 49 23.21 3.88 -40.89
N ASP G 50 24.20 4.60 -41.45
CA ASP G 50 25.20 5.39 -40.74
C ASP G 50 26.26 4.57 -40.03
N ARG G 51 26.04 3.27 -39.83
CA ARG G 51 27.10 2.43 -39.29
C ARG G 51 27.02 0.98 -39.74
N GLY G 52 26.04 0.65 -40.58
CA GLY G 52 25.82 -0.74 -40.98
C GLY G 52 26.79 -1.14 -42.08
N ARG G 53 27.51 -2.24 -41.84
CA ARG G 53 28.49 -2.73 -42.80
C ARG G 53 27.98 -4.03 -43.43
N PRO G 54 27.84 -4.10 -44.75
CA PRO G 54 27.38 -5.34 -45.38
C PRO G 54 28.41 -6.44 -45.26
N SER G 55 27.93 -7.67 -45.41
CA SER G 55 28.81 -8.84 -45.35
C SER G 55 29.77 -8.83 -46.54
N GLY G 56 31.01 -9.24 -46.28
CA GLY G 56 32.04 -9.26 -47.29
C GLY G 56 32.86 -7.99 -47.38
N ILE G 57 32.36 -6.88 -46.83
CA ILE G 57 33.12 -5.63 -46.82
C ILE G 57 34.17 -5.72 -45.71
N PRO G 58 35.41 -5.33 -45.98
CA PRO G 58 36.45 -5.38 -44.93
C PRO G 58 36.07 -4.54 -43.73
N GLU G 59 36.49 -5.00 -42.55
CA GLU G 59 36.19 -4.32 -41.30
C GLU G 59 36.90 -2.99 -41.14
N ARG G 60 37.72 -2.58 -42.12
CA ARG G 60 38.39 -1.30 -42.06
C ARG G 60 37.39 -0.14 -42.11
N PHE G 61 36.29 -0.32 -42.84
CA PHE G 61 35.30 0.74 -43.00
C PHE G 61 34.39 0.81 -41.78
N SER G 62 34.19 2.03 -41.27
CA SER G 62 33.27 2.27 -40.18
C SER G 62 32.56 3.59 -40.43
N GLY G 63 31.39 3.76 -39.80
CA GLY G 63 30.58 4.94 -40.04
C GLY G 63 30.05 5.52 -38.74
N SER G 64 29.72 6.80 -38.82
CA SER G 64 29.07 7.51 -37.73
C SER G 64 28.29 8.67 -38.32
N ASN G 65 27.31 9.16 -37.56
CA ASN G 65 26.48 10.27 -38.02
C ASN G 65 25.94 10.99 -36.78
N SER G 66 26.35 12.24 -36.58
CA SER G 66 25.92 12.96 -35.39
C SER G 66 25.97 14.46 -35.66
N GLY G 67 25.21 15.20 -34.86
CA GLY G 67 25.20 16.65 -34.95
C GLY G 67 24.85 17.16 -36.33
N ASN G 68 25.85 17.67 -37.04
CA ASN G 68 25.66 18.19 -38.38
C ASN G 68 26.59 17.53 -39.40
N THR G 69 27.08 16.33 -39.10
CA THR G 69 28.04 15.70 -40.00
C THR G 69 27.96 14.18 -39.88
N ALA G 70 28.24 13.50 -41.00
CA ALA G 70 28.39 12.07 -41.05
C ALA G 70 29.81 11.73 -41.48
N THR G 71 30.45 10.81 -40.76
CA THR G 71 31.85 10.49 -40.96
C THR G 71 32.01 9.04 -41.39
N LEU G 72 32.78 8.82 -42.45
CA LEU G 72 33.21 7.49 -42.88
C LEU G 72 34.71 7.36 -42.62
N THR G 73 35.09 6.40 -41.81
CA THR G 73 36.47 6.22 -41.39
C THR G 73 37.01 4.91 -41.94
N ILE G 74 38.16 4.98 -42.61
CA ILE G 74 38.83 3.81 -43.16
C ILE G 74 40.15 3.68 -42.40
N SER G 75 40.20 2.73 -41.46
CA SER G 75 41.41 2.50 -40.68
C SER G 75 42.36 1.59 -41.43
N ARG G 76 43.65 1.92 -41.40
CA ARG G 76 44.70 1.18 -42.11
C ARG G 76 44.37 1.09 -43.61
N VAL G 77 44.31 2.27 -44.24
CA VAL G 77 43.94 2.35 -45.64
C VAL G 77 44.99 1.66 -46.50
N GLU G 78 44.55 0.79 -47.39
CA GLU G 78 45.42 0.05 -48.29
C GLU G 78 45.47 0.73 -49.66
N ALA G 79 46.21 0.11 -50.58
CA ALA G 79 46.31 0.66 -51.93
C ALA G 79 45.00 0.51 -52.70
N GLY G 80 44.26 -0.58 -52.46
CA GLY G 80 43.01 -0.81 -53.15
C GLY G 80 41.83 0.01 -52.65
N ASP G 81 42.00 0.72 -51.54
CA ASP G 81 40.92 1.53 -50.99
C ASP G 81 40.82 2.90 -51.64
N GLU G 82 41.73 3.24 -52.56
CA GLU G 82 41.69 4.53 -53.24
C GLU G 82 40.57 4.52 -54.26
N ALA G 83 39.50 5.25 -53.99
CA ALA G 83 38.35 5.31 -54.86
C ALA G 83 37.54 6.56 -54.53
N GLU G 84 36.36 6.67 -55.14
CA GLU G 84 35.46 7.79 -54.90
C GLU G 84 34.36 7.35 -53.95
N TYR G 85 34.16 8.11 -52.87
CA TYR G 85 33.20 7.77 -51.84
C TYR G 85 32.06 8.79 -51.84
N TYR G 86 30.83 8.30 -51.87
CA TYR G 86 29.65 9.15 -51.97
C TYR G 86 28.71 8.91 -50.80
N CYS G 87 28.18 9.99 -50.24
CA CYS G 87 27.14 9.91 -49.23
C CYS G 87 25.78 10.17 -49.86
N GLN G 88 24.78 9.41 -49.40
CA GLN G 88 23.46 9.44 -50.00
C GLN G 88 22.40 9.42 -48.91
N VAL G 89 21.37 10.24 -49.09
CA VAL G 89 20.21 10.30 -48.20
C VAL G 89 18.95 10.35 -49.05
N TRP G 90 17.81 10.26 -48.37
CA TRP G 90 16.50 10.35 -48.99
C TRP G 90 15.77 11.54 -48.37
N ASP G 91 15.63 12.62 -49.13
CA ASP G 91 15.01 13.83 -48.62
C ASP G 91 13.53 13.59 -48.36
N LYS G 92 13.14 13.71 -47.08
CA LYS G 92 11.74 13.53 -46.72
C LYS G 92 10.86 14.67 -47.25
N SER G 93 11.42 15.88 -47.31
CA SER G 93 10.63 17.04 -47.70
C SER G 93 10.33 17.09 -49.20
N SER G 94 11.06 16.33 -50.01
CA SER G 94 10.87 16.39 -51.46
C SER G 94 10.79 15.04 -52.14
N ASP G 95 11.02 13.93 -51.42
CA ASP G 95 11.06 12.59 -52.01
C ASP G 95 12.12 12.47 -53.09
N HIS G 96 13.29 13.06 -52.86
CA HIS G 96 14.41 13.00 -53.79
C HIS G 96 15.56 12.21 -53.17
N VAL G 97 16.19 11.37 -53.98
CA VAL G 97 17.40 10.67 -53.56
C VAL G 97 18.59 11.60 -53.78
N VAL G 98 19.18 12.08 -52.70
CA VAL G 98 20.23 13.09 -52.76
C VAL G 98 21.57 12.39 -52.56
N PHE G 99 22.48 12.59 -53.50
CA PHE G 99 23.84 12.06 -53.42
C PHE G 99 24.80 13.16 -52.99
N GLY G 100 25.95 12.74 -52.46
CA GLY G 100 26.97 13.67 -52.05
C GLY G 100 27.77 14.20 -53.23
N GLY G 101 28.59 15.21 -52.93
CA GLY G 101 29.43 15.79 -53.97
C GLY G 101 30.47 14.83 -54.48
N GLY G 102 31.09 14.07 -53.59
CA GLY G 102 32.11 13.10 -54.00
C GLY G 102 33.46 13.45 -53.43
N THR G 103 34.13 12.44 -52.87
CA THR G 103 35.46 12.60 -52.30
C THR G 103 36.36 11.49 -52.84
N LYS G 104 37.51 11.88 -53.37
CA LYS G 104 38.47 10.93 -53.94
C LYS G 104 39.74 10.90 -53.09
N LEU G 105 40.22 9.69 -52.81
CA LEU G 105 41.44 9.52 -52.04
C LEU G 105 42.27 8.36 -52.58
N GLU H 1 -39.52 -46.10 19.26
CA GLU H 1 -38.18 -46.59 18.90
C GLU H 1 -38.22 -47.33 17.57
N VAL H 2 -37.06 -47.41 16.92
CA VAL H 2 -36.96 -48.08 15.62
C VAL H 2 -37.01 -49.59 15.86
N GLN H 3 -37.81 -50.27 15.04
CA GLN H 3 -38.07 -51.69 15.20
C GLN H 3 -38.04 -52.39 13.86
N LEU H 4 -37.28 -53.48 13.79
CA LEU H 4 -37.15 -54.30 12.59
C LEU H 4 -37.50 -55.73 12.93
N LEU H 5 -38.35 -56.36 12.12
CA LEU H 5 -38.81 -57.72 12.39
C LEU H 5 -38.65 -58.56 11.13
N GLU H 6 -37.89 -59.65 11.24
CA GLU H 6 -37.71 -60.58 10.13
C GLU H 6 -38.73 -61.71 10.21
N SER H 7 -39.05 -62.27 9.05
CA SER H 7 -39.97 -63.40 8.96
C SER H 7 -39.77 -64.09 7.63
N GLY H 8 -40.24 -65.33 7.55
CA GLY H 8 -40.16 -66.13 6.35
C GLY H 8 -39.05 -67.16 6.34
N GLY H 9 -38.09 -67.06 7.25
CA GLY H 9 -37.01 -68.03 7.29
C GLY H 9 -37.47 -69.39 7.76
N GLY H 10 -36.84 -70.43 7.22
CA GLY H 10 -37.19 -71.79 7.58
C GLY H 10 -36.36 -72.83 6.87
N LEU H 11 -36.98 -73.95 6.52
CA LEU H 11 -36.31 -75.06 5.85
C LEU H 11 -36.68 -75.08 4.37
N VAL H 12 -35.69 -75.25 3.51
CA VAL H 12 -35.89 -75.28 2.07
C VAL H 12 -34.95 -76.31 1.46
N GLN H 13 -35.41 -76.96 0.40
CA GLN H 13 -34.59 -77.95 -0.28
C GLN H 13 -33.50 -77.25 -1.11
N PRO H 14 -32.36 -77.92 -1.33
CA PRO H 14 -31.33 -77.33 -2.17
C PRO H 14 -31.85 -77.09 -3.59
N GLY H 15 -31.46 -75.95 -4.15
CA GLY H 15 -31.93 -75.56 -5.47
C GLY H 15 -33.34 -75.00 -5.50
N GLY H 16 -33.97 -74.81 -4.34
CA GLY H 16 -35.31 -74.29 -4.26
C GLY H 16 -35.36 -72.77 -4.21
N SER H 17 -36.46 -72.27 -3.67
CA SER H 17 -36.68 -70.83 -3.56
C SER H 17 -37.29 -70.50 -2.20
N LEU H 18 -37.06 -69.27 -1.77
CA LEU H 18 -37.59 -68.79 -0.49
C LEU H 18 -37.71 -67.27 -0.55
N ARG H 19 -38.48 -66.72 0.38
CA ARG H 19 -38.69 -65.28 0.47
C ARG H 19 -38.61 -64.85 1.94
N LEU H 20 -37.78 -63.85 2.21
CA LEU H 20 -37.68 -63.24 3.52
C LEU H 20 -38.33 -61.87 3.49
N SER H 21 -39.01 -61.53 4.58
CA SER H 21 -39.69 -60.25 4.72
C SER H 21 -39.21 -59.57 5.98
N CYS H 22 -38.88 -58.28 5.88
CA CYS H 22 -38.52 -57.50 7.05
C CYS H 22 -39.46 -56.30 7.14
N ALA H 23 -40.18 -56.20 8.25
CA ALA H 23 -41.07 -55.09 8.52
C ALA H 23 -40.36 -54.07 9.40
N ALA H 24 -40.56 -52.79 9.09
CA ALA H 24 -39.86 -51.70 9.74
C ALA H 24 -40.85 -50.72 10.35
N SER H 25 -40.44 -50.11 11.46
CA SER H 25 -41.25 -49.08 12.09
C SER H 25 -40.34 -48.13 12.87
N GLY H 26 -40.83 -46.92 13.08
CA GLY H 26 -40.13 -45.93 13.87
C GLY H 26 -39.28 -44.95 13.10
N PHE H 27 -39.29 -45.00 11.77
CA PHE H 27 -38.48 -44.08 10.97
C PHE H 27 -39.12 -43.91 9.61
N SER H 28 -38.70 -42.87 8.89
CA SER H 28 -39.20 -42.59 7.55
C SER H 28 -38.69 -43.67 6.61
N PHE H 29 -39.57 -44.60 6.25
CA PHE H 29 -39.15 -45.78 5.50
C PHE H 29 -38.63 -45.42 4.10
N SER H 30 -39.26 -44.44 3.45
CA SER H 30 -38.92 -44.11 2.07
C SER H 30 -37.56 -43.46 1.92
N GLY H 31 -36.93 -43.02 3.00
CA GLY H 31 -35.68 -42.30 2.91
C GLY H 31 -34.43 -43.09 3.26
N TYR H 32 -34.54 -44.36 3.63
CA TYR H 32 -33.41 -45.16 4.07
C TYR H 32 -33.16 -46.29 3.08
N ALA H 33 -31.89 -46.54 2.80
CA ALA H 33 -31.48 -47.67 1.97
C ALA H 33 -31.18 -48.86 2.87
N LEU H 34 -32.03 -49.89 2.79
CA LEU H 34 -31.98 -51.02 3.69
C LEU H 34 -31.08 -52.12 3.13
N SER H 35 -30.64 -53.01 4.01
CA SER H 35 -29.69 -54.05 3.61
C SER H 35 -30.10 -55.39 4.18
N TRP H 36 -29.68 -56.44 3.50
CA TRP H 36 -29.74 -57.82 4.00
C TRP H 36 -28.31 -58.32 4.18
N VAL H 37 -28.00 -58.81 5.37
CA VAL H 37 -26.67 -59.31 5.71
C VAL H 37 -26.82 -60.67 6.38
N ARG H 38 -26.08 -61.67 5.89
CA ARG H 38 -26.18 -63.02 6.42
C ARG H 38 -24.89 -63.42 7.13
N GLN H 39 -25.03 -64.36 8.06
CA GLN H 39 -23.89 -64.90 8.80
C GLN H 39 -24.05 -66.41 8.91
N THR H 40 -23.05 -67.14 8.44
CA THR H 40 -23.04 -68.58 8.64
C THR H 40 -22.64 -68.89 10.08
N PRO H 41 -23.34 -69.80 10.76
CA PRO H 41 -22.96 -70.14 12.14
C PRO H 41 -21.51 -70.61 12.21
N GLY H 42 -20.77 -70.04 13.16
CA GLY H 42 -19.34 -70.31 13.27
C GLY H 42 -18.47 -69.49 12.35
N LYS H 43 -19.05 -68.57 11.57
CA LYS H 43 -18.27 -67.75 10.65
C LYS H 43 -18.56 -66.27 10.87
N GLY H 44 -18.00 -65.41 10.02
CA GLY H 44 -18.18 -63.98 10.15
C GLY H 44 -19.37 -63.46 9.35
N LEU H 45 -19.59 -62.16 9.50
CA LEU H 45 -20.70 -61.50 8.80
C LEU H 45 -20.37 -61.34 7.32
N GLU H 46 -21.41 -61.36 6.50
CA GLU H 46 -21.26 -61.19 5.05
C GLU H 46 -22.46 -60.44 4.52
N TRP H 47 -22.21 -59.28 3.91
CA TRP H 47 -23.28 -58.49 3.32
C TRP H 47 -23.86 -59.20 2.10
N VAL H 48 -25.18 -59.24 2.01
CA VAL H 48 -25.88 -59.92 0.93
C VAL H 48 -26.39 -58.94 -0.11
N SER H 49 -27.26 -58.01 0.28
CA SER H 49 -27.90 -57.15 -0.71
C SER H 49 -28.27 -55.81 -0.07
N SER H 50 -28.64 -54.86 -0.93
CA SER H 50 -29.04 -53.53 -0.50
C SER H 50 -30.02 -52.95 -1.50
N ILE H 51 -30.96 -52.14 -0.99
CA ILE H 51 -31.92 -51.45 -1.84
C ILE H 51 -32.05 -50.01 -1.34
N SER H 52 -32.18 -49.08 -2.29
CA SER H 52 -32.26 -47.66 -1.98
C SER H 52 -33.65 -47.30 -1.46
N GLY H 53 -33.78 -46.06 -1.00
CA GLY H 53 -35.06 -45.62 -0.45
C GLY H 53 -36.15 -45.52 -1.50
N SER H 54 -35.81 -45.04 -2.69
CA SER H 54 -36.77 -44.91 -3.78
C SER H 54 -36.93 -46.18 -4.59
N ALA H 55 -36.21 -47.25 -4.24
CA ALA H 55 -36.27 -48.54 -4.93
C ALA H 55 -35.88 -48.43 -6.40
N ASP H 56 -35.17 -47.37 -6.78
CA ASP H 56 -34.72 -47.19 -8.15
C ASP H 56 -33.37 -47.85 -8.42
N SER H 57 -32.68 -48.31 -7.38
CA SER H 57 -31.39 -48.95 -7.54
C SER H 57 -31.27 -50.10 -6.55
N THR H 58 -30.81 -51.25 -7.05
CA THR H 58 -30.59 -52.43 -6.23
C THR H 58 -29.13 -52.86 -6.35
N TYR H 59 -28.57 -53.37 -5.26
CA TYR H 59 -27.18 -53.80 -5.22
C TYR H 59 -27.10 -55.18 -4.63
N TYR H 60 -26.32 -56.05 -5.28
CA TYR H 60 -26.18 -57.43 -4.86
C TYR H 60 -24.71 -57.80 -4.76
N ALA H 61 -24.40 -58.69 -3.82
CA ALA H 61 -23.04 -59.20 -3.69
C ALA H 61 -22.73 -60.14 -4.84
N ASP H 62 -21.43 -60.27 -5.15
CA ASP H 62 -21.01 -61.15 -6.24
C ASP H 62 -21.31 -62.60 -5.95
N SER H 63 -21.35 -62.99 -4.67
CA SER H 63 -21.63 -64.38 -4.31
C SER H 63 -23.10 -64.74 -4.48
N VAL H 64 -24.00 -63.75 -4.48
CA VAL H 64 -25.44 -64.00 -4.59
C VAL H 64 -26.05 -63.26 -5.78
N LYS H 65 -25.24 -62.73 -6.67
CA LYS H 65 -25.75 -62.01 -7.83
C LYS H 65 -26.49 -62.95 -8.77
N GLY H 66 -27.66 -62.52 -9.22
CA GLY H 66 -28.52 -63.32 -10.09
C GLY H 66 -29.44 -64.25 -9.34
N ARG H 67 -28.92 -64.89 -8.28
CA ARG H 67 -29.74 -65.80 -7.50
C ARG H 67 -30.77 -65.05 -6.67
N PHE H 68 -30.38 -63.92 -6.09
CA PHE H 68 -31.22 -63.18 -5.16
C PHE H 68 -31.84 -61.97 -5.85
N THR H 69 -32.92 -61.47 -5.27
CA THR H 69 -33.57 -60.26 -5.75
C THR H 69 -34.17 -59.52 -4.57
N ILE H 70 -33.80 -58.24 -4.43
CA ILE H 70 -34.29 -57.41 -3.33
C ILE H 70 -35.42 -56.54 -3.86
N SER H 71 -36.38 -56.26 -2.98
CA SER H 71 -37.49 -55.38 -3.32
C SER H 71 -38.01 -54.73 -2.04
N ARG H 72 -38.85 -53.72 -2.21
CA ARG H 72 -39.41 -53.03 -1.05
C ARG H 72 -40.79 -52.49 -1.38
N ASP H 73 -41.62 -52.40 -0.35
CA ASP H 73 -42.93 -51.76 -0.41
C ASP H 73 -42.92 -50.64 0.63
N ASN H 74 -42.89 -49.40 0.15
CA ASN H 74 -42.92 -48.23 1.03
C ASN H 74 -44.30 -47.97 1.59
N SER H 75 -45.35 -48.29 0.84
CA SER H 75 -46.71 -48.16 1.35
C SER H 75 -46.97 -49.10 2.51
N LYS H 76 -46.19 -50.18 2.63
CA LYS H 76 -46.32 -51.11 3.74
C LYS H 76 -45.15 -51.08 4.70
N ASN H 77 -44.13 -50.24 4.46
CA ASN H 77 -42.96 -50.16 5.34
C ASN H 77 -42.28 -51.52 5.49
N THR H 78 -42.20 -52.27 4.40
CA THR H 78 -41.57 -53.59 4.42
C THR H 78 -40.61 -53.71 3.26
N PHE H 79 -39.67 -54.66 3.37
CA PHE H 79 -38.83 -54.98 2.22
C PHE H 79 -38.44 -56.45 2.27
N TYR H 80 -38.34 -57.04 1.07
CA TYR H 80 -38.27 -58.48 0.89
C TYR H 80 -37.00 -58.86 0.13
N LEU H 81 -36.55 -60.08 0.41
CA LEU H 81 -35.41 -60.72 -0.27
C LEU H 81 -35.93 -62.05 -0.81
N GLN H 82 -36.11 -62.13 -2.13
CA GLN H 82 -36.57 -63.34 -2.79
C GLN H 82 -35.35 -64.05 -3.38
N MET H 83 -35.01 -65.21 -2.83
CA MET H 83 -33.87 -65.98 -3.32
C MET H 83 -34.35 -67.25 -4.01
N SER H 84 -33.61 -67.66 -5.04
CA SER H 84 -33.91 -68.86 -5.78
C SER H 84 -32.61 -69.58 -6.10
N SER H 85 -32.73 -70.87 -6.40
CA SER H 85 -31.58 -71.74 -6.69
C SER H 85 -30.58 -71.71 -5.53
N LEU H 86 -31.11 -71.83 -4.32
CA LEU H 86 -30.29 -71.72 -3.12
C LEU H 86 -29.28 -72.86 -3.05
N ARG H 87 -28.03 -72.53 -2.79
CA ARG H 87 -26.99 -73.53 -2.62
C ARG H 87 -26.90 -73.97 -1.16
N ALA H 88 -26.11 -75.00 -0.93
CA ALA H 88 -25.95 -75.51 0.44
C ALA H 88 -25.24 -74.49 1.33
N ASP H 89 -24.41 -73.62 0.74
CA ASP H 89 -23.71 -72.61 1.51
C ASP H 89 -24.59 -71.44 1.92
N ASP H 90 -25.82 -71.37 1.41
CA ASP H 90 -26.72 -70.27 1.74
C ASP H 90 -27.39 -70.44 3.10
N THR H 91 -27.18 -71.58 3.77
CA THR H 91 -27.71 -71.78 5.12
C THR H 91 -27.03 -70.83 6.08
N ALA H 92 -27.79 -69.88 6.63
CA ALA H 92 -27.22 -68.85 7.48
C ALA H 92 -28.33 -68.12 8.22
N ILE H 93 -27.93 -67.29 9.17
CA ILE H 93 -28.85 -66.39 9.86
C ILE H 93 -28.84 -65.06 9.11
N TYR H 94 -30.02 -64.63 8.67
CA TYR H 94 -30.17 -63.40 7.89
C TYR H 94 -30.70 -62.29 8.77
N TYR H 95 -30.11 -61.11 8.65
CA TYR H 95 -30.55 -59.91 9.36
C TYR H 95 -30.89 -58.83 8.34
N CYS H 96 -31.95 -58.08 8.62
CA CYS H 96 -32.27 -56.88 7.87
C CYS H 96 -31.73 -55.68 8.65
N ALA H 97 -30.88 -54.89 8.00
CA ALA H 97 -30.16 -53.81 8.65
C ALA H 97 -30.56 -52.47 8.08
N LYS H 98 -30.65 -51.49 8.97
CA LYS H 98 -31.02 -50.11 8.68
C LYS H 98 -29.85 -49.17 9.00
N PRO H 99 -29.56 -48.22 8.11
CA PRO H 99 -28.52 -47.24 8.39
C PRO H 99 -29.07 -46.10 9.22
N PRO H 100 -28.20 -45.35 9.90
CA PRO H 100 -28.67 -44.17 10.64
C PRO H 100 -28.89 -43.00 9.70
N LEU H 101 -29.62 -42.00 10.22
CA LEU H 101 -29.82 -40.77 9.46
C LEU H 101 -28.50 -40.03 9.31
N GLY H 102 -28.26 -39.51 8.10
CA GLY H 102 -26.99 -38.95 7.73
C GLY H 102 -26.08 -39.92 7.00
N SER H 103 -26.33 -41.21 7.12
CA SER H 103 -25.64 -42.24 6.36
C SER H 103 -26.62 -43.21 5.72
N ASN H 104 -27.83 -42.73 5.43
CA ASN H 104 -28.90 -43.57 4.91
C ASN H 104 -28.75 -43.87 3.43
N LEU H 105 -27.84 -43.21 2.73
CA LEU H 105 -27.61 -43.47 1.32
C LEU H 105 -26.53 -44.54 1.14
N PHE H 106 -26.72 -45.41 0.15
CA PHE H 106 -25.75 -46.45 -0.17
C PHE H 106 -24.55 -45.78 -0.85
N ALA H 107 -23.64 -45.27 -0.02
CA ALA H 107 -22.52 -44.49 -0.50
C ALA H 107 -21.32 -44.76 0.42
N VAL H 108 -20.35 -43.85 0.40
CA VAL H 108 -19.08 -44.09 1.08
C VAL H 108 -19.30 -44.29 2.58
N GLY H 109 -20.12 -43.46 3.19
CA GLY H 109 -20.31 -43.51 4.63
C GLY H 109 -21.38 -44.48 5.09
N TYR H 110 -21.76 -45.42 4.22
CA TYR H 110 -22.83 -46.35 4.54
C TYR H 110 -22.40 -47.31 5.64
N HIS H 111 -23.21 -47.40 6.69
CA HIS H 111 -23.00 -48.35 7.78
C HIS H 111 -24.34 -48.58 8.46
N PHE H 112 -24.34 -49.45 9.46
CA PHE H 112 -25.56 -49.86 10.15
C PHE H 112 -25.52 -49.42 11.60
N ASP H 113 -26.61 -48.83 12.07
CA ASP H 113 -26.75 -48.46 13.47
C ASP H 113 -27.71 -49.37 14.24
N TYR H 114 -28.59 -50.07 13.54
CA TYR H 114 -29.53 -50.98 14.17
C TYR H 114 -29.60 -52.28 13.37
N TRP H 115 -29.73 -53.40 14.07
CA TRP H 115 -29.83 -54.71 13.46
C TRP H 115 -31.09 -55.41 13.95
N GLY H 116 -31.70 -56.20 13.06
CA GLY H 116 -32.86 -56.96 13.44
C GLY H 116 -32.50 -58.22 14.20
N GLN H 117 -33.54 -58.90 14.70
CA GLN H 117 -33.32 -60.14 15.45
C GLN H 117 -32.77 -61.24 14.55
N GLY H 118 -33.17 -61.27 13.29
CA GLY H 118 -32.65 -62.24 12.35
C GLY H 118 -33.48 -63.51 12.30
N THR H 119 -33.37 -64.22 11.17
CA THR H 119 -34.05 -65.49 10.97
C THR H 119 -33.09 -66.50 10.40
N LEU H 120 -33.14 -67.73 10.92
CA LEU H 120 -32.26 -68.79 10.45
C LEU H 120 -32.88 -69.47 9.23
N VAL H 121 -32.08 -69.64 8.18
CA VAL H 121 -32.50 -70.30 6.95
C VAL H 121 -31.57 -71.48 6.73
N THR H 122 -32.15 -72.68 6.65
CA THR H 122 -31.41 -73.92 6.45
C THR H 122 -31.75 -74.47 5.07
N VAL H 123 -30.72 -74.76 4.28
CA VAL H 123 -30.90 -75.28 2.93
C VAL H 123 -30.70 -76.79 2.92
N TYR I 2 -11.84 -55.41 -2.69
CA TYR I 2 -11.26 -54.96 -1.42
C TYR I 2 -11.41 -56.04 -0.36
N VAL I 3 -10.31 -56.33 0.35
CA VAL I 3 -10.28 -57.38 1.36
C VAL I 3 -9.80 -56.77 2.67
N LEU I 4 -10.53 -57.07 3.75
CA LEU I 4 -10.16 -56.63 5.09
C LEU I 4 -9.55 -57.80 5.85
N THR I 5 -8.39 -57.56 6.47
CA THR I 5 -7.66 -58.60 7.18
C THR I 5 -7.73 -58.35 8.68
N GLN I 6 -8.15 -59.37 9.43
CA GLN I 6 -8.24 -59.31 10.88
C GLN I 6 -7.57 -60.54 11.49
N PRO I 7 -7.00 -60.40 12.68
CA PRO I 7 -6.44 -61.57 13.36
C PRO I 7 -7.55 -62.53 13.75
N PRO I 8 -7.28 -63.84 13.73
CA PRO I 8 -8.32 -64.81 14.11
C PRO I 8 -8.83 -64.64 15.53
N SER I 9 -7.95 -64.26 16.46
CA SER I 9 -8.36 -64.12 17.86
C SER I 9 -7.35 -63.22 18.56
N VAL I 10 -7.73 -62.76 19.75
CA VAL I 10 -6.87 -61.92 20.57
C VAL I 10 -7.15 -62.23 22.04
N SER I 11 -6.12 -62.18 22.86
CA SER I 11 -6.22 -62.46 24.29
C SER I 11 -5.52 -61.37 25.08
N VAL I 12 -6.10 -61.01 26.23
CA VAL I 12 -5.54 -59.97 27.08
C VAL I 12 -6.06 -60.20 28.49
N ALA I 13 -5.26 -59.79 29.48
CA ALA I 13 -5.66 -59.92 30.87
C ALA I 13 -6.80 -58.96 31.18
N PRO I 14 -7.75 -59.35 32.03
CA PRO I 14 -8.84 -58.46 32.40
C PRO I 14 -8.34 -57.22 33.12
N GLY I 15 -9.01 -56.10 32.86
CA GLY I 15 -8.63 -54.83 33.47
C GLY I 15 -7.32 -54.28 32.96
N THR I 17 -7.32 -53.10 28.01
CA THR I 17 -6.12 -52.92 27.19
C THR I 17 -6.16 -53.80 25.95
N ALA I 18 -7.36 -54.30 25.63
CA ALA I 18 -7.52 -55.15 24.46
C ALA I 18 -7.39 -54.34 23.18
N ARG I 19 -6.73 -54.93 22.18
CA ARG I 19 -6.49 -54.26 20.91
C ARG I 19 -6.92 -55.16 19.77
N VAL I 20 -7.71 -54.62 18.85
CA VAL I 20 -8.16 -55.34 17.66
C VAL I 20 -7.74 -54.53 16.44
N THR I 21 -7.18 -55.20 15.44
CA THR I 21 -6.67 -54.53 14.26
C THR I 21 -7.40 -55.02 13.01
N CYS I 22 -7.65 -54.08 12.10
CA CYS I 22 -8.24 -54.38 10.79
C CYS I 22 -7.30 -53.80 9.74
N GLY I 23 -6.71 -54.67 8.94
CA GLY I 23 -5.68 -54.27 7.98
C GLY I 23 -6.19 -54.35 6.55
N ALA I 24 -5.85 -53.32 5.77
CA ALA I 24 -6.20 -53.27 4.36
C ALA I 24 -5.26 -52.28 3.68
N ASN I 25 -5.20 -52.37 2.35
CA ASN I 25 -4.36 -51.49 1.56
C ASN I 25 -4.99 -50.11 1.49
N ASN I 26 -4.25 -49.09 1.94
CA ASN I 26 -4.73 -47.70 1.94
C ASN I 26 -6.05 -47.57 2.69
N ILE I 27 -6.14 -48.22 3.85
CA ILE I 27 -7.35 -48.16 4.66
C ILE I 27 -7.52 -46.82 5.36
N GLY I 28 -6.48 -45.99 5.39
CA GLY I 28 -6.58 -44.69 6.02
C GLY I 28 -7.51 -43.73 5.29
N SER I 29 -7.74 -43.95 4.00
CA SER I 29 -8.66 -43.13 3.23
C SER I 29 -10.08 -43.68 3.23
N GLU I 30 -10.31 -44.81 3.88
CA GLU I 30 -11.63 -45.43 3.95
C GLU I 30 -12.22 -45.28 5.33
N SER I 31 -13.54 -45.11 5.40
CA SER I 31 -14.25 -45.04 6.67
C SER I 31 -14.47 -46.44 7.21
N VAL I 32 -13.98 -46.70 8.42
CA VAL I 32 -14.04 -48.02 9.03
C VAL I 32 -15.01 -47.97 10.20
N HIS I 33 -15.93 -48.94 10.24
CA HIS I 33 -16.93 -49.03 11.30
C HIS I 33 -16.76 -50.36 12.03
N TRP I 34 -16.87 -50.31 13.36
CA TRP I 34 -16.66 -51.46 14.21
C TRP I 34 -17.98 -51.89 14.86
N TYR I 35 -18.32 -53.15 14.67
CA TYR I 35 -19.51 -53.78 15.25
C TYR I 35 -19.09 -54.83 16.26
N GLN I 36 -19.91 -54.99 17.30
CA GLN I 36 -19.71 -56.01 18.32
C GLN I 36 -20.91 -56.96 18.32
N GLN I 37 -20.64 -58.26 18.28
CA GLN I 37 -21.67 -59.28 18.25
C GLN I 37 -21.39 -60.28 19.37
N LYS I 38 -22.37 -60.48 20.24
CA LYS I 38 -22.25 -61.43 21.34
C LYS I 38 -22.69 -62.81 20.87
N ALA I 39 -22.84 -63.74 21.81
CA ALA I 39 -23.24 -65.11 21.49
C ALA I 39 -24.74 -65.15 21.28
N GLY I 40 -25.16 -65.45 20.05
CA GLY I 40 -26.58 -65.54 19.75
C GLY I 40 -27.31 -64.21 19.76
N GLN I 41 -26.61 -63.12 19.52
CA GLN I 41 -27.19 -61.78 19.52
C GLN I 41 -26.81 -61.05 18.25
N ALA I 42 -27.66 -60.12 17.85
CA ALA I 42 -27.40 -59.32 16.66
C ALA I 42 -26.22 -58.39 16.88
N PRO I 43 -25.47 -58.06 15.83
CA PRO I 43 -24.33 -57.15 16.00
C PRO I 43 -24.78 -55.77 16.46
N VAL I 44 -23.94 -55.12 17.25
CA VAL I 44 -24.20 -53.79 17.77
C VAL I 44 -23.05 -52.88 17.35
N LEU I 45 -23.40 -51.76 16.72
CA LEU I 45 -22.40 -50.79 16.30
C LEU I 45 -21.74 -50.16 17.53
N VAL I 46 -20.40 -50.21 17.57
CA VAL I 46 -19.68 -49.65 18.70
C VAL I 46 -18.82 -48.47 18.25
N ILE I 47 -18.41 -48.48 16.97
CA ILE I 47 -17.59 -47.38 16.44
C ILE I 47 -18.04 -47.08 15.03
N TYR I 48 -18.17 -45.79 14.71
CA TYR I 48 -18.46 -45.35 13.34
C TYR I 48 -17.51 -44.23 12.96
N TYR I 49 -17.15 -44.19 11.68
CA TYR I 49 -16.25 -43.15 11.13
C TYR I 49 -14.92 -43.12 11.88
N ASP I 50 -14.44 -44.31 12.24
CA ASP I 50 -13.09 -44.58 12.75
C ASP I 50 -12.85 -44.10 14.17
N ARG I 51 -13.70 -43.23 14.71
CA ARG I 51 -13.58 -42.86 16.13
C ARG I 51 -14.90 -42.48 16.76
N GLY I 52 -16.00 -42.54 16.01
CA GLY I 52 -17.28 -42.08 16.53
C GLY I 52 -17.92 -43.14 17.41
N ARG I 53 -18.28 -42.75 18.62
CA ARG I 53 -18.90 -43.67 19.58
C ARG I 53 -20.36 -43.31 19.76
N PRO I 54 -21.29 -44.23 19.52
CA PRO I 54 -22.71 -43.93 19.71
C PRO I 54 -23.04 -43.75 21.18
N SER I 55 -24.15 -43.05 21.42
CA SER I 55 -24.62 -42.83 22.79
C SER I 55 -25.04 -44.16 23.43
N GLY I 56 -24.74 -44.30 24.71
CA GLY I 56 -25.02 -45.50 25.45
C GLY I 56 -23.91 -46.54 25.43
N ILE I 57 -22.97 -46.43 24.51
CA ILE I 57 -21.82 -47.33 24.47
C ILE I 57 -20.83 -46.90 25.53
N PRO I 58 -20.29 -47.83 26.33
CA PRO I 58 -19.31 -47.44 27.36
C PRO I 58 -18.10 -46.76 26.75
N GLU I 59 -17.53 -45.82 27.50
CA GLU I 59 -16.38 -45.05 27.05
C GLU I 59 -15.11 -45.88 26.95
N ARG I 60 -15.16 -47.18 27.29
CA ARG I 60 -13.99 -48.03 27.17
C ARG I 60 -13.58 -48.20 25.70
N PHE I 61 -14.53 -48.20 24.79
CA PHE I 61 -14.24 -48.41 23.37
C PHE I 61 -13.74 -47.12 22.74
N SER I 62 -12.64 -47.22 21.99
CA SER I 62 -12.10 -46.11 21.23
C SER I 62 -11.59 -46.63 19.90
N GLY I 63 -11.49 -45.74 18.92
CA GLY I 63 -11.10 -46.12 17.59
C GLY I 63 -10.06 -45.19 16.99
N SER I 64 -9.33 -45.73 16.02
CA SER I 64 -8.38 -44.95 15.23
C SER I 64 -8.21 -45.63 13.89
N ASN I 65 -7.73 -44.86 12.91
CA ASN I 65 -7.53 -45.38 11.56
C ASN I 65 -6.45 -44.55 10.89
N SER I 66 -5.31 -45.17 10.58
CA SER I 66 -4.21 -44.42 10.00
C SER I 66 -3.32 -45.37 9.20
N GLY I 67 -2.57 -44.79 8.28
CA GLY I 67 -1.62 -45.54 7.48
C GLY I 67 -2.26 -46.69 6.73
N ASN I 68 -2.00 -47.91 7.20
CA ASN I 68 -2.55 -49.12 6.58
C ASN I 68 -3.33 -49.96 7.58
N THR I 69 -3.81 -49.38 8.68
CA THR I 69 -4.48 -50.17 9.70
C THR I 69 -5.48 -49.32 10.46
N ALA I 70 -6.56 -49.98 10.91
CA ALA I 70 -7.55 -49.38 11.80
C ALA I 70 -7.56 -50.16 13.10
N THR I 71 -7.53 -49.44 14.22
CA THR I 71 -7.38 -50.04 15.54
C THR I 71 -8.60 -49.74 16.40
N LEU I 72 -9.15 -50.78 17.02
CA LEU I 72 -10.19 -50.66 18.02
C LEU I 72 -9.61 -51.05 19.38
N THR I 73 -9.63 -50.11 20.32
CA THR I 73 -9.01 -50.30 21.63
C THR I 73 -10.09 -50.33 22.70
N ILE I 74 -10.05 -51.36 23.54
CA ILE I 74 -10.98 -51.52 24.65
C ILE I 74 -10.14 -51.44 25.92
N SER I 75 -10.19 -50.29 26.60
CA SER I 75 -9.43 -50.10 27.83
C SER I 75 -10.21 -50.63 29.02
N ARG I 76 -9.51 -51.34 29.91
CA ARG I 76 -10.11 -51.96 31.09
C ARG I 76 -11.22 -52.93 30.67
N VAL I 77 -10.83 -53.95 29.91
CA VAL I 77 -11.78 -54.91 29.37
C VAL I 77 -12.43 -55.68 30.50
N GLU I 78 -13.77 -55.76 30.48
CA GLU I 78 -14.54 -56.46 31.49
C GLU I 78 -14.91 -57.86 30.98
N ALA I 79 -15.67 -58.59 31.81
CA ALA I 79 -16.10 -59.92 31.43
C ALA I 79 -17.15 -59.88 30.32
N GLY I 80 -18.00 -58.86 30.31
CA GLY I 80 -19.04 -58.74 29.30
C GLY I 80 -18.56 -58.25 27.95
N ASP I 81 -17.31 -57.80 27.85
CA ASP I 81 -16.76 -57.32 26.59
C ASP I 81 -16.26 -58.43 25.68
N GLU I 82 -16.28 -59.68 26.14
CA GLU I 82 -15.83 -60.80 25.33
C GLU I 82 -16.87 -61.11 24.27
N ALA I 83 -16.56 -60.79 23.01
CA ALA I 83 -17.48 -60.99 21.91
C ALA I 83 -16.68 -60.98 20.61
N GLU I 84 -17.40 -61.00 19.49
CA GLU I 84 -16.78 -60.97 18.17
C GLU I 84 -16.87 -59.55 17.61
N TYR I 85 -15.73 -59.02 17.18
CA TYR I 85 -15.65 -57.64 16.70
C TYR I 85 -15.33 -57.65 15.21
N TYR I 86 -16.12 -56.90 14.44
CA TYR I 86 -16.02 -56.89 12.98
C TYR I 86 -15.76 -55.47 12.49
N CYS I 87 -14.84 -55.34 11.53
CA CYS I 87 -14.62 -54.07 10.85
C CYS I 87 -15.32 -54.10 9.49
N GLN I 88 -15.90 -52.97 9.11
CA GLN I 88 -16.71 -52.87 7.91
C GLN I 88 -16.41 -51.56 7.18
N VAL I 89 -16.31 -51.66 5.86
CA VAL I 89 -16.11 -50.51 4.98
C VAL I 89 -17.04 -50.64 3.79
N TRP I 90 -17.08 -49.58 2.98
CA TRP I 90 -17.86 -49.55 1.75
C TRP I 90 -16.90 -49.32 0.59
N ASP I 91 -16.67 -50.37 -0.20
CA ASP I 91 -15.72 -50.30 -1.30
C ASP I 91 -16.24 -49.35 -2.37
N LYS I 92 -15.50 -48.25 -2.59
CA LYS I 92 -15.88 -47.29 -3.62
C LYS I 92 -15.72 -47.88 -5.03
N SER I 93 -14.73 -48.74 -5.23
CA SER I 93 -14.44 -49.25 -6.56
C SER I 93 -15.45 -50.30 -7.03
N SER I 94 -16.24 -50.87 -6.12
CA SER I 94 -17.17 -51.92 -6.50
C SER I 94 -18.57 -51.76 -5.93
N ASP I 95 -18.81 -50.79 -5.05
CA ASP I 95 -20.10 -50.60 -4.39
C ASP I 95 -20.49 -51.83 -3.57
N HIS I 96 -19.53 -52.43 -2.88
CA HIS I 96 -19.77 -53.60 -2.03
C HIS I 96 -19.53 -53.24 -0.58
N VAL I 97 -20.41 -53.72 0.30
CA VAL I 97 -20.21 -53.58 1.74
C VAL I 97 -19.29 -54.70 2.19
N VAL I 98 -18.06 -54.36 2.57
CA VAL I 98 -17.04 -55.34 2.90
C VAL I 98 -16.93 -55.43 4.42
N PHE I 99 -17.07 -56.64 4.95
CA PHE I 99 -16.92 -56.90 6.38
C PHE I 99 -15.56 -57.52 6.65
N GLY I 100 -15.11 -57.39 7.91
CA GLY I 100 -13.85 -57.97 8.31
C GLY I 100 -13.94 -59.47 8.53
N GLY I 101 -12.76 -60.08 8.72
CA GLY I 101 -12.72 -61.51 8.97
C GLY I 101 -13.36 -61.90 10.29
N GLY I 102 -13.11 -61.10 11.33
CA GLY I 102 -13.69 -61.39 12.64
C GLY I 102 -12.61 -61.70 13.66
N THR I 103 -12.73 -61.07 14.83
CA THR I 103 -11.80 -61.28 15.93
C THR I 103 -12.60 -61.54 17.20
N LYS I 104 -12.26 -62.63 17.89
CA LYS I 104 -12.94 -63.03 19.12
C LYS I 104 -12.00 -62.90 20.30
N LEU I 105 -12.50 -62.33 21.39
CA LEU I 105 -11.70 -62.17 22.61
C LEU I 105 -12.56 -62.38 23.85
C1 NAG J . 21.97 -16.38 52.45
C2 NAG J . 22.12 -17.05 53.81
C3 NAG J . 21.17 -18.23 53.99
C4 NAG J . 19.75 -17.81 53.64
C5 NAG J . 19.69 -17.12 52.27
C6 NAG J . 18.30 -16.64 51.94
C7 NAG J . 24.22 -17.49 54.97
C8 NAG J . 25.64 -17.93 54.75
N2 NAG J . 23.49 -17.44 53.86
O3 NAG J . 21.28 -18.69 55.31
O4 NAG J . 18.95 -18.97 53.67
O5 NAG J . 20.61 -16.04 52.22
O6 NAG J . 18.27 -15.33 51.41
O7 NAG J . 23.77 -17.20 56.06
C1 NAG J . 17.98 -18.90 54.73
C2 NAG J . 16.67 -19.56 54.26
C3 NAG J . 15.64 -19.54 55.38
C4 NAG J . 16.22 -20.13 56.66
C5 NAG J . 17.54 -19.43 56.99
C6 NAG J . 18.23 -19.96 58.23
C7 NAG J . 16.01 -19.48 51.88
C8 NAG J . 15.41 -18.60 50.82
N2 NAG J . 16.14 -18.91 53.09
O3 NAG J . 14.50 -20.22 54.95
O4 NAG J . 15.26 -19.96 57.67
O5 NAG J . 18.42 -19.56 55.88
O6 NAG J . 19.18 -20.93 57.87
O7 NAG J . 16.33 -20.63 51.63
C1 NAG K . 39.09 18.74 65.48
C2 NAG K . 38.56 19.06 66.88
C3 NAG K . 39.70 19.04 67.89
C4 NAG K . 40.49 17.75 67.82
C5 NAG K . 40.86 17.42 66.36
C6 NAG K . 41.49 16.05 66.18
C7 NAG K . 36.55 20.49 66.92
C8 NAG K . 36.07 21.91 66.93
N2 NAG K . 37.88 20.33 66.89
O3 NAG K . 39.14 19.24 69.17
O4 NAG K . 41.64 17.96 68.61
O5 NAG K . 39.71 17.48 65.53
O6 NAG K . 42.87 16.13 66.43
O7 NAG K . 35.76 19.55 66.91
C1 NAG K . 41.80 16.89 69.58
C2 NAG K . 43.04 17.19 70.43
C3 NAG K . 43.25 16.04 71.40
C4 NAG K . 41.99 15.80 72.23
C5 NAG K . 40.76 15.67 71.31
C6 NAG K . 39.46 15.55 72.06
C7 NAG K . 44.89 18.55 69.55
C8 NAG K . 46.07 18.55 68.63
N2 NAG K . 44.20 17.40 69.61
O3 NAG K . 44.37 16.33 72.20
O4 NAG K . 42.20 14.64 72.99
O5 NAG K . 40.69 16.79 70.45
O6 NAG K . 39.56 16.21 73.29
O7 NAG K . 44.59 19.55 70.21
C1 NAG L . 26.77 4.30 58.83
C2 NAG L . 26.84 4.15 60.36
C3 NAG L . 26.49 2.71 60.74
C4 NAG L . 25.16 2.28 60.14
C5 NAG L . 25.24 2.42 58.63
C6 NAG L . 23.94 2.10 57.92
C7 NAG L . 28.56 5.68 61.18
C8 NAG L . 30.01 5.79 61.59
N2 NAG L . 28.16 4.46 60.78
O3 NAG L . 26.50 2.61 62.14
O4 NAG L . 24.91 0.94 60.53
O5 NAG L . 25.56 3.76 58.34
O6 NAG L . 24.05 0.90 57.20
O7 NAG L . 27.80 6.63 61.22
C1 NAG L . 23.75 0.90 61.38
C2 NAG L . 23.29 -0.56 61.54
C3 NAG L . 22.12 -0.64 62.51
C4 NAG L . 22.46 0.06 63.82
C5 NAG L . 22.96 1.47 63.54
C6 NAG L . 23.38 2.23 64.78
C7 NAG L . 23.56 -2.14 59.66
C8 NAG L . 23.00 -2.56 58.33
N2 NAG L . 22.92 -1.12 60.26
O3 NAG L . 21.79 -1.99 62.70
O4 NAG L . 21.29 0.07 64.61
O5 NAG L . 24.06 1.40 62.66
O6 NAG L . 24.50 1.61 65.36
O7 NAG L . 24.53 -2.71 60.15
C1 NAG M . -36.66 36.10 -11.65
C2 NAG M . -37.15 37.28 -10.77
C3 NAG M . -38.62 37.58 -11.12
C4 NAG M . -38.81 37.75 -12.62
C5 NAG M . -38.17 36.55 -13.37
C6 NAG M . -38.23 36.67 -14.87
C7 NAG M . -36.38 37.81 -8.47
C8 NAG M . -36.39 37.37 -7.02
N2 NAG M . -37.05 37.04 -9.34
O3 NAG M . -39.01 38.72 -10.42
O4 NAG M . -40.20 37.86 -12.84
O5 NAG M . -36.81 36.48 -12.99
O6 NAG M . -37.56 37.86 -15.21
O7 NAG M . -35.78 38.83 -8.81
C1 NAG M . -40.45 39.03 -13.66
C2 NAG M . -41.92 39.01 -14.08
C3 NAG M . -42.15 40.17 -15.04
C4 NAG M . -41.65 41.50 -14.47
C5 NAG M . -40.27 41.36 -13.81
C6 NAG M . -39.87 42.57 -12.99
C7 NAG M . -42.87 36.75 -14.03
C8 NAG M . -43.13 35.51 -14.85
N2 NAG M . -42.25 37.75 -14.68
O3 NAG M . -43.53 40.21 -15.33
O4 NAG M . -41.59 42.39 -15.55
O5 NAG M . -40.22 40.23 -12.97
O6 NAG M . -38.46 42.66 -12.91
O7 NAG M . -43.22 36.82 -12.86
C1 BMA M . -42.63 43.38 -15.44
C2 BMA M . -42.19 44.58 -16.29
C3 BMA M . -43.33 45.63 -16.31
C4 BMA M . -44.71 45.04 -16.67
C5 BMA M . -44.99 43.72 -15.96
C6 BMA M . -46.17 42.95 -16.56
O2 BMA M . -41.87 44.11 -17.56
O3 BMA M . -42.91 46.64 -17.19
O4 BMA M . -45.65 46.02 -16.31
O5 BMA M . -43.86 42.87 -15.90
O6 BMA M . -46.76 42.20 -15.52
C1 FUC M . -36.89 37.70 -16.47
C2 FUC M . -36.48 39.09 -16.96
C3 FUC M . -35.43 39.69 -16.02
C4 FUC M . -34.23 38.76 -15.93
C5 FUC M . -34.72 37.38 -15.48
C6 FUC M . -33.62 36.33 -15.46
O2 FUC M . -37.64 39.88 -17.05
O3 FUC M . -35.12 40.97 -16.51
O4 FUC M . -33.59 38.73 -17.19
O5 FUC M . -35.74 36.89 -16.34
C1 NAG N . 48.86 33.75 57.12
C2 NAG N . 48.11 35.01 57.59
C3 NAG N . 48.64 36.27 56.87
C4 NAG N . 50.15 36.37 57.03
C5 NAG N . 50.77 35.09 56.47
C6 NAG N . 52.27 35.04 56.52
C7 NAG N . 45.77 34.88 58.32
C8 NAG N . 44.35 34.72 57.86
N2 NAG N . 46.70 34.86 57.34
O3 NAG N . 47.97 37.38 57.39
O4 NAG N . 50.60 37.52 56.33
O5 NAG N . 50.25 34.03 57.23
O6 NAG N . 52.75 35.12 57.85
O7 NAG N . 46.06 35.02 59.49
C1 NAG N . 51.07 38.50 57.28
C2 NAG N . 52.28 39.25 56.70
C3 NAG N . 52.72 40.36 57.65
C4 NAG N . 51.55 41.25 58.03
C5 NAG N . 50.41 40.37 58.56
C6 NAG N . 49.17 41.16 58.95
C7 NAG N . 54.12 38.38 55.31
C8 NAG N . 55.22 37.35 55.26
N2 NAG N . 53.37 38.36 56.43
O3 NAG N . 53.76 41.09 57.04
O4 NAG N . 52.01 42.17 58.99
O5 NAG N . 50.05 39.43 57.57
O6 NAG N . 48.04 40.32 58.83
O7 NAG N . 53.95 39.17 54.39
C1 FUC N . 53.78 34.12 58.03
C2 FUC N . 54.87 34.69 58.94
C3 FUC N . 54.31 34.97 60.34
C4 FUC N . 53.69 33.69 60.92
C5 FUC N . 52.66 33.16 59.93
C6 FUC N . 52.06 31.83 60.35
O2 FUC N . 55.39 35.85 58.34
O3 FUC N . 55.36 35.48 61.12
O4 FUC N . 54.73 32.78 61.18
O5 FUC N . 53.24 32.96 58.64
C1 NAG O . 29.24 38.62 33.99
C2 NAG O . 29.68 39.93 34.65
C3 NAG O . 28.64 41.03 34.52
C4 NAG O . 28.22 41.17 33.06
C5 NAG O . 27.81 39.83 32.47
C6 NAG O . 27.46 39.93 31.00
C7 NAG O . 30.83 40.13 36.79
C8 NAG O . 30.88 39.57 38.19
N2 NAG O . 29.91 39.56 36.02
O3 NAG O . 29.19 42.22 35.02
O4 NAG O . 27.16 42.10 33.02
O5 NAG O . 28.85 38.87 32.65
O6 NAG O . 28.02 38.91 30.21
O7 NAG O . 31.57 41.02 36.40
C1 NAG O . 27.54 43.29 32.30
C2 NAG O . 26.32 43.80 31.51
C3 NAG O . 26.69 45.09 30.79
C4 NAG O . 27.27 46.12 31.76
C5 NAG O . 28.42 45.47 32.53
C6 NAG O . 29.08 46.38 33.54
C7 NAG O . 24.65 42.23 30.60
C8 NAG O . 24.39 41.24 29.49
N2 NAG O . 25.85 42.82 30.56
O3 NAG O . 25.53 45.58 30.15
O4 NAG O . 27.70 47.22 31.00
O5 NAG O . 27.95 44.30 33.19
O6 NAG O . 28.51 46.15 34.81
O7 NAG O . 23.81 42.46 31.46
C1 NAG P . 67.80 24.45 31.16
C2 NAG P . 68.72 25.60 30.73
C3 NAG P . 69.74 25.89 31.83
C4 NAG P . 69.07 26.12 33.18
C5 NAG P . 68.06 25.00 33.47
C6 NAG P . 67.21 25.25 34.70
C7 NAG P . 69.04 25.80 28.30
C8 NAG P . 69.87 25.34 27.14
N2 NAG P . 69.39 25.29 29.50
O3 NAG P . 70.49 27.02 31.42
O4 NAG P . 70.11 26.13 34.13
O5 NAG P . 67.18 24.83 32.37
O6 NAG P . 67.91 24.81 35.85
O7 NAG P . 68.11 26.58 28.15
C1 NAG P . 70.04 27.31 34.96
C2 NAG P . 71.21 27.29 35.95
C3 NAG P . 71.09 28.50 36.87
C4 NAG P . 71.02 29.78 36.05
C5 NAG P . 69.92 29.67 34.98
C6 NAG P . 69.85 30.86 34.05
C7 NAG P . 72.26 25.18 36.65
C8 NAG P . 72.08 23.95 37.51
N2 NAG P . 71.24 26.07 36.69
O3 NAG P . 72.18 28.49 37.75
O4 NAG P . 70.76 30.83 36.95
O5 NAG P . 70.13 28.50 34.20
O6 NAG P . 71.12 31.45 33.94
O7 NAG P . 73.25 25.33 35.94
C1 NAG Q . 49.30 31.55 27.75
C2 NAG Q . 50.18 32.77 28.09
C3 NAG Q . 49.31 33.90 28.63
C4 NAG Q . 48.16 34.21 27.67
C5 NAG Q . 47.33 32.95 27.47
C6 NAG Q . 46.22 33.12 26.45
C7 NAG Q . 52.36 31.93 28.82
C8 NAG Q . 53.20 31.56 30.02
N2 NAG Q . 51.13 32.37 29.09
O3 NAG Q . 50.12 35.02 28.87
O4 NAG Q . 47.38 35.26 28.22
O5 NAG Q . 48.20 31.95 26.97
O6 NAG Q . 44.96 33.09 27.09
O7 NAG Q . 52.78 31.82 27.68
C1 NAG Q . 47.49 36.43 27.39
C2 NAG Q . 46.41 37.44 27.81
C3 NAG Q . 46.56 38.73 27.00
C4 NAG Q . 47.98 39.26 27.09
C5 NAG Q . 48.97 38.14 26.70
C6 NAG Q . 50.42 38.55 26.81
C7 NAG Q . 44.23 36.65 28.64
C8 NAG Q . 42.90 36.08 28.22
N2 NAG Q . 45.09 36.89 27.64
O3 NAG Q . 45.62 39.66 27.48
O4 NAG Q . 48.09 40.35 26.21
O5 NAG Q . 48.76 37.04 27.55
O6 NAG Q . 50.74 38.81 28.17
O7 NAG Q . 44.47 36.88 29.82
C1 NAG R . 5.02 -10.51 -51.44
C2 NAG R . 6.24 -10.19 -52.37
C3 NAG R . 5.71 -9.97 -53.80
C4 NAG R . 4.80 -11.12 -54.25
C5 NAG R . 3.73 -11.40 -53.17
C6 NAG R . 2.85 -12.58 -53.49
C7 NAG R . 8.31 -9.02 -51.71
C8 NAG R . 8.91 -7.69 -51.30
N2 NAG R . 6.99 -9.03 -51.97
O3 NAG R . 6.81 -9.82 -54.65
O4 NAG R . 4.27 -10.75 -55.50
O5 NAG R . 4.39 -11.65 -51.95
O6 NAG R . 3.71 -13.70 -53.60
O7 NAG R . 9.01 -10.02 -51.80
C1 NAG R . 4.48 -11.84 -56.44
C2 NAG R . 3.70 -11.53 -57.71
C3 NAG R . 3.82 -12.72 -58.65
C4 NAG R . 5.28 -13.12 -58.87
C5 NAG R . 6.07 -13.15 -57.55
C6 NAG R . 7.57 -13.27 -57.76
C7 NAG R . 1.82 -9.99 -57.29
C8 NAG R . 0.35 -9.91 -56.94
N2 NAG R . 2.32 -11.23 -57.39
O3 NAG R . 3.19 -12.36 -59.86
O4 NAG R . 5.24 -14.42 -59.44
O5 NAG R . 5.84 -11.98 -56.80
O6 NAG R . 8.16 -13.85 -56.62
O7 NAG R . 2.49 -8.98 -57.47
C1 BMA R . 5.64 -14.35 -60.82
C2 BMA R . 6.08 -15.76 -61.21
C3 BMA R . 6.40 -15.79 -62.72
C4 BMA R . 5.30 -15.20 -63.60
C5 BMA R . 4.72 -13.90 -63.04
C6 BMA R . 3.41 -13.48 -63.69
O2 BMA R . 5.06 -16.66 -60.86
O3 BMA R . 6.70 -17.14 -63.04
O4 BMA R . 5.88 -14.98 -64.87
O5 BMA R . 4.56 -13.93 -61.63
O6 BMA R . 3.32 -12.08 -63.65
C1 FUC R . 3.03 -14.88 -53.12
C2 FUC R . 3.83 -16.09 -53.60
C3 FUC R . 5.20 -16.11 -52.92
C4 FUC R . 5.02 -16.11 -51.40
C5 FUC R . 4.19 -14.90 -51.01
C6 FUC R . 3.85 -14.85 -49.54
O2 FUC R . 3.92 -16.05 -55.00
O3 FUC R . 5.90 -17.24 -53.41
O4 FUC R . 4.44 -17.33 -51.02
O5 FUC R . 2.95 -14.88 -51.72
C1 NAG S . 76.37 6.67 30.18
C2 NAG S . 77.29 6.75 28.94
C3 NAG S . 77.89 5.37 28.62
C4 NAG S . 78.59 4.79 29.84
C5 NAG S . 77.56 4.71 30.96
C6 NAG S . 78.08 4.13 32.26
C7 NAG S . 76.84 8.36 27.15
C8 NAG S . 75.94 8.69 25.99
N2 NAG S . 76.54 7.23 27.82
O3 NAG S . 78.75 5.52 27.52
O4 NAG S . 79.10 3.51 29.51
O5 NAG S . 77.12 6.04 31.21
O6 NAG S . 79.13 4.91 32.79
O7 NAG S . 77.79 9.07 27.47
C1 NAG S . 80.55 3.57 29.50
C2 NAG S . 81.13 2.25 30.03
C3 NAG S . 82.65 2.25 29.93
C4 NAG S . 83.09 2.62 28.53
C5 NAG S . 82.42 3.94 28.11
C6 NAG S . 82.79 4.40 26.71
C7 NAG S . 80.29 0.81 31.85
C8 NAG S . 79.91 0.79 33.32
N2 NAG S . 80.71 1.99 31.39
O3 NAG S . 83.13 1.00 30.33
O4 NAG S . 84.50 2.73 28.54
O5 NAG S . 81.02 3.77 28.19
O6 NAG S . 81.74 5.18 26.19
O7 NAG S . 80.20 -0.20 31.16
C1 FUC S . 78.91 5.08 34.20
C2 FUC S . 80.27 5.03 34.92
C3 FUC S . 81.14 6.21 34.50
C4 FUC S . 80.40 7.54 34.74
C5 FUC S . 79.05 7.48 34.04
C6 FUC S . 78.18 8.69 34.30
O2 FUC S . 80.87 3.80 34.67
O3 FUC S . 82.36 6.13 35.20
O4 FUC S . 80.29 7.73 36.13
O5 FUC S . 78.31 6.33 34.46
C1 NAG T . 58.40 -4.98 8.15
C2 NAG T . 59.87 -5.29 7.91
C3 NAG T . 60.20 -5.47 6.44
C4 NAG T . 59.24 -6.48 5.81
C5 NAG T . 57.78 -6.11 6.12
C6 NAG T . 56.80 -7.13 5.57
C7 NAG T . 61.76 -4.24 9.04
C8 NAG T . 62.26 -2.92 9.56
N2 NAG T . 60.56 -4.17 8.47
O3 NAG T . 61.54 -5.89 6.32
O4 NAG T . 59.48 -6.49 4.42
O5 NAG T . 57.59 -5.97 7.51
O6 NAG T . 55.80 -7.49 6.49
O7 NAG T . 62.39 -5.28 9.12
C1 NAG T . 59.99 -7.78 4.00
C2 NAG T . 59.43 -8.11 2.62
C3 NAG T . 60.00 -9.44 2.14
C4 NAG T . 61.52 -9.43 2.21
C5 NAG T . 61.95 -9.03 3.62
C6 NAG T . 63.46 -8.97 3.80
C7 NAG T . 57.18 -7.34 1.94
C8 NAG T . 55.70 -7.60 2.11
N2 NAG T . 58.00 -8.16 2.62
O3 NAG T . 59.53 -9.68 0.83
O4 NAG T . 61.96 -10.72 1.87
O5 NAG T . 61.40 -7.76 3.93
O6 NAG T . 63.90 -7.65 3.61
O7 NAG T . 57.59 -6.42 1.23
C1 NAG U . 60.18 -16.87 47.53
C2 NAG U . 61.03 -18.15 47.63
C3 NAG U . 62.28 -17.89 48.47
C4 NAG U . 63.05 -16.68 47.97
C5 NAG U . 62.10 -15.48 47.76
C6 NAG U . 62.75 -14.30 47.08
C7 NAG U . 59.75 -20.25 47.47
C8 NAG U . 58.99 -21.28 48.26
N2 NAG U . 60.27 -19.24 48.19
O3 NAG U . 63.06 -19.06 48.43
O4 NAG U . 64.02 -16.41 48.96
O5 NAG U . 60.98 -15.86 46.97
O6 NAG U . 63.41 -13.51 48.04
O7 NAG U . 59.87 -20.35 46.25
C1 NAG U . 65.33 -16.30 48.37
C2 NAG U . 66.35 -16.04 49.48
C3 NAG U . 67.73 -15.86 48.85
C4 NAG U . 68.08 -17.07 47.99
C5 NAG U . 66.94 -17.36 47.00
C6 NAG U . 67.17 -18.61 46.19
C7 NAG U . 65.68 -14.94 51.58
C8 NAG U . 65.31 -13.61 52.20
N2 NAG U . 65.98 -14.89 50.26
O3 NAG U . 68.66 -15.65 49.89
O4 NAG U . 69.29 -16.78 47.34
O5 NAG U . 65.72 -17.49 47.70
O6 NAG U . 67.95 -19.53 46.91
O7 NAG U . 65.69 -15.96 52.24
C1 NAG V . 56.54 -14.96 27.85
C2 NAG V . 57.90 -15.67 27.98
C3 NAG V . 58.72 -15.42 26.71
C4 NAG V . 57.94 -15.82 25.46
C5 NAG V . 56.64 -15.02 25.42
C6 NAG V . 55.74 -15.40 24.27
C7 NAG V . 58.53 -15.64 30.34
C8 NAG V . 59.32 -14.90 31.40
N2 NAG V . 58.58 -15.11 29.11
O3 NAG V . 59.93 -16.13 26.82
O4 NAG V . 58.74 -15.56 24.33
O5 NAG V . 55.93 -15.28 26.61
O6 NAG V . 55.68 -14.35 23.32
O7 NAG V . 57.89 -16.65 30.60
C1 NAG V . 59.07 -16.80 23.68
C2 NAG V . 59.66 -16.50 22.29
C3 NAG V . 60.11 -17.81 21.62
C4 NAG V . 61.02 -18.61 22.54
C5 NAG V . 60.35 -18.79 23.90
C6 NAG V . 61.21 -19.52 24.91
C7 NAG V . 58.88 -14.56 21.00
C8 NAG V . 57.75 -14.03 20.15
N2 NAG V . 58.72 -15.80 21.47
O3 NAG V . 60.73 -17.49 20.41
O4 NAG V . 61.27 -19.84 21.91
O5 NAG V . 60.03 -17.51 24.43
O6 NAG V . 62.34 -18.75 25.21
O7 NAG V . 59.87 -13.88 21.24
C1 NAG W . -37.92 -36.54 3.07
C2 NAG W . -37.86 -37.93 3.80
C3 NAG W . -38.79 -38.89 3.05
C4 NAG W . -40.19 -38.29 2.85
C5 NAG W . -40.08 -36.88 2.25
C6 NAG W . -41.39 -36.17 2.10
C7 NAG W . -35.90 -38.87 4.99
C8 NAG W . -34.52 -39.44 4.82
N2 NAG W . -36.54 -38.49 3.85
O3 NAG W . -38.83 -40.08 3.77
O4 NAG W . -40.91 -39.21 2.05
O5 NAG W . -39.26 -36.11 3.10
O6 NAG W . -41.95 -36.10 3.40
O7 NAG W . -36.42 -38.75 6.08
C1 NAG W . -42.18 -39.50 2.67
C2 NAG W . -43.04 -40.28 1.68
C3 NAG W . -44.41 -40.48 2.30
C4 NAG W . -44.32 -41.09 3.71
C5 NAG W . -43.23 -40.41 4.56
C6 NAG W . -42.93 -41.15 5.85
C7 NAG W . -42.35 -39.89 -0.64
C8 NAG W . -42.59 -39.04 -1.86
N2 NAG W . -43.11 -39.59 0.42
O3 NAG W . -45.14 -41.31 1.43
O4 NAG W . -45.59 -40.88 4.29
O5 NAG W . -42.03 -40.28 3.83
O6 NAG W . -42.41 -40.25 6.80
O7 NAG W . -41.52 -40.80 -0.65
C1 BMA W . -46.28 -42.15 4.41
C2 BMA W . -47.35 -41.96 5.48
C3 BMA W . -48.20 -43.24 5.58
C4 BMA W . -48.73 -43.72 4.22
C5 BMA W . -47.68 -43.68 3.11
C6 BMA W . -48.26 -43.80 1.71
O2 BMA W . -48.10 -40.82 5.16
O3 BMA W . -49.23 -42.97 6.50
O4 BMA W . -49.18 -45.05 4.42
O5 BMA W . -46.87 -42.51 3.18
O6 BMA W . -47.29 -44.41 0.89
C1 FUC W . -42.71 -34.88 3.53
C2 FUC W . -43.56 -35.00 4.79
C3 FUC W . -42.68 -35.06 6.02
C4 FUC W . -41.78 -33.82 6.08
C5 FUC W . -40.99 -33.74 4.78
C6 FUC W . -40.14 -32.50 4.67
O2 FUC W . -44.39 -36.13 4.66
O3 FUC W . -43.52 -35.19 7.14
O4 FUC W . -42.61 -32.70 6.30
O5 FUC W . -41.85 -33.77 3.64
C1 NAG X . 50.18 -12.79 64.09
C2 NAG X . 49.77 -14.17 64.64
C3 NAG X . 48.82 -14.02 65.84
C4 NAG X . 49.42 -13.10 66.90
C5 NAG X . 49.74 -11.76 66.23
C6 NAG X . 50.32 -10.71 67.15
C7 NAG X . 49.62 -16.12 63.17
C8 NAG X . 48.81 -16.79 62.09
N2 NAG X . 49.14 -14.95 63.61
O3 NAG X . 48.54 -15.30 66.34
O4 NAG X . 48.52 -12.95 67.97
O5 NAG X . 50.65 -12.02 65.19
O6 NAG X . 51.56 -11.14 67.67
O7 NAG X . 50.64 -16.63 63.62
C1 NAG X . 49.05 -13.61 69.14
C2 NAG X . 48.66 -12.81 70.40
C3 NAG X . 49.13 -13.56 71.65
C4 NAG X . 48.66 -15.00 71.64
C5 NAG X . 49.08 -15.66 70.33
C6 NAG X . 48.64 -17.10 70.20
C7 NAG X . 48.52 -10.38 70.72
C8 NAG X . 49.29 -9.09 70.60
N2 NAG X . 49.20 -11.48 70.36
O3 NAG X . 48.68 -12.85 72.77
O4 NAG X . 49.23 -15.64 72.76
O5 NAG X . 48.54 -14.92 69.25
O6 NAG X . 48.51 -17.43 68.84
O7 NAG X . 47.36 -10.39 71.09
C1 FUC X . 52.49 -10.04 67.58
C2 FUC X . 53.39 -10.04 68.83
C3 FUC X . 54.24 -11.30 68.86
C4 FUC X . 55.06 -11.43 67.59
C5 FUC X . 54.10 -11.37 66.39
C6 FUC X . 54.80 -11.38 65.05
O2 FUC X . 52.57 -9.90 69.96
O3 FUC X . 55.04 -11.25 70.02
O4 FUC X . 56.02 -10.41 67.57
O5 FUC X . 53.31 -10.18 66.44
C1 NAG Y . 26.12 22.05 55.89
C2 NAG Y . 25.01 21.41 56.74
C3 NAG Y . 23.64 21.95 56.31
C4 NAG Y . 23.64 23.47 56.41
C5 NAG Y . 24.75 24.02 55.52
C6 NAG Y . 24.88 25.52 55.60
C7 NAG Y . 25.34 19.15 57.64
C8 NAG Y . 25.29 17.68 57.30
N2 NAG Y . 25.02 19.99 56.64
O3 NAG Y . 22.67 21.37 57.14
O4 NAG Y . 22.37 23.91 55.99
O5 NAG Y . 26.00 23.47 55.89
O6 NAG Y . 23.62 26.09 55.91
O7 NAG Y . 25.66 19.53 58.76
C1 NAG Z . -21.25 -23.47 30.39
C2 NAG Z . -21.46 -22.79 31.75
C3 NAG Z . -21.15 -23.78 32.87
C4 NAG Z . -21.98 -25.04 32.70
C5 NAG Z . -21.74 -25.61 31.29
C6 NAG Z . -22.54 -26.87 31.00
C7 NAG Z . -21.06 -20.44 32.36
C8 NAG Z . -20.02 -19.35 32.39
N2 NAG Z . -20.64 -21.61 31.86
O3 NAG Z . -21.42 -23.15 34.09
O4 NAG Z . -21.60 -25.95 33.70
O5 NAG Z . -22.05 -24.64 30.32
O6 NAG Z . -21.74 -27.81 30.35
O7 NAG Z . -22.19 -20.26 32.79
C1 NAG AA . -11.18 31.46 24.76
C2 NAG AA . -9.70 31.84 24.84
C3 NAG AA . -9.43 33.09 25.65
C4 NAG AA . -10.39 34.19 25.24
C5 NAG AA . -11.85 33.72 25.33
C6 NAG AA . -12.82 34.76 24.84
C7 NAG AA . -7.70 30.48 25.09
C8 NAG AA . -7.07 29.28 25.74
N2 NAG AA . -8.98 30.71 25.38
O3 NAG AA . -8.11 33.47 25.41
O4 NAG AA . -10.14 35.29 26.10
O5 NAG AA . -12.02 32.57 24.52
O6 NAG AA . -13.46 34.29 23.68
O7 NAG AA . -7.07 31.21 24.34
C1 NAG BA . -39.25 10.23 31.60
C2 NAG BA . -38.51 11.37 32.34
C3 NAG BA . -39.52 12.24 33.08
C4 NAG BA . -40.59 12.75 32.12
C5 NAG BA . -41.21 11.57 31.37
C6 NAG BA . -42.22 11.99 30.33
C7 NAG BA . -37.64 10.08 34.30
C8 NAG BA . -36.36 9.74 35.01
N2 NAG BA . -37.48 10.87 33.21
O3 NAG BA . -38.81 13.30 33.69
O4 NAG BA . -41.54 13.45 32.88
O5 NAG BA . -40.20 10.82 30.74
O6 NAG BA . -41.60 12.82 29.37
O7 NAG BA . -38.72 9.67 34.70
C1 NAG CA . -56.90 -22.04 21.88
C2 NAG CA . -58.00 -23.06 22.20
C3 NAG CA . -58.13 -24.08 21.08
C4 NAG CA . -58.33 -23.36 19.76
C5 NAG CA . -57.19 -22.35 19.55
C6 NAG CA . -57.27 -21.59 18.25
C7 NAG CA . -58.34 -23.40 24.62
C8 NAG CA . -57.91 -24.22 25.81
N2 NAG CA . -57.74 -23.72 23.46
O3 NAG CA . -59.20 -24.92 21.38
O4 NAG CA . -58.36 -24.33 18.74
O5 NAG CA . -57.16 -21.45 20.63
O6 NAG CA . -58.48 -20.85 18.22
O7 NAG CA . -59.19 -22.52 24.73
C1 NAG DA . -44.42 15.65 -31.75
C2 NAG DA . -45.22 15.03 -30.59
C3 NAG DA . -46.62 14.65 -31.05
C4 NAG DA . -47.30 15.82 -31.75
C5 NAG DA . -46.39 16.32 -32.89
C6 NAG DA . -46.96 17.49 -33.66
C7 NAG DA . -44.53 13.54 -28.75
C8 NAG DA . -43.75 12.29 -28.43
N2 NAG DA . -44.54 13.88 -30.06
O3 NAG DA . -47.35 14.22 -29.93
O4 NAG DA . -48.54 15.36 -32.24
O5 NAG DA . -45.16 16.70 -32.32
O6 NAG DA . -45.92 18.20 -34.27
O7 NAG DA . -45.10 14.17 -27.88
C1 NAG EA . 33.21 35.17 48.56
C2 NAG EA . 32.77 36.16 49.65
C3 NAG EA . 31.91 37.22 48.97
C4 NAG EA . 32.76 37.93 47.93
C5 NAG EA . 33.49 36.94 47.01
C6 NAG EA . 34.57 37.61 46.18
C7 NAG EA . 30.98 34.78 50.75
C8 NAG EA . 30.56 34.26 52.10
N2 NAG EA . 32.11 35.52 50.77
O3 NAG EA . 31.42 38.09 49.96
O4 NAG EA . 31.88 38.76 47.19
O5 NAG EA . 34.08 35.87 47.72
O6 NAG EA . 35.77 37.65 46.93
O7 NAG EA . 30.31 34.55 49.75
C1 NAG FA . 59.57 21.08 17.32
C2 NAG FA . 59.27 22.51 16.84
C3 NAG FA . 58.90 22.50 15.36
C4 NAG FA . 60.01 21.85 14.55
C5 NAG FA . 60.23 20.43 15.08
C6 NAG FA . 61.36 19.72 14.38
C7 NAG FA . 58.39 24.14 18.45
C8 NAG FA . 57.13 24.60 19.15
N2 NAG FA . 58.22 23.10 17.61
O3 NAG FA . 58.68 23.83 14.97
O4 NAG FA . 59.62 21.87 13.20
O5 NAG FA . 60.50 20.44 16.46
O6 NAG FA . 61.51 20.22 13.07
O7 NAG FA . 59.46 24.67 18.66
C1 NAG GA . -4.59 43.64 -1.16
C2 NAG GA . -3.34 44.44 -1.51
C3 NAG GA . -3.21 45.64 -0.58
C4 NAG GA . -4.49 46.46 -0.62
C5 NAG GA . -5.69 45.57 -0.30
C6 NAG GA . -7.01 46.29 -0.34
C7 NAG GA . -1.17 43.61 -2.36
C8 NAG GA . -0.04 42.66 -2.08
N2 NAG GA . -2.16 43.61 -1.44
O3 NAG GA . -2.09 46.39 -0.99
O4 NAG GA . -4.35 47.50 0.32
O5 NAG GA . -5.73 44.48 -1.21
O6 NAG GA . -7.81 45.89 0.75
O7 NAG GA . -1.17 44.33 -3.36
C1 NAG HA . 33.57 8.70 -22.93
C2 NAG HA . 34.38 7.93 -21.88
C3 NAG HA . 35.87 7.84 -22.22
C4 NAG HA . 36.05 7.42 -23.67
C5 NAG HA . 35.27 8.34 -24.61
C6 NAG HA . 35.34 7.87 -26.04
C7 NAG HA . 34.30 7.92 -19.45
C8 NAG HA . 34.09 8.73 -18.20
N2 NAG HA . 34.20 8.58 -20.61
O3 NAG HA . 36.44 6.90 -21.35
O4 NAG HA . 37.42 7.44 -23.94
O5 NAG HA . 33.90 8.34 -24.26
O6 NAG HA . 34.06 7.48 -26.48
O7 NAG HA . 34.55 6.72 -19.41
C1 NAG IA . 13.35 36.11 -34.07
C2 NAG IA . 14.85 35.83 -33.97
C3 NAG IA . 15.58 36.41 -35.18
C4 NAG IA . 14.96 35.88 -36.46
C5 NAG IA . 13.46 36.15 -36.46
C6 NAG IA . 12.74 35.57 -37.65
C7 NAG IA . 15.51 37.56 -32.30
C8 NAG IA . 16.16 37.73 -30.94
N2 NAG IA . 15.43 36.29 -32.72
O3 NAG IA . 16.95 36.07 -35.08
O4 NAG IA . 15.60 36.54 -37.54
O5 NAG IA . 12.88 35.59 -35.29
O6 NAG IA . 12.93 34.19 -37.71
O7 NAG IA . 15.10 38.54 -32.91
C1 NAG JA . -21.34 51.69 -32.78
C2 NAG JA . -22.22 52.91 -33.10
C3 NAG JA . -23.69 52.58 -32.82
C4 NAG JA . -24.09 51.31 -33.55
C5 NAG JA . -23.12 50.18 -33.15
C6 NAG JA . -23.44 48.86 -33.81
C7 NAG JA . -21.06 55.06 -32.89
C8 NAG JA . -20.73 56.18 -31.94
N2 NAG JA . -21.80 54.07 -32.37
O3 NAG JA . -24.46 53.68 -33.22
O4 NAG JA . -25.42 51.02 -33.19
O5 NAG JA . -21.80 50.57 -33.49
O6 NAG JA . -23.36 49.00 -35.22
O7 NAG JA . -20.67 55.08 -34.05
C1 NAG KA . -24.54 -12.79 -49.60
C2 NAG KA . -24.51 -11.26 -49.79
C3 NAG KA . -25.55 -10.84 -50.81
C4 NAG KA . -25.42 -11.64 -52.10
C5 NAG KA . -25.46 -13.14 -51.75
C6 NAG KA . -25.34 -14.04 -52.96
C7 NAG KA . -24.15 -9.44 -48.17
C8 NAG KA . -24.54 -8.93 -46.81
N2 NAG KA . -24.73 -10.60 -48.54
O3 NAG KA . -25.40 -9.46 -51.04
O4 NAG KA . -26.47 -11.27 -52.95
O5 NAG KA . -24.41 -13.43 -50.86
O6 NAG KA . -24.87 -15.30 -52.55
O7 NAG KA . -23.37 -8.83 -48.87
C1 NAG LA . 66.54 6.14 15.23
C2 NAG LA . 67.75 6.69 14.49
C3 NAG LA . 67.77 6.02 13.11
C4 NAG LA . 67.91 4.52 13.30
C5 NAG LA . 66.89 3.97 14.31
C6 NAG LA . 67.22 2.56 14.75
C7 NAG LA . 66.88 8.95 13.87
C8 NAG LA . 67.22 10.42 13.98
N2 NAG LA . 67.79 8.13 14.43
O3 NAG LA . 68.83 6.57 12.38
O4 NAG LA . 67.73 3.93 12.03
O5 NAG LA . 66.79 4.78 15.49
O6 NAG LA . 68.13 2.59 15.83
O7 NAG LA . 65.86 8.58 13.32
C1 NAG MA . 46.26 -22.35 40.66
C2 NAG MA . 46.85 -23.27 39.58
C3 NAG MA . 45.79 -24.25 39.08
C4 NAG MA . 45.22 -25.03 40.25
C5 NAG MA . 44.63 -24.04 41.26
C6 NAG MA . 44.09 -24.71 42.50
C7 NAG MA . 48.70 -22.43 38.18
C8 NAG MA . 49.02 -21.58 36.97
N2 NAG MA . 47.39 -22.51 38.48
O3 NAG MA . 46.40 -25.09 38.13
O4 NAG MA . 44.25 -25.90 39.73
O5 NAG MA . 45.61 -23.10 41.67
O6 NAG MA . 43.67 -26.02 42.18
O7 NAG MA . 49.57 -22.99 38.81
C1 NAG NA . 28.01 -19.81 -27.37
C2 NAG NA . 28.78 -21.01 -26.80
C3 NAG NA . 30.24 -20.93 -27.21
C4 NAG NA . 30.35 -20.81 -28.73
C5 NAG NA . 29.51 -19.62 -29.20
C6 NAG NA . 29.53 -19.42 -30.69
C7 NAG NA . 28.43 -22.20 -24.66
C8 NAG NA . 28.33 -22.01 -23.17
N2 NAG NA . 28.66 -21.07 -25.37
O3 NAG NA . 30.90 -22.08 -26.73
O4 NAG NA . 31.71 -20.64 -29.05
O5 NAG NA . 28.17 -19.78 -28.77
O6 NAG NA . 29.67 -18.05 -31.00
O7 NAG NA . 28.31 -23.30 -25.18
C1 NAG OA . 3.30 -36.11 20.33
C2 NAG OA . 3.71 -35.29 21.56
C3 NAG OA . 3.94 -36.14 22.79
C4 NAG OA . 2.81 -37.13 22.98
C5 NAG OA . 2.57 -37.96 21.72
C6 NAG OA . 1.38 -38.86 21.83
C7 NAG OA . 5.20 -33.39 21.80
C8 NAG OA . 6.48 -32.72 21.36
N2 NAG OA . 4.89 -34.55 21.22
O3 NAG OA . 4.05 -35.28 23.89
O4 NAG OA . 3.13 -37.94 24.09
O5 NAG OA . 2.32 -37.10 20.63
O6 NAG OA . 0.39 -38.47 20.93
O7 NAG OA . 4.48 -32.90 22.66
C1 NAG PA . 8.32 -49.12 -12.69
C2 NAG PA . 8.71 -49.55 -11.27
C3 NAG PA . 8.61 -51.06 -11.13
C4 NAG PA . 7.21 -51.54 -11.54
C5 NAG PA . 6.88 -51.01 -12.93
C6 NAG PA . 5.48 -51.35 -13.39
C7 NAG PA . 11.20 -49.38 -11.44
C8 NAG PA . 12.39 -48.70 -10.81
N2 NAG PA . 10.01 -49.06 -10.88
O3 NAG PA . 8.91 -51.41 -9.80
O4 NAG PA . 7.22 -52.95 -11.50
O5 NAG PA . 7.03 -49.60 -12.96
O6 NAG PA . 4.54 -50.80 -12.48
O7 NAG PA . 11.34 -50.15 -12.39
C1 NAG QA . 7.90 -40.73 -49.80
C2 NAG QA . 8.23 -41.18 -51.23
C3 NAG QA . 7.68 -40.18 -52.24
C4 NAG QA . 6.19 -39.96 -52.00
C5 NAG QA . 5.99 -39.53 -50.53
C6 NAG QA . 4.55 -39.27 -50.17
C7 NAG QA . 10.27 -42.55 -51.39
C8 NAG QA . 11.77 -42.50 -51.59
N2 NAG QA . 9.65 -41.36 -51.41
O3 NAG QA . 7.93 -40.69 -53.53
O4 NAG QA . 5.75 -38.97 -52.89
O5 NAG QA . 6.51 -40.53 -49.68
O6 NAG QA . 3.79 -40.44 -50.36
O7 NAG QA . 9.69 -43.62 -51.23
C1 NAG RA . -48.63 -21.37 -20.12
C2 NAG RA . -47.68 -22.25 -20.93
C3 NAG RA . -48.39 -22.79 -22.17
C4 NAG RA . -49.70 -23.45 -21.79
C5 NAG RA . -50.54 -22.45 -20.99
C6 NAG RA . -51.89 -22.99 -20.56
C7 NAG RA . -45.27 -22.04 -21.40
C8 NAG RA . -44.19 -21.07 -21.83
N2 NAG RA . -46.50 -21.52 -21.32
O3 NAG RA . -47.52 -23.70 -22.81
O4 NAG RA . -50.36 -23.83 -22.99
O5 NAG RA . -49.81 -22.08 -19.84
O6 NAG RA . -52.35 -22.27 -19.43
O7 NAG RA . -45.01 -23.21 -21.17
C1 NAG SA . 36.99 -19.77 54.20
C2 NAG SA . 37.32 -21.13 54.83
C3 NAG SA . 36.01 -21.87 55.02
C4 NAG SA . 35.13 -21.07 55.96
C5 NAG SA . 35.03 -19.59 55.54
C6 NAG SA . 34.44 -18.72 56.63
C7 NAG SA . 38.21 -22.31 52.80
C8 NAG SA . 39.41 -23.07 52.31
N2 NAG SA . 38.30 -21.88 54.08
O3 NAG SA . 36.29 -23.16 55.51
O4 NAG SA . 33.86 -21.68 55.95
O5 NAG SA . 36.30 -19.04 55.19
O6 NAG SA . 35.45 -18.30 57.51
O7 NAG SA . 37.25 -22.12 52.07
#